data_8PS1
#
_entry.id   8PS1
#
_cell.length_a   1.00
_cell.length_b   1.00
_cell.length_c   1.00
_cell.angle_alpha   90.00
_cell.angle_beta   90.00
_cell.angle_gamma   90.00
#
_symmetry.space_group_name_H-M   'P 1'
#
loop_
_entity.id
_entity.type
_entity.pdbx_description
1 polymer 'Fatty acid synthase subunit alpha'
2 polymer 'Fatty acid synthase subunit beta'
3 non-polymer 'NADP NICOTINAMIDE-ADENINE-DINUCLEOTIDE PHOSPHATE'
4 non-polymer 'FLAVIN MONONUCLEOTIDE'
5 non-polymer 'COENZYME A'
#
loop_
_entity_poly.entity_id
_entity_poly.type
_entity_poly.pdbx_seq_one_letter_code
_entity_poly.pdbx_strand_id
1 'polypeptide(L)'
;MKPEVEQELAHILLTELLAYQFASPVRWIETQDVFLKDFNTERVVEIGPSPTLAGMAQRTLKNKYESYDAALSLHREILC
YSKDAKEIYYTPDPSELAAKEEPAKEEAPAPTPAASAPAPAAAAPAPVAAAAPAAAAAEIADEPVKASLLLHVLVAHKLK
KSLDSIPMSKTIKDLVGGKSTVQNEILGDLGKEFGTTPEKPEETPLEELAETFQDTFSGALGKQSSSLLSRLISSKMPGG
FTITVARKYLQTRWGLPSGRQDGVLLVALSNEPAARLGSEADAKAFLDSMAQKYASIVGVDLSSAASASGAAGAGAAAGA
AMIDAGALEEITKDHKVLARQQLQVLARYLKMDLDNGERKFLKEKDTVAELQAQLDYLNAELGEFFVNGVATSFSRKKAR
TFDSSWNWAKQSLLSLYFEIIHGVLKNVDREVVSEAINIMNRSNDALIKFMEYHISNTDETKGENYQLVKTLGEQLIENC
KQVLDVDPVYKDVAKPTGPKTAIDKNGNITYSEEPREKVRKLSQYVQEMALGGPITKESQPTIEEDLTRVYKAISAQADK
QDISSSTRVEFEKLYSDLMKFLESSKEIDPSQTTQLAGMDVEDALDKDSTKEVASLPNKSTISKTVSSTIPRETIPFLHL
RKKTPAGDWKYDRQLSSLFLDGLEKAAFNGVTFKDKYVLITGAGKGSIGAEVLQGLLQGGAKVVVTTSRFSKQVTDYYQS
IYAKYGAKGSTLIVVPFNQGSKQDVEALIEFIYDTEKNGGLGWDLDAIIPFAAIPEQGIELEHIDSKSEFAHRIMLTNIL
RMMGCVKKQKSARGIETRPAQVILPMSPNHGTFGGDGMYSESKLSLETLFNRWHSESWANQLTVCGAIIGWTRGTGLMSA
NNIIAEGIEKMGVRTFSQKEMAFNLLGLLTPEVVELCQKSPVMADLNGGLQFVPELKEFTAKLRKELVETSEVRKAVSIE
TALEHKVVNGNSADAAYAQVEIQPRANIQLDFPELKPYKQVKQIAPAELEGLLDLERVIVVTGFAEVGPWGSARTRWEME
AFGEFSLEGCVEMAWIMGFISYHNGNLKGRPYTGWVDSKTKEPVDDKDVKAKYETSILEHSGIRLIEPELFNGYNPEKKE
MIQEVIVEEDLEPFEASKETAEQFKHQHGDKVDIFEIPETGEYSVKLLKGATLYIPKALRFDRLVAGQIPTGWNAKTYGI
SDDIISQVDPITLFVLVSVVEAFIASGITDPYEMYKYVHVSEVGNCSGSGMGGVSALRGMFKDRFKDEPVQNDILQESFI
NTMSAWVNMLLISSSGPIKTPVGACATSVESVDIGVETILSGKARICIVGGYDDFQEEGSFEFGNMKATSNTLEEFEHGR
TPAEMSRPATTTRNGFMEAQGAGIQIIMQADLALKMGVPIYGIVAMAATATDKIGRSVPAPGKGILTTAREHHSSVKYAS
PNLNMKYRKRQLVTREAQIKDWVENELEALKLEAEEIPSEDQNEFLLERTREIHNEAESQLRAAQQQWGNDFYKRDPRIA
PLRGALATYGLTIDDLGVASFHGTSTKANDKNESATINEMMKHLGRSEGNPVIGVFQKFLTGHPKGAAGAWMMNGALQIL
NSGIIPGNRNADNVDKILEQFEYVLYPSKTLKTDGVRAVSITSFGFGQKGGQAIVVHPDYLYGAITEDRYNEYVAKVSAR
EKSAYKFFHNGMIYNKLFVSKEHAPYTDELEEDVYLDPLARVSKDKKSGSLTFNSKNIQSKDSYINANTIETAKMIENMT
KEKVSNGGVGVDVELITSINVENDTFIERNFTPQEIEYCSAQPSVQSSFAGTWSAKEAVFKSLGVKSLGGGAALKDIEIV
RVNKNAPAVELHGNAKKAAEEAGVTDVKVSISHDDLQAVAVAVSTKK
;
A,B
2 'polypeptide(L)'
;MDAYSTRPLTLSHGSLEHVLLVPTASFFIASQLQEQFNKILPEPTEGFAADDEPTTPAELVGKFLGYVSSLVEPSKVGQF
DQVLNLCLTEFENCYLEGNDIHALAAKLLQENDTTLVKTKELIKNYITARIMAKRPFDKKSNSALFRAVGEGNAQLVAIF
GGQGNTDDYFEELRDLYQTYHVLVGDLIKFSAETLSELIRTTLDAEKVFTQGLNILEWLENPSNTPDKDYLLSIPISCPL
IGVIQLAHYVVTAKLLGFTPGELRSYLKGATGHSQGLVTAVAIAETDSWESFFVSVRKAITVLFFIGVRCYEAYPNTSLP
PSILEDSLENNEGVPSPMLSISNLTQEQVQDYVNKTNSHLPAGKQVEISLVNGAKNLVVSGPPQSLYGLNLTLRKAKAPS
GLDQSRIPFSERKLKFSNRFLPVASPFHSHLLVPASDLINKDLVKNNVSFNAKDIQIPVYDTFDGSDLRVLSGSISERIV
DCIIRLPVKWETTTQFKATHILDFGPGGASGLGVLTHRNKDGTGVRVIVAGTLDINPDDDYGFKQEIFDVTSNGLKKNPN
WLEEYHPKLIKNKSGKIFVETKFSKLIGRPPLLVPGMTPCTVSPDFVAATTNAGYTIELAGGGYFSAAGMTAAIDSVVSQ
IEKGSTFGINLIYVNPFMLQWGIPLIKELRSKGYPIQFLTIGAGVPSLEVASEYIETLGLKYLGLKPGSIDAISQVINIA
KAHPNFPIALQWTGGRGGGHHSFEDAHTPMLQMYSKIRRHPNIMLIFGSGFGSADDTYPYLTGEWSTKFDYPPMPFDGFL
FGSRVMIAKEVKTSPDAKKCIAACTGVPDDKWEQTYKKPTGGIVTVRSEMGEPIHKIATRGVMLWKEFDETIFNLPKNKL
VPTLEAKRDYIISRLNADFQKPWFATVNGQARDLATMTYEEVAKRLVELMFIRSTNSWFDVTWRTFTGDFLRRVEERFTK
SKTLSLIQSYSLLDKPDEAIEKVFNAYPAAREQFLNAQDIDHFLSMCQNPMQKPVPFVPVLDRRFEIFFKKDSLWQSEHL
EAVVDQDVQRTCILHGPVAAQFTKVIDEPIKSIMDGIHDGHIKKLLHQYYGDDESKIPAVEYFGGESPVDVQSQVDSSSV
SEDSAVFKATSSTDEESWFKALAGSEINWRHASFLCSFITQDKMFVSNPIRKVFKPSQGMVVEISNGNTSSKTVVTLSEP
VQGELKPTVILKLLKENIIQMEMIENRTMDGKPVSLPLLYNFNPDNGFAPISEVMEDRNQRIKEMYWKLWIDEPFNLDFD
PRDVIKGKDFEITAKEVYDFTHAVGNNCEDFVSRPDRTMLAPMDFAIVVGWRAIIKAIFPNTVDGDLLKLVHLSNGYKMI
PGAKPLQVGDVVSTTAVIESVVNQPTGKIVDVVGTLSRNGKPVMEVTSSFFYRGNYTDFENTFQKTVEPVYQMHIKTSKD
IAVLRSKEWFQLDDEDFDLLNKTLTFETETEVTFKNANIFSSVKCFGPIKVELPTKETVEIGIVDYEAGASHGNPVVDFL
KRNGSTLEQKVNLENPIPIAVLDSYTPSTNEPYARVSGDLNPIHVSRHFASYANLPGTITHGMFSSASVRALIENWAADS
VSSRVRGYTCQFVDMVLPNTALKTSIQHVGMINGRKLIKFETRNEDDVVVLTGEAEIEQPVTTFVFTGQGSQEQGMGMDL
YKTSKAAQDVWNRADNHFKDTYGFSILDIVINNPVNLTIHFGGEKGKRIRENYSAMIFETIVDGKLKTEKIFKEINEHST
SYTFRSEKGLLSATQFTQPALTLMEKAAFEDLKSKGLIPADATFAGH(J8W)LGEYAALASLADVMSIESLVEVVFYRGM
TMQVAVPRDELGRSNYGMIAINPGRVAASFSQEALQYVVERVGKRTGWLVEIVNYNVENQQYVAAGDLRALDTVTNVLNF
IKLQKIDIIELQKSLSLEEVEGHLFEIIDEASKKSAVKPRPLKLERGFACIPLVGISVPFHSTYLMNGVKPFKSFLKKNI
IKENVKVARLAGKYIPNLTAKPFQVTKEYFQDVYDLTGSEPIKEIIDNWEKYEQS
;
G
#
# COMPACT_ATOMS: atom_id res chain seq x y z
N MET A 1 1.56 47.67 -58.50
CA MET A 1 2.92 47.78 -57.88
C MET A 1 3.24 46.47 -57.14
N LYS A 2 4.38 45.86 -57.45
CA LYS A 2 4.85 44.59 -56.81
C LYS A 2 5.18 44.90 -55.35
N PRO A 3 4.97 43.95 -54.41
CA PRO A 3 5.49 44.09 -53.05
C PRO A 3 6.98 44.48 -52.96
N GLU A 4 7.85 43.84 -53.75
CA GLU A 4 9.33 43.98 -53.70
C GLU A 4 9.77 45.38 -54.16
N VAL A 5 8.95 46.06 -54.96
CA VAL A 5 9.21 47.45 -55.46
C VAL A 5 8.61 48.44 -54.47
N GLU A 6 7.44 48.14 -53.89
CA GLU A 6 6.86 48.93 -52.76
C GLU A 6 7.89 48.95 -51.62
N GLN A 7 8.41 47.77 -51.24
CA GLN A 7 9.46 47.57 -50.20
C GLN A 7 10.64 48.50 -50.48
N GLU A 8 11.16 48.49 -51.70
CA GLU A 8 12.33 49.32 -52.11
C GLU A 8 11.98 50.80 -52.02
N LEU A 9 10.79 51.20 -52.47
CA LEU A 9 10.35 52.62 -52.41
C LEU A 9 10.15 53.04 -50.95
N ALA A 10 9.57 52.17 -50.11
CA ALA A 10 9.33 52.45 -48.68
C ALA A 10 10.67 52.69 -47.99
N HIS A 11 11.61 51.75 -48.14
CA HIS A 11 13.00 51.85 -47.64
C HIS A 11 13.63 53.19 -48.03
N ILE A 12 13.47 53.63 -49.28
CA ILE A 12 14.11 54.89 -49.73
C ILE A 12 13.45 56.04 -48.99
N LEU A 13 12.11 56.10 -49.00
CA LEU A 13 11.31 57.18 -48.36
C LEU A 13 11.60 57.27 -46.85
N LEU A 14 11.69 56.11 -46.18
CA LEU A 14 11.92 55.99 -44.71
C LEU A 14 13.34 56.47 -44.36
N THR A 15 14.31 56.13 -45.19
CA THR A 15 15.71 56.54 -45.00
C THR A 15 15.78 58.06 -45.17
N GLU A 16 15.11 58.60 -46.18
CA GLU A 16 15.12 60.06 -46.46
C GLU A 16 14.36 60.81 -45.38
N LEU A 17 13.33 60.20 -44.78
CA LEU A 17 12.51 60.91 -43.74
C LEU A 17 13.35 61.07 -42.48
N LEU A 18 13.95 59.99 -42.00
CA LEU A 18 14.85 59.97 -40.82
C LEU A 18 16.05 60.88 -41.06
N ALA A 19 16.70 60.74 -42.20
CA ALA A 19 17.90 61.51 -42.55
C ALA A 19 17.62 63.00 -42.34
N TYR A 20 16.54 63.54 -42.91
CA TYR A 20 16.29 64.99 -42.95
C TYR A 20 15.69 65.49 -41.65
N GLN A 21 15.13 64.57 -40.85
CA GLN A 21 14.41 64.86 -39.59
C GLN A 21 15.40 65.47 -38.59
N PHE A 22 16.59 64.87 -38.54
CA PHE A 22 17.86 65.36 -37.95
C PHE A 22 17.88 66.88 -37.84
N ALA A 23 17.62 67.58 -38.95
CA ALA A 23 17.90 69.01 -39.15
C ALA A 23 16.75 69.71 -39.89
N SER A 24 15.53 69.45 -39.43
CA SER A 24 14.27 70.03 -39.94
C SER A 24 13.31 70.13 -38.77
N PRO A 25 12.41 71.14 -38.74
CA PRO A 25 11.58 71.36 -37.55
C PRO A 25 10.58 70.23 -37.31
N VAL A 26 10.21 69.99 -36.06
CA VAL A 26 9.26 68.92 -35.64
C VAL A 26 7.85 69.50 -35.62
N ARG A 27 7.04 69.10 -36.59
CA ARG A 27 5.63 69.55 -36.79
C ARG A 27 4.71 68.72 -35.88
N TRP A 28 4.73 68.98 -34.58
CA TRP A 28 3.98 68.17 -33.59
C TRP A 28 2.57 68.76 -33.39
N ILE A 29 2.33 69.99 -33.81
CA ILE A 29 0.96 70.59 -33.87
C ILE A 29 0.17 69.71 -34.84
N GLU A 30 0.64 69.63 -36.08
CA GLU A 30 -0.01 68.87 -37.19
C GLU A 30 -0.16 67.40 -36.82
N THR A 31 0.86 66.81 -36.18
CA THR A 31 0.87 65.36 -35.84
C THR A 31 -0.25 65.13 -34.83
N GLN A 32 -0.34 65.98 -33.82
CA GLN A 32 -1.45 65.86 -32.85
C GLN A 32 -2.75 65.90 -33.63
N ASP A 33 -2.98 66.93 -34.45
CA ASP A 33 -4.22 67.09 -35.24
C ASP A 33 -4.55 65.73 -35.87
N VAL A 34 -3.62 65.14 -36.59
CA VAL A 34 -3.84 63.84 -37.26
C VAL A 34 -4.36 62.82 -36.25
N PHE A 35 -3.57 62.41 -35.27
CA PHE A 35 -3.96 61.27 -34.42
C PHE A 35 -5.14 61.64 -33.52
N LEU A 36 -5.37 62.91 -33.21
CA LEU A 36 -6.49 63.33 -32.32
C LEU A 36 -7.78 63.52 -33.13
N LYS A 37 -7.75 64.19 -34.27
CA LYS A 37 -8.97 64.52 -35.05
C LYS A 37 -9.19 63.48 -36.16
N ASP A 38 -8.24 63.29 -37.07
CA ASP A 38 -8.39 62.40 -38.26
C ASP A 38 -8.67 60.94 -37.86
N PHE A 39 -8.09 60.41 -36.77
CA PHE A 39 -8.23 58.99 -36.34
C PHE A 39 -9.14 58.84 -35.10
N ASN A 40 -9.60 59.96 -34.52
CA ASN A 40 -10.47 60.03 -33.31
C ASN A 40 -9.91 59.07 -32.27
N THR A 41 -8.68 59.28 -31.88
CA THR A 41 -7.96 58.37 -30.96
C THR A 41 -8.56 58.53 -29.57
N GLU A 42 -8.81 57.41 -28.88
CA GLU A 42 -9.46 57.37 -27.55
C GLU A 42 -8.46 56.98 -26.47
N ARG A 43 -7.27 56.50 -26.84
CA ARG A 43 -6.18 56.15 -25.90
C ARG A 43 -4.88 56.63 -26.54
N VAL A 44 -4.35 57.75 -26.10
CA VAL A 44 -2.99 58.18 -26.43
C VAL A 44 -2.11 57.65 -25.31
N VAL A 45 -1.24 56.69 -25.60
CA VAL A 45 -0.29 56.11 -24.62
C VAL A 45 1.07 56.73 -24.91
N GLU A 46 1.64 57.48 -23.97
CA GLU A 46 3.02 58.00 -24.12
C GLU A 46 4.03 57.02 -23.51
N ILE A 47 4.92 56.49 -24.33
CA ILE A 47 6.14 55.72 -23.93
C ILE A 47 7.28 56.74 -23.76
N GLY A 48 7.87 56.76 -22.59
CA GLY A 48 8.87 57.75 -22.20
C GLY A 48 9.00 57.76 -20.69
N PRO A 49 10.02 58.45 -20.15
CA PRO A 49 10.18 58.55 -18.71
C PRO A 49 9.43 59.69 -18.01
N SER A 50 9.16 60.79 -18.71
CA SER A 50 8.37 61.94 -18.17
C SER A 50 7.11 62.08 -19.02
N PRO A 51 5.97 62.53 -18.44
CA PRO A 51 4.74 62.78 -19.18
C PRO A 51 4.75 64.15 -19.87
N THR A 52 5.62 64.33 -20.85
CA THR A 52 5.81 65.61 -21.57
C THR A 52 4.86 65.64 -22.78
N LEU A 53 4.79 64.57 -23.56
CA LEU A 53 3.90 64.47 -24.75
C LEU A 53 2.44 64.26 -24.35
N ALA A 54 2.20 63.63 -23.20
CA ALA A 54 0.88 63.50 -22.56
C ALA A 54 0.45 64.87 -22.02
N GLY A 55 1.39 65.65 -21.49
CA GLY A 55 1.20 67.07 -21.16
C GLY A 55 0.64 67.81 -22.35
N MET A 56 1.28 67.64 -23.50
CA MET A 56 1.04 68.44 -24.73
C MET A 56 -0.32 68.07 -25.35
N ALA A 57 -0.70 66.79 -25.27
CA ALA A 57 -1.99 66.28 -25.82
C ALA A 57 -3.12 66.87 -25.00
N GLN A 58 -3.07 66.74 -23.66
CA GLN A 58 -4.08 67.25 -22.70
C GLN A 58 -4.31 68.75 -22.92
N ARG A 59 -3.24 69.53 -23.09
CA ARG A 59 -3.31 70.98 -23.38
C ARG A 59 -3.88 71.19 -24.78
N THR A 60 -3.59 70.35 -25.78
CA THR A 60 -4.09 70.53 -27.17
C THR A 60 -5.56 70.09 -27.28
N LEU A 61 -6.01 69.22 -26.38
CA LEU A 61 -7.44 68.82 -26.28
C LEU A 61 -8.23 69.98 -25.65
N LYS A 62 -7.89 70.33 -24.40
CA LYS A 62 -8.48 71.45 -23.61
C LYS A 62 -8.54 72.75 -24.42
N ASN A 63 -7.57 73.01 -25.30
CA ASN A 63 -7.53 74.25 -26.13
C ASN A 63 -8.54 74.17 -27.29
N LYS A 64 -8.33 73.29 -28.27
CA LYS A 64 -9.03 73.38 -29.58
C LYS A 64 -9.84 72.12 -29.93
N TYR A 65 -10.22 71.30 -28.95
CA TYR A 65 -11.09 70.09 -29.13
C TYR A 65 -12.04 69.88 -27.93
N GLU A 66 -12.44 70.92 -27.21
CA GLU A 66 -13.37 70.76 -26.05
C GLU A 66 -14.79 70.60 -26.61
N SER A 67 -15.17 71.44 -27.57
CA SER A 67 -16.53 71.46 -28.19
C SER A 67 -16.71 70.26 -29.15
N TYR A 68 -15.64 69.77 -29.79
CA TYR A 68 -15.66 68.62 -30.75
C TYR A 68 -15.69 67.28 -30.00
N ASP A 69 -15.11 67.20 -28.80
CA ASP A 69 -15.10 65.97 -27.97
C ASP A 69 -16.50 65.76 -27.36
N ALA A 70 -17.11 66.85 -26.87
CA ALA A 70 -18.46 66.90 -26.28
C ALA A 70 -19.51 66.54 -27.35
N ALA A 71 -19.41 67.12 -28.55
CA ALA A 71 -20.37 66.85 -29.66
C ALA A 71 -20.39 65.34 -29.98
N LEU A 72 -19.25 64.80 -30.40
CA LEU A 72 -19.10 63.37 -30.81
C LEU A 72 -19.11 62.44 -29.57
N SER A 73 -19.25 62.99 -28.37
CA SER A 73 -19.44 62.30 -27.06
C SER A 73 -18.42 61.17 -26.92
N LEU A 74 -17.14 61.53 -27.08
CA LEU A 74 -16.00 60.57 -26.97
C LEU A 74 -15.10 60.94 -25.79
N HIS A 75 -14.63 59.92 -25.09
CA HIS A 75 -13.79 59.96 -23.87
C HIS A 75 -12.37 59.56 -24.28
N ARG A 76 -11.48 60.55 -24.34
CA ARG A 76 -10.03 60.39 -24.59
C ARG A 76 -9.39 60.06 -23.24
N GLU A 77 -8.55 59.03 -23.19
CA GLU A 77 -7.60 58.75 -22.10
C GLU A 77 -6.21 59.11 -22.62
N ILE A 78 -5.49 60.01 -21.94
CA ILE A 78 -4.10 60.37 -22.30
C ILE A 78 -3.19 59.81 -21.22
N LEU A 79 -2.60 58.65 -21.49
CA LEU A 79 -1.91 57.82 -20.48
C LEU A 79 -0.43 57.88 -20.74
N CYS A 80 0.36 58.16 -19.71
CA CYS A 80 1.84 58.05 -19.74
C CYS A 80 2.23 56.71 -19.13
N TYR A 81 3.18 56.01 -19.74
CA TYR A 81 3.77 54.75 -19.23
C TYR A 81 4.32 54.95 -17.80
N SER A 82 4.88 56.12 -17.49
CA SER A 82 5.69 56.38 -16.26
C SER A 82 4.83 56.89 -15.10
N LYS A 83 3.52 57.01 -15.32
CA LYS A 83 2.55 57.52 -14.32
C LYS A 83 1.40 56.52 -14.24
N ASP A 84 0.69 56.33 -15.37
CA ASP A 84 -0.60 55.62 -15.51
C ASP A 84 -0.39 54.17 -16.00
N ALA A 85 0.56 53.44 -15.45
CA ALA A 85 0.87 52.03 -15.79
C ALA A 85 -0.27 51.08 -15.36
N LYS A 86 -1.00 51.41 -14.29
CA LYS A 86 -2.17 50.59 -13.85
C LYS A 86 -3.29 50.63 -14.90
N GLU A 87 -3.45 51.72 -15.65
CA GLU A 87 -4.51 51.85 -16.68
C GLU A 87 -4.05 51.18 -17.99
N ILE A 88 -2.75 51.13 -18.25
CA ILE A 88 -2.17 50.63 -19.51
C ILE A 88 -2.18 49.11 -19.48
N TYR A 89 -1.85 48.54 -18.32
CA TYR A 89 -1.72 47.08 -18.12
C TYR A 89 -3.04 46.44 -17.67
N TYR A 90 -4.13 47.19 -17.55
CA TYR A 90 -5.40 46.71 -16.94
C TYR A 90 -5.11 45.95 -15.63
N THR A 91 -4.53 46.63 -14.64
CA THR A 91 -4.34 46.12 -13.24
C THR A 91 -4.88 47.13 -12.25
N PRO A 92 -6.20 47.43 -12.24
CA PRO A 92 -6.76 48.40 -11.30
C PRO A 92 -6.67 47.89 -9.84
N ASP A 93 -6.73 48.81 -8.87
CA ASP A 93 -6.65 48.52 -7.42
C ASP A 93 -7.98 47.93 -6.93
N PRO A 94 -7.98 46.81 -6.16
CA PRO A 94 -9.22 46.24 -5.63
C PRO A 94 -9.97 47.19 -4.67
N LEU A 328 6.97 41.83 53.67
CA LEU A 328 6.82 40.65 52.76
C LEU A 328 8.16 39.92 52.65
N GLU A 329 9.15 40.59 52.04
CA GLU A 329 10.54 40.09 51.81
C GLU A 329 11.60 41.12 52.26
N GLU A 330 11.21 42.35 52.62
CA GLU A 330 12.12 43.45 53.05
C GLU A 330 12.75 43.12 54.41
N ILE A 331 12.12 42.26 55.22
CA ILE A 331 12.68 41.75 56.52
C ILE A 331 13.81 40.75 56.23
N THR A 332 13.71 39.94 55.16
CA THR A 332 14.78 38.99 54.75
C THR A 332 15.97 39.80 54.20
N LYS A 333 15.71 40.91 53.50
CA LYS A 333 16.76 41.81 52.90
C LYS A 333 17.53 42.55 54.00
N ASP A 334 16.91 42.82 55.15
CA ASP A 334 17.56 43.51 56.30
C ASP A 334 18.38 42.48 57.10
N HIS A 335 17.86 41.26 57.28
CA HIS A 335 18.60 40.14 57.94
C HIS A 335 19.80 39.76 57.06
N LYS A 336 19.61 39.72 55.73
CA LYS A 336 20.70 39.38 54.75
C LYS A 336 21.74 40.49 54.72
N VAL A 337 21.35 41.77 54.71
CA VAL A 337 22.35 42.89 54.69
C VAL A 337 23.08 42.97 56.05
N LEU A 338 22.44 42.56 57.14
CA LEU A 338 23.14 42.39 58.45
C LEU A 338 24.18 41.27 58.30
N ALA A 339 23.77 40.09 57.82
CA ALA A 339 24.66 38.91 57.69
C ALA A 339 25.87 39.29 56.82
N ARG A 340 25.68 39.95 55.67
CA ARG A 340 26.81 40.35 54.77
C ARG A 340 27.74 41.29 55.55
N GLN A 341 27.22 42.22 56.36
CA GLN A 341 28.08 43.14 57.14
C GLN A 341 28.86 42.35 58.19
N GLN A 342 28.22 41.40 58.91
CA GLN A 342 28.86 40.57 59.96
C GLN A 342 30.00 39.74 59.37
N LEU A 343 29.78 39.17 58.18
CA LEU A 343 30.78 38.42 57.36
C LEU A 343 31.95 39.36 57.02
N GLN A 344 31.67 40.54 56.44
CA GLN A 344 32.71 41.52 56.00
C GLN A 344 33.61 41.86 57.20
N VAL A 345 33.05 41.97 58.41
CA VAL A 345 33.81 42.24 59.67
C VAL A 345 34.71 41.04 60.00
N LEU A 346 34.14 39.84 60.06
CA LEU A 346 34.87 38.58 60.39
C LEU A 346 36.00 38.39 59.39
N ALA A 347 35.74 38.63 58.11
CA ALA A 347 36.71 38.46 57.01
C ALA A 347 37.91 39.37 57.27
N ARG A 348 37.67 40.68 57.41
CA ARG A 348 38.66 41.72 57.78
C ARG A 348 39.52 41.27 58.97
N TYR A 349 38.94 40.65 60.01
CA TYR A 349 39.68 40.16 61.21
C TYR A 349 40.66 39.07 60.79
N LEU A 350 40.16 38.03 60.11
CA LEU A 350 40.92 36.84 59.66
C LEU A 350 41.94 37.22 58.57
N LYS A 351 41.77 38.41 57.96
CA LYS A 351 42.64 39.03 56.92
C LYS A 351 42.43 38.29 55.59
N MET A 352 41.25 37.69 55.41
CA MET A 352 40.83 37.08 54.12
C MET A 352 40.44 38.21 53.16
N ASP A 353 40.96 38.14 51.94
CA ASP A 353 40.55 38.95 50.78
C ASP A 353 39.55 38.08 50.01
N LEU A 354 38.27 38.43 50.05
CA LEU A 354 37.18 37.62 49.43
C LEU A 354 37.17 37.80 47.91
N ASP A 355 37.74 38.90 47.40
CA ASP A 355 37.76 39.26 45.96
C ASP A 355 39.10 38.86 45.31
N ASN A 356 39.97 38.14 46.02
CA ASN A 356 41.29 37.66 45.51
C ASN A 356 41.04 36.70 44.33
N GLY A 357 40.11 35.76 44.50
CA GLY A 357 39.74 34.76 43.49
C GLY A 357 39.19 35.38 42.22
N GLU A 358 38.40 36.45 42.35
CA GLU A 358 37.78 37.17 41.21
C GLU A 358 38.79 38.15 40.61
N ARG A 359 39.75 38.67 41.38
CA ARG A 359 40.76 39.62 40.84
C ARG A 359 41.74 38.86 39.95
N LYS A 360 42.23 37.71 40.40
CA LYS A 360 43.14 36.84 39.61
C LYS A 360 42.42 36.41 38.33
N PHE A 361 41.22 35.85 38.44
CA PHE A 361 40.40 35.38 37.29
C PHE A 361 40.34 36.46 36.19
N LEU A 362 40.10 37.72 36.58
CA LEU A 362 39.92 38.87 35.64
C LEU A 362 41.24 39.24 34.97
N LYS A 363 42.37 38.99 35.63
CA LYS A 363 43.72 39.20 35.06
C LYS A 363 44.08 38.05 34.11
N GLU A 364 43.71 36.79 34.40
CA GLU A 364 43.95 35.64 33.47
C GLU A 364 43.03 35.79 32.26
N LYS A 365 41.79 36.22 32.44
CA LYS A 365 40.85 36.44 31.29
C LYS A 365 41.40 37.47 30.30
N ASP A 366 42.26 38.40 30.76
CA ASP A 366 42.95 39.43 29.91
C ASP A 366 44.12 38.76 29.17
N THR A 367 44.87 37.89 29.84
CA THR A 367 46.02 37.11 29.27
C THR A 367 45.51 36.16 28.18
N VAL A 368 44.31 35.60 28.35
CA VAL A 368 43.73 34.58 27.43
C VAL A 368 43.19 35.29 26.17
N ALA A 369 42.71 36.51 26.29
CA ALA A 369 42.23 37.35 25.17
C ALA A 369 43.43 37.90 24.38
N GLU A 370 44.60 38.01 25.01
CA GLU A 370 45.86 38.49 24.38
C GLU A 370 46.46 37.34 23.55
N LEU A 371 46.59 36.14 24.15
CA LEU A 371 47.05 34.90 23.46
C LEU A 371 46.07 34.57 22.34
N GLN A 372 44.76 34.72 22.54
CA GLN A 372 43.78 34.32 21.50
C GLN A 372 43.98 35.25 20.30
N ALA A 373 44.31 36.52 20.53
CA ALA A 373 44.49 37.54 19.46
C ALA A 373 45.73 37.21 18.63
N GLN A 374 46.82 36.78 19.26
CA GLN A 374 48.04 36.28 18.58
C GLN A 374 47.71 35.05 17.71
N LEU A 375 47.01 34.03 18.25
CA LEU A 375 46.60 32.81 17.50
C LEU A 375 45.69 33.24 16.35
N ASP A 376 44.73 34.13 16.61
CA ASP A 376 43.72 34.61 15.63
C ASP A 376 44.43 35.35 14.49
N TYR A 377 45.53 36.07 14.77
CA TYR A 377 46.39 36.73 13.76
C TYR A 377 47.03 35.66 12.87
N LEU A 378 47.84 34.77 13.43
CA LEU A 378 48.59 33.73 12.69
C LEU A 378 47.63 32.84 11.87
N ASN A 379 46.41 32.58 12.31
CA ASN A 379 45.42 31.82 11.50
C ASN A 379 44.91 32.67 10.33
N ALA A 380 45.15 33.98 10.35
CA ALA A 380 44.69 34.92 9.30
C ALA A 380 45.84 35.23 8.32
N GLU A 381 47.09 35.13 8.79
CA GLU A 381 48.29 35.31 7.94
C GLU A 381 48.64 34.00 7.23
N LEU A 382 48.44 32.86 7.85
CA LEU A 382 48.82 31.56 7.25
C LEU A 382 47.59 30.80 6.76
N GLY A 383 46.42 31.08 7.29
CA GLY A 383 45.19 30.37 6.89
C GLY A 383 45.03 29.09 7.67
N GLU A 384 43.79 28.66 7.83
CA GLU A 384 43.38 27.48 8.63
C GLU A 384 44.14 26.26 8.10
N PHE A 385 44.15 26.06 6.79
CA PHE A 385 44.65 24.81 6.15
C PHE A 385 46.11 24.54 6.53
N PHE A 386 46.91 25.59 6.51
CA PHE A 386 48.36 25.58 6.78
C PHE A 386 48.60 25.30 8.26
N VAL A 387 47.81 25.90 9.14
CA VAL A 387 48.01 25.79 10.62
C VAL A 387 47.67 24.37 11.09
N ASN A 388 46.64 23.77 10.52
CA ASN A 388 46.25 22.37 10.83
C ASN A 388 47.16 21.42 10.04
N GLY A 389 47.67 21.89 8.92
CA GLY A 389 48.57 21.15 8.05
C GLY A 389 49.87 20.79 8.73
N VAL A 390 50.44 21.71 9.50
CA VAL A 390 51.81 21.53 10.07
C VAL A 390 51.74 20.80 11.40
N ALA A 391 50.65 20.11 11.71
CA ALA A 391 50.51 19.33 12.95
C ALA A 391 51.40 18.09 12.82
N THR A 392 52.30 17.86 13.79
CA THR A 392 53.22 16.68 13.82
C THR A 392 52.38 15.40 13.72
N SER A 393 52.86 14.46 12.91
CA SER A 393 52.40 13.05 12.85
C SER A 393 53.46 12.10 13.41
N PHE A 394 54.75 12.45 13.31
CA PHE A 394 55.88 11.52 13.59
C PHE A 394 56.03 11.20 15.08
N SER A 395 56.33 9.93 15.39
CA SER A 395 56.83 9.48 16.72
C SER A 395 57.63 8.20 16.54
N ARG A 396 58.73 8.04 17.25
CA ARG A 396 59.57 6.82 17.15
C ARG A 396 58.80 5.55 17.49
N LYS A 397 57.91 5.63 18.48
CA LYS A 397 57.18 4.46 19.02
C LYS A 397 56.15 3.95 18.01
N LYS A 398 55.76 4.75 17.04
CA LYS A 398 54.82 4.30 15.99
C LYS A 398 55.57 3.65 14.81
N ALA A 399 56.91 3.67 14.77
CA ALA A 399 57.64 2.96 13.70
C ALA A 399 57.38 1.47 13.75
N ARG A 400 56.82 0.91 12.69
CA ARG A 400 56.65 -0.55 12.47
C ARG A 400 57.75 -1.05 11.56
N THR A 401 58.47 -2.08 11.98
CA THR A 401 59.55 -2.76 11.25
C THR A 401 59.00 -4.05 10.65
N PHE A 402 59.45 -4.42 9.46
CA PHE A 402 59.06 -5.62 8.71
C PHE A 402 60.35 -6.24 8.18
N ASP A 403 60.83 -7.31 8.79
CA ASP A 403 62.11 -7.94 8.40
C ASP A 403 62.06 -9.46 8.38
N SER A 404 60.89 -10.09 8.46
CA SER A 404 60.76 -11.56 8.68
C SER A 404 60.57 -12.27 7.36
N SER A 405 61.45 -11.99 6.38
CA SER A 405 61.43 -12.57 5.00
C SER A 405 61.68 -14.08 5.04
N TRP A 406 62.49 -14.54 5.98
CA TRP A 406 62.70 -15.98 6.24
C TRP A 406 61.39 -16.74 6.42
N ASN A 407 60.39 -16.12 7.00
CA ASN A 407 59.09 -16.78 7.24
C ASN A 407 58.19 -16.60 6.03
N TRP A 408 58.16 -15.40 5.45
CA TRP A 408 57.21 -15.11 4.36
C TRP A 408 57.54 -15.93 3.13
N ALA A 409 58.77 -16.37 2.98
CA ALA A 409 59.18 -17.11 1.78
C ALA A 409 58.42 -18.43 1.72
N LYS A 410 58.48 -19.19 2.79
CA LYS A 410 57.74 -20.48 2.93
C LYS A 410 56.24 -20.26 2.73
N GLN A 411 55.70 -19.16 3.20
CA GLN A 411 54.27 -18.87 3.04
C GLN A 411 54.02 -18.66 1.55
N SER A 412 54.93 -17.99 0.87
CA SER A 412 54.75 -17.51 -0.53
C SER A 412 54.83 -18.69 -1.45
N LEU A 413 55.71 -19.61 -1.11
CA LEU A 413 55.79 -20.90 -1.81
C LEU A 413 54.56 -21.78 -1.63
N LEU A 414 54.12 -21.96 -0.41
CA LEU A 414 52.97 -22.82 -0.09
C LEU A 414 51.71 -22.23 -0.72
N SER A 415 51.59 -20.91 -0.82
CA SER A 415 50.36 -20.29 -1.37
C SER A 415 50.35 -20.55 -2.87
N LEU A 416 51.53 -20.48 -3.49
CA LEU A 416 51.73 -20.80 -4.93
C LEU A 416 51.39 -22.27 -5.16
N TYR A 417 52.10 -23.15 -4.47
CA TYR A 417 51.85 -24.61 -4.52
C TYR A 417 50.36 -24.89 -4.55
N PHE A 418 49.57 -24.39 -3.60
CA PHE A 418 48.12 -24.70 -3.55
C PHE A 418 47.36 -23.92 -4.60
N GLU A 419 47.82 -22.75 -5.02
CA GLU A 419 47.12 -21.96 -6.06
C GLU A 419 47.21 -22.72 -7.37
N ILE A 420 48.28 -23.49 -7.58
CA ILE A 420 48.48 -24.22 -8.85
C ILE A 420 47.64 -25.49 -8.84
N ILE A 421 47.68 -26.24 -7.75
CA ILE A 421 46.84 -27.44 -7.48
C ILE A 421 45.34 -27.11 -7.64
N HIS A 422 44.87 -25.97 -7.14
CA HIS A 422 43.42 -25.63 -7.25
C HIS A 422 43.11 -25.01 -8.63
N GLY A 423 44.13 -24.75 -9.45
CA GLY A 423 43.96 -24.26 -10.82
C GLY A 423 43.48 -22.82 -10.81
N VAL A 424 44.18 -21.98 -10.04
CA VAL A 424 43.99 -20.52 -9.99
C VAL A 424 45.10 -19.88 -10.83
N LEU A 425 46.35 -20.36 -10.65
CA LEU A 425 47.47 -20.05 -11.57
C LEU A 425 47.70 -21.27 -12.48
N LYS A 426 47.83 -20.98 -13.78
CA LYS A 426 47.98 -21.95 -14.90
C LYS A 426 49.46 -21.92 -15.32
N ASN A 427 49.79 -22.52 -16.46
CA ASN A 427 51.15 -22.46 -17.05
C ASN A 427 51.29 -21.26 -18.02
N VAL A 428 50.26 -20.43 -18.19
CA VAL A 428 50.28 -19.23 -19.09
C VAL A 428 50.17 -17.94 -18.28
N ASP A 429 50.06 -18.03 -16.95
CA ASP A 429 49.95 -16.85 -16.06
C ASP A 429 51.37 -16.36 -15.80
N ARG A 430 51.58 -15.04 -15.86
CA ARG A 430 52.87 -14.39 -15.54
C ARG A 430 53.05 -14.31 -14.03
N GLU A 431 51.96 -14.43 -13.27
CA GLU A 431 51.96 -14.42 -11.79
C GLU A 431 52.84 -15.57 -11.28
N VAL A 432 52.90 -16.70 -11.97
CA VAL A 432 53.79 -17.85 -11.63
C VAL A 432 55.27 -17.43 -11.72
N VAL A 433 55.66 -16.68 -12.74
CA VAL A 433 57.07 -16.28 -12.95
C VAL A 433 57.46 -15.20 -11.94
N SER A 434 56.53 -14.30 -11.64
CA SER A 434 56.67 -13.22 -10.62
C SER A 434 56.90 -13.86 -9.26
N GLU A 435 56.16 -14.94 -8.98
CA GLU A 435 56.22 -15.63 -7.67
C GLU A 435 57.55 -16.35 -7.59
N ALA A 436 57.96 -16.99 -8.67
CA ALA A 436 59.25 -17.72 -8.72
C ALA A 436 60.38 -16.74 -8.43
N ILE A 437 60.32 -15.54 -8.98
CA ILE A 437 61.38 -14.53 -8.77
C ILE A 437 61.47 -14.16 -7.29
N ASN A 438 60.32 -14.08 -6.63
CA ASN A 438 60.23 -13.59 -5.24
C ASN A 438 60.62 -14.72 -4.28
N ILE A 439 60.45 -15.97 -4.69
CA ILE A 439 60.95 -17.11 -3.89
C ILE A 439 62.47 -17.21 -4.07
N MET A 440 62.96 -17.16 -5.31
CA MET A 440 64.43 -17.19 -5.55
C MET A 440 65.11 -16.09 -4.77
N ASN A 441 64.49 -14.93 -4.65
CA ASN A 441 65.13 -13.79 -3.96
C ASN A 441 65.20 -13.99 -2.47
N ARG A 442 64.49 -14.96 -1.91
CA ARG A 442 64.47 -15.28 -0.46
C ARG A 442 65.09 -16.64 -0.23
N SER A 443 65.77 -17.18 -1.22
CA SER A 443 66.33 -18.55 -1.18
C SER A 443 67.37 -18.63 -0.06
N ASN A 444 67.15 -19.58 0.87
CA ASN A 444 68.13 -20.02 1.89
C ASN A 444 68.00 -21.55 2.01
N ASP A 445 68.83 -22.17 2.85
CA ASP A 445 68.83 -23.65 3.04
C ASP A 445 67.44 -24.11 3.48
N ALA A 446 66.87 -23.48 4.50
CA ALA A 446 65.58 -23.87 5.12
C ALA A 446 64.49 -23.92 4.07
N LEU A 447 64.43 -22.89 3.19
CA LEU A 447 63.41 -22.77 2.12
C LEU A 447 63.64 -23.82 1.04
N ILE A 448 64.88 -24.13 0.71
CA ILE A 448 65.17 -25.24 -0.22
C ILE A 448 64.64 -26.54 0.34
N LYS A 449 64.96 -26.89 1.59
CA LYS A 449 64.51 -28.13 2.25
C LYS A 449 62.99 -28.20 2.22
N PHE A 450 62.34 -27.07 2.43
CA PHE A 450 60.87 -26.96 2.60
C PHE A 450 60.21 -27.33 1.27
N MET A 451 60.74 -26.85 0.17
CA MET A 451 60.31 -27.22 -1.20
C MET A 451 60.63 -28.68 -1.46
N GLU A 452 61.86 -29.11 -1.21
CA GLU A 452 62.24 -30.48 -1.56
C GLU A 452 61.13 -31.36 -1.00
N TYR A 453 60.82 -31.23 0.29
CA TYR A 453 59.74 -32.00 0.98
C TYR A 453 58.42 -31.87 0.21
N HIS A 454 57.90 -30.67 0.08
CA HIS A 454 56.54 -30.42 -0.45
C HIS A 454 56.41 -30.93 -1.88
N ILE A 455 57.45 -30.82 -2.71
CA ILE A 455 57.44 -31.24 -4.15
C ILE A 455 57.72 -32.74 -4.24
N SER A 456 58.75 -33.26 -3.57
CA SER A 456 59.09 -34.70 -3.62
C SER A 456 57.93 -35.58 -3.09
N ASN A 457 57.00 -35.02 -2.32
CA ASN A 457 55.86 -35.76 -1.71
C ASN A 457 54.53 -35.37 -2.39
N THR A 458 54.59 -34.62 -3.50
CA THR A 458 53.45 -34.40 -4.43
C THR A 458 53.21 -35.68 -5.24
N ASP A 459 51.99 -36.21 -5.23
CA ASP A 459 51.60 -37.40 -6.06
C ASP A 459 51.13 -36.92 -7.43
N GLU A 460 52.00 -36.98 -8.45
CA GLU A 460 51.76 -36.44 -9.82
C GLU A 460 50.60 -37.16 -10.53
N THR A 461 50.11 -38.28 -9.98
CA THR A 461 49.05 -39.16 -10.56
C THR A 461 47.64 -38.73 -10.12
N LYS A 462 47.53 -37.74 -9.24
CA LYS A 462 46.25 -37.21 -8.70
C LYS A 462 45.57 -36.25 -9.71
N GLY A 463 46.29 -35.81 -10.74
CA GLY A 463 45.77 -34.82 -11.71
C GLY A 463 46.86 -34.16 -12.53
N GLU A 464 46.46 -33.41 -13.56
CA GLU A 464 47.35 -32.67 -14.48
C GLU A 464 47.94 -31.49 -13.69
N ASN A 465 47.20 -31.00 -12.70
CA ASN A 465 47.59 -29.90 -11.79
C ASN A 465 48.70 -30.39 -10.87
N TYR A 466 48.54 -31.57 -10.27
CA TYR A 466 49.60 -32.16 -9.45
C TYR A 466 50.83 -32.49 -10.28
N GLN A 467 50.70 -32.81 -11.58
CA GLN A 467 51.88 -32.95 -12.47
C GLN A 467 52.51 -31.57 -12.65
N LEU A 468 51.71 -30.56 -12.97
CA LEU A 468 52.22 -29.20 -13.27
C LEU A 468 52.95 -28.61 -12.07
N VAL A 469 52.46 -28.84 -10.84
CA VAL A 469 53.13 -28.32 -9.62
C VAL A 469 54.38 -29.13 -9.33
N LYS A 470 54.42 -30.42 -9.69
CA LYS A 470 55.64 -31.22 -9.49
C LYS A 470 56.74 -30.78 -10.48
N THR A 471 56.38 -30.48 -11.72
CA THR A 471 57.35 -30.07 -12.77
C THR A 471 57.95 -28.72 -12.41
N LEU A 472 57.09 -27.70 -12.25
CA LEU A 472 57.48 -26.31 -11.90
C LEU A 472 58.27 -26.31 -10.59
N GLY A 473 57.73 -26.95 -9.55
CA GLY A 473 58.41 -27.14 -8.25
C GLY A 473 59.85 -27.60 -8.41
N GLU A 474 60.09 -28.73 -9.08
CA GLU A 474 61.45 -29.27 -9.33
C GLU A 474 62.32 -28.21 -10.02
N GLN A 475 61.73 -27.43 -10.92
CA GLN A 475 62.50 -26.38 -11.62
C GLN A 475 62.84 -25.26 -10.62
N LEU A 476 61.89 -24.86 -9.81
CA LEU A 476 62.07 -23.78 -8.81
C LEU A 476 63.14 -24.20 -7.79
N ILE A 477 63.21 -25.47 -7.42
CA ILE A 477 64.25 -25.98 -6.49
C ILE A 477 65.63 -25.78 -7.12
N GLU A 478 65.85 -26.23 -8.36
CA GLU A 478 67.15 -26.01 -9.09
C GLU A 478 67.47 -24.52 -9.08
N ASN A 479 66.53 -23.68 -9.48
CA ASN A 479 66.72 -22.21 -9.51
C ASN A 479 67.13 -21.66 -8.12
N CYS A 480 66.59 -22.22 -7.03
CA CYS A 480 66.83 -21.69 -5.65
C CYS A 480 68.15 -22.22 -5.13
N LYS A 481 68.59 -23.41 -5.55
CA LYS A 481 69.96 -23.92 -5.24
C LYS A 481 71.04 -23.10 -5.97
N GLN A 482 70.76 -22.58 -7.17
CA GLN A 482 71.76 -21.86 -8.02
C GLN A 482 72.01 -20.47 -7.43
N VAL A 483 70.95 -19.80 -6.93
CA VAL A 483 70.99 -18.40 -6.40
C VAL A 483 71.00 -18.40 -4.87
N LEU A 484 71.52 -19.44 -4.24
CA LEU A 484 71.57 -19.55 -2.76
C LEU A 484 72.48 -18.47 -2.14
N ASP A 485 73.53 -18.06 -2.84
CA ASP A 485 74.59 -17.12 -2.37
C ASP A 485 74.68 -15.88 -3.30
N VAL A 486 73.77 -15.78 -4.28
CA VAL A 486 73.64 -14.62 -5.23
C VAL A 486 72.78 -13.57 -4.55
N ASP A 487 72.99 -12.30 -4.88
CA ASP A 487 72.26 -11.13 -4.31
C ASP A 487 70.90 -11.08 -4.98
N PRO A 488 69.84 -10.73 -4.24
CA PRO A 488 68.49 -10.75 -4.79
C PRO A 488 68.28 -9.58 -5.74
N VAL A 489 67.41 -9.74 -6.72
CA VAL A 489 67.31 -8.85 -7.91
C VAL A 489 65.88 -8.37 -8.14
N TYR A 490 65.73 -7.09 -8.33
CA TYR A 490 64.51 -6.45 -8.89
C TYR A 490 64.42 -6.95 -10.31
N LYS A 491 63.30 -7.52 -10.68
CA LYS A 491 63.11 -8.03 -12.04
C LYS A 491 61.59 -8.03 -12.26
N ASP A 492 61.07 -7.02 -12.97
CA ASP A 492 59.63 -6.94 -13.34
C ASP A 492 59.40 -7.78 -14.61
N VAL A 493 58.48 -8.74 -14.53
CA VAL A 493 58.07 -9.60 -15.68
C VAL A 493 56.56 -9.46 -15.85
N ALA A 494 56.03 -8.27 -15.61
CA ALA A 494 54.60 -7.93 -15.78
C ALA A 494 54.43 -7.41 -17.21
N LYS A 495 53.30 -7.75 -17.82
CA LYS A 495 52.88 -7.33 -19.18
C LYS A 495 52.76 -5.82 -19.18
N PRO A 496 53.57 -5.08 -19.98
CA PRO A 496 53.42 -3.62 -20.11
C PRO A 496 52.05 -3.29 -20.72
N THR A 497 51.41 -2.24 -20.19
CA THR A 497 50.01 -1.85 -20.47
C THR A 497 50.02 -0.44 -21.07
N GLY A 498 49.35 -0.29 -22.22
CA GLY A 498 49.01 1.01 -22.85
C GLY A 498 47.61 1.47 -22.44
N PRO A 499 47.31 2.78 -22.56
CA PRO A 499 45.97 3.28 -22.25
C PRO A 499 45.05 2.99 -23.44
N LYS A 500 43.75 2.90 -23.14
CA LYS A 500 42.66 2.61 -24.12
C LYS A 500 41.35 3.18 -23.57
N THR A 501 40.91 4.32 -24.11
CA THR A 501 39.56 4.90 -23.91
C THR A 501 38.64 4.34 -25.02
N ALA A 502 37.40 4.03 -24.66
CA ALA A 502 36.32 3.60 -25.57
C ALA A 502 35.04 4.34 -25.16
N ILE A 503 34.21 4.67 -26.14
CA ILE A 503 32.83 5.20 -25.96
C ILE A 503 31.88 4.22 -26.64
N ASP A 504 30.93 3.67 -25.88
CA ASP A 504 29.88 2.72 -26.37
C ASP A 504 28.73 3.53 -26.99
N LYS A 505 27.72 2.84 -27.52
CA LYS A 505 26.59 3.44 -28.31
C LYS A 505 25.79 4.42 -27.43
N ASN A 506 25.73 4.20 -26.11
CA ASN A 506 24.96 5.01 -25.13
C ASN A 506 25.80 6.15 -24.52
N GLY A 507 27.04 6.34 -24.99
CA GLY A 507 27.93 7.47 -24.58
C GLY A 507 28.48 7.33 -23.18
N ASN A 508 28.99 6.15 -22.81
CA ASN A 508 29.71 5.88 -21.55
C ASN A 508 31.22 5.81 -21.83
N ILE A 509 32.00 6.58 -21.07
CA ILE A 509 33.48 6.70 -21.20
C ILE A 509 34.12 5.68 -20.24
N THR A 510 34.66 4.59 -20.78
CA THR A 510 35.37 3.50 -20.06
C THR A 510 36.87 3.60 -20.35
N TYR A 511 37.69 3.80 -19.31
CA TYR A 511 39.18 3.76 -19.38
C TYR A 511 39.71 2.40 -18.90
N SER A 512 40.37 1.67 -19.79
CA SER A 512 41.01 0.35 -19.53
C SER A 512 42.51 0.43 -19.80
N GLU A 513 43.30 -0.33 -19.03
CA GLU A 513 44.75 -0.60 -19.26
C GLU A 513 44.86 -1.87 -20.10
N GLU A 514 45.09 -1.73 -21.40
CA GLU A 514 45.12 -2.85 -22.38
C GLU A 514 46.57 -3.19 -22.72
N PRO A 515 46.99 -4.48 -22.68
CA PRO A 515 48.30 -4.88 -23.18
C PRO A 515 48.63 -4.37 -24.59
N ARG A 516 49.77 -3.69 -24.72
CA ARG A 516 50.40 -3.29 -26.00
C ARG A 516 50.75 -4.56 -26.79
N GLU A 517 50.90 -4.42 -28.12
CA GLU A 517 51.02 -5.56 -29.09
C GLU A 517 52.49 -5.72 -29.51
N LYS A 518 53.19 -4.61 -29.74
CA LYS A 518 54.62 -4.57 -30.16
C LYS A 518 55.53 -4.87 -28.94
N VAL A 519 55.17 -4.37 -27.75
CA VAL A 519 55.93 -4.45 -26.46
C VAL A 519 55.22 -5.42 -25.52
N ARG A 520 55.86 -6.53 -25.14
CA ARG A 520 55.28 -7.56 -24.22
C ARG A 520 56.20 -7.87 -23.02
N LYS A 521 57.46 -7.46 -23.03
CA LYS A 521 58.43 -7.60 -21.91
C LYS A 521 58.98 -6.22 -21.59
N LEU A 522 59.90 -6.13 -20.65
CA LEU A 522 60.58 -4.85 -20.34
C LEU A 522 61.76 -4.65 -21.28
N SER A 523 62.48 -5.71 -21.65
CA SER A 523 63.59 -5.65 -22.65
C SER A 523 63.12 -4.90 -23.91
N GLN A 524 61.90 -5.17 -24.37
CA GLN A 524 61.27 -4.55 -25.55
C GLN A 524 60.86 -3.12 -25.25
N TYR A 525 60.38 -2.85 -24.04
CA TYR A 525 60.01 -1.49 -23.60
C TYR A 525 61.27 -0.61 -23.65
N VAL A 526 62.44 -1.15 -23.32
CA VAL A 526 63.71 -0.38 -23.33
C VAL A 526 64.13 -0.15 -24.76
N GLN A 527 63.96 -1.15 -25.61
CA GLN A 527 64.21 -1.11 -27.07
C GLN A 527 63.35 -0.02 -27.72
N GLU A 528 62.04 0.00 -27.45
CA GLU A 528 61.09 1.07 -27.86
C GLU A 528 61.59 2.42 -27.35
N MET A 529 61.99 2.52 -26.07
CA MET A 529 62.41 3.81 -25.46
C MET A 529 63.62 4.35 -26.23
N ALA A 530 64.53 3.48 -26.68
CA ALA A 530 65.81 3.89 -27.28
C ALA A 530 65.54 4.50 -28.66
N LEU A 531 64.64 3.89 -29.45
CA LEU A 531 64.34 4.25 -30.87
C LEU A 531 63.61 5.59 -30.93
N GLY A 532 63.11 6.08 -29.81
CA GLY A 532 62.36 7.34 -29.72
C GLY A 532 61.14 7.26 -30.61
N GLY A 533 60.90 8.33 -31.38
CA GLY A 533 59.79 8.37 -32.34
C GLY A 533 60.03 9.46 -33.38
N PRO A 534 59.10 9.62 -34.36
CA PRO A 534 59.26 10.61 -35.42
C PRO A 534 59.26 12.07 -34.94
N ILE A 535 58.60 12.36 -33.81
CA ILE A 535 58.47 13.74 -33.28
C ILE A 535 59.75 14.17 -32.54
N THR A 536 60.54 13.20 -32.04
CA THR A 536 61.77 13.46 -31.24
C THR A 536 62.95 13.83 -32.14
N LYS A 537 62.88 13.52 -33.44
CA LYS A 537 63.93 13.83 -34.46
C LYS A 537 64.12 15.34 -34.54
N GLU A 538 65.29 15.83 -34.09
CA GLU A 538 65.75 17.23 -34.28
C GLU A 538 66.26 17.38 -35.73
N SER A 539 66.91 18.51 -36.06
CA SER A 539 67.33 18.89 -37.44
C SER A 539 68.77 18.42 -37.72
N GLU A 602 64.48 -14.61 -27.81
CA GLU A 602 63.22 -15.39 -27.69
C GLU A 602 62.91 -15.70 -26.23
N ASP A 603 61.62 -15.90 -25.91
CA ASP A 603 61.09 -16.11 -24.53
C ASP A 603 59.84 -17.01 -24.59
N ALA A 604 59.39 -17.48 -23.41
CA ALA A 604 58.27 -18.43 -23.23
C ALA A 604 57.16 -17.83 -22.34
N LEU A 605 57.12 -16.49 -22.20
CA LEU A 605 56.05 -15.75 -21.46
C LEU A 605 54.72 -15.90 -22.21
N ASP A 606 53.65 -16.18 -21.47
CA ASP A 606 52.23 -16.29 -21.95
C ASP A 606 52.00 -17.59 -22.74
N LYS A 607 52.94 -18.55 -22.72
CA LYS A 607 52.79 -19.87 -23.41
C LYS A 607 53.22 -21.05 -22.50
N ASP A 608 54.32 -20.93 -21.75
CA ASP A 608 54.84 -21.97 -20.82
C ASP A 608 55.64 -21.26 -19.71
N SER A 609 55.04 -21.06 -18.55
CA SER A 609 55.65 -20.35 -17.40
C SER A 609 56.77 -21.19 -16.77
N THR A 610 56.67 -22.52 -16.78
CA THR A 610 57.72 -23.45 -16.31
C THR A 610 59.02 -23.26 -17.10
N LYS A 611 58.91 -23.10 -18.43
CA LYS A 611 60.10 -22.89 -19.30
C LYS A 611 60.74 -21.54 -18.94
N GLU A 612 59.91 -20.52 -18.67
CA GLU A 612 60.38 -19.13 -18.40
C GLU A 612 61.02 -19.05 -17.01
N VAL A 613 60.49 -19.83 -16.05
CA VAL A 613 61.07 -20.06 -14.70
C VAL A 613 62.48 -20.64 -14.88
N ALA A 614 62.68 -21.64 -15.74
CA ALA A 614 63.99 -22.31 -15.92
C ALA A 614 65.09 -21.32 -16.37
N SER A 615 64.72 -20.19 -16.98
CA SER A 615 65.66 -19.21 -17.58
C SER A 615 65.96 -18.04 -16.63
N LEU A 616 65.38 -18.02 -15.41
CA LEU A 616 65.44 -16.87 -14.47
C LEU A 616 66.85 -16.68 -13.90
N PRO A 617 67.55 -17.74 -13.45
CA PRO A 617 68.87 -17.56 -12.81
C PRO A 617 70.03 -17.34 -13.78
N ASN A 618 69.82 -17.62 -15.07
CA ASN A 618 70.82 -17.53 -16.17
C ASN A 618 70.98 -16.06 -16.58
N LYS A 619 72.08 -15.43 -16.16
CA LYS A 619 72.49 -14.07 -16.57
C LYS A 619 72.83 -14.09 -18.07
N SER A 620 71.86 -13.75 -18.92
CA SER A 620 71.99 -13.61 -20.39
C SER A 620 73.03 -12.52 -20.68
N THR A 621 73.95 -12.80 -21.60
CA THR A 621 74.97 -11.86 -22.13
C THR A 621 74.36 -11.08 -23.31
N ILE A 622 74.68 -9.79 -23.42
CA ILE A 622 74.22 -8.89 -24.52
C ILE A 622 75.39 -8.73 -25.51
N SER A 623 75.29 -9.33 -26.69
CA SER A 623 76.26 -9.19 -27.80
C SER A 623 76.48 -7.71 -28.10
N LYS A 624 75.45 -7.06 -28.68
CA LYS A 624 75.45 -5.60 -28.96
C LYS A 624 74.37 -4.93 -28.10
N THR A 625 74.78 -3.88 -27.38
CA THR A 625 73.94 -3.06 -26.46
C THR A 625 72.84 -2.34 -27.24
N VAL A 626 71.78 -1.95 -26.55
CA VAL A 626 70.62 -1.17 -27.08
C VAL A 626 71.04 0.28 -27.36
N SER A 627 72.20 0.72 -26.90
CA SER A 627 72.72 2.10 -27.10
C SER A 627 73.21 2.30 -28.54
N SER A 628 73.75 1.24 -29.15
CA SER A 628 74.16 1.19 -30.58
C SER A 628 72.92 1.36 -31.50
N THR A 629 71.76 0.78 -31.13
CA THR A 629 70.50 0.81 -31.93
C THR A 629 69.88 2.22 -31.98
N ILE A 630 70.31 3.16 -31.13
CA ILE A 630 69.78 4.55 -31.14
C ILE A 630 70.16 5.14 -32.50
N PRO A 631 69.20 5.64 -33.32
CA PRO A 631 69.54 6.29 -34.58
C PRO A 631 70.31 7.61 -34.36
N ARG A 632 71.07 8.04 -35.36
CA ARG A 632 71.68 9.39 -35.41
C ARG A 632 70.55 10.40 -35.70
N GLU A 633 70.54 11.53 -34.97
CA GLU A 633 69.58 12.64 -35.09
C GLU A 633 68.19 12.14 -34.64
N THR A 634 68.17 11.28 -33.62
CA THR A 634 66.98 10.96 -32.77
C THR A 634 67.36 11.10 -31.29
N ILE A 635 66.40 11.61 -30.53
CA ILE A 635 66.46 11.74 -29.06
C ILE A 635 65.57 10.64 -28.49
N PRO A 636 66.12 9.71 -27.71
CA PRO A 636 65.32 8.65 -27.11
C PRO A 636 64.30 9.20 -26.11
N PHE A 637 63.22 8.43 -25.89
CA PHE A 637 62.15 8.77 -24.93
C PHE A 637 62.69 8.94 -23.50
N LEU A 638 63.62 8.09 -23.08
CA LEU A 638 64.37 8.18 -21.81
C LEU A 638 65.80 8.54 -22.15
N HIS A 639 66.32 9.63 -21.62
CA HIS A 639 67.71 10.04 -21.90
C HIS A 639 68.23 10.91 -20.78
N LEU A 640 69.54 11.10 -20.71
CA LEU A 640 70.13 12.04 -19.75
C LEU A 640 70.56 13.28 -20.52
N ARG A 641 70.67 14.38 -19.81
CA ARG A 641 71.13 15.69 -20.32
C ARG A 641 72.46 16.03 -19.68
N LYS A 642 73.17 17.00 -20.25
CA LYS A 642 74.48 17.49 -19.80
C LYS A 642 74.40 19.01 -19.83
N LYS A 643 74.89 19.69 -18.82
CA LYS A 643 74.93 21.18 -18.75
C LYS A 643 76.05 21.65 -19.69
N THR A 644 75.70 22.44 -20.70
CA THR A 644 76.68 23.07 -21.64
C THR A 644 77.28 24.31 -20.98
N PRO A 645 78.52 24.72 -21.36
CA PRO A 645 79.13 25.96 -20.85
C PRO A 645 78.30 27.26 -20.94
N ALA A 646 77.31 27.31 -21.84
CA ALA A 646 76.35 28.43 -22.01
C ALA A 646 75.47 28.56 -20.75
N GLY A 647 74.91 27.44 -20.27
CA GLY A 647 74.09 27.33 -19.05
C GLY A 647 72.70 26.75 -19.29
N ASP A 648 72.58 25.71 -20.13
CA ASP A 648 71.30 25.00 -20.44
C ASP A 648 71.58 23.50 -20.59
N TRP A 649 70.55 22.69 -20.32
CA TRP A 649 70.61 21.21 -20.23
C TRP A 649 70.16 20.58 -21.55
N LYS A 650 71.13 20.17 -22.38
CA LYS A 650 70.91 19.53 -23.71
C LYS A 650 71.13 18.02 -23.58
N TYR A 651 70.30 17.22 -24.25
CA TYR A 651 70.57 15.80 -24.58
C TYR A 651 72.06 15.54 -24.76
N ASP A 652 72.60 14.51 -24.08
CA ASP A 652 73.98 13.97 -24.27
C ASP A 652 73.89 12.48 -24.62
N ARG A 653 74.46 12.07 -25.75
CA ARG A 653 74.36 10.68 -26.26
C ARG A 653 75.13 9.69 -25.37
N GLN A 654 76.33 10.06 -24.88
CA GLN A 654 77.21 9.13 -24.12
C GLN A 654 76.56 8.76 -22.78
N LEU A 655 76.04 9.74 -22.04
CA LEU A 655 75.34 9.53 -20.75
C LEU A 655 74.06 8.74 -20.97
N SER A 656 73.24 9.11 -21.96
CA SER A 656 71.98 8.38 -22.26
C SER A 656 72.29 6.93 -22.65
N SER A 657 73.39 6.69 -23.36
CA SER A 657 73.81 5.31 -23.75
C SER A 657 73.99 4.48 -22.48
N LEU A 658 74.80 5.01 -21.57
CA LEU A 658 75.11 4.42 -20.24
C LEU A 658 73.83 4.10 -19.45
N PHE A 659 72.90 5.04 -19.36
CA PHE A 659 71.60 4.90 -18.67
C PHE A 659 70.80 3.75 -19.31
N LEU A 660 70.50 3.86 -20.60
CA LEU A 660 69.72 2.88 -21.39
C LEU A 660 70.40 1.51 -21.42
N ASP A 661 71.73 1.41 -21.48
CA ASP A 661 72.41 0.09 -21.33
C ASP A 661 71.99 -0.54 -19.99
N GLY A 662 72.10 0.22 -18.89
CA GLY A 662 71.73 -0.18 -17.54
C GLY A 662 70.27 -0.57 -17.42
N LEU A 663 69.38 0.12 -18.13
CA LEU A 663 67.94 -0.23 -18.15
C LEU A 663 67.77 -1.55 -18.88
N GLU A 664 68.57 -1.80 -19.92
CA GLU A 664 68.51 -3.04 -20.70
C GLU A 664 69.10 -4.19 -19.87
N LYS A 665 70.21 -3.97 -19.16
CA LYS A 665 70.79 -5.00 -18.25
C LYS A 665 69.77 -5.38 -17.16
N ALA A 666 69.15 -4.39 -16.51
CA ALA A 666 68.07 -4.57 -15.52
C ALA A 666 66.90 -5.36 -16.09
N ALA A 667 66.52 -5.13 -17.33
CA ALA A 667 65.36 -5.80 -17.95
C ALA A 667 65.65 -7.30 -18.14
N PHE A 668 66.91 -7.65 -18.44
CA PHE A 668 67.31 -9.05 -18.77
C PHE A 668 67.69 -9.78 -17.48
N ASN A 669 68.66 -9.24 -16.74
CA ASN A 669 69.37 -9.94 -15.64
C ASN A 669 68.82 -9.56 -14.27
N GLY A 670 68.03 -8.49 -14.21
CA GLY A 670 67.57 -7.85 -12.97
C GLY A 670 68.66 -6.99 -12.39
N VAL A 671 68.30 -6.14 -11.44
CA VAL A 671 69.32 -5.32 -10.72
C VAL A 671 69.11 -5.54 -9.22
N THR A 672 70.20 -5.55 -8.44
CA THR A 672 70.17 -5.60 -6.95
C THR A 672 70.41 -4.23 -6.31
N PHE A 673 69.72 -3.98 -5.19
CA PHE A 673 69.93 -2.86 -4.25
C PHE A 673 70.38 -3.40 -2.88
N LYS A 674 71.29 -4.35 -2.87
CA LYS A 674 71.78 -4.96 -1.61
C LYS A 674 72.65 -3.90 -0.94
N ASP A 675 72.48 -3.72 0.36
CA ASP A 675 73.29 -2.77 1.16
C ASP A 675 73.04 -1.37 0.58
N LYS A 676 71.77 -1.08 0.32
CA LYS A 676 71.27 0.28 -0.02
C LYS A 676 70.18 0.63 0.99
N TYR A 677 70.40 1.70 1.73
CA TYR A 677 69.50 2.25 2.74
C TYR A 677 68.77 3.42 2.14
N VAL A 678 67.46 3.39 2.02
CA VAL A 678 66.67 4.36 1.24
C VAL A 678 65.61 4.97 2.11
N LEU A 679 65.41 6.27 2.07
CA LEU A 679 64.23 6.93 2.69
C LEU A 679 63.29 7.35 1.56
N ILE A 680 62.04 6.93 1.57
CA ILE A 680 61.08 7.31 0.52
C ILE A 680 59.82 7.87 1.14
N THR A 681 59.50 9.12 0.81
CA THR A 681 58.18 9.73 1.12
C THR A 681 57.29 9.64 -0.10
N GLY A 682 56.00 9.76 0.13
CA GLY A 682 54.97 9.79 -0.92
C GLY A 682 54.84 8.48 -1.63
N ALA A 683 54.84 7.36 -0.90
CA ALA A 683 54.85 6.01 -1.50
C ALA A 683 53.58 5.24 -1.15
N GLY A 684 52.45 5.91 -1.20
CA GLY A 684 51.15 5.34 -0.81
C GLY A 684 50.55 4.46 -1.88
N LYS A 685 49.56 3.63 -1.55
CA LYS A 685 48.86 2.77 -2.53
C LYS A 685 48.50 3.61 -3.77
N GLY A 686 48.79 3.06 -4.95
CA GLY A 686 48.46 3.62 -6.27
C GLY A 686 49.20 4.91 -6.55
N SER A 687 50.47 4.96 -6.14
CA SER A 687 51.41 6.06 -6.41
C SER A 687 52.60 5.51 -7.22
N ILE A 688 53.46 6.41 -7.70
CA ILE A 688 54.77 6.04 -8.29
C ILE A 688 55.63 5.46 -7.15
N GLY A 689 55.71 6.18 -6.05
CA GLY A 689 56.47 5.78 -4.86
C GLY A 689 56.26 4.32 -4.48
N ALA A 690 55.04 3.80 -4.63
CA ALA A 690 54.68 2.44 -4.18
C ALA A 690 55.33 1.40 -5.08
N GLU A 691 55.41 1.65 -6.37
CA GLU A 691 56.04 0.71 -7.35
C GLU A 691 57.56 0.75 -7.20
N VAL A 692 58.12 1.90 -6.84
CA VAL A 692 59.55 2.04 -6.52
C VAL A 692 59.86 1.28 -5.23
N LEU A 693 59.03 1.46 -4.23
CA LEU A 693 59.12 0.69 -2.98
C LEU A 693 59.16 -0.81 -3.30
N GLN A 694 58.23 -1.35 -4.09
CA GLN A 694 58.25 -2.81 -4.38
C GLN A 694 59.59 -3.20 -5.01
N GLY A 695 60.07 -2.45 -5.98
CA GLY A 695 61.33 -2.75 -6.66
C GLY A 695 62.48 -2.78 -5.68
N LEU A 696 62.62 -1.73 -4.89
CA LEU A 696 63.67 -1.65 -3.87
C LEU A 696 63.67 -2.92 -3.01
N LEU A 697 62.54 -3.32 -2.47
CA LEU A 697 62.43 -4.46 -1.53
C LEU A 697 62.80 -5.75 -2.23
N GLN A 698 62.37 -5.89 -3.45
CA GLN A 698 62.66 -7.07 -4.30
C GLN A 698 64.16 -7.20 -4.51
N GLY A 699 64.86 -6.09 -4.57
CA GLY A 699 66.31 -6.07 -4.80
C GLY A 699 67.07 -5.97 -3.51
N GLY A 700 66.42 -6.13 -2.37
CA GLY A 700 67.16 -6.36 -1.12
C GLY A 700 67.44 -5.11 -0.31
N ALA A 701 66.85 -3.99 -0.67
CA ALA A 701 67.17 -2.70 -0.02
C ALA A 701 66.57 -2.63 1.38
N LYS A 702 67.14 -1.80 2.24
CA LYS A 702 66.59 -1.42 3.56
C LYS A 702 65.87 -0.08 3.38
N VAL A 703 64.56 -0.03 3.53
CA VAL A 703 63.75 1.18 3.20
C VAL A 703 62.98 1.68 4.41
N VAL A 704 63.08 2.97 4.73
CA VAL A 704 62.12 3.69 5.59
C VAL A 704 61.12 4.34 4.67
N VAL A 705 59.85 4.03 4.86
CA VAL A 705 58.74 4.57 4.05
C VAL A 705 57.82 5.30 4.99
N THR A 706 57.44 6.52 4.63
CA THR A 706 56.65 7.42 5.49
C THR A 706 55.21 7.35 5.02
N THR A 707 54.29 7.80 5.85
CA THR A 707 52.88 7.87 5.45
C THR A 707 52.20 8.95 6.27
N SER A 708 51.33 9.70 5.61
CA SER A 708 50.54 10.75 6.26
C SER A 708 49.24 10.16 6.81
N ARG A 709 48.92 8.92 6.43
CA ARG A 709 47.60 8.30 6.70
C ARG A 709 47.82 7.03 7.51
N PHE A 710 48.63 7.08 8.56
CA PHE A 710 49.03 5.87 9.35
C PHE A 710 47.80 5.27 10.04
N SER A 711 47.54 4.00 9.78
CA SER A 711 46.26 3.36 10.15
C SER A 711 46.45 1.84 10.09
N LYS A 712 45.43 1.05 10.41
CA LYS A 712 45.55 -0.42 10.29
C LYS A 712 45.57 -0.77 8.81
N GLN A 713 44.70 -0.14 8.03
CA GLN A 713 44.55 -0.45 6.59
C GLN A 713 45.91 -0.26 5.93
N VAL A 714 46.65 0.77 6.32
CA VAL A 714 47.92 1.15 5.66
C VAL A 714 49.03 0.23 6.16
N THR A 715 49.13 -0.01 7.44
CA THR A 715 50.17 -0.91 7.96
C THR A 715 49.91 -2.33 7.43
N ASP A 716 48.66 -2.75 7.25
CA ASP A 716 48.33 -4.06 6.62
C ASP A 716 48.74 -4.03 5.14
N TYR A 717 48.61 -2.91 4.45
CA TYR A 717 49.03 -2.76 3.04
C TYR A 717 50.52 -3.01 2.91
N TYR A 718 51.33 -2.32 3.68
CA TYR A 718 52.80 -2.45 3.66
C TYR A 718 53.25 -3.83 4.14
N GLN A 719 52.61 -4.39 5.12
CA GLN A 719 52.91 -5.78 5.52
C GLN A 719 52.73 -6.70 4.33
N SER A 720 51.73 -6.49 3.51
CA SER A 720 51.40 -7.43 2.43
C SER A 720 52.42 -7.28 1.31
N ILE A 721 52.81 -6.05 1.00
CA ILE A 721 53.89 -5.68 0.05
C ILE A 721 55.13 -6.44 0.47
N TYR A 722 55.55 -6.27 1.71
CA TYR A 722 56.81 -6.81 2.22
C TYR A 722 56.77 -8.34 2.20
N ALA A 723 55.66 -8.96 2.55
CA ALA A 723 55.50 -10.43 2.57
C ALA A 723 55.48 -11.01 1.16
N LYS A 724 55.06 -10.23 0.18
CA LYS A 724 55.14 -10.66 -1.23
C LYS A 724 56.55 -10.39 -1.77
N TYR A 725 57.12 -9.20 -1.60
CA TYR A 725 58.27 -8.73 -2.41
C TYR A 725 59.59 -8.74 -1.65
N GLY A 726 59.57 -8.37 -0.38
CA GLY A 726 60.73 -8.27 0.52
C GLY A 726 61.65 -9.46 0.39
N ALA A 727 62.82 -9.24 -0.18
CA ALA A 727 63.83 -10.30 -0.42
C ALA A 727 64.68 -10.44 0.81
N LYS A 728 65.65 -11.34 0.73
CA LYS A 728 66.57 -11.60 1.84
C LYS A 728 67.43 -10.35 2.10
N GLY A 729 67.52 -9.97 3.37
CA GLY A 729 68.36 -8.85 3.80
C GLY A 729 67.57 -7.56 3.78
N SER A 730 66.40 -7.56 3.15
CA SER A 730 65.56 -6.33 3.00
C SER A 730 64.85 -6.06 4.33
N THR A 731 64.54 -4.81 4.58
CA THR A 731 63.81 -4.37 5.77
C THR A 731 62.88 -3.26 5.31
N LEU A 732 61.74 -3.10 5.93
CA LEU A 732 60.80 -2.01 5.65
C LEU A 732 60.37 -1.42 6.97
N ILE A 733 60.85 -0.25 7.32
CA ILE A 733 60.37 0.51 8.50
C ILE A 733 59.28 1.43 8.01
N VAL A 734 58.10 1.41 8.60
CA VAL A 734 56.97 2.31 8.21
C VAL A 734 56.75 3.32 9.33
N VAL A 735 56.84 4.60 9.04
CA VAL A 735 56.70 5.64 10.08
C VAL A 735 55.59 6.59 9.68
N PRO A 736 54.74 7.00 10.61
CA PRO A 736 53.77 8.06 10.32
C PRO A 736 54.61 9.30 10.10
N PHE A 737 54.24 10.20 9.21
CA PHE A 737 55.12 11.35 8.94
C PHE A 737 54.41 12.42 8.14
N ASN A 738 54.57 13.66 8.55
CA ASN A 738 54.03 14.85 7.86
C ASN A 738 55.18 15.61 7.21
N GLN A 739 55.25 15.68 5.88
CA GLN A 739 56.40 16.39 5.28
C GLN A 739 56.15 17.90 5.35
N GLY A 740 54.95 18.33 5.73
CA GLY A 740 54.65 19.75 5.96
C GLY A 740 55.18 20.26 7.29
N SER A 741 55.60 19.37 8.16
CA SER A 741 56.04 19.75 9.53
C SER A 741 57.56 19.76 9.56
N LYS A 742 58.18 20.89 9.89
CA LYS A 742 59.65 21.06 10.02
C LYS A 742 60.10 20.14 11.14
N GLN A 743 59.37 20.17 12.24
CA GLN A 743 59.70 19.37 13.45
C GLN A 743 59.66 17.89 13.08
N ASP A 744 58.75 17.44 12.22
CA ASP A 744 58.65 16.02 11.77
C ASP A 744 59.85 15.63 10.95
N VAL A 745 60.23 16.49 10.03
CA VAL A 745 61.41 16.30 9.16
C VAL A 745 62.63 16.13 10.05
N GLU A 746 62.90 17.06 10.95
CA GLU A 746 64.11 16.99 11.79
C GLU A 746 64.07 15.68 12.57
N ALA A 747 62.91 15.35 13.15
CA ALA A 747 62.69 14.20 14.04
C ALA A 747 62.89 12.90 13.29
N LEU A 748 62.35 12.77 12.09
CA LEU A 748 62.52 11.57 11.24
C LEU A 748 63.99 11.33 10.93
N ILE A 749 64.78 12.35 10.66
CA ILE A 749 66.18 12.11 10.26
C ILE A 749 67.00 11.81 11.50
N GLU A 750 66.68 12.45 12.63
CA GLU A 750 67.36 12.21 13.93
C GLU A 750 67.14 10.73 14.31
N PHE A 751 65.94 10.23 14.13
CA PHE A 751 65.55 8.81 14.29
C PHE A 751 66.35 7.88 13.40
N ILE A 752 66.48 8.20 12.12
CA ILE A 752 67.18 7.30 11.16
C ILE A 752 68.67 7.21 11.55
N TYR A 753 69.28 8.28 12.02
CA TYR A 753 70.75 8.35 12.22
C TYR A 753 71.12 7.92 13.64
N ASP A 754 70.27 8.21 14.64
CA ASP A 754 70.52 7.82 16.05
C ASP A 754 70.77 6.32 16.13
N THR A 755 71.63 5.92 17.08
CA THR A 755 72.03 4.50 17.35
C THR A 755 70.81 3.74 17.89
N GLU A 756 70.85 2.41 17.84
CA GLU A 756 69.76 1.52 18.31
C GLU A 756 69.57 1.66 19.84
N LYS A 757 70.66 1.97 20.56
CA LYS A 757 70.65 2.18 22.04
C LYS A 757 69.80 3.42 22.39
N ASN A 758 70.03 4.56 21.71
CA ASN A 758 69.31 5.86 21.92
C ASN A 758 67.84 5.79 21.48
N GLY A 759 67.45 4.79 20.70
CA GLY A 759 66.04 4.52 20.28
C GLY A 759 65.84 4.62 18.77
N GLY A 760 66.94 4.64 18.02
CA GLY A 760 66.97 4.94 16.58
C GLY A 760 67.02 3.67 15.76
N LEU A 761 67.56 3.77 14.55
CA LEU A 761 67.71 2.67 13.58
C LEU A 761 69.19 2.37 13.40
N GLY A 762 70.03 3.39 13.58
CA GLY A 762 71.48 3.35 13.36
C GLY A 762 71.79 3.08 11.91
N TRP A 763 71.08 3.74 11.00
CA TRP A 763 71.34 3.67 9.55
C TRP A 763 72.18 4.87 9.11
N ASP A 764 72.37 4.94 7.80
CA ASP A 764 73.09 6.04 7.15
C ASP A 764 72.62 6.04 5.69
N LEU A 765 71.71 6.94 5.33
CA LEU A 765 70.97 6.92 4.04
C LEU A 765 71.93 6.93 2.87
N ASP A 766 71.61 6.07 1.91
CA ASP A 766 72.26 5.93 0.60
C ASP A 766 71.36 6.46 -0.50
N ALA A 767 70.14 6.88 -0.20
CA ALA A 767 69.22 7.48 -1.20
C ALA A 767 68.06 8.12 -0.50
N ILE A 768 67.56 9.19 -1.05
CA ILE A 768 66.37 9.88 -0.51
C ILE A 768 65.46 10.12 -1.70
N ILE A 769 64.24 9.60 -1.65
CA ILE A 769 63.27 9.74 -2.76
C ILE A 769 62.06 10.45 -2.23
N PRO A 770 62.07 11.81 -2.17
CA PRO A 770 60.98 12.58 -1.58
C PRO A 770 59.83 12.91 -2.53
N PHE A 771 58.95 11.94 -2.72
CA PHE A 771 57.86 12.02 -3.69
C PHE A 771 56.57 12.53 -3.04
N ALA A 772 56.55 12.95 -1.79
CA ALA A 772 55.33 13.47 -1.12
C ALA A 772 54.83 14.72 -1.87
N ALA A 773 53.53 14.86 -1.96
CA ALA A 773 52.86 15.91 -2.71
C ALA A 773 51.39 15.97 -2.33
N ILE A 774 50.74 17.11 -2.53
CA ILE A 774 49.27 17.16 -2.42
C ILE A 774 48.72 17.80 -3.69
N PRO A 775 47.54 17.32 -4.14
CA PRO A 775 46.94 17.85 -5.36
C PRO A 775 46.37 19.25 -5.07
N GLU A 776 46.73 20.21 -5.93
CA GLU A 776 46.16 21.56 -6.04
C GLU A 776 45.43 21.62 -7.38
N GLN A 777 44.09 21.70 -7.37
CA GLN A 777 43.27 21.56 -8.61
C GLN A 777 42.32 22.75 -8.68
N GLY A 778 42.29 23.42 -9.83
CA GLY A 778 41.50 24.65 -10.04
C GLY A 778 41.96 25.75 -9.08
N ILE A 779 43.26 25.91 -8.92
CA ILE A 779 43.86 27.04 -8.17
C ILE A 779 44.73 27.81 -9.15
N GLU A 780 44.21 28.91 -9.68
CA GLU A 780 44.94 29.83 -10.60
C GLU A 780 45.64 30.86 -9.72
N LEU A 781 46.36 31.81 -10.31
CA LEU A 781 47.12 32.84 -9.57
C LEU A 781 46.23 33.54 -8.54
N GLU A 782 44.97 33.85 -8.85
CA GLU A 782 44.10 34.68 -7.95
C GLU A 782 43.61 33.90 -6.72
N HIS A 783 43.63 32.57 -6.75
CA HIS A 783 43.10 31.67 -5.68
C HIS A 783 44.23 31.10 -4.83
N ILE A 784 45.48 31.46 -5.10
CA ILE A 784 46.68 31.07 -4.32
C ILE A 784 46.49 31.54 -2.87
N ASP A 785 46.39 30.58 -1.96
CA ASP A 785 46.02 30.80 -0.54
C ASP A 785 46.76 29.78 0.34
N SER A 786 46.14 29.36 1.43
CA SER A 786 46.73 28.57 2.52
C SER A 786 47.16 27.22 1.97
N LYS A 787 46.28 26.53 1.29
CA LYS A 787 46.57 25.17 0.80
C LYS A 787 47.81 25.17 -0.10
N SER A 788 47.94 26.13 -0.99
CA SER A 788 49.08 26.21 -1.92
C SER A 788 50.35 26.59 -1.17
N GLU A 789 50.25 27.46 -0.17
CA GLU A 789 51.44 27.85 0.63
C GLU A 789 51.89 26.62 1.44
N PHE A 790 50.98 25.73 1.78
CA PHE A 790 51.29 24.51 2.54
C PHE A 790 51.87 23.46 1.61
N ALA A 791 51.24 23.25 0.46
CA ALA A 791 51.77 22.35 -0.58
C ALA A 791 53.15 22.82 -1.05
N HIS A 792 53.42 24.11 -1.06
CA HIS A 792 54.77 24.58 -1.47
C HIS A 792 55.75 24.18 -0.39
N ARG A 793 55.31 24.10 0.85
CA ARG A 793 56.19 23.73 1.98
C ARG A 793 56.53 22.25 1.89
N ILE A 794 55.57 21.43 1.56
CA ILE A 794 55.73 19.96 1.42
C ILE A 794 56.62 19.69 0.22
N MET A 795 56.48 20.41 -0.87
CA MET A 795 57.05 19.97 -2.15
C MET A 795 58.32 20.71 -2.53
N LEU A 796 58.73 21.66 -1.72
CA LEU A 796 59.98 22.40 -1.91
C LEU A 796 60.61 22.61 -0.56
N THR A 797 60.09 23.56 0.23
CA THR A 797 60.86 24.11 1.36
C THR A 797 61.39 22.95 2.21
N ASN A 798 60.55 21.97 2.54
CA ASN A 798 60.88 20.93 3.53
C ASN A 798 61.68 19.84 2.85
N ILE A 799 61.60 19.65 1.56
CA ILE A 799 62.60 18.76 0.88
C ILE A 799 63.99 19.35 1.06
N LEU A 800 64.14 20.68 1.09
CA LEU A 800 65.46 21.33 1.30
C LEU A 800 65.87 21.10 2.76
N ARG A 801 64.94 21.26 3.69
CA ARG A 801 65.17 20.99 5.14
C ARG A 801 65.48 19.51 5.36
N MET A 802 64.93 18.61 4.56
CA MET A 802 65.23 17.15 4.67
C MET A 802 66.66 16.87 4.24
N MET A 803 67.08 17.49 3.14
CA MET A 803 68.45 17.35 2.62
C MET A 803 69.41 18.02 3.59
N GLY A 804 69.00 19.14 4.17
CA GLY A 804 69.83 19.82 5.18
C GLY A 804 70.08 18.92 6.36
N CYS A 805 69.02 18.30 6.87
CA CYS A 805 69.07 17.49 8.10
C CYS A 805 69.95 16.29 7.87
N VAL A 806 69.93 15.72 6.68
CA VAL A 806 70.80 14.57 6.32
C VAL A 806 72.24 15.01 6.27
N LYS A 807 72.52 16.11 5.61
CA LYS A 807 73.87 16.71 5.55
C LYS A 807 74.39 16.98 6.97
N LYS A 808 73.56 17.54 7.84
CA LYS A 808 73.97 17.99 9.20
C LYS A 808 74.27 16.72 10.02
N GLN A 809 73.55 15.61 9.80
CA GLN A 809 73.78 14.33 10.54
C GLN A 809 75.04 13.67 10.02
N LYS A 810 75.27 13.67 8.71
CA LYS A 810 76.43 12.94 8.14
C LYS A 810 77.71 13.67 8.47
N SER A 811 77.70 15.01 8.56
CA SER A 811 78.93 15.83 8.72
C SER A 811 79.32 15.92 10.20
N ALA A 812 78.36 15.67 11.10
CA ALA A 812 78.53 15.51 12.56
C ALA A 812 79.21 14.18 12.87
N ARG A 813 79.05 13.18 11.99
CA ARG A 813 79.60 11.81 12.15
C ARG A 813 80.85 11.64 11.27
N GLY A 814 81.30 12.73 10.65
CA GLY A 814 82.53 12.76 9.82
C GLY A 814 82.43 11.93 8.55
N ILE A 815 81.21 11.66 8.08
CA ILE A 815 80.92 10.77 6.91
C ILE A 815 81.10 11.63 5.65
N GLU A 816 82.22 11.51 4.94
CA GLU A 816 82.56 12.33 3.75
C GLU A 816 82.66 11.44 2.50
N THR A 817 82.43 10.13 2.63
CA THR A 817 82.77 9.12 1.60
C THR A 817 81.57 8.27 1.21
N ARG A 818 80.37 8.60 1.71
CA ARG A 818 79.11 7.84 1.48
C ARG A 818 77.94 8.79 1.22
N PRO A 819 77.89 9.47 0.06
CA PRO A 819 76.84 10.43 -0.18
C PRO A 819 75.48 9.80 -0.46
N ALA A 820 74.43 10.39 0.12
CA ALA A 820 73.01 10.02 -0.14
C ALA A 820 72.63 10.55 -1.51
N GLN A 821 72.05 9.73 -2.38
CA GLN A 821 71.61 10.22 -3.70
C GLN A 821 70.19 10.75 -3.60
N VAL A 822 69.93 12.02 -3.85
CA VAL A 822 68.56 12.61 -3.76
C VAL A 822 67.85 12.54 -5.11
N ILE A 823 66.81 11.74 -5.25
CA ILE A 823 66.06 11.61 -6.53
C ILE A 823 64.96 12.66 -6.49
N LEU A 824 65.20 13.82 -7.05
CA LEU A 824 64.24 14.94 -7.06
C LEU A 824 63.21 14.65 -8.12
N PRO A 825 61.91 14.72 -7.76
CA PRO A 825 60.85 14.47 -8.72
C PRO A 825 60.54 15.79 -9.42
N MET A 826 61.19 16.05 -10.53
CA MET A 826 61.02 17.29 -11.30
C MET A 826 59.90 17.07 -12.29
N SER A 827 59.51 18.13 -12.95
CA SER A 827 58.37 18.15 -13.89
C SER A 827 58.82 18.86 -15.16
N PRO A 828 58.25 18.52 -16.32
CA PRO A 828 58.36 19.37 -17.51
C PRO A 828 57.31 20.51 -17.59
N ASN A 829 56.15 20.32 -16.95
CA ASN A 829 55.13 21.36 -16.62
C ASN A 829 55.75 22.49 -15.78
N HIS A 830 56.11 23.61 -16.41
CA HIS A 830 56.50 24.88 -15.74
C HIS A 830 55.44 25.93 -16.02
N GLY A 831 54.28 25.74 -15.41
CA GLY A 831 53.08 26.58 -15.54
C GLY A 831 52.36 26.38 -16.86
N THR A 832 52.64 25.29 -17.56
CA THR A 832 52.11 24.98 -18.92
C THR A 832 50.61 24.71 -18.83
N PHE A 833 50.16 23.90 -17.86
CA PHE A 833 48.74 23.48 -17.69
C PHE A 833 47.93 24.51 -16.89
N GLY A 834 48.55 25.11 -15.87
CA GLY A 834 47.91 26.14 -15.04
C GLY A 834 46.81 25.56 -14.18
N GLY A 835 46.40 26.32 -13.18
CA GLY A 835 45.33 25.92 -12.25
C GLY A 835 45.80 24.81 -11.33
N ASP A 836 47.07 24.81 -10.97
CA ASP A 836 47.73 23.78 -10.13
C ASP A 836 48.42 24.48 -8.93
N GLY A 837 48.01 25.69 -8.61
CA GLY A 837 48.46 26.41 -7.43
C GLY A 837 49.90 26.84 -7.56
N MET A 838 50.75 26.34 -6.68
CA MET A 838 52.20 26.62 -6.73
C MET A 838 52.98 25.34 -7.06
N TYR A 839 52.39 24.38 -7.78
CA TYR A 839 53.05 23.10 -8.10
C TYR A 839 54.27 23.41 -8.95
N SER A 840 54.08 24.15 -10.02
CA SER A 840 55.13 24.56 -10.98
C SER A 840 56.22 25.34 -10.25
N GLU A 841 55.83 26.28 -9.40
CA GLU A 841 56.80 27.08 -8.62
C GLU A 841 57.63 26.13 -7.74
N SER A 842 57.04 25.10 -7.18
CA SER A 842 57.74 24.11 -6.34
C SER A 842 58.73 23.32 -7.18
N LYS A 843 58.28 22.76 -8.30
CA LYS A 843 59.09 21.86 -9.15
C LYS A 843 60.20 22.64 -9.83
N LEU A 844 59.91 23.83 -10.34
CA LEU A 844 60.95 24.63 -11.04
C LEU A 844 62.03 24.92 -10.01
N SER A 845 61.69 25.48 -8.85
CA SER A 845 62.64 25.76 -7.75
C SER A 845 63.62 24.58 -7.48
N LEU A 846 63.20 23.32 -7.61
CA LEU A 846 64.11 22.19 -7.23
C LEU A 846 65.37 22.24 -8.08
N GLU A 847 65.30 22.82 -9.28
CA GLU A 847 66.38 22.83 -10.29
C GLU A 847 67.52 23.74 -9.86
N THR A 848 67.40 24.50 -8.78
CA THR A 848 68.55 25.26 -8.23
C THR A 848 69.55 24.29 -7.60
N LEU A 849 69.13 23.08 -7.22
CA LEU A 849 70.01 22.10 -6.55
C LEU A 849 71.10 21.63 -7.49
N PHE A 850 70.87 21.66 -8.79
CA PHE A 850 71.91 21.29 -9.77
C PHE A 850 73.08 22.24 -9.70
N ASN A 851 72.84 23.52 -9.41
CA ASN A 851 73.91 24.54 -9.34
C ASN A 851 74.47 24.59 -7.92
N ARG A 852 73.60 24.60 -6.90
CA ARG A 852 74.00 24.70 -5.48
C ARG A 852 74.93 23.51 -5.11
N TRP A 853 74.92 22.41 -5.85
CA TRP A 853 75.83 21.27 -5.59
C TRP A 853 77.29 21.68 -5.82
N HIS A 854 77.54 22.44 -6.88
CA HIS A 854 78.87 22.99 -7.22
C HIS A 854 79.23 24.12 -6.28
N SER A 855 78.28 25.01 -5.95
CA SER A 855 78.58 26.30 -5.26
C SER A 855 78.81 26.03 -3.78
N GLU A 856 77.80 25.54 -3.06
CA GLU A 856 77.84 25.33 -1.58
C GLU A 856 78.83 24.20 -1.25
N SER A 857 78.76 23.66 -0.03
CA SER A 857 79.77 22.75 0.58
C SER A 857 79.10 21.49 1.14
N TRP A 858 78.15 20.91 0.39
CA TRP A 858 77.42 19.67 0.76
C TRP A 858 77.57 18.58 -0.30
N ALA A 859 78.43 18.74 -1.28
CA ALA A 859 78.57 17.82 -2.42
C ALA A 859 78.99 16.43 -1.93
N ASN A 860 79.72 16.35 -0.82
CA ASN A 860 80.29 15.08 -0.33
C ASN A 860 79.23 14.28 0.45
N GLN A 861 78.17 14.91 0.90
CA GLN A 861 77.12 14.27 1.72
C GLN A 861 75.88 13.97 0.88
N LEU A 862 75.63 14.74 -0.17
CA LEU A 862 74.44 14.51 -1.02
C LEU A 862 74.83 14.62 -2.48
N THR A 863 74.22 13.79 -3.30
CA THR A 863 74.26 13.89 -4.76
C THR A 863 72.86 14.16 -5.28
N VAL A 864 72.76 15.02 -6.28
CA VAL A 864 71.46 15.45 -6.85
C VAL A 864 71.26 14.65 -8.11
N CYS A 865 70.13 13.99 -8.24
CA CYS A 865 69.78 13.19 -9.43
C CYS A 865 68.35 13.55 -9.84
N GLY A 866 68.23 14.59 -10.65
CA GLY A 866 66.92 15.09 -11.08
C GLY A 866 66.27 14.14 -12.04
N ALA A 867 65.00 13.90 -11.89
CA ALA A 867 64.28 12.92 -12.72
C ALA A 867 63.06 13.64 -13.25
N ILE A 868 63.13 14.12 -14.48
CA ILE A 868 61.99 14.82 -15.13
C ILE A 868 60.95 13.77 -15.47
N ILE A 869 60.02 13.52 -14.56
CA ILE A 869 59.04 12.41 -14.66
C ILE A 869 57.98 12.83 -15.66
N GLY A 870 57.69 11.97 -16.61
CA GLY A 870 56.66 12.20 -17.63
C GLY A 870 55.28 11.81 -17.15
N TRP A 871 54.35 11.88 -18.08
CA TRP A 871 52.93 11.57 -17.87
C TRP A 871 52.78 10.11 -17.44
N THR A 872 52.40 9.91 -16.19
CA THR A 872 52.28 8.61 -15.54
C THR A 872 50.82 8.39 -15.17
N ARG A 873 50.20 7.38 -15.75
CA ARG A 873 48.75 7.10 -15.60
C ARG A 873 48.45 6.39 -14.27
N GLY A 874 47.44 6.84 -13.52
CA GLY A 874 46.84 6.08 -12.39
C GLY A 874 47.23 6.64 -11.03
N THR A 875 48.07 7.69 -10.98
CA THR A 875 48.63 8.30 -9.73
C THR A 875 47.58 9.22 -9.08
N GLY A 876 47.90 9.75 -7.89
CA GLY A 876 47.06 10.69 -7.12
C GLY A 876 46.94 12.04 -7.79
N LEU A 877 47.96 12.47 -8.55
CA LEU A 877 48.04 13.82 -9.18
C LEU A 877 47.46 13.81 -10.61
N MET A 878 47.50 12.67 -11.33
CA MET A 878 47.17 12.58 -12.79
C MET A 878 46.16 11.44 -13.07
N SER A 879 45.18 11.21 -12.17
CA SER A 879 44.12 10.17 -12.34
C SER A 879 42.97 10.71 -13.22
N ALA A 880 42.68 12.00 -13.11
CA ALA A 880 41.65 12.74 -13.89
C ALA A 880 41.99 12.71 -15.39
N ASN A 881 43.28 12.72 -15.74
CA ASN A 881 43.80 12.91 -17.12
C ASN A 881 44.06 11.58 -17.82
N ASN A 882 43.32 10.49 -17.56
CA ASN A 882 43.70 9.15 -18.09
C ASN A 882 43.04 8.87 -19.43
N ILE A 883 41.84 9.40 -19.63
CA ILE A 883 40.98 9.17 -20.83
C ILE A 883 41.65 9.75 -22.10
N ILE A 884 42.39 10.85 -21.93
CA ILE A 884 43.06 11.56 -23.05
C ILE A 884 44.42 10.91 -23.40
N ALA A 885 44.97 10.07 -22.51
CA ALA A 885 46.31 9.45 -22.68
C ALA A 885 46.42 8.69 -23.99
N GLU A 886 45.36 8.04 -24.48
CA GLU A 886 45.38 7.30 -25.77
C GLU A 886 45.54 8.32 -26.90
N GLY A 887 44.90 9.48 -26.75
CA GLY A 887 44.89 10.57 -27.76
C GLY A 887 46.29 11.10 -27.98
N ILE A 888 46.96 11.44 -26.87
CA ILE A 888 48.38 11.90 -26.82
C ILE A 888 49.28 10.88 -27.51
N GLU A 889 49.21 9.62 -27.13
CA GLU A 889 50.10 8.55 -27.64
C GLU A 889 50.06 8.40 -29.17
N LYS A 890 49.10 9.02 -29.88
CA LYS A 890 48.97 8.97 -31.38
C LYS A 890 49.72 10.14 -32.02
N MET A 891 50.60 10.82 -31.28
CA MET A 891 51.57 11.81 -31.81
C MET A 891 53.00 11.26 -31.71
N GLY A 892 53.17 9.94 -31.64
CA GLY A 892 54.44 9.25 -31.32
C GLY A 892 55.06 9.76 -30.01
N VAL A 893 54.22 10.01 -29.01
CA VAL A 893 54.57 10.39 -27.61
C VAL A 893 54.29 9.16 -26.75
N ARG A 894 54.82 9.14 -25.53
CA ARG A 894 54.74 7.97 -24.63
C ARG A 894 54.21 8.44 -23.26
N THR A 895 53.07 7.90 -22.87
CA THR A 895 52.62 7.90 -21.46
C THR A 895 53.13 6.64 -20.81
N PHE A 896 53.25 6.67 -19.49
CA PHE A 896 53.84 5.57 -18.69
C PHE A 896 52.81 5.01 -17.73
N SER A 897 52.80 3.70 -17.60
CA SER A 897 52.22 3.01 -16.42
C SER A 897 53.05 3.37 -15.19
N GLN A 898 52.53 3.14 -14.00
CA GLN A 898 53.30 3.36 -12.75
C GLN A 898 54.45 2.36 -12.68
N LYS A 899 54.28 1.12 -13.15
CA LYS A 899 55.39 0.11 -13.11
C LYS A 899 56.52 0.54 -14.03
N GLU A 900 56.17 1.03 -15.22
CA GLU A 900 57.14 1.55 -16.22
C GLU A 900 57.90 2.69 -15.58
N MET A 901 57.23 3.73 -15.09
CA MET A 901 57.91 4.93 -14.54
C MET A 901 58.76 4.57 -13.32
N ALA A 902 58.31 3.64 -12.48
CA ALA A 902 59.10 3.10 -11.36
C ALA A 902 60.39 2.52 -11.90
N PHE A 903 60.28 1.58 -12.84
CA PHE A 903 61.41 0.91 -13.49
C PHE A 903 62.39 1.94 -14.05
N ASN A 904 61.90 3.01 -14.66
CA ASN A 904 62.80 4.06 -15.19
C ASN A 904 63.60 4.66 -14.04
N LEU A 905 62.92 5.08 -12.97
CA LEU A 905 63.49 5.70 -11.73
C LEU A 905 64.40 4.72 -11.00
N LEU A 906 64.10 3.42 -10.98
CA LEU A 906 65.02 2.44 -10.31
C LEU A 906 66.28 2.29 -11.14
N GLY A 907 66.21 2.61 -12.42
CA GLY A 907 67.41 2.71 -13.26
C GLY A 907 68.39 3.72 -12.71
N LEU A 908 67.93 4.78 -12.05
CA LEU A 908 68.86 5.82 -11.54
C LEU A 908 69.61 5.39 -10.27
N LEU A 909 69.16 4.36 -9.55
CA LEU A 909 69.87 3.83 -8.37
C LEU A 909 70.80 2.67 -8.73
N THR A 910 70.87 2.23 -9.98
CA THR A 910 71.88 1.23 -10.47
C THR A 910 73.29 1.76 -10.23
N PRO A 911 74.34 0.92 -10.08
CA PRO A 911 75.69 1.42 -9.79
C PRO A 911 76.36 2.38 -10.79
N GLU A 912 75.96 2.37 -12.06
CA GLU A 912 76.60 3.21 -13.12
C GLU A 912 76.15 4.66 -12.93
N VAL A 913 74.84 4.87 -12.79
CA VAL A 913 74.22 6.21 -12.62
C VAL A 913 74.54 6.77 -11.24
N VAL A 914 74.70 5.90 -10.24
CA VAL A 914 75.16 6.29 -8.88
C VAL A 914 76.60 6.78 -8.93
N GLU A 915 77.50 6.14 -9.68
CA GLU A 915 78.91 6.58 -9.85
C GLU A 915 78.94 7.88 -10.66
N LEU A 916 77.88 8.18 -11.39
CA LEU A 916 77.79 9.32 -12.32
C LEU A 916 77.29 10.55 -11.58
N CYS A 917 76.36 10.36 -10.65
CA CYS A 917 75.79 11.41 -9.75
C CYS A 917 76.86 11.97 -8.81
N GLN A 918 77.89 11.19 -8.49
CA GLN A 918 78.98 11.55 -7.56
C GLN A 918 80.06 12.37 -8.27
N LYS A 919 80.08 12.36 -9.62
CA LYS A 919 80.99 13.21 -10.44
C LYS A 919 80.36 14.57 -10.62
N SER A 920 79.12 14.61 -11.10
CA SER A 920 78.31 15.84 -11.31
C SER A 920 76.82 15.51 -11.30
N PRO A 921 75.94 16.47 -10.95
CA PRO A 921 74.51 16.22 -10.88
C PRO A 921 73.96 15.67 -12.18
N VAL A 922 73.01 14.74 -12.08
CA VAL A 922 72.45 13.96 -13.21
C VAL A 922 71.03 14.41 -13.44
N MET A 923 70.73 14.88 -14.64
CA MET A 923 69.35 15.22 -15.04
C MET A 923 68.91 14.12 -15.99
N ALA A 924 67.94 13.34 -15.56
CA ALA A 924 67.32 12.27 -16.35
C ALA A 924 66.02 12.82 -16.90
N ASP A 925 65.79 12.66 -18.19
CA ASP A 925 64.52 13.04 -18.83
C ASP A 925 63.74 11.76 -19.05
N LEU A 926 62.65 11.57 -18.31
CA LEU A 926 61.79 10.38 -18.43
C LEU A 926 60.45 10.87 -18.97
N ASN A 927 60.51 11.86 -19.86
CA ASN A 927 59.33 12.65 -20.29
C ASN A 927 58.68 12.04 -21.55
N GLY A 928 59.18 10.91 -22.07
CA GLY A 928 58.50 10.18 -23.15
C GLY A 928 58.18 11.06 -24.35
N GLY A 929 59.00 12.07 -24.63
CA GLY A 929 58.88 12.94 -25.81
C GLY A 929 57.78 13.98 -25.70
N LEU A 930 57.28 14.27 -24.52
CA LEU A 930 56.10 15.14 -24.32
C LEU A 930 56.48 16.62 -24.44
N GLN A 931 57.76 16.95 -24.38
CA GLN A 931 58.27 18.35 -24.53
C GLN A 931 58.16 18.80 -26.01
N PHE A 932 58.17 17.85 -26.95
CA PHE A 932 58.19 18.10 -28.42
C PHE A 932 56.79 18.40 -28.98
N VAL A 933 55.73 18.11 -28.23
CA VAL A 933 54.34 18.54 -28.55
C VAL A 933 54.26 20.04 -28.35
N PRO A 934 53.92 20.83 -29.40
CA PRO A 934 53.81 22.29 -29.27
C PRO A 934 52.44 22.71 -28.71
N GLU A 935 52.44 23.56 -27.69
CA GLU A 935 51.23 24.13 -27.04
C GLU A 935 50.38 22.96 -26.54
N LEU A 936 50.85 22.30 -25.48
CA LEU A 936 50.31 21.00 -24.99
C LEU A 936 48.97 21.23 -24.27
N LYS A 937 48.76 22.34 -23.58
CA LYS A 937 47.51 22.57 -22.81
C LYS A 937 46.31 22.64 -23.76
N GLU A 938 46.42 23.38 -24.85
CA GLU A 938 45.35 23.46 -25.87
C GLU A 938 45.10 22.02 -26.34
N PHE A 939 46.12 21.36 -26.89
CA PHE A 939 46.00 19.99 -27.45
C PHE A 939 45.35 19.00 -26.48
N THR A 940 45.49 19.23 -25.18
CA THR A 940 44.92 18.40 -24.09
C THR A 940 43.44 18.79 -23.92
N ALA A 941 43.11 20.07 -23.79
CA ALA A 941 41.74 20.63 -23.69
C ALA A 941 40.91 20.25 -24.94
N LYS A 942 41.53 20.28 -26.12
CA LYS A 942 40.88 19.88 -27.40
C LYS A 942 40.58 18.38 -27.38
N LEU A 943 41.43 17.55 -26.77
CA LEU A 943 41.23 16.08 -26.71
C LEU A 943 40.11 15.76 -25.73
N ARG A 944 40.00 16.51 -24.64
CA ARG A 944 39.00 16.29 -23.58
C ARG A 944 37.62 16.66 -24.13
N LYS A 945 37.53 17.83 -24.79
CA LYS A 945 36.28 18.40 -25.38
C LYS A 945 35.75 17.50 -26.51
N GLU A 946 36.60 16.92 -27.36
CA GLU A 946 36.17 15.97 -28.43
C GLU A 946 35.64 14.65 -27.87
N LEU A 947 35.80 14.42 -26.55
CA LEU A 947 35.50 13.14 -25.88
C LEU A 947 34.30 13.31 -24.95
N VAL A 948 34.28 14.38 -24.15
CA VAL A 948 33.10 14.73 -23.30
C VAL A 948 31.93 15.11 -24.22
N GLU A 949 32.20 15.77 -25.36
CA GLU A 949 31.17 16.12 -26.38
C GLU A 949 30.57 14.81 -26.91
N THR A 950 31.38 13.98 -27.55
CA THR A 950 30.95 12.72 -28.23
C THR A 950 30.21 11.80 -27.26
N SER A 951 30.57 11.80 -25.97
CA SER A 951 29.77 11.18 -24.89
C SER A 951 28.39 11.84 -24.83
N GLU A 952 28.30 13.06 -24.28
CA GLU A 952 27.01 13.74 -23.93
C GLU A 952 26.07 13.82 -25.15
N VAL A 953 26.58 13.95 -26.37
CA VAL A 953 25.79 13.87 -27.65
C VAL A 953 25.15 12.49 -27.75
N ARG A 954 25.97 11.43 -27.83
CA ARG A 954 25.50 10.01 -27.99
C ARG A 954 24.54 9.67 -26.86
N LYS A 955 24.79 10.15 -25.64
CA LYS A 955 23.91 9.90 -24.46
C LYS A 955 22.55 10.52 -24.74
N ALA A 956 22.54 11.76 -25.25
CA ALA A 956 21.32 12.53 -25.56
C ALA A 956 20.59 11.86 -26.74
N VAL A 957 21.24 11.64 -27.88
CA VAL A 957 20.61 11.04 -29.10
C VAL A 957 19.99 9.66 -28.76
N SER A 958 20.65 8.85 -27.93
CA SER A 958 20.17 7.51 -27.50
C SER A 958 18.93 7.66 -26.60
N ILE A 959 18.92 8.59 -25.65
CA ILE A 959 17.79 8.78 -24.67
C ILE A 959 16.59 9.39 -25.39
N GLU A 960 16.78 10.13 -26.49
CA GLU A 960 15.68 10.73 -27.31
C GLU A 960 15.14 9.70 -28.30
N THR A 961 16.00 8.87 -28.91
CA THR A 961 15.60 7.76 -29.80
C THR A 961 14.86 6.67 -28.99
N ALA A 962 15.08 6.58 -27.68
CA ALA A 962 14.34 5.66 -26.80
C ALA A 962 12.95 6.25 -26.51
N LEU A 963 12.88 7.53 -26.16
CA LEU A 963 11.61 8.23 -25.83
C LEU A 963 10.71 8.35 -27.08
N GLU A 964 11.29 8.43 -28.28
CA GLU A 964 10.52 8.42 -29.57
C GLU A 964 9.96 7.01 -29.80
N HIS A 965 10.83 6.00 -29.80
CA HIS A 965 10.45 4.57 -29.92
C HIS A 965 9.26 4.25 -28.98
N LYS A 966 9.34 4.67 -27.71
CA LYS A 966 8.37 4.33 -26.62
C LYS A 966 7.03 5.07 -26.83
N VAL A 967 7.04 6.23 -27.50
CA VAL A 967 5.80 7.02 -27.77
C VAL A 967 5.07 6.39 -28.96
N VAL A 968 5.79 6.10 -30.05
CA VAL A 968 5.23 5.49 -31.29
C VAL A 968 4.69 4.08 -31.02
N ASN A 969 5.47 3.17 -30.42
CA ASN A 969 5.13 1.73 -30.30
C ASN A 969 4.54 1.40 -28.92
N GLY A 970 4.56 2.35 -27.99
CA GLY A 970 3.79 2.25 -26.73
C GLY A 970 4.58 1.57 -25.63
N ASN A 971 3.97 1.49 -24.44
CA ASN A 971 4.56 0.86 -23.22
C ASN A 971 4.46 -0.67 -23.29
N SER A 972 3.69 -1.23 -24.24
CA SER A 972 3.47 -2.69 -24.46
C SER A 972 4.62 -3.32 -25.27
N ALA A 973 5.34 -2.54 -26.07
CA ALA A 973 6.48 -3.00 -26.93
C ALA A 973 7.75 -3.19 -26.09
N ASP A 974 7.96 -2.35 -25.06
CA ASP A 974 9.18 -2.33 -24.19
C ASP A 974 8.83 -2.77 -22.75
N ALA A 975 7.75 -3.54 -22.54
CA ALA A 975 7.30 -4.08 -21.23
C ALA A 975 7.81 -5.52 -21.04
N ALA A 976 7.73 -6.36 -22.08
CA ALA A 976 8.17 -7.78 -22.11
C ALA A 976 9.66 -7.89 -22.49
N TYR A 977 10.30 -6.79 -22.92
CA TYR A 977 11.77 -6.68 -23.18
C TYR A 977 12.55 -6.84 -21.86
N ALA A 978 12.16 -6.07 -20.83
CA ALA A 978 12.80 -6.04 -19.48
C ALA A 978 12.57 -7.36 -18.73
N GLN A 979 13.61 -7.85 -18.05
CA GLN A 979 13.62 -9.17 -17.37
C GLN A 979 13.44 -8.97 -15.85
N VAL A 980 13.02 -10.03 -15.15
CA VAL A 980 12.73 -10.08 -13.69
C VAL A 980 14.02 -10.48 -12.95
N GLU A 981 14.41 -9.71 -11.93
CA GLU A 981 15.65 -9.92 -11.15
C GLU A 981 15.31 -10.61 -9.84
N ILE A 982 15.98 -11.73 -9.58
CA ILE A 982 15.92 -12.55 -8.34
C ILE A 982 17.02 -12.07 -7.41
N GLN A 983 16.68 -11.60 -6.22
CA GLN A 983 17.66 -11.14 -5.20
C GLN A 983 17.86 -12.25 -4.18
N PRO A 984 19.11 -12.55 -3.80
CA PRO A 984 19.36 -13.65 -2.88
C PRO A 984 18.85 -13.36 -1.47
N ARG A 985 18.25 -14.37 -0.86
CA ARG A 985 17.87 -14.45 0.57
C ARG A 985 18.79 -15.43 1.30
N ALA A 986 19.15 -15.12 2.54
CA ALA A 986 20.10 -15.88 3.38
C ALA A 986 19.50 -17.25 3.68
N ASN A 987 20.10 -18.30 3.17
CA ASN A 987 19.77 -19.68 3.54
C ASN A 987 20.92 -20.25 4.39
N ILE A 988 20.86 -20.04 5.71
CA ILE A 988 21.93 -20.40 6.68
C ILE A 988 21.98 -21.94 6.84
N GLN A 989 23.13 -22.52 6.51
CA GLN A 989 23.42 -23.96 6.63
C GLN A 989 24.01 -24.28 8.00
N LEU A 990 23.90 -25.53 8.44
CA LEU A 990 24.52 -26.02 9.70
C LEU A 990 25.94 -26.56 9.47
N ASP A 991 26.42 -26.61 8.22
CA ASP A 991 27.77 -27.06 7.79
C ASP A 991 28.06 -28.42 8.40
N PHE A 992 27.17 -29.40 8.21
CA PHE A 992 27.50 -30.79 8.58
C PHE A 992 28.61 -31.29 7.67
N PRO A 993 29.46 -32.21 8.13
CA PRO A 993 30.57 -32.71 7.33
C PRO A 993 30.08 -33.44 6.09
N GLU A 994 30.76 -33.21 4.97
CA GLU A 994 30.44 -33.75 3.62
C GLU A 994 30.89 -35.21 3.58
N LEU A 995 29.93 -36.13 3.52
CA LEU A 995 30.16 -37.58 3.49
C LEU A 995 30.38 -38.05 2.05
N LYS A 996 31.60 -38.50 1.77
CA LYS A 996 32.05 -38.99 0.46
C LYS A 996 31.45 -40.38 0.22
N PRO A 997 31.33 -40.83 -1.05
CA PRO A 997 30.99 -42.22 -1.36
C PRO A 997 31.99 -43.22 -0.75
N TYR A 998 31.52 -44.42 -0.38
CA TYR A 998 32.33 -45.39 0.37
C TYR A 998 33.62 -45.72 -0.35
N LYS A 999 33.59 -45.81 -1.67
CA LYS A 999 34.77 -46.20 -2.46
C LYS A 999 35.85 -45.12 -2.30
N GLN A 1000 35.51 -43.83 -2.38
CA GLN A 1000 36.46 -42.70 -2.19
C GLN A 1000 37.07 -42.74 -0.78
N VAL A 1001 36.27 -43.05 0.23
CA VAL A 1001 36.67 -42.92 1.66
C VAL A 1001 37.44 -44.15 2.12
N LYS A 1002 37.48 -45.21 1.31
CA LYS A 1002 38.23 -46.45 1.60
C LYS A 1002 39.67 -46.32 1.06
N GLN A 1003 39.97 -45.27 0.30
CA GLN A 1003 41.30 -45.08 -0.35
C GLN A 1003 42.25 -44.29 0.55
N ILE A 1004 41.75 -43.63 1.61
CA ILE A 1004 42.59 -42.72 2.45
C ILE A 1004 43.14 -43.51 3.65
N ALA A 1005 42.36 -44.44 4.20
CA ALA A 1005 42.78 -45.38 5.26
C ALA A 1005 43.52 -46.54 4.61
N PRO A 1006 44.43 -47.24 5.35
CA PRO A 1006 44.96 -48.52 4.91
C PRO A 1006 43.84 -49.56 4.89
N ALA A 1007 43.95 -50.61 4.04
CA ALA A 1007 42.94 -51.67 3.84
C ALA A 1007 42.75 -52.51 5.11
N GLU A 1008 43.80 -52.63 5.93
CA GLU A 1008 43.86 -53.49 7.14
C GLU A 1008 42.99 -52.92 8.25
N LEU A 1009 42.67 -51.62 8.20
CA LEU A 1009 41.96 -50.91 9.28
C LEU A 1009 40.59 -51.54 9.51
N GLU A 1010 39.93 -52.02 8.46
CA GLU A 1010 38.56 -52.62 8.56
C GLU A 1010 38.59 -53.77 9.56
N GLY A 1011 37.87 -53.63 10.67
CA GLY A 1011 37.70 -54.67 11.69
C GLY A 1011 38.82 -54.65 12.71
N LEU A 1012 39.75 -53.69 12.61
CA LEU A 1012 40.91 -53.58 13.54
C LEU A 1012 40.55 -52.78 14.80
N LEU A 1013 39.81 -51.68 14.65
CA LEU A 1013 39.47 -50.77 15.77
C LEU A 1013 38.24 -51.23 16.53
N ASP A 1014 38.31 -51.17 17.86
CA ASP A 1014 37.16 -51.25 18.81
C ASP A 1014 36.48 -49.90 18.83
N LEU A 1015 35.38 -49.76 18.11
CA LEU A 1015 34.74 -48.44 17.90
C LEU A 1015 34.08 -47.93 19.18
N GLU A 1016 33.92 -48.74 20.22
CA GLU A 1016 33.49 -48.25 21.54
C GLU A 1016 34.65 -47.49 22.23
N ARG A 1017 35.91 -47.67 21.78
CA ARG A 1017 37.11 -47.01 22.37
C ARG A 1017 37.69 -45.94 21.41
N VAL A 1018 36.92 -45.48 20.42
CA VAL A 1018 37.28 -44.35 19.52
C VAL A 1018 36.35 -43.17 19.78
N ILE A 1019 36.88 -42.05 20.20
CA ILE A 1019 36.07 -40.88 20.65
C ILE A 1019 35.92 -39.97 19.44
N VAL A 1020 34.73 -39.51 19.16
CA VAL A 1020 34.51 -38.59 18.04
C VAL A 1020 33.85 -37.32 18.57
N VAL A 1021 34.07 -36.22 17.88
CA VAL A 1021 33.28 -35.01 18.13
C VAL A 1021 32.08 -34.97 17.21
N THR A 1022 30.89 -34.92 17.75
CA THR A 1022 29.63 -34.94 17.00
C THR A 1022 29.02 -33.55 16.96
N GLY A 1023 29.49 -32.64 17.78
CA GLY A 1023 28.88 -31.31 17.76
C GLY A 1023 29.70 -30.31 18.52
N PHE A 1024 29.69 -29.07 18.06
CA PHE A 1024 30.42 -28.01 18.74
C PHE A 1024 29.67 -26.72 18.61
N ALA A 1025 29.85 -25.82 19.54
CA ALA A 1025 29.33 -24.45 19.43
C ALA A 1025 30.21 -23.50 20.19
N GLU A 1026 30.01 -22.24 19.98
CA GLU A 1026 30.56 -21.27 20.90
C GLU A 1026 29.73 -20.00 20.96
N VAL A 1027 29.93 -19.27 22.03
CA VAL A 1027 29.50 -17.87 22.15
C VAL A 1027 30.76 -17.09 22.38
N GLY A 1028 31.08 -16.16 21.51
CA GLY A 1028 32.33 -15.39 21.63
C GLY A 1028 32.16 -14.00 21.08
N PRO A 1029 33.22 -13.20 21.11
CA PRO A 1029 33.21 -11.91 20.46
C PRO A 1029 32.71 -11.82 19.02
N TRP A 1030 32.73 -12.90 18.26
CA TRP A 1030 32.25 -12.93 16.85
C TRP A 1030 31.01 -13.80 16.74
N GLY A 1031 30.22 -13.84 17.79
CA GLY A 1031 28.92 -14.50 17.76
C GLY A 1031 29.14 -15.99 17.86
N SER A 1032 28.65 -16.73 16.91
CA SER A 1032 28.64 -18.20 16.89
C SER A 1032 29.94 -18.76 16.29
N ALA A 1033 30.10 -20.09 16.31
CA ALA A 1033 31.20 -20.79 15.60
C ALA A 1033 31.10 -20.54 14.10
N ARG A 1034 29.90 -20.40 13.55
CA ARG A 1034 29.72 -20.13 12.10
C ARG A 1034 30.27 -18.76 11.77
N THR A 1035 29.76 -17.72 12.42
CA THR A 1035 30.22 -16.33 12.19
C THR A 1035 31.71 -16.22 12.51
N ARG A 1036 32.17 -16.83 13.59
CA ARG A 1036 33.57 -16.67 13.99
C ARG A 1036 34.51 -17.25 12.92
N TRP A 1037 34.12 -18.36 12.32
CA TRP A 1037 34.87 -19.04 11.26
C TRP A 1037 34.92 -18.17 10.02
N GLU A 1038 33.80 -17.61 9.60
CA GLU A 1038 33.74 -16.71 8.44
C GLU A 1038 34.80 -15.62 8.59
N MET A 1039 34.81 -14.97 9.75
CA MET A 1039 35.71 -13.84 10.03
C MET A 1039 37.15 -14.33 10.23
N GLU A 1040 37.33 -15.52 10.80
CA GLU A 1040 38.68 -16.10 11.02
C GLU A 1040 39.27 -16.50 9.67
N ALA A 1041 38.55 -17.28 8.88
CA ALA A 1041 39.03 -17.82 7.59
C ALA A 1041 39.07 -16.76 6.50
N PHE A 1042 37.98 -16.03 6.25
CA PHE A 1042 37.81 -15.16 5.05
C PHE A 1042 37.89 -13.67 5.34
N GLY A 1043 37.85 -13.26 6.61
CA GLY A 1043 38.01 -11.86 7.03
C GLY A 1043 36.79 -11.02 6.76
N GLU A 1044 35.67 -11.61 6.39
CA GLU A 1044 34.45 -10.86 5.98
C GLU A 1044 33.24 -11.79 5.96
N PHE A 1045 32.07 -11.22 6.23
CA PHE A 1045 30.81 -12.03 6.30
C PHE A 1045 30.26 -12.22 4.88
N SER A 1046 29.79 -13.42 4.62
CA SER A 1046 28.79 -13.75 3.57
C SER A 1046 27.46 -13.09 3.91
N LEU A 1047 26.47 -13.20 3.02
CA LEU A 1047 25.08 -12.81 3.32
C LEU A 1047 24.59 -13.57 4.56
N GLU A 1048 24.76 -14.88 4.58
CA GLU A 1048 24.27 -15.77 5.64
C GLU A 1048 24.87 -15.33 6.98
N GLY A 1049 26.15 -15.00 6.98
CA GLY A 1049 26.90 -14.62 8.19
C GLY A 1049 26.50 -13.26 8.68
N CYS A 1050 26.22 -12.36 7.78
CA CYS A 1050 25.79 -10.99 8.12
C CYS A 1050 24.39 -11.03 8.70
N VAL A 1051 23.48 -11.79 8.09
CA VAL A 1051 22.11 -11.95 8.62
C VAL A 1051 22.22 -12.60 9.98
N GLU A 1052 23.00 -13.66 10.14
CA GLU A 1052 23.11 -14.36 11.45
C GLU A 1052 23.62 -13.37 12.52
N MET A 1053 24.65 -12.61 12.22
CA MET A 1053 25.18 -11.62 13.17
C MET A 1053 24.11 -10.57 13.45
N ALA A 1054 23.41 -10.09 12.43
CA ALA A 1054 22.35 -9.07 12.62
C ALA A 1054 21.28 -9.62 13.57
N TRP A 1055 20.92 -10.88 13.43
CA TRP A 1055 19.91 -11.52 14.27
C TRP A 1055 20.42 -11.61 15.73
N ILE A 1056 21.62 -12.14 15.90
CA ILE A 1056 22.32 -12.28 17.19
C ILE A 1056 22.36 -10.94 17.91
N MET A 1057 22.85 -9.91 17.26
CA MET A 1057 22.99 -8.56 17.86
C MET A 1057 21.66 -7.86 17.99
N GLY A 1058 20.61 -8.44 17.48
CA GLY A 1058 19.24 -8.01 17.75
C GLY A 1058 18.84 -6.83 16.91
N PHE A 1059 19.56 -6.58 15.81
CA PHE A 1059 19.31 -5.50 14.83
C PHE A 1059 18.08 -5.86 14.00
N ILE A 1060 17.85 -7.13 13.74
CA ILE A 1060 16.69 -7.57 12.93
C ILE A 1060 15.93 -8.63 13.73
N SER A 1061 14.64 -8.63 13.54
CA SER A 1061 13.74 -9.67 14.05
C SER A 1061 12.90 -10.11 12.87
N TYR A 1062 12.30 -11.26 13.05
CA TYR A 1062 11.34 -11.81 12.10
C TYR A 1062 9.95 -11.35 12.45
N HIS A 1063 9.18 -11.06 11.43
CA HIS A 1063 7.78 -10.62 11.52
C HIS A 1063 6.98 -11.47 10.56
N ASN A 1064 5.81 -11.94 11.00
CA ASN A 1064 4.84 -12.69 10.16
C ASN A 1064 3.44 -12.28 10.56
N GLY A 1065 2.79 -11.48 9.71
CA GLY A 1065 1.44 -10.95 9.93
C GLY A 1065 1.25 -9.61 9.25
N ASN A 1066 0.51 -8.70 9.88
CA ASN A 1066 0.07 -7.43 9.28
C ASN A 1066 1.12 -6.35 9.60
N LEU A 1067 1.71 -5.74 8.57
CA LEU A 1067 2.68 -4.62 8.71
C LEU A 1067 2.22 -3.43 7.84
N LYS A 1068 1.54 -2.48 8.49
CA LYS A 1068 1.02 -1.22 7.88
C LYS A 1068 0.06 -1.58 6.71
N GLY A 1069 -0.94 -2.44 6.98
CA GLY A 1069 -2.00 -2.79 6.03
C GLY A 1069 -1.73 -4.07 5.25
N ARG A 1070 -0.57 -4.18 4.58
CA ARG A 1070 -0.17 -5.37 3.77
C ARG A 1070 0.12 -6.55 4.69
N PRO A 1071 0.06 -7.81 4.18
CA PRO A 1071 0.65 -8.97 4.85
C PRO A 1071 2.14 -9.11 4.45
N TYR A 1072 3.03 -8.96 5.45
CA TYR A 1072 4.50 -9.09 5.32
C TYR A 1072 4.98 -10.32 6.07
N THR A 1073 5.93 -11.04 5.48
CA THR A 1073 6.65 -12.17 6.14
C THR A 1073 8.14 -12.00 5.86
N GLY A 1074 8.96 -11.76 6.89
CA GLY A 1074 10.42 -11.58 6.73
C GLY A 1074 11.07 -10.78 7.85
N TRP A 1075 12.29 -10.30 7.59
CA TRP A 1075 13.10 -9.59 8.61
C TRP A 1075 12.57 -8.16 8.70
N VAL A 1076 12.70 -7.53 9.86
CA VAL A 1076 12.40 -6.08 10.05
C VAL A 1076 13.46 -5.50 10.96
N ASP A 1077 13.73 -4.20 10.88
CA ASP A 1077 14.57 -3.51 11.87
C ASP A 1077 13.87 -3.70 13.20
N SER A 1078 14.59 -4.10 14.23
CA SER A 1078 14.04 -4.39 15.58
C SER A 1078 13.60 -3.11 16.30
N LYS A 1079 14.10 -1.94 15.90
CA LYS A 1079 13.77 -0.64 16.55
C LYS A 1079 12.56 0.00 15.84
N THR A 1080 12.63 0.12 14.51
CA THR A 1080 11.69 0.89 13.65
C THR A 1080 10.51 0.00 13.22
N LYS A 1081 10.75 -1.31 13.11
CA LYS A 1081 9.85 -2.35 12.56
C LYS A 1081 9.69 -2.25 11.04
N GLU A 1082 10.52 -1.47 10.35
CA GLU A 1082 10.42 -1.32 8.88
C GLU A 1082 11.00 -2.57 8.24
N PRO A 1083 10.37 -3.16 7.18
CA PRO A 1083 10.97 -4.29 6.47
C PRO A 1083 12.44 -4.07 6.08
N VAL A 1084 13.20 -5.16 6.09
CA VAL A 1084 14.62 -5.23 5.68
C VAL A 1084 14.74 -6.42 4.74
N ASP A 1085 15.11 -6.18 3.49
CA ASP A 1085 15.42 -7.27 2.52
C ASP A 1085 16.76 -7.85 2.97
N ASP A 1086 17.03 -9.13 2.67
CA ASP A 1086 18.29 -9.80 3.09
C ASP A 1086 19.47 -9.14 2.36
N LYS A 1087 19.29 -8.73 1.10
CA LYS A 1087 20.34 -8.03 0.30
C LYS A 1087 20.76 -6.72 0.98
N ASP A 1088 19.81 -6.02 1.59
CA ASP A 1088 20.03 -4.72 2.27
C ASP A 1088 20.80 -4.89 3.58
N VAL A 1089 20.72 -6.04 4.24
CA VAL A 1089 21.23 -6.23 5.63
C VAL A 1089 22.70 -5.82 5.71
N LYS A 1090 23.51 -6.28 4.78
CA LYS A 1090 24.95 -5.93 4.70
C LYS A 1090 25.16 -4.42 4.56
N ALA A 1091 24.37 -3.69 3.77
CA ALA A 1091 24.53 -2.22 3.58
C ALA A 1091 24.09 -1.48 4.84
N LYS A 1092 22.94 -1.87 5.34
CA LYS A 1092 22.23 -1.21 6.47
C LYS A 1092 22.97 -1.45 7.80
N TYR A 1093 23.59 -2.62 8.02
CA TYR A 1093 24.05 -3.07 9.37
C TYR A 1093 25.51 -3.51 9.45
N GLU A 1094 26.20 -3.88 8.37
CA GLU A 1094 27.58 -4.41 8.49
C GLU A 1094 28.44 -3.43 9.29
N THR A 1095 28.42 -2.14 9.00
CA THR A 1095 29.31 -1.20 9.73
C THR A 1095 29.06 -1.30 11.25
N SER A 1096 27.82 -1.27 11.68
CA SER A 1096 27.37 -1.34 13.09
C SER A 1096 27.71 -2.71 13.70
N ILE A 1097 27.73 -3.74 12.87
CA ILE A 1097 28.05 -5.12 13.28
C ILE A 1097 29.53 -5.20 13.58
N LEU A 1098 30.38 -4.74 12.66
CA LEU A 1098 31.85 -4.85 12.79
C LEU A 1098 32.35 -3.92 13.89
N GLU A 1099 31.64 -2.83 14.13
CA GLU A 1099 32.00 -1.79 15.15
C GLU A 1099 31.74 -2.37 16.55
N HIS A 1100 30.79 -3.29 16.69
CA HIS A 1100 30.28 -3.80 17.97
C HIS A 1100 30.55 -5.27 18.09
N SER A 1101 31.67 -5.71 17.56
CA SER A 1101 32.05 -7.14 17.58
C SER A 1101 33.54 -7.28 17.77
N GLY A 1102 33.93 -8.44 18.22
CA GLY A 1102 35.34 -8.73 18.44
C GLY A 1102 35.96 -7.86 19.50
N ILE A 1103 37.26 -7.66 19.38
CA ILE A 1103 38.12 -6.96 20.35
C ILE A 1103 37.92 -5.47 20.16
N ARG A 1104 37.35 -4.82 21.12
CA ARG A 1104 37.04 -3.40 20.97
C ARG A 1104 37.10 -2.73 22.34
N LEU A 1105 36.98 -1.41 22.37
CA LEU A 1105 36.89 -0.66 23.66
C LEU A 1105 35.79 -1.26 24.52
N ILE A 1106 36.08 -1.44 25.80
CA ILE A 1106 35.11 -1.96 26.81
C ILE A 1106 33.90 -1.04 26.84
N GLU A 1107 32.72 -1.63 26.70
CA GLU A 1107 31.42 -0.93 26.64
C GLU A 1107 30.80 -1.04 28.02
N PRO A 1108 30.68 0.07 28.77
CA PRO A 1108 30.09 0.03 30.11
C PRO A 1108 28.74 -0.66 30.25
N GLU A 1109 27.86 -0.50 29.27
CA GLU A 1109 26.47 -1.06 29.27
C GLU A 1109 26.47 -2.59 29.41
N LEU A 1110 27.54 -3.28 29.00
CA LEU A 1110 27.68 -4.76 29.04
C LEU A 1110 28.28 -5.25 30.37
N PHE A 1111 28.86 -4.35 31.19
CA PHE A 1111 29.56 -4.70 32.45
C PHE A 1111 29.05 -3.88 33.62
N ASN A 1112 27.73 -3.71 33.78
CA ASN A 1112 27.12 -3.08 35.00
C ASN A 1112 27.65 -1.65 35.18
N GLY A 1113 27.83 -0.93 34.07
CA GLY A 1113 28.36 0.44 33.99
C GLY A 1113 29.83 0.56 34.37
N TYR A 1114 30.56 -0.56 34.52
CA TYR A 1114 32.04 -0.61 34.64
C TYR A 1114 32.66 0.23 33.54
N ASN A 1115 33.58 1.10 33.90
CA ASN A 1115 34.27 2.03 32.98
C ASN A 1115 35.72 2.05 33.43
N PRO A 1116 36.67 1.47 32.69
CA PRO A 1116 38.05 1.48 33.14
C PRO A 1116 38.66 2.88 33.20
N GLU A 1117 38.12 3.85 32.46
CA GLU A 1117 38.58 5.27 32.54
C GLU A 1117 38.15 5.89 33.88
N LYS A 1118 37.30 5.25 34.68
CA LYS A 1118 36.75 5.79 35.94
C LYS A 1118 36.36 4.64 36.87
N LYS A 1119 37.37 4.06 37.50
CA LYS A 1119 37.26 2.85 38.30
C LYS A 1119 37.04 3.28 39.75
N GLU A 1120 35.85 3.09 40.31
CA GLU A 1120 35.50 3.50 41.69
C GLU A 1120 36.32 2.70 42.73
N MET A 1121 36.92 3.39 43.68
CA MET A 1121 37.54 2.85 44.93
C MET A 1121 36.98 3.64 46.12
N ILE A 1122 37.28 3.28 47.38
CA ILE A 1122 36.91 4.11 48.56
C ILE A 1122 38.13 4.29 49.45
N GLN A 1123 38.42 5.51 49.89
CA GLN A 1123 39.50 5.81 50.86
C GLN A 1123 38.89 6.01 52.24
N GLU A 1124 39.43 5.33 53.25
CA GLU A 1124 39.14 5.55 54.71
C GLU A 1124 39.70 6.91 55.13
N VAL A 1125 38.87 7.78 55.69
CA VAL A 1125 39.30 9.10 56.23
C VAL A 1125 38.79 9.20 57.66
N ILE A 1126 39.66 9.56 58.58
CA ILE A 1126 39.29 9.95 59.97
C ILE A 1126 38.61 11.32 59.86
N VAL A 1127 37.44 11.47 60.47
CA VAL A 1127 36.63 12.72 60.52
C VAL A 1127 37.33 13.66 61.50
N GLU A 1128 37.52 14.93 61.12
CA GLU A 1128 38.28 15.96 61.89
C GLU A 1128 37.30 16.88 62.62
N GLU A 1129 36.05 17.00 62.14
CA GLU A 1129 34.97 17.81 62.76
C GLU A 1129 33.63 17.10 62.57
N ASP A 1130 32.81 17.09 63.62
CA ASP A 1130 31.47 16.43 63.68
C ASP A 1130 30.64 16.81 62.45
N LEU A 1131 29.90 15.84 61.88
CA LEU A 1131 28.99 16.07 60.73
C LEU A 1131 27.65 16.67 61.21
N GLU A 1132 26.93 17.33 60.31
CA GLU A 1132 25.49 17.65 60.47
C GLU A 1132 24.75 16.33 60.67
N PRO A 1133 23.87 16.18 61.69
CA PRO A 1133 23.06 14.98 61.85
C PRO A 1133 22.29 14.60 60.58
N PHE A 1134 22.10 13.31 60.33
CA PHE A 1134 21.14 12.79 59.32
C PHE A 1134 20.14 11.89 60.03
N GLU A 1135 18.92 11.80 59.51
CA GLU A 1135 17.85 10.93 60.05
C GLU A 1135 18.03 9.54 59.43
N ALA A 1136 18.00 8.52 60.27
CA ALA A 1136 17.95 7.10 59.87
C ALA A 1136 16.78 6.44 60.60
N SER A 1137 16.44 5.19 60.27
CA SER A 1137 15.52 4.34 61.07
C SER A 1137 16.19 3.98 62.40
N LYS A 1138 15.42 3.36 63.29
CA LYS A 1138 15.95 2.85 64.58
C LYS A 1138 16.93 1.69 64.32
N GLU A 1139 16.61 0.78 63.41
CA GLU A 1139 17.47 -0.40 63.08
C GLU A 1139 18.80 0.08 62.52
N THR A 1140 18.75 1.00 61.56
CA THR A 1140 19.94 1.51 60.85
C THR A 1140 20.80 2.29 61.84
N ALA A 1141 20.17 2.95 62.81
CA ALA A 1141 20.87 3.88 63.71
C ALA A 1141 21.59 3.03 64.76
N GLU A 1142 20.94 1.98 65.24
CA GLU A 1142 21.57 1.04 66.20
C GLU A 1142 22.78 0.37 65.52
N GLN A 1143 22.72 0.23 64.20
CA GLN A 1143 23.79 -0.39 63.38
C GLN A 1143 25.00 0.54 63.30
N PHE A 1144 24.80 1.81 63.01
CA PHE A 1144 25.84 2.86 63.12
C PHE A 1144 26.42 2.90 64.53
N LYS A 1145 25.61 2.73 65.58
CA LYS A 1145 26.05 2.84 67.01
C LYS A 1145 26.98 1.67 67.34
N HIS A 1146 26.52 0.44 67.08
CA HIS A 1146 27.27 -0.82 67.27
C HIS A 1146 28.66 -0.70 66.63
N GLN A 1147 28.75 -0.21 65.39
CA GLN A 1147 30.03 -0.07 64.64
C GLN A 1147 30.93 0.97 65.29
N HIS A 1148 30.48 2.22 65.33
CA HIS A 1148 31.33 3.40 65.61
C HIS A 1148 31.57 3.57 67.10
N GLY A 1149 30.76 2.90 67.93
CA GLY A 1149 30.88 2.92 69.40
C GLY A 1149 30.59 4.33 69.89
N ASP A 1150 31.51 4.92 70.65
CA ASP A 1150 31.28 6.24 71.33
C ASP A 1150 31.72 7.40 70.43
N LYS A 1151 31.89 7.16 69.12
CA LYS A 1151 32.23 8.18 68.09
C LYS A 1151 30.98 8.53 67.28
N VAL A 1152 29.82 8.00 67.66
CA VAL A 1152 28.50 8.37 67.06
C VAL A 1152 27.48 8.51 68.21
N ASP A 1153 26.56 9.47 68.08
CA ASP A 1153 25.49 9.76 69.06
C ASP A 1153 24.14 9.57 68.34
N ILE A 1154 23.36 8.56 68.72
CA ILE A 1154 21.99 8.36 68.17
C ILE A 1154 20.95 8.79 69.21
N PHE A 1155 19.95 9.53 68.77
CA PHE A 1155 18.87 10.12 69.59
C PHE A 1155 17.54 9.94 68.86
N GLU A 1156 16.53 9.43 69.55
CA GLU A 1156 15.14 9.32 69.02
C GLU A 1156 14.62 10.74 68.78
N ILE A 1157 13.92 10.96 67.67
CA ILE A 1157 13.05 12.14 67.40
C ILE A 1157 11.62 11.73 67.78
N PRO A 1158 11.05 12.18 68.93
CA PRO A 1158 9.79 11.64 69.44
C PRO A 1158 8.55 11.78 68.54
N GLU A 1159 8.47 12.89 67.78
CA GLU A 1159 7.32 13.28 66.91
C GLU A 1159 7.03 12.17 65.88
N THR A 1160 8.08 11.64 65.23
CA THR A 1160 8.02 10.72 64.06
C THR A 1160 8.31 9.28 64.50
N GLY A 1161 9.44 9.04 65.18
CA GLY A 1161 9.89 7.70 65.63
C GLY A 1161 11.19 7.27 64.96
N GLU A 1162 11.66 8.08 63.99
CA GLU A 1162 12.99 7.98 63.35
C GLU A 1162 14.07 8.39 64.34
N TYR A 1163 15.35 8.31 63.97
CA TYR A 1163 16.52 8.54 64.85
C TYR A 1163 17.52 9.45 64.15
N SER A 1164 18.20 10.30 64.91
CA SER A 1164 19.19 11.25 64.37
C SER A 1164 20.54 10.62 64.61
N VAL A 1165 21.37 10.49 63.58
CA VAL A 1165 22.72 9.89 63.71
C VAL A 1165 23.74 11.01 63.56
N LYS A 1166 24.56 11.23 64.57
CA LYS A 1166 25.61 12.27 64.55
C LYS A 1166 26.97 11.59 64.71
N LEU A 1167 27.80 11.58 63.66
CA LEU A 1167 29.19 11.07 63.71
C LEU A 1167 30.09 12.16 64.28
N LEU A 1168 30.81 11.86 65.35
CA LEU A 1168 31.67 12.84 66.07
C LEU A 1168 33.08 12.77 65.49
N LYS A 1169 33.92 13.73 65.88
CA LYS A 1169 35.38 13.75 65.59
C LYS A 1169 35.98 12.39 65.99
N GLY A 1170 36.78 11.80 65.09
CA GLY A 1170 37.52 10.55 65.30
C GLY A 1170 36.87 9.37 64.60
N ALA A 1171 35.67 9.56 64.04
CA ALA A 1171 34.91 8.50 63.34
C ALA A 1171 35.58 8.21 62.00
N THR A 1172 35.20 7.09 61.39
CA THR A 1172 35.76 6.59 60.12
C THR A 1172 34.67 6.67 59.06
N LEU A 1173 34.94 7.42 58.01
CA LEU A 1173 34.13 7.46 56.77
C LEU A 1173 34.91 6.80 55.65
N TYR A 1174 34.25 6.52 54.54
CA TYR A 1174 34.85 6.06 53.27
C TYR A 1174 34.40 7.01 52.17
N ILE A 1175 35.33 7.70 51.56
CA ILE A 1175 35.01 8.67 50.49
C ILE A 1175 35.38 7.99 49.19
N PRO A 1176 34.43 7.88 48.25
CA PRO A 1176 34.70 7.38 46.91
C PRO A 1176 35.76 8.18 46.18
N LYS A 1177 36.59 7.52 45.40
CA LYS A 1177 37.52 8.17 44.47
C LYS A 1177 37.71 7.28 43.26
N ALA A 1178 38.14 7.82 42.13
CA ALA A 1178 38.27 7.07 40.87
C ALA A 1178 39.72 6.97 40.45
N LEU A 1179 40.05 5.82 39.90
CA LEU A 1179 41.36 5.48 39.30
C LEU A 1179 41.20 5.40 37.78
N ARG A 1180 42.08 6.04 37.00
CA ARG A 1180 42.21 5.82 35.54
C ARG A 1180 42.99 4.51 35.40
N PHE A 1181 42.36 3.48 34.88
CA PHE A 1181 42.99 2.16 34.61
C PHE A 1181 43.36 2.12 33.13
N ASP A 1182 44.40 1.36 32.82
CA ASP A 1182 45.12 1.40 31.52
C ASP A 1182 44.79 0.15 30.68
N ARG A 1183 43.78 -0.64 31.04
CA ARG A 1183 43.23 -1.72 30.17
C ARG A 1183 41.81 -1.35 29.72
N LEU A 1184 41.70 -0.83 28.51
CA LEU A 1184 40.48 -0.17 28.01
C LEU A 1184 39.77 -1.04 27.00
N VAL A 1185 40.46 -2.02 26.48
CA VAL A 1185 40.01 -2.89 25.38
C VAL A 1185 39.79 -4.31 25.89
N ALA A 1186 38.81 -4.99 25.31
CA ALA A 1186 38.58 -6.42 25.54
C ALA A 1186 37.82 -7.07 24.41
N GLY A 1187 37.86 -8.39 24.38
CA GLY A 1187 37.11 -9.24 23.44
C GLY A 1187 35.74 -9.53 23.99
N GLN A 1188 34.80 -8.65 23.77
CA GLN A 1188 33.43 -8.79 24.31
C GLN A 1188 32.52 -9.53 23.34
N ILE A 1189 31.52 -10.20 23.87
CA ILE A 1189 30.39 -10.74 23.07
C ILE A 1189 29.70 -9.59 22.37
N PRO A 1190 29.22 -9.76 21.12
CA PRO A 1190 28.70 -8.63 20.37
C PRO A 1190 27.60 -7.85 21.08
N THR A 1191 27.64 -6.53 20.94
CA THR A 1191 26.67 -5.63 21.58
C THR A 1191 25.27 -5.94 21.03
N GLY A 1192 24.38 -6.34 21.92
CA GLY A 1192 22.99 -6.65 21.60
C GLY A 1192 22.68 -8.10 21.87
N TRP A 1193 23.69 -8.93 21.99
CA TRP A 1193 23.53 -10.37 22.36
C TRP A 1193 22.62 -10.46 23.55
N ASN A 1194 21.63 -11.33 23.47
CA ASN A 1194 20.65 -11.53 24.57
C ASN A 1194 20.19 -12.97 24.57
N ALA A 1195 20.25 -13.63 25.71
CA ALA A 1195 19.77 -15.01 25.90
C ALA A 1195 18.27 -15.12 25.52
N LYS A 1196 17.47 -14.06 25.69
CA LYS A 1196 16.07 -14.03 25.23
C LYS A 1196 15.97 -14.35 23.74
N THR A 1197 16.93 -13.90 22.94
CA THR A 1197 16.91 -14.08 21.47
C THR A 1197 17.01 -15.55 21.11
N TYR A 1198 17.65 -16.35 21.96
CA TYR A 1198 17.74 -17.81 21.75
C TYR A 1198 16.60 -18.51 22.44
N GLY A 1199 15.82 -17.83 23.28
CA GLY A 1199 14.62 -18.40 23.86
C GLY A 1199 14.71 -18.71 25.33
N ILE A 1200 15.79 -18.32 25.97
CA ILE A 1200 15.93 -18.44 27.44
C ILE A 1200 14.97 -17.46 28.09
N SER A 1201 14.20 -17.92 29.08
CA SER A 1201 13.14 -17.15 29.80
C SER A 1201 13.75 -16.06 30.68
N ASP A 1202 12.90 -15.13 31.14
CA ASP A 1202 13.30 -13.99 32.01
C ASP A 1202 13.63 -14.50 33.41
N ASP A 1203 12.95 -15.56 33.87
CA ASP A 1203 13.08 -16.12 35.23
C ASP A 1203 14.42 -16.84 35.38
N ILE A 1204 14.93 -17.46 34.30
CA ILE A 1204 16.29 -18.04 34.27
C ILE A 1204 17.32 -16.91 34.19
N ILE A 1205 17.11 -15.94 33.30
CA ILE A 1205 18.09 -14.84 33.12
C ILE A 1205 18.31 -14.10 34.44
N SER A 1206 17.26 -13.93 35.23
CA SER A 1206 17.27 -13.20 36.52
C SER A 1206 17.97 -14.03 37.61
N GLN A 1207 17.95 -15.35 37.47
CA GLN A 1207 18.42 -16.28 38.52
C GLN A 1207 19.92 -16.46 38.36
N VAL A 1208 20.37 -16.87 37.18
CA VAL A 1208 21.76 -17.37 36.95
C VAL A 1208 22.70 -16.20 36.65
N ASP A 1209 24.00 -16.42 36.91
CA ASP A 1209 25.17 -15.59 36.49
C ASP A 1209 25.22 -15.56 34.97
N PRO A 1210 25.57 -14.43 34.32
CA PRO A 1210 25.67 -14.36 32.86
C PRO A 1210 26.44 -15.49 32.16
N ILE A 1211 27.58 -15.85 32.73
CA ILE A 1211 28.39 -16.95 32.20
C ILE A 1211 27.50 -18.18 31.99
N THR A 1212 26.49 -18.42 32.82
CA THR A 1212 25.58 -19.58 32.71
C THR A 1212 24.79 -19.46 31.40
N LEU A 1213 24.51 -18.28 30.93
CA LEU A 1213 23.69 -18.10 29.73
C LEU A 1213 24.53 -18.42 28.52
N PHE A 1214 25.79 -18.09 28.55
CA PHE A 1214 26.72 -18.46 27.45
C PHE A 1214 26.78 -19.97 27.35
N VAL A 1215 26.90 -20.64 28.47
CA VAL A 1215 26.97 -22.12 28.47
C VAL A 1215 25.67 -22.71 27.95
N LEU A 1216 24.54 -22.28 28.47
CA LEU A 1216 23.22 -22.78 28.04
C LEU A 1216 23.07 -22.62 26.54
N VAL A 1217 23.42 -21.48 25.98
CA VAL A 1217 23.25 -21.31 24.52
C VAL A 1217 24.20 -22.23 23.79
N SER A 1218 25.46 -22.21 24.16
CA SER A 1218 26.51 -23.06 23.58
C SER A 1218 26.07 -24.52 23.59
N VAL A 1219 25.52 -25.01 24.69
CA VAL A 1219 25.10 -26.41 24.85
C VAL A 1219 23.94 -26.69 23.89
N VAL A 1220 22.92 -25.85 23.76
CA VAL A 1220 21.88 -26.17 22.75
C VAL A 1220 22.46 -26.04 21.36
N GLU A 1221 23.28 -25.03 21.10
CA GLU A 1221 23.70 -24.73 19.72
C GLU A 1221 24.62 -25.90 19.29
N ALA A 1222 25.25 -26.60 20.23
CA ALA A 1222 26.14 -27.77 19.99
C ALA A 1222 25.33 -29.01 19.71
N PHE A 1223 24.28 -29.23 20.46
CA PHE A 1223 23.34 -30.32 20.21
C PHE A 1223 22.74 -30.10 18.84
N ILE A 1224 22.50 -28.90 18.40
CA ILE A 1224 21.94 -28.69 17.03
C ILE A 1224 23.00 -29.07 15.99
N ALA A 1225 24.23 -28.67 16.19
CA ALA A 1225 25.39 -29.03 15.35
C ALA A 1225 25.60 -30.55 15.29
N SER A 1226 24.96 -31.30 16.13
CA SER A 1226 25.06 -32.76 16.23
C SER A 1226 23.80 -33.40 15.67
N GLY A 1227 22.83 -32.59 15.28
CA GLY A 1227 21.49 -33.02 14.84
C GLY A 1227 20.62 -33.52 15.96
N ILE A 1228 20.94 -33.29 17.21
CA ILE A 1228 20.12 -33.75 18.36
C ILE A 1228 19.29 -32.57 18.82
N THR A 1229 18.07 -32.41 18.33
CA THR A 1229 17.22 -31.24 18.63
C THR A 1229 16.56 -31.44 19.99
N ASP A 1230 16.13 -32.68 20.28
CA ASP A 1230 15.64 -33.08 21.63
C ASP A 1230 16.72 -33.92 22.31
N PRO A 1231 17.36 -33.41 23.36
CA PRO A 1231 18.37 -34.16 24.08
C PRO A 1231 17.87 -35.51 24.61
N TYR A 1232 16.58 -35.68 24.84
CA TYR A 1232 16.04 -36.96 25.35
C TYR A 1232 16.15 -38.04 24.28
N GLU A 1233 16.23 -37.67 23.02
CA GLU A 1233 16.53 -38.64 21.95
C GLU A 1233 17.72 -39.49 22.39
N MET A 1234 18.69 -38.96 23.14
CA MET A 1234 19.90 -39.72 23.53
C MET A 1234 19.49 -40.95 24.32
N TYR A 1235 18.44 -40.86 25.10
CA TYR A 1235 17.99 -41.92 26.01
C TYR A 1235 17.22 -42.99 25.25
N LYS A 1236 17.08 -42.90 23.93
CA LYS A 1236 16.64 -44.04 23.11
C LYS A 1236 17.78 -45.03 22.93
N TYR A 1237 19.02 -44.59 23.13
CA TYR A 1237 20.26 -45.35 22.81
C TYR A 1237 21.08 -45.65 24.04
N VAL A 1238 21.10 -44.75 25.01
CA VAL A 1238 21.97 -44.90 26.22
C VAL A 1238 21.12 -44.85 27.48
N HIS A 1239 21.61 -45.35 28.59
CA HIS A 1239 20.91 -45.18 29.89
C HIS A 1239 21.12 -43.75 30.37
N VAL A 1240 20.25 -43.25 31.25
CA VAL A 1240 20.35 -41.87 31.80
C VAL A 1240 21.68 -41.71 32.52
N SER A 1241 22.33 -42.79 32.93
CA SER A 1241 23.61 -42.74 33.68
C SER A 1241 24.83 -42.67 32.78
N GLU A 1242 24.68 -42.48 31.46
CA GLU A 1242 25.80 -42.65 30.50
C GLU A 1242 25.96 -41.38 29.68
N VAL A 1243 25.37 -40.28 30.15
CA VAL A 1243 25.56 -38.94 29.55
C VAL A 1243 26.30 -38.11 30.56
N GLY A 1244 27.53 -37.77 30.24
CA GLY A 1244 28.43 -37.05 31.14
C GLY A 1244 28.35 -35.57 30.91
N ASN A 1245 28.90 -34.83 31.85
CA ASN A 1245 29.23 -33.40 31.68
C ASN A 1245 30.64 -33.19 32.22
N CYS A 1246 31.58 -32.73 31.42
CA CYS A 1246 32.97 -32.62 31.88
C CYS A 1246 33.49 -31.23 31.57
N SER A 1247 32.61 -30.30 31.29
CA SER A 1247 32.96 -28.90 30.98
C SER A 1247 33.32 -28.22 32.30
N GLY A 1248 34.20 -27.21 32.26
CA GLY A 1248 34.46 -26.36 33.43
C GLY A 1248 34.98 -25.01 33.07
N SER A 1249 35.39 -24.24 34.06
CA SER A 1249 35.73 -22.80 33.95
C SER A 1249 37.01 -22.53 34.71
N GLY A 1250 37.74 -21.48 34.39
CA GLY A 1250 38.87 -21.06 35.25
C GLY A 1250 38.46 -20.39 36.58
N MET A 1251 37.50 -19.45 36.55
CA MET A 1251 37.09 -18.62 37.72
C MET A 1251 35.62 -18.82 38.08
N GLY A 1252 34.79 -19.29 37.16
CA GLY A 1252 33.35 -19.50 37.37
C GLY A 1252 32.57 -18.21 37.30
N GLY A 1253 31.53 -18.12 38.13
CA GLY A 1253 30.57 -17.00 38.14
C GLY A 1253 31.13 -15.84 38.92
N VAL A 1254 31.99 -15.03 38.29
CA VAL A 1254 32.68 -13.88 38.93
C VAL A 1254 31.71 -12.73 39.13
N SER A 1255 30.55 -12.68 38.47
CA SER A 1255 29.50 -11.65 38.72
C SER A 1255 28.80 -11.92 40.04
N ALA A 1256 28.73 -13.19 40.42
CA ALA A 1256 28.11 -13.63 41.67
C ALA A 1256 29.07 -13.39 42.81
N LEU A 1257 30.35 -13.64 42.55
CA LEU A 1257 31.44 -13.39 43.51
C LEU A 1257 31.46 -11.91 43.84
N ARG A 1258 31.41 -11.08 42.81
CA ARG A 1258 31.36 -9.62 43.01
C ARG A 1258 30.13 -9.27 43.84
N GLY A 1259 29.02 -9.95 43.63
CA GLY A 1259 27.81 -9.86 44.46
C GLY A 1259 28.07 -10.17 45.92
N MET A 1260 28.75 -11.24 46.24
CA MET A 1260 28.83 -11.69 47.64
C MET A 1260 30.01 -11.05 48.36
N PHE A 1261 31.03 -10.56 47.67
CA PHE A 1261 32.20 -9.89 48.30
C PHE A 1261 32.11 -8.36 48.28
N LYS A 1262 31.38 -7.74 47.37
CA LYS A 1262 31.43 -6.27 47.23
C LYS A 1262 30.02 -5.71 47.39
N ASP A 1263 29.04 -6.15 46.61
CA ASP A 1263 27.69 -5.55 46.65
C ASP A 1263 27.03 -5.81 48.01
N ARG A 1264 27.36 -6.90 48.68
CA ARG A 1264 26.77 -7.29 49.98
C ARG A 1264 27.34 -6.38 51.06
N PHE A 1265 28.65 -6.15 51.03
CA PHE A 1265 29.36 -5.10 51.81
C PHE A 1265 28.57 -3.80 51.73
N LYS A 1266 28.31 -3.29 50.54
CA LYS A 1266 27.65 -1.97 50.31
C LYS A 1266 26.14 -2.07 50.57
N ASP A 1267 25.67 -3.11 51.25
CA ASP A 1267 24.24 -3.21 51.69
C ASP A 1267 23.35 -2.93 50.48
N GLU A 1268 23.70 -3.51 49.32
CA GLU A 1268 22.93 -3.43 48.06
C GLU A 1268 22.02 -4.65 48.04
N PRO A 1269 20.88 -4.58 47.31
CA PRO A 1269 19.95 -5.70 47.24
C PRO A 1269 20.43 -6.81 46.29
N VAL A 1270 21.04 -7.85 46.87
CA VAL A 1270 21.58 -9.06 46.16
C VAL A 1270 20.62 -10.21 46.48
N GLN A 1271 20.36 -11.10 45.52
CA GLN A 1271 19.57 -12.34 45.74
C GLN A 1271 20.24 -13.22 46.82
N ASN A 1272 19.53 -14.08 47.52
CA ASN A 1272 20.04 -14.76 48.74
C ASN A 1272 20.87 -15.99 48.36
N ASP A 1273 20.49 -16.63 47.26
CA ASP A 1273 21.18 -17.81 46.66
C ASP A 1273 22.37 -17.42 45.77
N ILE A 1274 22.94 -16.21 45.89
CA ILE A 1274 24.02 -15.72 44.99
C ILE A 1274 25.24 -16.64 45.10
N LEU A 1275 25.49 -17.23 46.28
CA LEU A 1275 26.66 -18.13 46.49
C LEU A 1275 26.60 -19.27 45.48
N GLN A 1276 25.43 -19.90 45.31
CA GLN A 1276 25.29 -21.12 44.48
C GLN A 1276 25.57 -20.76 43.02
N GLU A 1277 25.36 -19.52 42.61
CA GLU A 1277 25.62 -19.04 41.25
C GLU A 1277 27.09 -18.71 41.03
N SER A 1278 27.92 -18.79 42.06
CA SER A 1278 29.36 -18.48 41.94
C SER A 1278 30.08 -19.74 41.48
N PHE A 1279 29.81 -20.85 42.17
CA PHE A 1279 30.48 -22.17 42.08
C PHE A 1279 30.70 -22.57 40.63
N ILE A 1280 31.88 -23.03 40.30
CA ILE A 1280 32.26 -23.37 38.90
C ILE A 1280 31.38 -24.51 38.41
N ASN A 1281 31.05 -25.45 39.28
CA ASN A 1281 30.25 -26.64 38.90
C ASN A 1281 28.78 -26.30 38.65
N THR A 1282 28.36 -25.07 38.93
CA THR A 1282 26.93 -24.68 38.88
C THR A 1282 26.48 -24.45 37.43
N MET A 1283 27.32 -23.94 36.55
CA MET A 1283 26.98 -23.84 35.12
C MET A 1283 26.61 -25.22 34.56
N SER A 1284 27.38 -26.24 34.85
CA SER A 1284 27.09 -27.62 34.38
C SER A 1284 25.81 -28.15 35.06
N ALA A 1285 25.48 -27.68 36.26
CA ALA A 1285 24.27 -28.09 36.99
C ALA A 1285 23.04 -27.56 36.28
N TRP A 1286 23.02 -26.26 35.95
CA TRP A 1286 21.94 -25.62 35.20
C TRP A 1286 21.74 -26.29 33.86
N VAL A 1287 22.78 -26.70 33.16
CA VAL A 1287 22.62 -27.46 31.90
C VAL A 1287 21.88 -28.78 32.19
N ASN A 1288 22.22 -29.44 33.24
CA ASN A 1288 21.55 -30.71 33.58
C ASN A 1288 20.10 -30.49 34.00
N MET A 1289 19.88 -29.40 34.71
CA MET A 1289 18.61 -29.10 35.36
C MET A 1289 17.63 -28.55 34.31
N LEU A 1290 18.08 -27.90 33.26
CA LEU A 1290 17.19 -27.30 32.22
C LEU A 1290 17.20 -28.10 30.92
N LEU A 1291 18.27 -28.77 30.51
CA LEU A 1291 18.25 -29.47 29.20
C LEU A 1291 18.35 -30.98 29.33
N ILE A 1292 19.40 -31.49 29.92
CA ILE A 1292 19.85 -32.90 29.70
C ILE A 1292 19.03 -33.83 30.58
N SER A 1293 18.90 -33.54 31.85
CA SER A 1293 18.30 -34.44 32.86
C SER A 1293 19.06 -35.75 33.02
N SER A 1294 20.39 -35.81 32.91
CA SER A 1294 21.10 -37.11 33.01
C SER A 1294 21.41 -37.40 34.46
N SER A 1295 21.83 -38.62 34.76
CA SER A 1295 22.42 -39.06 36.05
C SER A 1295 23.81 -39.59 35.79
N GLY A 1296 24.48 -39.01 34.83
CA GLY A 1296 25.80 -39.51 34.43
C GLY A 1296 26.87 -38.70 35.13
N PRO A 1297 28.14 -39.02 34.82
CA PRO A 1297 29.28 -38.43 35.50
C PRO A 1297 29.28 -36.92 35.37
N ILE A 1298 29.87 -36.23 36.32
CA ILE A 1298 29.84 -34.74 36.41
C ILE A 1298 31.20 -34.39 36.97
N LYS A 1299 32.21 -34.33 36.13
CA LYS A 1299 33.58 -34.06 36.59
C LYS A 1299 33.96 -32.66 36.14
N THR A 1300 33.85 -31.64 36.98
CA THR A 1300 34.01 -30.24 36.54
C THR A 1300 35.44 -29.84 36.75
N PRO A 1301 36.28 -29.66 35.74
CA PRO A 1301 37.65 -29.28 35.99
C PRO A 1301 37.85 -27.78 36.14
N VAL A 1302 38.92 -27.39 36.81
CA VAL A 1302 39.35 -25.97 36.85
C VAL A 1302 40.77 -25.90 36.35
N GLY A 1303 41.00 -25.50 35.11
CA GLY A 1303 42.36 -25.54 34.54
C GLY A 1303 42.86 -24.18 34.09
N ALA A 1304 42.34 -23.11 34.65
CA ALA A 1304 42.66 -21.75 34.17
C ALA A 1304 42.63 -21.73 32.63
N CYS A 1305 43.69 -21.31 31.97
CA CYS A 1305 43.70 -21.08 30.49
C CYS A 1305 43.73 -22.41 29.74
N ALA A 1306 43.85 -23.55 30.45
CA ALA A 1306 43.90 -24.92 29.91
C ALA A 1306 42.67 -25.72 30.32
N THR A 1307 41.68 -25.09 30.91
CA THR A 1307 40.43 -25.77 31.33
C THR A 1307 39.83 -26.64 30.22
N SER A 1308 39.76 -26.13 29.01
CA SER A 1308 38.98 -26.75 27.91
C SER A 1308 39.69 -28.00 27.42
N VAL A 1309 41.01 -27.99 27.36
CA VAL A 1309 41.80 -29.17 26.94
C VAL A 1309 41.80 -30.18 28.10
N GLU A 1310 41.86 -29.73 29.34
CA GLU A 1310 41.73 -30.60 30.52
C GLU A 1310 40.37 -31.27 30.48
N SER A 1311 39.34 -30.55 30.12
CA SER A 1311 37.95 -31.06 29.99
C SER A 1311 37.90 -32.18 28.96
N VAL A 1312 38.63 -32.07 27.85
CA VAL A 1312 38.60 -33.08 26.77
C VAL A 1312 39.30 -34.35 27.27
N ASP A 1313 40.44 -34.24 27.94
CA ASP A 1313 41.09 -35.39 28.62
C ASP A 1313 40.11 -36.04 29.59
N ILE A 1314 39.49 -35.28 30.47
CA ILE A 1314 38.57 -35.87 31.48
C ILE A 1314 37.40 -36.54 30.76
N GLY A 1315 36.93 -35.96 29.66
CA GLY A 1315 35.79 -36.48 28.90
C GLY A 1315 36.16 -37.75 28.17
N VAL A 1316 37.35 -37.81 27.60
CA VAL A 1316 37.88 -39.01 26.93
C VAL A 1316 38.07 -40.13 27.96
N GLU A 1317 38.74 -39.90 29.09
CA GLU A 1317 39.01 -41.00 30.05
C GLU A 1317 37.68 -41.48 30.64
N THR A 1318 36.69 -40.60 30.75
CA THR A 1318 35.35 -40.95 31.29
C THR A 1318 34.62 -41.90 30.35
N ILE A 1319 34.71 -41.67 29.04
CA ILE A 1319 34.10 -42.53 28.02
C ILE A 1319 34.90 -43.81 27.87
N LEU A 1320 36.22 -43.74 27.89
CA LEU A 1320 37.05 -44.97 27.74
C LEU A 1320 37.00 -45.86 28.99
N SER A 1321 36.43 -45.43 30.11
CA SER A 1321 36.24 -46.26 31.33
C SER A 1321 34.81 -46.83 31.35
N GLY A 1322 33.99 -46.49 30.36
CA GLY A 1322 32.61 -46.99 30.21
C GLY A 1322 31.67 -46.43 31.26
N LYS A 1323 32.09 -45.35 31.92
CA LYS A 1323 31.30 -44.61 32.93
C LYS A 1323 30.32 -43.71 32.19
N ALA A 1324 30.59 -43.41 30.92
CA ALA A 1324 29.70 -42.65 30.01
C ALA A 1324 29.91 -43.03 28.56
N ARG A 1325 28.99 -42.64 27.70
CA ARG A 1325 29.09 -42.89 26.25
C ARG A 1325 28.98 -41.60 25.50
N ILE A 1326 28.47 -40.57 26.12
CA ILE A 1326 28.31 -39.21 25.57
C ILE A 1326 28.77 -38.28 26.66
N CYS A 1327 29.47 -37.24 26.32
CA CYS A 1327 30.07 -36.34 27.30
C CYS A 1327 30.05 -34.97 26.65
N ILE A 1328 29.55 -34.00 27.39
CA ILE A 1328 29.63 -32.58 27.00
C ILE A 1328 30.92 -32.05 27.57
N VAL A 1329 31.79 -31.49 26.78
CA VAL A 1329 33.09 -30.97 27.23
C VAL A 1329 33.24 -29.54 26.75
N GLY A 1330 34.12 -28.80 27.36
CA GLY A 1330 34.36 -27.40 27.00
C GLY A 1330 34.71 -26.52 28.18
N GLY A 1331 34.58 -25.23 27.95
CA GLY A 1331 35.02 -24.20 28.89
C GLY A 1331 34.23 -22.96 28.75
N TYR A 1332 34.20 -22.17 29.79
CA TYR A 1332 33.49 -20.88 29.75
C TYR A 1332 34.23 -19.97 30.70
N ASP A 1333 34.24 -18.69 30.40
CA ASP A 1333 34.74 -17.71 31.36
C ASP A 1333 34.16 -16.36 30.98
N ASP A 1334 33.96 -15.53 31.98
CA ASP A 1334 33.41 -14.18 31.83
C ASP A 1334 34.57 -13.24 32.03
N PHE A 1335 34.38 -12.04 31.50
CA PHE A 1335 35.22 -10.86 31.73
C PHE A 1335 34.44 -10.03 32.76
N GLN A 1336 35.07 -9.63 33.85
CA GLN A 1336 34.56 -8.56 34.73
C GLN A 1336 35.70 -7.65 35.19
N GLU A 1337 35.33 -6.50 35.73
CA GLU A 1337 36.18 -5.44 36.33
C GLU A 1337 37.32 -6.03 37.16
N GLU A 1338 37.03 -6.88 38.15
CA GLU A 1338 38.01 -7.33 39.18
C GLU A 1338 39.12 -8.13 38.51
N GLY A 1339 38.76 -9.09 37.67
CA GLY A 1339 39.73 -9.94 36.95
C GLY A 1339 40.58 -9.07 36.02
N SER A 1340 39.95 -8.20 35.25
CA SER A 1340 40.64 -7.26 34.33
C SER A 1340 41.70 -6.50 35.11
N PHE A 1341 41.33 -5.94 36.26
CA PHE A 1341 42.24 -5.16 37.12
C PHE A 1341 43.35 -6.03 37.66
N GLU A 1342 43.07 -7.29 38.01
CA GLU A 1342 44.09 -8.13 38.68
C GLU A 1342 45.03 -8.73 37.65
N PHE A 1343 44.57 -9.03 36.43
CA PHE A 1343 45.46 -9.46 35.31
C PHE A 1343 46.36 -8.29 34.90
N GLY A 1344 45.94 -7.06 35.18
CA GLY A 1344 46.75 -5.84 34.95
C GLY A 1344 47.84 -5.69 35.98
N ASN A 1345 47.61 -6.01 37.24
CA ASN A 1345 48.62 -5.85 38.31
C ASN A 1345 49.66 -6.96 38.18
N MET A 1346 49.29 -8.11 37.59
CA MET A 1346 50.22 -9.22 37.24
C MET A 1346 51.02 -8.89 35.97
N LYS A 1347 50.60 -7.87 35.20
CA LYS A 1347 51.20 -7.41 33.91
C LYS A 1347 51.13 -8.55 32.88
N ALA A 1348 50.06 -9.32 32.95
CA ALA A 1348 49.73 -10.42 32.02
C ALA A 1348 49.01 -9.86 30.80
N THR A 1349 48.10 -8.92 30.99
CA THR A 1349 47.36 -8.27 29.89
C THR A 1349 48.19 -7.16 29.25
N SER A 1350 47.94 -6.88 27.98
CA SER A 1350 48.48 -5.70 27.28
C SER A 1350 47.99 -4.42 27.95
N ASN A 1351 48.91 -3.52 28.25
CA ASN A 1351 48.61 -2.11 28.61
C ASN A 1351 48.12 -1.38 27.37
N THR A 1352 46.87 -0.92 27.39
CA THR A 1352 46.22 -0.31 26.21
C THR A 1352 46.76 1.08 25.95
N LEU A 1353 47.25 1.80 26.96
CA LEU A 1353 47.80 3.15 26.77
C LEU A 1353 49.15 3.05 26.05
N GLU A 1354 49.98 2.05 26.38
CA GLU A 1354 51.23 1.75 25.62
C GLU A 1354 50.87 1.37 24.17
N GLU A 1355 49.80 0.60 23.94
CA GLU A 1355 49.37 0.20 22.58
C GLU A 1355 49.02 1.42 21.77
N PHE A 1356 48.38 2.42 22.36
CA PHE A 1356 47.95 3.65 21.64
C PHE A 1356 49.18 4.48 21.29
N GLU A 1357 50.17 4.51 22.17
CA GLU A 1357 51.46 5.21 21.97
C GLU A 1357 52.19 4.63 20.76
N HIS A 1358 51.97 3.34 20.46
CA HIS A 1358 52.55 2.62 19.31
C HIS A 1358 51.61 2.64 18.10
N GLY A 1359 50.54 3.38 18.14
CA GLY A 1359 49.72 3.56 16.92
C GLY A 1359 48.75 2.42 16.66
N ARG A 1360 48.66 1.46 17.58
CA ARG A 1360 47.87 0.22 17.42
C ARG A 1360 46.42 0.56 17.73
N THR A 1361 45.50 0.22 16.84
CA THR A 1361 44.05 0.25 17.10
C THR A 1361 43.69 -1.02 17.88
N PRO A 1362 42.50 -1.09 18.53
CA PRO A 1362 42.11 -2.28 19.28
C PRO A 1362 42.20 -3.62 18.55
N ALA A 1363 41.71 -3.68 17.33
CA ALA A 1363 41.68 -4.91 16.51
C ALA A 1363 43.09 -5.34 16.03
N GLU A 1364 44.18 -4.62 16.32
CA GLU A 1364 45.56 -5.12 16.07
C GLU A 1364 46.38 -5.23 17.35
N MET A 1365 45.74 -5.54 18.47
CA MET A 1365 46.40 -5.51 19.80
C MET A 1365 46.82 -6.90 20.22
N SER A 1366 46.02 -7.90 19.86
CA SER A 1366 46.30 -9.34 20.04
C SER A 1366 47.11 -9.80 18.85
N ARG A 1367 48.42 -9.98 18.99
CA ARG A 1367 49.29 -10.24 17.82
C ARG A 1367 50.32 -11.29 18.17
N PRO A 1368 49.90 -12.56 18.27
CA PRO A 1368 50.78 -13.63 18.67
C PRO A 1368 51.99 -13.77 17.76
N ALA A 1369 53.12 -14.13 18.36
CA ALA A 1369 54.33 -14.63 17.69
C ALA A 1369 55.02 -13.50 16.96
N THR A 1370 54.64 -12.29 17.28
CA THR A 1370 55.08 -11.05 16.63
C THR A 1370 56.22 -10.50 17.50
N THR A 1371 57.09 -9.70 16.94
CA THR A 1371 58.26 -9.08 17.61
C THR A 1371 57.84 -8.25 18.83
N THR A 1372 56.68 -7.62 18.72
CA THR A 1372 56.20 -6.47 19.53
C THR A 1372 55.05 -6.87 20.44
N ARG A 1373 54.70 -8.15 20.46
CA ARG A 1373 53.72 -8.72 21.43
C ARG A 1373 54.14 -8.35 22.83
N ASN A 1374 53.16 -8.12 23.72
CA ASN A 1374 53.38 -7.47 25.04
C ASN A 1374 52.30 -7.85 26.06
N GLY A 1375 51.29 -8.64 25.70
CA GLY A 1375 50.42 -9.29 26.69
C GLY A 1375 49.12 -9.72 26.07
N PHE A 1376 48.30 -10.42 26.81
CA PHE A 1376 47.12 -11.02 26.19
C PHE A 1376 45.97 -10.04 26.25
N MET A 1377 44.93 -10.39 25.53
CA MET A 1377 43.77 -9.50 25.29
C MET A 1377 42.59 -10.22 25.89
N GLU A 1378 42.18 -9.86 27.07
CA GLU A 1378 41.15 -10.65 27.79
C GLU A 1378 39.87 -10.72 26.95
N ALA A 1379 39.09 -11.77 27.11
CA ALA A 1379 37.82 -11.94 26.39
C ALA A 1379 36.85 -12.82 27.20
N GLN A 1380 35.70 -13.04 26.68
CA GLN A 1380 34.72 -13.84 27.40
C GLN A 1380 33.95 -14.66 26.40
N GLY A 1381 33.43 -15.77 26.90
CA GLY A 1381 32.48 -16.61 26.19
C GLY A 1381 32.59 -18.04 26.65
N ALA A 1382 32.07 -18.91 25.84
CA ALA A 1382 32.07 -20.34 26.11
C ALA A 1382 32.33 -21.09 24.83
N GLY A 1383 32.80 -22.31 24.94
CA GLY A 1383 32.77 -23.23 23.79
C GLY A 1383 32.48 -24.63 24.26
N ILE A 1384 31.66 -25.33 23.54
CA ILE A 1384 31.18 -26.68 23.93
C ILE A 1384 31.43 -27.63 22.77
N GLN A 1385 31.85 -28.84 23.08
CA GLN A 1385 31.79 -29.97 22.14
C GLN A 1385 31.03 -31.11 22.79
N ILE A 1386 30.31 -31.87 22.00
CA ILE A 1386 29.72 -33.18 22.38
C ILE A 1386 30.66 -34.24 21.88
N ILE A 1387 31.26 -35.02 22.75
CA ILE A 1387 32.06 -36.19 22.33
C ILE A 1387 31.31 -37.48 22.65
N MET A 1388 31.51 -38.50 21.85
CA MET A 1388 30.89 -39.80 22.14
C MET A 1388 31.68 -40.91 21.50
N GLN A 1389 31.46 -42.14 21.95
CA GLN A 1389 31.98 -43.34 21.28
C GLN A 1389 31.59 -43.31 19.81
N ALA A 1390 32.47 -43.76 18.93
CA ALA A 1390 32.21 -43.75 17.50
C ALA A 1390 31.15 -44.78 17.19
N ASP A 1391 31.15 -45.90 17.88
CA ASP A 1391 30.11 -46.96 17.76
C ASP A 1391 28.71 -46.35 17.91
N LEU A 1392 28.55 -45.50 18.90
CA LEU A 1392 27.25 -44.88 19.23
C LEU A 1392 26.93 -43.78 18.23
N ALA A 1393 27.90 -43.05 17.73
CA ALA A 1393 27.66 -41.99 16.74
C ALA A 1393 27.15 -42.60 15.43
N LEU A 1394 27.70 -43.74 15.03
CA LEU A 1394 27.30 -44.44 13.77
C LEU A 1394 25.90 -45.03 13.93
N LYS A 1395 25.55 -45.50 15.12
CA LYS A 1395 24.23 -46.06 15.42
C LYS A 1395 23.23 -44.91 15.36
N MET A 1396 23.48 -43.81 16.07
CA MET A 1396 22.55 -42.64 16.12
C MET A 1396 22.55 -41.87 14.79
N GLY A 1397 23.52 -42.09 13.90
CA GLY A 1397 23.60 -41.26 12.70
C GLY A 1397 23.70 -39.78 13.02
N VAL A 1398 24.63 -39.40 13.89
CA VAL A 1398 25.03 -37.98 14.11
C VAL A 1398 26.27 -37.69 13.30
N PRO A 1399 26.46 -36.45 12.88
CA PRO A 1399 27.65 -36.06 12.17
C PRO A 1399 28.86 -36.20 13.05
N ILE A 1400 29.99 -36.48 12.44
CA ILE A 1400 31.30 -36.75 13.07
C ILE A 1400 32.25 -35.74 12.47
N TYR A 1401 32.66 -34.79 13.29
CA TYR A 1401 33.47 -33.65 12.85
C TYR A 1401 34.93 -34.00 12.97
N GLY A 1402 35.27 -34.97 13.82
CA GLY A 1402 36.68 -35.26 14.09
C GLY A 1402 36.83 -36.41 15.06
N ILE A 1403 37.97 -37.04 15.05
CA ILE A 1403 38.29 -38.08 16.04
C ILE A 1403 39.25 -37.46 17.03
N VAL A 1404 39.05 -37.70 18.31
CA VAL A 1404 39.98 -37.21 19.37
C VAL A 1404 40.96 -38.32 19.62
N ALA A 1405 42.07 -38.24 18.95
CA ALA A 1405 43.07 -39.32 18.92
C ALA A 1405 43.81 -39.31 20.24
N MET A 1406 44.19 -38.16 20.73
CA MET A 1406 44.91 -38.06 22.01
C MET A 1406 44.35 -36.89 22.81
N ALA A 1407 44.57 -36.92 24.12
CA ALA A 1407 44.38 -35.75 25.01
C ALA A 1407 45.17 -35.98 26.30
N ALA A 1408 45.98 -35.05 26.69
CA ALA A 1408 46.95 -35.21 27.79
C ALA A 1408 47.13 -33.88 28.50
N THR A 1409 47.30 -33.92 29.81
CA THR A 1409 47.69 -32.75 30.62
C THR A 1409 49.08 -33.06 31.13
N ALA A 1410 49.74 -32.05 31.63
CA ALA A 1410 51.06 -32.18 32.24
C ALA A 1410 51.39 -30.92 32.98
N THR A 1411 51.81 -31.05 34.24
CA THR A 1411 52.49 -30.03 35.08
C THR A 1411 53.92 -29.87 34.58
N ASP A 1412 54.76 -29.10 35.26
CA ASP A 1412 56.13 -28.79 34.78
C ASP A 1412 57.10 -29.26 35.86
N LYS A 1413 57.52 -28.40 36.78
CA LYS A 1413 58.71 -28.64 37.61
C LYS A 1413 58.84 -27.62 38.74
N ILE A 1414 59.69 -27.93 39.70
CA ILE A 1414 60.03 -27.08 40.86
C ILE A 1414 60.34 -25.68 40.34
N GLY A 1415 59.53 -24.70 40.76
CA GLY A 1415 59.63 -23.27 40.44
C GLY A 1415 59.15 -22.41 41.60
N ARG A 1416 58.90 -21.13 41.36
CA ARG A 1416 58.26 -20.18 42.32
C ARG A 1416 57.38 -19.15 41.56
N SER A 1417 57.19 -19.31 40.24
CA SER A 1417 56.31 -18.46 39.40
C SER A 1417 55.13 -19.31 38.90
N VAL A 1418 53.95 -19.11 39.49
CA VAL A 1418 52.69 -19.81 39.15
C VAL A 1418 52.32 -19.48 37.69
N PRO A 1419 52.42 -18.22 37.19
CA PRO A 1419 52.06 -17.96 35.78
C PRO A 1419 53.12 -18.26 34.69
N ALA A 1420 54.33 -18.73 35.05
CA ALA A 1420 55.39 -19.15 34.11
C ALA A 1420 54.92 -20.38 33.36
N PRO A 1421 54.91 -20.38 32.00
CA PRO A 1421 54.69 -21.60 31.22
C PRO A 1421 55.93 -22.49 31.20
N GLY A 1422 55.71 -23.80 31.25
CA GLY A 1422 56.78 -24.82 31.22
C GLY A 1422 56.61 -25.81 30.08
N LYS A 1423 57.50 -26.77 30.01
CA LYS A 1423 57.65 -27.70 28.88
C LYS A 1423 57.06 -29.08 29.21
N GLY A 1424 56.41 -29.25 30.35
CA GLY A 1424 55.88 -30.56 30.81
C GLY A 1424 55.20 -31.36 29.72
N ILE A 1425 54.46 -30.72 28.82
CA ILE A 1425 53.58 -31.39 27.84
C ILE A 1425 54.42 -32.08 26.77
N LEU A 1426 55.66 -31.62 26.59
CA LEU A 1426 56.71 -32.33 25.85
C LEU A 1426 56.70 -33.85 26.16
N THR A 1427 56.33 -34.26 27.35
CA THR A 1427 56.21 -35.70 27.70
C THR A 1427 55.35 -36.47 26.71
N THR A 1428 54.44 -35.86 25.97
CA THR A 1428 53.53 -36.62 25.06
C THR A 1428 54.29 -37.21 23.89
N ALA A 1429 55.54 -36.80 23.66
CA ALA A 1429 56.39 -37.29 22.57
C ALA A 1429 57.47 -38.19 23.15
N ARG A 1430 57.28 -38.72 24.35
CA ARG A 1430 58.34 -39.44 25.05
C ARG A 1430 58.53 -40.80 24.37
N GLU A 1431 59.78 -41.12 24.05
CA GLU A 1431 60.12 -42.30 23.21
C GLU A 1431 61.54 -42.73 23.48
N HIS A 1432 61.77 -44.01 23.69
CA HIS A 1432 63.10 -44.57 23.94
C HIS A 1432 63.79 -44.89 22.62
N HIS A 1433 64.96 -44.30 22.35
CA HIS A 1433 65.70 -44.41 21.07
C HIS A 1433 67.12 -44.95 21.27
N SER A 1434 67.38 -45.79 22.26
CA SER A 1434 68.71 -46.45 22.43
C SER A 1434 68.87 -47.56 21.38
N SER A 1435 67.77 -48.25 21.07
CA SER A 1435 67.67 -49.46 20.21
C SER A 1435 66.64 -49.23 19.09
N VAL A 1436 67.02 -48.53 18.00
CA VAL A 1436 66.09 -48.16 16.89
C VAL A 1436 66.70 -48.52 15.53
N LYS A 1437 67.45 -49.62 15.46
CA LYS A 1437 68.09 -50.08 14.20
C LYS A 1437 67.02 -50.73 13.31
N TYR A 1438 66.17 -51.58 13.90
CA TYR A 1438 65.15 -52.43 13.22
C TYR A 1438 63.75 -52.00 13.65
N ALA A 1439 62.94 -51.54 12.69
CA ALA A 1439 61.53 -51.09 12.87
C ALA A 1439 60.75 -52.20 13.61
N SER A 1440 60.05 -51.81 14.68
CA SER A 1440 59.26 -52.73 15.56
C SER A 1440 58.02 -53.19 14.79
N PRO A 1441 57.69 -54.50 14.80
CA PRO A 1441 56.51 -54.98 14.06
C PRO A 1441 55.20 -54.39 14.58
N ASN A 1442 55.17 -53.96 15.84
CA ASN A 1442 54.01 -53.35 16.54
C ASN A 1442 53.52 -52.07 15.82
N LEU A 1443 54.37 -51.34 15.10
CA LEU A 1443 53.97 -50.10 14.37
C LEU A 1443 53.40 -50.40 12.99
N ASN A 1444 53.62 -51.61 12.47
CA ASN A 1444 53.11 -52.10 11.16
C ASN A 1444 51.65 -52.50 11.35
N MET A 1445 50.72 -51.91 10.60
CA MET A 1445 49.29 -52.24 10.77
C MET A 1445 48.99 -53.64 10.21
N LYS A 1446 49.83 -54.20 9.31
CA LYS A 1446 49.62 -55.56 8.75
C LYS A 1446 49.92 -56.60 9.82
N TYR A 1447 51.01 -56.43 10.57
CA TYR A 1447 51.35 -57.36 11.67
C TYR A 1447 50.23 -57.33 12.70
N ARG A 1448 49.69 -56.15 12.98
CA ARG A 1448 48.67 -56.02 14.03
C ARG A 1448 47.39 -56.68 13.52
N LYS A 1449 47.02 -56.48 12.26
CA LYS A 1449 45.79 -57.14 11.72
C LYS A 1449 45.99 -58.65 11.74
N ARG A 1450 47.20 -59.14 11.47
CA ARG A 1450 47.48 -60.59 11.46
C ARG A 1450 47.26 -61.18 12.86
N GLN A 1451 47.70 -60.47 13.90
CA GLN A 1451 47.57 -60.96 15.29
C GLN A 1451 46.11 -60.90 15.77
N LEU A 1452 45.29 -60.04 15.18
CA LEU A 1452 43.86 -59.92 15.51
C LEU A 1452 43.10 -61.08 14.89
N VAL A 1453 43.39 -61.39 13.63
CA VAL A 1453 42.78 -62.51 12.86
C VAL A 1453 43.03 -63.83 13.59
N THR A 1454 44.25 -64.08 14.07
CA THR A 1454 44.59 -65.31 14.85
C THR A 1454 43.70 -65.37 16.10
N ARG A 1455 43.50 -64.25 16.78
CA ARG A 1455 42.74 -64.21 18.06
C ARG A 1455 41.25 -64.34 17.72
N GLU A 1456 40.78 -63.80 16.59
CA GLU A 1456 39.37 -63.90 16.14
C GLU A 1456 39.03 -65.36 15.77
N ALA A 1457 40.02 -66.18 15.46
CA ALA A 1457 39.86 -67.64 15.21
C ALA A 1457 39.72 -68.36 16.55
N GLN A 1458 40.62 -68.07 17.51
CA GLN A 1458 40.55 -68.60 18.90
C GLN A 1458 39.23 -68.22 19.57
N ILE A 1459 38.63 -67.08 19.25
CA ILE A 1459 37.38 -66.63 19.92
C ILE A 1459 36.24 -67.47 19.38
N LYS A 1460 36.21 -67.68 18.06
CA LYS A 1460 35.22 -68.56 17.36
C LYS A 1460 35.29 -69.94 18.03
N ASP A 1461 36.48 -70.53 18.15
CA ASP A 1461 36.68 -71.84 18.83
C ASP A 1461 36.07 -71.81 20.22
N TRP A 1462 36.25 -70.72 20.97
CA TRP A 1462 35.86 -70.60 22.40
C TRP A 1462 34.34 -70.53 22.53
N VAL A 1463 33.65 -70.00 21.51
CA VAL A 1463 32.17 -69.90 21.46
C VAL A 1463 31.59 -71.29 21.14
N GLU A 1464 32.21 -72.03 20.21
CA GLU A 1464 31.79 -73.40 19.84
C GLU A 1464 31.87 -74.29 21.08
N ASN A 1465 33.00 -74.26 21.80
CA ASN A 1465 33.22 -75.09 23.03
C ASN A 1465 32.26 -74.70 24.15
N GLU A 1466 31.75 -73.48 24.15
CA GLU A 1466 30.84 -72.94 25.19
C GLU A 1466 29.39 -73.24 24.83
N LEU A 1467 29.08 -73.39 23.53
CA LEU A 1467 27.72 -73.79 23.04
C LEU A 1467 27.56 -75.28 23.20
N GLU A 1468 28.60 -76.06 22.85
CA GLU A 1468 28.70 -77.49 23.22
C GLU A 1468 28.46 -77.64 24.75
N ALA A 1469 29.28 -77.02 25.61
CA ALA A 1469 29.20 -77.14 27.09
C ALA A 1469 27.82 -76.72 27.59
N LEU A 1470 27.20 -75.75 26.93
CA LEU A 1470 25.84 -75.27 27.30
C LEU A 1470 24.87 -76.44 27.08
N LYS A 1471 24.87 -77.01 25.86
CA LYS A 1471 24.02 -78.16 25.46
C LYS A 1471 24.13 -79.26 26.53
N LEU A 1472 25.35 -79.67 26.90
CA LEU A 1472 25.63 -80.70 27.95
C LEU A 1472 25.02 -80.31 29.31
N GLU A 1473 25.13 -79.04 29.74
CA GLU A 1473 24.54 -78.56 31.04
C GLU A 1473 23.00 -78.57 30.93
N ALA A 1474 22.45 -78.38 29.72
CA ALA A 1474 20.99 -78.25 29.46
C ALA A 1474 20.32 -79.64 29.35
N GLU A 1475 21.10 -80.69 29.01
CA GLU A 1475 20.64 -82.10 28.97
C GLU A 1475 19.96 -82.47 30.31
N GLU A 1476 20.63 -82.17 31.43
CA GLU A 1476 20.21 -82.53 32.82
C GLU A 1476 19.00 -81.70 33.27
N ILE A 1477 18.89 -80.44 32.81
CA ILE A 1477 17.76 -79.52 33.16
C ILE A 1477 16.45 -80.16 32.68
N PRO A 1478 15.37 -80.16 33.51
CA PRO A 1478 14.06 -80.67 33.09
C PRO A 1478 13.41 -79.86 31.94
N SER A 1479 12.55 -80.51 31.15
CA SER A 1479 12.08 -80.07 29.80
C SER A 1479 11.08 -78.90 29.85
N GLU A 1480 10.79 -78.31 31.03
CA GLU A 1480 9.90 -77.12 31.18
C GLU A 1480 10.74 -75.85 31.40
N ASP A 1481 11.84 -75.93 32.18
CA ASP A 1481 12.74 -74.78 32.52
C ASP A 1481 13.87 -74.66 31.49
N GLN A 1482 13.95 -75.56 30.51
CA GLN A 1482 15.08 -75.69 29.54
C GLN A 1482 15.12 -74.49 28.58
N ASN A 1483 13.96 -73.90 28.26
CA ASN A 1483 13.88 -72.68 27.41
C ASN A 1483 14.54 -71.52 28.16
N GLU A 1484 14.01 -71.14 29.33
CA GLU A 1484 14.53 -70.01 30.16
C GLU A 1484 16.04 -70.18 30.35
N PHE A 1485 16.51 -71.37 30.68
CA PHE A 1485 17.93 -71.66 30.98
C PHE A 1485 18.81 -71.41 29.76
N LEU A 1486 18.39 -71.76 28.55
CA LEU A 1486 19.22 -71.51 27.33
C LEU A 1486 19.21 -70.03 27.00
N LEU A 1487 18.07 -69.36 27.13
CA LEU A 1487 17.96 -67.90 26.86
C LEU A 1487 18.92 -67.11 27.73
N GLU A 1488 18.87 -67.28 29.07
CA GLU A 1488 19.80 -66.63 30.04
C GLU A 1488 21.25 -66.97 29.66
N ARG A 1489 21.55 -68.25 29.44
CA ARG A 1489 22.94 -68.75 29.34
C ARG A 1489 23.48 -68.49 27.94
N THR A 1490 22.64 -68.22 26.95
CA THR A 1490 23.08 -67.93 25.55
C THR A 1490 23.50 -66.47 25.46
N ARG A 1491 22.65 -65.58 25.96
CA ARG A 1491 22.92 -64.13 26.12
C ARG A 1491 24.29 -63.98 26.84
N GLU A 1492 24.46 -64.58 28.03
CA GLU A 1492 25.74 -64.57 28.82
C GLU A 1492 26.90 -64.94 27.88
N ILE A 1493 26.73 -65.84 26.92
CA ILE A 1493 27.82 -66.28 25.98
C ILE A 1493 28.04 -65.22 24.90
N HIS A 1494 26.97 -64.63 24.36
CA HIS A 1494 27.04 -63.55 23.34
C HIS A 1494 27.91 -62.43 23.91
N ASN A 1495 27.60 -62.01 25.14
CA ASN A 1495 28.32 -60.98 25.94
C ASN A 1495 29.81 -61.35 26.06
N GLU A 1496 30.13 -62.54 26.52
CA GLU A 1496 31.53 -62.96 26.77
C GLU A 1496 32.27 -63.08 25.43
N ALA A 1497 31.59 -63.12 24.29
CA ALA A 1497 32.24 -63.23 22.96
C ALA A 1497 32.48 -61.85 22.37
N GLU A 1498 31.52 -60.93 22.56
CA GLU A 1498 31.64 -59.48 22.29
C GLU A 1498 32.81 -58.92 23.12
N SER A 1499 32.73 -58.99 24.45
CA SER A 1499 33.85 -58.66 25.38
C SER A 1499 35.18 -59.04 24.73
N GLN A 1500 35.32 -60.28 24.29
CA GLN A 1500 36.65 -60.85 23.92
C GLN A 1500 37.08 -60.29 22.57
N LEU A 1501 36.15 -60.18 21.64
CA LEU A 1501 36.43 -59.54 20.34
C LEU A 1501 36.90 -58.12 20.61
N ARG A 1502 36.08 -57.30 21.28
CA ARG A 1502 36.40 -55.89 21.63
C ARG A 1502 37.74 -55.80 22.34
N ALA A 1503 38.01 -56.67 23.31
CA ALA A 1503 39.29 -56.65 24.05
C ALA A 1503 40.47 -57.04 23.16
N ALA A 1504 40.24 -57.64 22.00
CA ALA A 1504 41.29 -58.07 21.05
C ALA A 1504 41.59 -56.93 20.09
N GLN A 1505 40.55 -56.34 19.55
CA GLN A 1505 40.61 -55.10 18.74
C GLN A 1505 41.23 -53.98 19.57
N GLN A 1506 40.99 -53.95 20.86
CA GLN A 1506 41.60 -52.91 21.73
C GLN A 1506 43.10 -53.24 21.86
N GLN A 1507 43.44 -54.47 22.17
CA GLN A 1507 44.85 -54.93 22.30
C GLN A 1507 45.64 -54.61 21.02
N TRP A 1508 45.07 -54.76 19.83
CA TRP A 1508 45.84 -54.68 18.55
C TRP A 1508 45.46 -53.47 17.72
N GLY A 1509 44.32 -52.85 18.00
CA GLY A 1509 43.80 -51.76 17.18
C GLY A 1509 44.05 -50.42 17.82
N ASN A 1510 43.75 -50.29 19.11
CA ASN A 1510 43.59 -49.00 19.80
C ASN A 1510 44.73 -48.72 20.80
N ASP A 1511 45.28 -49.77 21.43
CA ASP A 1511 46.06 -49.68 22.71
C ASP A 1511 47.33 -50.51 22.56
N PHE A 1512 47.88 -50.57 21.36
CA PHE A 1512 49.02 -51.47 21.07
C PHE A 1512 50.30 -50.86 21.64
N TYR A 1513 50.28 -49.57 21.94
CA TYR A 1513 51.48 -48.77 22.27
C TYR A 1513 51.55 -48.46 23.77
N LYS A 1514 50.47 -48.63 24.53
CA LYS A 1514 50.35 -48.18 25.94
C LYS A 1514 51.51 -48.73 26.80
N ARG A 1515 52.00 -49.92 26.48
CA ARG A 1515 53.06 -50.64 27.25
C ARG A 1515 54.44 -50.40 26.60
N ASP A 1516 54.53 -50.39 25.26
CA ASP A 1516 55.78 -50.30 24.44
C ASP A 1516 56.44 -48.95 24.62
N PRO A 1517 57.63 -48.87 25.28
CA PRO A 1517 58.29 -47.59 25.49
C PRO A 1517 58.96 -46.99 24.24
N ARG A 1518 59.02 -47.70 23.13
CA ARG A 1518 59.61 -47.22 21.84
C ARG A 1518 58.58 -46.51 20.96
N ILE A 1519 57.36 -46.28 21.46
CA ILE A 1519 56.28 -45.57 20.72
C ILE A 1519 55.72 -44.48 21.62
N ALA A 1520 55.86 -43.25 21.18
CA ALA A 1520 55.33 -42.08 21.90
C ALA A 1520 53.82 -42.16 21.86
N PRO A 1521 53.15 -41.68 22.92
CA PRO A 1521 51.70 -41.52 22.89
C PRO A 1521 51.20 -40.69 21.71
N LEU A 1522 51.99 -39.72 21.27
CA LEU A 1522 51.62 -38.82 20.16
C LEU A 1522 51.76 -39.59 18.84
N ARG A 1523 52.77 -40.43 18.73
CA ARG A 1523 53.00 -41.26 17.52
C ARG A 1523 51.94 -42.34 17.43
N GLY A 1524 51.64 -43.01 18.55
CA GLY A 1524 50.67 -44.12 18.60
C GLY A 1524 49.24 -43.67 18.33
N ALA A 1525 48.83 -42.51 18.83
CA ALA A 1525 47.50 -41.95 18.56
C ALA A 1525 47.28 -41.82 17.06
N LEU A 1526 48.26 -41.29 16.33
CA LEU A 1526 48.21 -41.13 14.87
C LEU A 1526 48.39 -42.48 14.20
N ALA A 1527 49.28 -43.34 14.69
CA ALA A 1527 49.51 -44.70 14.13
C ALA A 1527 48.23 -45.53 14.16
N THR A 1528 47.41 -45.33 15.18
CA THR A 1528 46.11 -46.04 15.29
C THR A 1528 45.41 -46.04 13.93
N TYR A 1529 45.40 -44.93 13.22
CA TYR A 1529 44.62 -44.74 11.98
C TYR A 1529 45.55 -44.69 10.76
N GLY A 1530 46.75 -45.20 10.89
CA GLY A 1530 47.71 -45.30 9.78
C GLY A 1530 48.39 -44.00 9.41
N LEU A 1531 48.33 -42.98 10.27
CA LEU A 1531 49.01 -41.68 10.03
C LEU A 1531 50.40 -41.73 10.64
N THR A 1532 51.28 -40.85 10.18
CA THR A 1532 52.66 -40.72 10.68
C THR A 1532 52.81 -39.32 11.24
N ILE A 1533 53.85 -39.10 12.02
CA ILE A 1533 54.06 -37.77 12.61
C ILE A 1533 54.01 -36.72 11.49
N ASP A 1534 54.48 -37.04 10.28
CA ASP A 1534 54.47 -36.15 9.10
C ASP A 1534 53.04 -35.73 8.69
N ASP A 1535 52.01 -36.50 9.06
CA ASP A 1535 50.60 -36.24 8.68
C ASP A 1535 49.93 -35.26 9.66
N LEU A 1536 50.59 -34.83 10.74
CA LEU A 1536 50.08 -33.75 11.62
C LEU A 1536 50.29 -32.38 10.97
N GLY A 1537 49.27 -31.81 10.35
CA GLY A 1537 49.46 -30.67 9.45
C GLY A 1537 49.49 -29.34 10.19
N VAL A 1538 48.66 -29.18 11.21
CA VAL A 1538 48.33 -27.86 11.78
C VAL A 1538 48.44 -27.94 13.31
N ALA A 1539 49.05 -26.95 13.89
CA ALA A 1539 49.23 -26.80 15.34
C ALA A 1539 48.46 -25.55 15.72
N SER A 1540 47.32 -25.71 16.38
CA SER A 1540 46.53 -24.61 16.95
C SER A 1540 47.24 -24.24 18.26
N PHE A 1541 47.93 -23.10 18.24
CA PHE A 1541 48.78 -22.59 19.34
C PHE A 1541 47.90 -21.86 20.34
N HIS A 1542 48.20 -22.00 21.61
CA HIS A 1542 47.62 -21.18 22.69
C HIS A 1542 47.81 -19.71 22.33
N GLY A 1543 49.03 -19.35 21.89
CA GLY A 1543 49.35 -18.09 21.17
C GLY A 1543 48.62 -16.91 21.79
N THR A 1544 48.96 -16.61 23.03
CA THR A 1544 48.32 -15.59 23.86
C THR A 1544 48.75 -14.17 23.46
N SER A 1545 49.92 -14.00 22.86
CA SER A 1545 50.51 -12.68 22.53
C SER A 1545 51.32 -12.19 23.74
N THR A 1546 51.88 -13.08 24.55
CA THR A 1546 52.80 -12.73 25.66
C THR A 1546 54.18 -13.18 25.25
N LYS A 1547 55.25 -12.54 25.76
CA LYS A 1547 56.63 -12.85 25.31
C LYS A 1547 56.99 -14.28 25.72
N ALA A 1548 56.62 -14.69 26.94
CA ALA A 1548 57.08 -15.96 27.54
C ALA A 1548 56.36 -17.16 26.92
N ASN A 1549 55.07 -17.01 26.64
CA ASN A 1549 54.18 -18.06 26.10
C ASN A 1549 54.57 -18.44 24.69
N ASP A 1550 54.60 -17.48 23.78
CA ASP A 1550 54.61 -17.76 22.34
C ASP A 1550 55.97 -18.40 21.97
N LYS A 1551 57.06 -18.00 22.64
CA LYS A 1551 58.35 -18.71 22.49
C LYS A 1551 58.23 -20.13 23.02
N ASN A 1552 57.77 -20.28 24.26
CA ASN A 1552 57.78 -21.59 24.97
C ASN A 1552 56.97 -22.60 24.17
N GLU A 1553 55.84 -22.16 23.63
CA GLU A 1553 54.94 -23.04 22.85
C GLU A 1553 55.66 -23.54 21.60
N SER A 1554 56.24 -22.64 20.82
CA SER A 1554 57.00 -22.92 19.58
C SER A 1554 58.15 -23.87 19.88
N ALA A 1555 58.90 -23.60 20.93
CA ALA A 1555 60.00 -24.46 21.40
C ALA A 1555 59.52 -25.87 21.71
N THR A 1556 58.36 -25.99 22.33
CA THR A 1556 57.79 -27.28 22.78
C THR A 1556 57.37 -28.07 21.56
N ILE A 1557 56.56 -27.48 20.69
CA ILE A 1557 56.15 -28.14 19.41
C ILE A 1557 57.42 -28.56 18.68
N ASN A 1558 58.38 -27.67 18.56
CA ASN A 1558 59.60 -27.91 17.76
C ASN A 1558 60.33 -29.11 18.35
N GLU A 1559 60.51 -29.19 19.66
CA GLU A 1559 61.24 -30.33 20.27
C GLU A 1559 60.43 -31.64 20.22
N MET A 1560 59.10 -31.60 20.18
CA MET A 1560 58.27 -32.81 20.02
C MET A 1560 58.59 -33.39 18.65
N MET A 1561 58.43 -32.56 17.61
CA MET A 1561 58.60 -32.91 16.17
C MET A 1561 60.06 -33.31 15.90
N LYS A 1562 61.05 -32.66 16.52
CA LYS A 1562 62.47 -33.04 16.33
C LYS A 1562 62.66 -34.48 16.82
N HIS A 1563 62.06 -34.80 17.97
CA HIS A 1563 62.24 -36.11 18.66
C HIS A 1563 61.65 -37.21 17.80
N LEU A 1564 60.41 -37.01 17.38
CA LEU A 1564 59.61 -38.02 16.66
C LEU A 1564 60.05 -38.07 15.20
N GLY A 1565 61.01 -37.24 14.81
CA GLY A 1565 61.74 -37.38 13.53
C GLY A 1565 60.84 -37.02 12.36
N ARG A 1566 59.98 -36.06 12.61
CA ARG A 1566 59.27 -35.23 11.61
C ARG A 1566 60.30 -34.82 10.58
N SER A 1567 59.98 -35.03 9.30
CA SER A 1567 60.91 -34.81 8.16
C SER A 1567 61.34 -33.34 8.14
N GLU A 1568 62.63 -33.06 7.90
CA GLU A 1568 63.12 -31.67 7.68
C GLU A 1568 62.36 -31.11 6.48
N GLY A 1569 62.02 -29.83 6.55
CA GLY A 1569 61.25 -29.16 5.51
C GLY A 1569 59.76 -29.42 5.61
N ASN A 1570 59.27 -30.17 6.59
CA ASN A 1570 57.81 -30.36 6.75
C ASN A 1570 57.34 -29.74 8.07
N PRO A 1571 57.36 -28.40 8.20
CA PRO A 1571 56.95 -27.76 9.44
C PRO A 1571 55.45 -27.91 9.65
N VAL A 1572 55.01 -27.75 10.89
CA VAL A 1572 53.58 -27.67 11.21
C VAL A 1572 53.19 -26.22 10.97
N ILE A 1573 51.96 -26.01 10.52
CA ILE A 1573 51.45 -24.67 10.23
C ILE A 1573 50.75 -24.17 11.49
N GLY A 1574 51.30 -23.12 12.07
CA GLY A 1574 50.80 -22.55 13.32
C GLY A 1574 49.55 -21.76 13.08
N VAL A 1575 48.47 -22.10 13.76
CA VAL A 1575 47.23 -21.30 13.75
C VAL A 1575 47.17 -20.59 15.08
N PHE A 1576 46.90 -19.28 15.05
CA PHE A 1576 46.87 -18.40 16.24
C PHE A 1576 45.53 -17.70 16.23
N GLN A 1577 44.50 -18.37 16.70
CA GLN A 1577 43.10 -17.92 16.61
C GLN A 1577 42.85 -16.68 17.49
N LYS A 1578 43.60 -16.49 18.55
CA LYS A 1578 43.40 -15.40 19.53
C LYS A 1578 43.78 -14.04 18.96
N PHE A 1579 44.31 -13.92 17.74
CA PHE A 1579 44.46 -12.58 17.14
C PHE A 1579 43.10 -11.95 16.93
N LEU A 1580 42.05 -12.79 16.88
CA LEU A 1580 40.72 -12.33 16.45
C LEU A 1580 39.79 -12.26 17.65
N THR A 1581 39.90 -13.23 18.53
CA THR A 1581 38.99 -13.41 19.66
C THR A 1581 39.57 -12.75 20.92
N GLY A 1582 40.86 -12.70 21.09
CA GLY A 1582 41.40 -12.50 22.43
C GLY A 1582 41.34 -13.78 23.21
N HIS A 1583 41.81 -13.73 24.43
CA HIS A 1583 42.04 -14.88 25.30
C HIS A 1583 40.88 -14.96 26.27
N PRO A 1584 39.96 -15.91 26.12
CA PRO A 1584 38.84 -16.03 27.04
C PRO A 1584 39.08 -16.89 28.28
N LYS A 1585 40.33 -17.14 28.66
CA LYS A 1585 40.70 -18.02 29.80
C LYS A 1585 40.08 -19.40 29.56
N GLY A 1586 39.21 -19.86 30.43
CA GLY A 1586 38.70 -21.23 30.42
C GLY A 1586 38.27 -21.69 29.05
N ALA A 1587 37.65 -20.83 28.28
CA ALA A 1587 37.09 -21.17 26.95
C ALA A 1587 38.18 -21.31 25.88
N ALA A 1588 39.41 -20.94 26.19
CA ALA A 1588 40.51 -20.72 25.22
C ALA A 1588 40.65 -21.94 24.34
N GLY A 1589 40.72 -23.09 24.96
CA GLY A 1589 40.92 -24.33 24.19
C GLY A 1589 39.66 -24.78 23.49
N ALA A 1590 38.48 -24.43 23.98
CA ALA A 1590 37.23 -24.92 23.36
C ALA A 1590 37.09 -24.20 22.03
N TRP A 1591 37.52 -22.95 21.99
CA TRP A 1591 37.47 -22.16 20.75
C TRP A 1591 38.47 -22.73 19.78
N MET A 1592 39.65 -23.07 20.28
CA MET A 1592 40.72 -23.64 19.44
C MET A 1592 40.27 -24.95 18.84
N MET A 1593 39.64 -25.78 19.64
CA MET A 1593 39.10 -27.11 19.26
C MET A 1593 38.04 -26.95 18.18
N ASN A 1594 37.21 -25.93 18.32
CA ASN A 1594 36.17 -25.65 17.31
C ASN A 1594 36.86 -25.24 16.03
N GLY A 1595 37.84 -24.35 16.11
CA GLY A 1595 38.53 -23.90 14.90
C GLY A 1595 39.23 -25.07 14.23
N ALA A 1596 39.78 -26.00 15.01
CA ALA A 1596 40.51 -27.16 14.48
C ALA A 1596 39.58 -28.03 13.68
N LEU A 1597 38.37 -28.26 14.16
CA LEU A 1597 37.42 -29.15 13.50
C LEU A 1597 36.92 -28.47 12.24
N GLN A 1598 36.81 -27.16 12.25
CA GLN A 1598 36.43 -26.38 11.06
C GLN A 1598 37.54 -26.45 10.02
N ILE A 1599 38.78 -26.46 10.47
CA ILE A 1599 39.98 -26.66 9.63
C ILE A 1599 39.92 -28.05 9.04
N LEU A 1600 39.69 -29.08 9.83
CA LEU A 1600 39.79 -30.46 9.28
C LEU A 1600 38.74 -30.64 8.20
N ASN A 1601 37.53 -30.22 8.51
CA ASN A 1601 36.37 -30.39 7.62
C ASN A 1601 36.42 -29.43 6.43
N SER A 1602 37.23 -28.40 6.41
CA SER A 1602 37.20 -27.40 5.29
C SER A 1602 38.49 -27.44 4.46
N GLY A 1603 39.60 -27.82 5.08
CA GLY A 1603 40.93 -27.83 4.46
C GLY A 1603 41.57 -26.47 4.39
N ILE A 1604 40.81 -25.43 4.75
CA ILE A 1604 41.27 -24.02 4.91
C ILE A 1604 41.98 -23.87 6.24
N ILE A 1605 43.15 -23.27 6.19
CA ILE A 1605 43.98 -22.92 7.38
C ILE A 1605 44.00 -21.41 7.50
N PRO A 1606 43.35 -20.83 8.52
CA PRO A 1606 43.21 -19.40 8.61
C PRO A 1606 44.55 -18.81 8.99
N GLY A 1607 44.81 -17.61 8.50
CA GLY A 1607 46.09 -16.94 8.78
C GLY A 1607 45.94 -15.96 9.92
N ASN A 1608 47.03 -15.69 10.60
CA ASN A 1608 47.15 -14.69 11.66
C ASN A 1608 47.27 -13.34 10.99
N ARG A 1609 46.15 -12.69 10.75
CA ARG A 1609 46.12 -11.39 10.06
C ARG A 1609 46.85 -10.30 10.87
N ASN A 1610 47.21 -10.55 12.11
CA ASN A 1610 47.98 -9.59 12.94
C ASN A 1610 49.46 -9.95 13.01
N ALA A 1611 49.93 -10.92 12.28
CA ALA A 1611 51.36 -11.30 12.18
C ALA A 1611 52.07 -10.28 11.28
N ASP A 1612 52.28 -9.06 11.78
CA ASP A 1612 52.96 -7.97 11.04
C ASP A 1612 54.36 -8.48 10.71
N ASN A 1613 55.02 -9.03 11.71
CA ASN A 1613 56.45 -9.32 11.65
C ASN A 1613 56.76 -10.41 12.67
N VAL A 1614 57.12 -11.58 12.20
CA VAL A 1614 57.31 -12.74 13.10
C VAL A 1614 58.62 -12.54 13.84
N ASP A 1615 58.65 -12.91 15.10
CA ASP A 1615 59.80 -12.66 15.99
C ASP A 1615 61.00 -13.44 15.47
N LYS A 1616 62.15 -12.81 15.41
CA LYS A 1616 63.39 -13.35 14.83
C LYS A 1616 63.81 -14.59 15.62
N ILE A 1617 63.45 -14.62 16.90
CA ILE A 1617 63.85 -15.66 17.87
C ILE A 1617 63.20 -16.98 17.43
N LEU A 1618 62.06 -16.88 16.78
CA LEU A 1618 61.25 -18.04 16.34
C LEU A 1618 61.84 -18.67 15.10
N GLU A 1619 62.78 -18.03 14.41
CA GLU A 1619 63.42 -18.59 13.20
C GLU A 1619 64.26 -19.83 13.57
N GLN A 1620 64.74 -19.92 14.81
CA GLN A 1620 65.54 -21.07 15.29
C GLN A 1620 64.71 -22.37 15.22
N PHE A 1621 63.37 -22.27 15.17
CA PHE A 1621 62.42 -23.41 15.17
C PHE A 1621 61.98 -23.78 13.75
N GLU A 1622 62.74 -24.66 13.12
CA GLU A 1622 62.59 -25.02 11.70
C GLU A 1622 61.27 -25.76 11.46
N TYR A 1623 60.66 -26.37 12.48
CA TYR A 1623 59.49 -27.28 12.34
C TYR A 1623 58.20 -26.51 12.53
N VAL A 1624 58.21 -25.19 12.62
CA VAL A 1624 56.96 -24.38 12.69
C VAL A 1624 56.97 -23.32 11.57
N LEU A 1625 55.80 -22.95 11.12
CA LEU A 1625 55.61 -21.94 10.06
C LEU A 1625 54.47 -21.02 10.50
N TYR A 1626 54.66 -19.70 10.44
CA TYR A 1626 53.73 -18.69 10.97
C TYR A 1626 53.07 -17.94 9.83
N PRO A 1627 52.03 -18.48 9.19
CA PRO A 1627 51.37 -17.79 8.09
C PRO A 1627 50.52 -16.61 8.51
N SER A 1628 50.46 -15.60 7.65
CA SER A 1628 49.76 -14.32 7.85
C SER A 1628 48.51 -14.28 7.01
N LYS A 1629 48.38 -15.17 6.04
CA LYS A 1629 47.15 -15.23 5.23
C LYS A 1629 46.67 -16.66 5.07
N THR A 1630 45.35 -16.78 4.91
CA THR A 1630 44.60 -18.03 4.80
C THR A 1630 45.08 -18.85 3.62
N LEU A 1631 45.29 -20.15 3.84
CA LEU A 1631 45.72 -21.13 2.82
C LEU A 1631 44.57 -22.09 2.62
N LYS A 1632 44.11 -22.26 1.39
CA LYS A 1632 43.16 -23.33 1.06
C LYS A 1632 44.06 -24.45 0.60
N THR A 1633 44.23 -25.46 1.44
CA THR A 1633 45.00 -26.67 1.13
C THR A 1633 44.14 -27.66 0.36
N ASP A 1634 44.72 -28.81 0.02
CA ASP A 1634 44.01 -30.01 -0.53
C ASP A 1634 43.51 -30.92 0.60
N GLY A 1635 43.79 -30.59 1.87
CA GLY A 1635 43.31 -31.36 3.03
C GLY A 1635 44.27 -31.39 4.21
N VAL A 1636 43.70 -31.33 5.40
CA VAL A 1636 44.43 -31.42 6.68
C VAL A 1636 44.03 -32.77 7.29
N ARG A 1637 44.97 -33.64 7.57
CA ARG A 1637 44.65 -34.99 8.09
C ARG A 1637 44.59 -34.93 9.63
N ALA A 1638 45.22 -33.94 10.27
CA ALA A 1638 45.27 -33.87 11.75
C ALA A 1638 45.65 -32.49 12.25
N VAL A 1639 45.13 -32.12 13.40
CA VAL A 1639 45.46 -30.87 14.09
C VAL A 1639 45.79 -31.18 15.55
N SER A 1640 46.80 -30.50 16.04
CA SER A 1640 47.26 -30.49 17.43
C SER A 1640 46.65 -29.27 18.08
N ILE A 1641 46.25 -29.35 19.34
CA ILE A 1641 45.73 -28.18 20.09
C ILE A 1641 46.51 -28.12 21.37
N THR A 1642 47.27 -27.07 21.63
CA THR A 1642 48.05 -26.93 22.89
C THR A 1642 47.49 -25.79 23.73
N SER A 1643 47.36 -26.04 25.03
CA SER A 1643 47.05 -24.99 26.01
C SER A 1643 48.11 -25.02 27.09
N PHE A 1644 48.47 -23.83 27.55
CA PHE A 1644 49.35 -23.57 28.71
C PHE A 1644 48.60 -22.66 29.65
N GLY A 1645 47.89 -23.23 30.61
CA GLY A 1645 47.29 -22.45 31.72
C GLY A 1645 48.30 -21.98 32.74
N PHE A 1646 47.87 -21.06 33.60
CA PHE A 1646 48.56 -20.69 34.86
C PHE A 1646 48.51 -21.91 35.76
N GLY A 1647 49.56 -22.13 36.53
CA GLY A 1647 49.58 -23.20 37.53
C GLY A 1647 50.08 -24.47 36.92
N GLN A 1648 50.96 -24.32 35.94
CA GLN A 1648 51.64 -25.44 35.26
C GLN A 1648 50.61 -26.37 34.62
N LYS A 1649 49.40 -25.91 34.31
CA LYS A 1649 48.44 -26.75 33.56
C LYS A 1649 48.88 -26.67 32.11
N GLY A 1650 49.48 -27.71 31.58
CA GLY A 1650 49.77 -27.80 30.15
C GLY A 1650 48.95 -28.93 29.55
N GLY A 1651 48.54 -28.81 28.31
CA GLY A 1651 47.54 -29.72 27.74
C GLY A 1651 47.74 -29.82 26.25
N GLN A 1652 47.57 -31.00 25.71
CA GLN A 1652 47.57 -31.16 24.25
C GLN A 1652 46.46 -32.10 23.86
N ALA A 1653 45.88 -31.88 22.70
CA ALA A 1653 44.89 -32.77 22.09
C ALA A 1653 45.24 -32.95 20.62
N ILE A 1654 45.02 -34.11 20.07
CA ILE A 1654 45.15 -34.36 18.61
C ILE A 1654 43.78 -34.66 18.07
N VAL A 1655 43.40 -34.07 16.96
CA VAL A 1655 42.09 -34.30 16.33
C VAL A 1655 42.38 -34.76 14.94
N VAL A 1656 41.94 -35.96 14.58
CA VAL A 1656 42.17 -36.60 13.26
C VAL A 1656 40.94 -36.39 12.39
N HIS A 1657 41.14 -36.09 11.12
CA HIS A 1657 40.06 -35.96 10.10
C HIS A 1657 39.13 -37.14 10.21
N PRO A 1658 37.80 -36.92 10.24
CA PRO A 1658 36.85 -37.99 10.56
C PRO A 1658 36.79 -39.07 9.48
N ASP A 1659 37.16 -38.74 8.25
CA ASP A 1659 37.23 -39.71 7.12
C ASP A 1659 38.16 -40.88 7.42
N TYR A 1660 39.07 -40.82 8.37
CA TYR A 1660 39.90 -41.99 8.75
C TYR A 1660 39.09 -43.02 9.56
N LEU A 1661 37.97 -42.63 10.16
CA LEU A 1661 37.11 -43.60 10.88
C LEU A 1661 36.50 -44.56 9.86
N TYR A 1662 35.86 -44.03 8.83
CA TYR A 1662 34.95 -44.72 7.90
C TYR A 1662 35.66 -45.83 7.12
N GLY A 1663 36.98 -45.81 7.10
CA GLY A 1663 37.77 -46.93 6.59
C GLY A 1663 37.88 -48.11 7.55
N ALA A 1664 37.15 -48.12 8.66
CA ALA A 1664 37.21 -49.18 9.70
C ALA A 1664 35.87 -49.88 9.81
N ILE A 1665 34.94 -49.54 8.92
CA ILE A 1665 33.61 -50.19 8.92
C ILE A 1665 33.32 -50.64 7.50
N THR A 1666 32.27 -51.44 7.37
CA THR A 1666 31.85 -52.08 6.09
C THR A 1666 31.14 -51.02 5.25
N GLU A 1667 30.99 -51.26 3.95
CA GLU A 1667 30.20 -50.41 3.06
C GLU A 1667 28.75 -50.38 3.53
N ASP A 1668 28.24 -51.45 4.13
CA ASP A 1668 26.80 -51.51 4.49
C ASP A 1668 26.56 -50.63 5.70
N ARG A 1669 27.49 -50.66 6.63
CA ARG A 1669 27.40 -49.85 7.86
C ARG A 1669 27.58 -48.37 7.50
N TYR A 1670 28.53 -48.08 6.63
CA TYR A 1670 28.76 -46.71 6.14
C TYR A 1670 27.51 -46.16 5.48
N ASN A 1671 26.79 -46.94 4.69
CA ASN A 1671 25.69 -46.38 3.88
C ASN A 1671 24.43 -46.29 4.70
N GLU A 1672 24.30 -47.14 5.71
CA GLU A 1672 23.23 -47.08 6.72
C GLU A 1672 23.47 -45.79 7.50
N TYR A 1673 24.73 -45.54 7.89
CA TYR A 1673 25.14 -44.30 8.62
C TYR A 1673 24.82 -43.11 7.75
N VAL A 1674 25.32 -43.05 6.54
CA VAL A 1674 25.13 -41.89 5.62
C VAL A 1674 23.66 -41.53 5.50
N ALA A 1675 22.78 -42.53 5.46
CA ALA A 1675 21.35 -42.27 5.29
C ALA A 1675 20.76 -41.64 6.54
N LYS A 1676 21.16 -42.10 7.74
CA LYS A 1676 20.64 -41.56 9.00
C LYS A 1676 21.13 -40.12 9.18
N VAL A 1677 22.38 -39.86 8.87
CA VAL A 1677 22.92 -38.48 9.03
C VAL A 1677 22.15 -37.53 8.13
N SER A 1678 22.02 -37.87 6.86
CA SER A 1678 21.26 -37.11 5.83
C SER A 1678 19.89 -36.76 6.38
N ALA A 1679 19.19 -37.70 7.00
CA ALA A 1679 17.84 -37.48 7.54
C ALA A 1679 17.89 -36.50 8.69
N ARG A 1680 18.78 -36.78 9.63
CA ARG A 1680 19.01 -35.96 10.83
C ARG A 1680 19.42 -34.54 10.43
N GLU A 1681 20.34 -34.38 9.50
CA GLU A 1681 20.77 -33.06 9.01
C GLU A 1681 19.56 -32.28 8.54
N LYS A 1682 18.61 -32.88 7.82
CA LYS A 1682 17.38 -32.17 7.37
C LYS A 1682 16.55 -31.75 8.58
N SER A 1683 16.29 -32.64 9.53
CA SER A 1683 15.46 -32.32 10.70
C SER A 1683 16.12 -31.23 11.53
N ALA A 1684 17.45 -31.20 11.50
CA ALA A 1684 18.27 -30.26 12.26
C ALA A 1684 18.08 -28.87 11.70
N TYR A 1685 18.15 -28.75 10.37
CA TYR A 1685 17.95 -27.50 9.62
C TYR A 1685 16.52 -26.98 9.84
N LYS A 1686 15.57 -27.88 9.88
CA LYS A 1686 14.15 -27.54 10.14
C LYS A 1686 14.04 -26.90 11.51
N PHE A 1687 14.61 -27.54 12.51
CA PHE A 1687 14.60 -27.05 13.90
C PHE A 1687 15.29 -25.71 13.98
N PHE A 1688 16.48 -25.64 13.43
CA PHE A 1688 17.32 -24.43 13.55
C PHE A 1688 16.60 -23.19 13.05
N HIS A 1689 16.08 -23.19 11.83
CA HIS A 1689 15.43 -21.99 11.24
C HIS A 1689 14.15 -21.63 12.00
N ASN A 1690 13.37 -22.65 12.31
CA ASN A 1690 12.14 -22.44 13.06
C ASN A 1690 12.55 -21.72 14.32
N GLY A 1691 13.45 -22.29 15.08
CA GLY A 1691 13.88 -21.76 16.38
C GLY A 1691 14.47 -20.39 16.25
N MET A 1692 15.22 -20.13 15.20
CA MET A 1692 15.84 -18.82 14.97
C MET A 1692 14.74 -17.77 14.84
N ILE A 1693 13.80 -17.90 13.91
CA ILE A 1693 12.81 -16.83 13.66
C ILE A 1693 11.79 -16.74 14.79
N TYR A 1694 11.52 -17.80 15.53
CA TYR A 1694 10.56 -17.71 16.66
C TYR A 1694 11.27 -17.63 18.02
N ASN A 1695 12.49 -17.13 18.06
CA ASN A 1695 13.35 -17.06 19.26
C ASN A 1695 13.01 -18.19 20.23
N LYS A 1696 13.14 -19.42 19.74
CA LYS A 1696 12.93 -20.64 20.54
C LYS A 1696 13.90 -21.72 20.10
N LEU A 1697 15.15 -21.36 19.92
CA LEU A 1697 16.21 -22.40 19.83
C LEU A 1697 16.33 -23.15 21.13
N PHE A 1698 16.44 -22.45 22.25
CA PHE A 1698 16.50 -23.08 23.59
C PHE A 1698 15.09 -23.29 24.08
N VAL A 1699 14.79 -24.51 24.48
CA VAL A 1699 13.52 -24.90 25.13
C VAL A 1699 13.87 -25.68 26.38
N SER A 1700 13.70 -25.06 27.54
CA SER A 1700 13.84 -25.71 28.86
C SER A 1700 12.83 -26.85 28.94
N LYS A 1701 13.27 -27.94 29.54
CA LYS A 1701 12.44 -29.10 29.88
C LYS A 1701 11.70 -28.73 31.17
N GLU A 1702 10.40 -28.99 31.19
CA GLU A 1702 9.52 -28.78 32.37
C GLU A 1702 9.73 -29.95 33.32
N HIS A 1703 9.81 -31.16 32.75
CA HIS A 1703 9.81 -32.47 33.45
C HIS A 1703 10.96 -33.33 32.95
N ALA A 1704 11.46 -34.20 33.82
CA ALA A 1704 12.34 -35.32 33.47
C ALA A 1704 11.63 -36.28 32.53
N PRO A 1705 12.34 -37.14 31.77
CA PRO A 1705 11.70 -38.14 30.95
C PRO A 1705 11.03 -39.28 31.76
N TYR A 1706 11.13 -39.25 33.08
CA TYR A 1706 10.48 -40.20 34.01
C TYR A 1706 9.70 -39.40 35.06
N THR A 1707 8.58 -39.96 35.50
CA THR A 1707 7.76 -39.43 36.63
C THR A 1707 8.51 -39.79 37.91
N ASP A 1708 8.23 -39.13 39.02
CA ASP A 1708 8.97 -39.31 40.30
C ASP A 1708 8.70 -40.71 40.87
N GLU A 1709 7.63 -41.39 40.43
CA GLU A 1709 7.29 -42.78 40.85
C GLU A 1709 8.21 -43.78 40.17
N LEU A 1710 8.69 -43.46 38.97
CA LEU A 1710 9.56 -44.32 38.12
C LEU A 1710 11.04 -43.95 38.23
N GLU A 1711 11.38 -42.80 38.81
CA GLU A 1711 12.76 -42.28 38.94
C GLU A 1711 13.66 -43.40 39.44
N GLU A 1712 13.33 -44.01 40.58
CA GLU A 1712 14.19 -45.05 41.23
C GLU A 1712 14.26 -46.28 40.33
N ASP A 1713 13.23 -46.59 39.57
CA ASP A 1713 13.13 -47.83 38.76
C ASP A 1713 13.97 -47.67 37.50
N VAL A 1714 13.94 -46.49 36.90
CA VAL A 1714 14.77 -46.18 35.71
C VAL A 1714 16.24 -46.17 36.11
N TYR A 1715 16.61 -45.49 37.17
CA TYR A 1715 18.02 -45.44 37.63
C TYR A 1715 18.57 -46.84 37.83
N LEU A 1716 17.79 -47.77 38.34
CA LEU A 1716 18.28 -49.11 38.70
C LEU A 1716 18.17 -50.12 37.54
N ASP A 1717 17.63 -49.78 36.38
CA ASP A 1717 17.61 -50.69 35.22
C ASP A 1717 18.52 -50.19 34.11
N PRO A 1718 19.66 -50.84 33.82
CA PRO A 1718 20.58 -50.28 32.84
C PRO A 1718 20.07 -50.31 31.40
N LEU A 1719 18.96 -51.02 31.16
CA LEU A 1719 18.46 -51.27 29.78
C LEU A 1719 17.21 -50.45 29.54
N ALA A 1720 16.82 -49.62 30.50
CA ALA A 1720 15.64 -48.76 30.35
C ALA A 1720 15.94 -47.74 29.25
N ARG A 1721 15.05 -47.58 28.28
CA ARG A 1721 15.21 -46.61 27.16
C ARG A 1721 13.95 -45.80 27.03
N VAL A 1722 14.03 -44.56 26.57
CA VAL A 1722 12.78 -43.79 26.32
C VAL A 1722 12.16 -44.30 25.03
N SER A 1723 10.88 -43.98 24.86
CA SER A 1723 10.05 -44.33 23.69
C SER A 1723 9.09 -43.17 23.48
N LYS A 1724 8.55 -43.02 22.28
CA LYS A 1724 7.57 -41.96 21.97
C LYS A 1724 6.26 -42.28 22.70
N ASP A 1725 5.76 -41.30 23.45
CA ASP A 1725 4.45 -41.31 24.15
C ASP A 1725 3.42 -40.87 23.11
N LYS A 1726 2.40 -41.70 22.83
CA LYS A 1726 1.43 -41.48 21.72
C LYS A 1726 0.57 -40.23 21.97
N LYS A 1727 0.15 -39.98 23.21
CA LYS A 1727 -0.73 -38.84 23.60
C LYS A 1727 0.04 -37.51 23.50
N SER A 1728 1.15 -37.35 24.23
CA SER A 1728 1.90 -36.07 24.40
C SER A 1728 2.87 -35.84 23.22
N GLY A 1729 3.44 -36.93 22.66
CA GLY A 1729 4.44 -36.91 21.56
C GLY A 1729 5.87 -36.82 22.06
N SER A 1730 6.05 -36.48 23.35
CA SER A 1730 7.36 -36.33 24.03
C SER A 1730 7.91 -37.71 24.39
N LEU A 1731 9.25 -37.86 24.33
CA LEU A 1731 9.96 -39.10 24.72
C LEU A 1731 9.92 -39.24 26.23
N THR A 1732 9.38 -40.33 26.74
CA THR A 1732 9.34 -40.61 28.20
C THR A 1732 9.70 -42.07 28.41
N PHE A 1733 9.92 -42.44 29.65
CA PHE A 1733 10.12 -43.82 30.12
C PHE A 1733 8.75 -44.38 30.48
N ASN A 1734 8.38 -45.45 29.78
CA ASN A 1734 7.15 -46.25 29.99
C ASN A 1734 7.45 -47.33 31.03
N SER A 1735 6.52 -47.61 31.96
CA SER A 1735 6.63 -48.68 32.99
C SER A 1735 6.82 -50.07 32.35
N LYS A 1736 6.27 -50.29 31.15
CA LYS A 1736 6.39 -51.58 30.39
C LYS A 1736 7.83 -51.86 29.99
N ASN A 1737 8.65 -50.82 29.73
CA ASN A 1737 10.04 -50.98 29.23
C ASN A 1737 11.05 -50.87 30.39
N ILE A 1738 10.66 -51.28 31.60
CA ILE A 1738 11.52 -51.23 32.81
C ILE A 1738 11.50 -52.61 33.50
N GLN A 1739 12.68 -53.20 33.65
CA GLN A 1739 12.91 -54.63 33.98
C GLN A 1739 12.00 -55.49 33.10
N SER A 1740 12.14 -55.30 31.78
CA SER A 1740 11.50 -56.03 30.66
C SER A 1740 12.43 -57.15 30.17
N LYS A 1741 11.94 -58.37 29.93
CA LYS A 1741 12.76 -59.47 29.34
C LYS A 1741 13.04 -59.17 27.86
N ASP A 1742 12.25 -58.32 27.19
CA ASP A 1742 12.40 -58.01 25.72
C ASP A 1742 13.67 -57.16 25.47
N SER A 1743 14.14 -56.47 26.51
CA SER A 1743 15.30 -55.55 26.48
C SER A 1743 16.59 -56.37 26.50
N TYR A 1744 16.60 -57.45 27.30
CA TYR A 1744 17.75 -58.33 27.61
C TYR A 1744 17.80 -59.54 26.66
N ILE A 1745 16.64 -60.08 26.30
CA ILE A 1745 16.47 -61.26 25.40
C ILE A 1745 16.00 -60.76 24.02
N ASN A 1746 16.93 -60.26 23.21
CA ASN A 1746 16.68 -59.83 21.80
C ASN A 1746 16.38 -61.05 20.92
N ALA A 1747 15.93 -60.79 19.69
CA ALA A 1747 15.50 -61.79 18.68
C ALA A 1747 16.61 -62.82 18.40
N ASN A 1748 17.89 -62.42 18.40
CA ASN A 1748 19.05 -63.31 18.10
C ASN A 1748 19.27 -64.31 19.24
N THR A 1749 18.91 -63.96 20.47
CA THR A 1749 19.10 -64.84 21.65
C THR A 1749 18.02 -65.93 21.61
N ILE A 1750 16.79 -65.55 21.28
CA ILE A 1750 15.61 -66.46 21.09
C ILE A 1750 15.96 -67.47 19.99
N GLU A 1751 16.39 -66.98 18.81
CA GLU A 1751 16.76 -67.83 17.64
C GLU A 1751 17.85 -68.83 18.07
N THR A 1752 18.86 -68.40 18.82
CA THR A 1752 20.07 -69.21 19.11
C THR A 1752 19.79 -70.17 20.26
N ALA A 1753 18.81 -69.92 21.13
CA ALA A 1753 18.42 -70.86 22.22
C ALA A 1753 17.56 -71.98 21.61
N LYS A 1754 16.64 -71.63 20.71
CA LYS A 1754 15.84 -72.59 19.89
C LYS A 1754 16.78 -73.61 19.25
N MET A 1755 17.79 -73.17 18.51
CA MET A 1755 18.79 -74.01 17.81
C MET A 1755 19.52 -74.95 18.77
N ILE A 1756 19.89 -74.48 19.97
CA ILE A 1756 20.60 -75.29 21.00
C ILE A 1756 19.60 -76.28 21.63
N GLU A 1757 18.32 -75.89 21.72
CA GLU A 1757 17.23 -76.71 22.32
C GLU A 1757 16.98 -77.95 21.45
N ASN A 1758 17.04 -77.79 20.12
CA ASN A 1758 16.80 -78.83 19.08
C ASN A 1758 18.04 -79.73 18.85
N MET A 1759 19.08 -79.66 19.71
CA MET A 1759 20.26 -80.57 19.66
C MET A 1759 20.26 -81.54 20.86
N THR A 1760 19.33 -81.37 21.81
CA THR A 1760 19.21 -82.25 23.02
C THR A 1760 18.69 -83.63 22.59
N LYS A 1761 19.08 -84.69 23.33
CA LYS A 1761 18.86 -86.13 23.00
C LYS A 1761 17.36 -86.45 22.87
N GLU A 1762 16.51 -85.78 23.67
CA GLU A 1762 15.03 -85.97 23.69
C GLU A 1762 14.40 -85.39 22.41
N LYS A 1763 15.00 -84.34 21.82
CA LYS A 1763 14.49 -83.66 20.58
C LYS A 1763 14.96 -84.44 19.34
N VAL A 1764 16.27 -84.52 19.11
CA VAL A 1764 16.89 -85.33 18.00
C VAL A 1764 18.13 -86.04 18.54
N SER A 1765 18.28 -87.31 18.18
CA SER A 1765 19.43 -88.19 18.54
C SER A 1765 19.66 -89.22 17.42
N ASN A 1766 20.87 -89.81 17.38
CA ASN A 1766 21.30 -90.85 16.42
C ASN A 1766 21.42 -90.22 15.02
N GLY A 1767 22.36 -89.27 14.90
CA GLY A 1767 22.67 -88.54 13.65
C GLY A 1767 23.89 -87.64 13.83
N GLY A 1768 24.52 -87.24 12.71
CA GLY A 1768 25.65 -86.29 12.70
C GLY A 1768 25.21 -84.91 13.14
N VAL A 1769 25.84 -84.36 14.19
CA VAL A 1769 25.55 -83.00 14.75
C VAL A 1769 26.80 -82.12 14.55
N GLY A 1770 26.63 -81.02 13.83
CA GLY A 1770 27.71 -80.04 13.52
C GLY A 1770 27.29 -78.64 13.92
N VAL A 1771 27.94 -78.10 14.96
CA VAL A 1771 27.82 -76.68 15.42
C VAL A 1771 29.01 -75.93 14.81
N ASP A 1772 28.75 -74.82 14.12
CA ASP A 1772 29.80 -73.89 13.67
C ASP A 1772 29.37 -72.43 13.89
N VAL A 1773 30.22 -71.67 14.57
CA VAL A 1773 30.07 -70.20 14.71
C VAL A 1773 31.15 -69.56 13.85
N GLU A 1774 30.83 -68.38 13.32
CA GLU A 1774 31.77 -67.45 12.66
C GLU A 1774 31.48 -66.05 13.21
N LEU A 1775 32.52 -65.29 13.56
CA LEU A 1775 32.39 -63.83 13.84
C LEU A 1775 32.21 -63.15 12.48
N ILE A 1776 31.29 -62.21 12.36
CA ILE A 1776 30.96 -61.58 11.05
C ILE A 1776 32.13 -60.71 10.57
N THR A 1777 33.07 -60.34 11.44
CA THR A 1777 34.22 -59.46 11.12
C THR A 1777 35.28 -60.26 10.33
N SER A 1778 35.21 -61.60 10.37
CA SER A 1778 36.12 -62.53 9.63
C SER A 1778 35.76 -62.58 8.14
N ILE A 1779 34.51 -62.25 7.77
CA ILE A 1779 34.02 -62.13 6.37
C ILE A 1779 34.42 -60.76 5.81
N ASN A 1780 35.35 -60.75 4.85
CA ASN A 1780 35.62 -59.58 3.97
C ASN A 1780 34.83 -59.83 2.67
N VAL A 1781 33.82 -59.00 2.38
CA VAL A 1781 32.95 -59.11 1.16
C VAL A 1781 33.64 -58.43 -0.04
N GLU A 1782 34.59 -57.54 0.22
CA GLU A 1782 35.46 -56.88 -0.80
C GLU A 1782 36.42 -57.90 -1.43
N ASN A 1783 36.95 -58.85 -0.64
CA ASN A 1783 37.82 -59.96 -1.11
C ASN A 1783 36.98 -60.92 -1.95
N ASP A 1784 36.83 -60.64 -3.25
CA ASP A 1784 35.96 -61.36 -4.21
C ASP A 1784 36.47 -62.80 -4.43
N THR A 1785 37.77 -63.07 -4.27
CA THR A 1785 38.39 -64.41 -4.49
C THR A 1785 37.83 -65.42 -3.49
N PHE A 1786 37.81 -65.07 -2.19
CA PHE A 1786 37.28 -65.92 -1.09
C PHE A 1786 35.80 -66.23 -1.32
N ILE A 1787 35.03 -65.24 -1.78
CA ILE A 1787 33.55 -65.37 -1.96
C ILE A 1787 33.30 -66.35 -3.13
N GLU A 1788 33.79 -66.04 -4.32
CA GLU A 1788 33.59 -66.83 -5.57
C GLU A 1788 34.03 -68.29 -5.38
N ARG A 1789 35.10 -68.54 -4.62
CA ARG A 1789 35.69 -69.90 -4.42
C ARG A 1789 34.86 -70.77 -3.46
N ASN A 1790 34.08 -70.17 -2.54
CA ASN A 1790 33.40 -70.89 -1.42
C ASN A 1790 31.88 -70.66 -1.42
N PHE A 1791 31.33 -69.81 -2.28
CA PHE A 1791 29.89 -69.41 -2.30
C PHE A 1791 29.37 -69.45 -3.75
N THR A 1792 28.25 -70.16 -3.96
CA THR A 1792 27.60 -70.33 -5.28
C THR A 1792 26.97 -69.01 -5.69
N PRO A 1793 26.74 -68.76 -7.00
CA PRO A 1793 26.12 -67.50 -7.45
C PRO A 1793 24.66 -67.28 -7.01
N GLN A 1794 23.95 -68.33 -6.59
CA GLN A 1794 22.58 -68.24 -5.98
C GLN A 1794 22.68 -67.66 -4.57
N GLU A 1795 23.68 -68.08 -3.78
CA GLU A 1795 23.97 -67.57 -2.41
C GLU A 1795 24.41 -66.09 -2.50
N ILE A 1796 25.37 -65.80 -3.37
CA ILE A 1796 25.98 -64.44 -3.55
C ILE A 1796 24.88 -63.41 -3.88
N GLU A 1797 23.88 -63.75 -4.70
CA GLU A 1797 22.79 -62.82 -5.10
C GLU A 1797 21.74 -62.70 -3.99
N TYR A 1798 21.58 -63.74 -3.16
CA TYR A 1798 20.65 -63.73 -1.99
C TYR A 1798 21.28 -62.91 -0.86
N CYS A 1799 22.55 -63.18 -0.53
CA CYS A 1799 23.33 -62.52 0.57
C CYS A 1799 23.42 -61.01 0.31
N SER A 1800 23.75 -60.62 -0.93
CA SER A 1800 24.07 -59.23 -1.35
C SER A 1800 22.81 -58.36 -1.45
N ALA A 1801 21.61 -58.96 -1.39
CA ALA A 1801 20.29 -58.27 -1.37
C ALA A 1801 19.86 -57.95 0.07
N GLN A 1802 20.57 -58.47 1.08
CA GLN A 1802 20.17 -58.35 2.51
C GLN A 1802 20.56 -56.97 3.05
N PRO A 1803 19.92 -56.50 4.15
CA PRO A 1803 20.33 -55.27 4.84
C PRO A 1803 21.77 -55.27 5.37
N SER A 1804 22.22 -56.36 6.01
CA SER A 1804 23.62 -56.59 6.45
C SER A 1804 24.25 -57.70 5.61
N VAL A 1805 24.93 -57.35 4.51
CA VAL A 1805 25.56 -58.31 3.57
C VAL A 1805 26.51 -59.20 4.38
N GLN A 1806 27.34 -58.57 5.20
CA GLN A 1806 28.46 -59.23 5.90
C GLN A 1806 27.93 -60.27 6.88
N SER A 1807 26.81 -60.00 7.54
CA SER A 1807 26.17 -60.86 8.57
C SER A 1807 25.53 -62.07 7.87
N SER A 1808 24.92 -61.85 6.71
CA SER A 1808 24.22 -62.89 5.90
C SER A 1808 25.26 -63.86 5.31
N PHE A 1809 26.32 -63.36 4.70
CA PHE A 1809 27.45 -64.17 4.18
C PHE A 1809 28.05 -65.02 5.30
N ALA A 1810 28.13 -64.50 6.52
CA ALA A 1810 28.70 -65.21 7.67
C ALA A 1810 27.73 -66.31 8.09
N GLY A 1811 26.42 -66.02 8.01
CA GLY A 1811 25.34 -66.99 8.28
C GLY A 1811 25.48 -68.21 7.40
N THR A 1812 25.62 -67.97 6.09
CA THR A 1812 25.84 -68.99 5.05
C THR A 1812 27.13 -69.74 5.39
N TRP A 1813 28.24 -69.04 5.57
CA TRP A 1813 29.56 -69.70 5.75
C TRP A 1813 29.51 -70.59 7.00
N SER A 1814 28.80 -70.16 8.04
CA SER A 1814 28.62 -70.96 9.28
C SER A 1814 27.83 -72.23 8.94
N ALA A 1815 26.76 -72.09 8.12
CA ALA A 1815 25.89 -73.21 7.69
C ALA A 1815 26.71 -74.23 6.92
N LYS A 1816 27.46 -73.81 5.89
CA LYS A 1816 28.35 -74.68 5.08
C LYS A 1816 29.28 -75.49 6.00
N GLU A 1817 30.00 -74.81 6.88
CA GLU A 1817 31.01 -75.45 7.78
C GLU A 1817 30.28 -76.29 8.84
N ALA A 1818 29.01 -75.98 9.14
CA ALA A 1818 28.20 -76.74 10.12
C ALA A 1818 27.75 -78.06 9.49
N VAL A 1819 27.38 -78.02 8.21
CA VAL A 1819 26.99 -79.20 7.37
C VAL A 1819 28.21 -80.12 7.24
N PHE A 1820 29.36 -79.59 6.81
CA PHE A 1820 30.65 -80.33 6.63
C PHE A 1820 31.08 -81.04 7.93
N LYS A 1821 30.83 -80.47 9.12
CA LYS A 1821 31.18 -81.11 10.42
C LYS A 1821 30.20 -82.24 10.76
N SER A 1822 28.94 -82.12 10.30
CA SER A 1822 27.85 -83.11 10.53
C SER A 1822 28.11 -84.38 9.69
N LEU A 1823 28.41 -84.21 8.40
CA LEU A 1823 28.80 -85.30 7.45
C LEU A 1823 29.95 -86.11 8.08
N GLY A 1824 31.06 -85.44 8.43
CA GLY A 1824 32.21 -86.00 9.18
C GLY A 1824 33.33 -86.49 8.26
N VAL A 1825 33.59 -85.77 7.17
CA VAL A 1825 34.41 -86.22 5.99
C VAL A 1825 35.42 -85.14 5.62
N ALA A 1833 37.38 -77.48 -0.73
CA ALA A 1833 36.59 -76.23 -0.63
C ALA A 1833 35.14 -76.53 -0.21
N LEU A 1834 34.38 -75.48 0.12
CA LEU A 1834 32.99 -75.52 0.67
C LEU A 1834 31.96 -75.27 -0.45
N LYS A 1835 32.40 -75.04 -1.69
CA LYS A 1835 31.54 -74.72 -2.87
C LYS A 1835 30.44 -75.78 -3.05
N ASP A 1836 30.78 -77.03 -2.77
CA ASP A 1836 29.96 -78.26 -2.99
C ASP A 1836 28.61 -78.10 -2.27
N ILE A 1837 28.65 -77.94 -0.95
CA ILE A 1837 27.45 -77.68 -0.09
C ILE A 1837 26.82 -76.37 -0.58
N GLU A 1838 25.51 -76.34 -0.82
CA GLU A 1838 24.78 -75.11 -1.21
C GLU A 1838 23.55 -74.93 -0.30
N ILE A 1839 23.49 -73.80 0.40
CA ILE A 1839 22.39 -73.42 1.32
C ILE A 1839 21.42 -72.54 0.51
N VAL A 1840 20.19 -73.02 0.28
CA VAL A 1840 19.09 -72.27 -0.39
C VAL A 1840 18.23 -71.60 0.69
N ARG A 1841 18.55 -70.35 1.02
CA ARG A 1841 17.83 -69.55 2.04
C ARG A 1841 16.79 -68.70 1.31
N VAL A 1842 15.57 -68.64 1.85
CA VAL A 1842 14.47 -67.71 1.44
C VAL A 1842 13.94 -67.02 2.71
N ASN A 1843 13.28 -65.87 2.54
CA ASN A 1843 12.79 -65.00 3.66
C ASN A 1843 11.84 -65.78 4.57
N LYS A 1844 11.93 -65.56 5.88
CA LYS A 1844 11.05 -66.06 6.97
C LYS A 1844 10.74 -67.57 6.81
N ASN A 1845 11.70 -68.34 6.28
CA ASN A 1845 11.62 -69.83 6.12
C ASN A 1845 12.99 -70.44 6.45
N ALA A 1846 12.99 -71.66 7.00
CA ALA A 1846 14.21 -72.45 7.27
C ALA A 1846 14.93 -72.73 5.96
N PRO A 1847 16.26 -72.56 5.90
CA PRO A 1847 17.02 -72.90 4.70
C PRO A 1847 17.23 -74.40 4.50
N ALA A 1848 17.21 -74.83 3.25
CA ALA A 1848 17.46 -76.23 2.82
C ALA A 1848 18.93 -76.38 2.39
N VAL A 1849 19.49 -77.56 2.64
CA VAL A 1849 20.86 -77.98 2.22
C VAL A 1849 20.70 -78.94 1.02
N GLU A 1850 21.54 -78.76 0.00
CA GLU A 1850 21.69 -79.73 -1.13
C GLU A 1850 23.16 -79.72 -1.57
N LEU A 1851 23.72 -80.91 -1.79
CA LEU A 1851 25.16 -81.11 -2.13
C LEU A 1851 25.27 -81.27 -3.66
N HIS A 1852 26.47 -81.06 -4.24
CA HIS A 1852 26.74 -81.13 -5.70
C HIS A 1852 27.90 -82.10 -5.98
N GLY A 1853 29.13 -81.75 -5.57
CA GLY A 1853 30.37 -82.45 -5.97
C GLY A 1853 30.73 -83.60 -5.04
N ASN A 1854 31.93 -83.55 -4.45
CA ASN A 1854 32.53 -84.62 -3.58
C ASN A 1854 31.74 -84.75 -2.26
N ALA A 1855 31.12 -83.67 -1.77
CA ALA A 1855 30.25 -83.65 -0.57
C ALA A 1855 29.05 -84.60 -0.80
N LYS A 1856 28.48 -84.60 -2.01
CA LYS A 1856 27.32 -85.46 -2.38
C LYS A 1856 27.75 -86.94 -2.42
N LYS A 1857 28.94 -87.22 -2.94
CA LYS A 1857 29.55 -88.58 -2.97
C LYS A 1857 29.74 -89.08 -1.53
N ALA A 1858 30.42 -88.30 -0.68
CA ALA A 1858 30.75 -88.63 0.73
C ALA A 1858 29.50 -88.74 1.61
N ALA A 1859 28.34 -88.20 1.16
CA ALA A 1859 27.02 -88.32 1.83
C ALA A 1859 26.38 -89.67 1.50
N GLU A 1860 26.62 -90.21 0.30
CA GLU A 1860 26.17 -91.56 -0.14
C GLU A 1860 27.08 -92.63 0.48
N GLU A 1861 28.39 -92.32 0.66
CA GLU A 1861 29.40 -93.21 1.30
C GLU A 1861 29.08 -93.37 2.80
N ALA A 1862 28.72 -92.28 3.48
CA ALA A 1862 28.31 -92.26 4.92
C ALA A 1862 26.85 -92.73 5.06
N GLY A 1863 26.05 -92.65 3.99
CA GLY A 1863 24.65 -93.09 3.94
C GLY A 1863 23.71 -92.08 4.58
N VAL A 1864 23.92 -90.79 4.26
CA VAL A 1864 23.14 -89.62 4.81
C VAL A 1864 22.08 -89.24 3.77
N THR A 1865 20.81 -89.29 4.16
CA THR A 1865 19.62 -88.99 3.32
C THR A 1865 19.29 -87.49 3.44
N ASP A 1866 18.93 -87.04 4.66
CA ASP A 1866 18.43 -85.67 4.97
C ASP A 1866 19.53 -84.89 5.73
N VAL A 1867 19.73 -83.61 5.38
CA VAL A 1867 20.61 -82.63 6.09
C VAL A 1867 19.81 -81.34 6.33
N LYS A 1868 19.28 -81.18 7.54
CA LYS A 1868 18.59 -79.93 7.99
C LYS A 1868 19.65 -79.00 8.59
N VAL A 1869 19.52 -77.68 8.41
CA VAL A 1869 20.44 -76.64 8.98
C VAL A 1869 19.62 -75.46 9.52
N SER A 1870 19.76 -75.13 10.81
CA SER A 1870 19.24 -73.88 11.43
C SER A 1870 20.36 -72.82 11.42
N ILE A 1871 20.02 -71.56 11.13
CA ILE A 1871 20.97 -70.41 11.10
C ILE A 1871 20.42 -69.31 12.04
N SER A 1872 21.34 -68.58 12.69
CA SER A 1872 21.13 -67.28 13.36
C SER A 1872 22.36 -66.40 13.15
N HIS A 1873 22.16 -65.14 12.77
CA HIS A 1873 23.22 -64.11 12.57
C HIS A 1873 22.71 -62.76 13.08
N ASP A 1874 23.56 -62.05 13.84
CA ASP A 1874 23.37 -60.65 14.29
C ASP A 1874 24.60 -59.82 13.86
N ASP A 1875 24.94 -58.77 14.62
CA ASP A 1875 26.03 -57.79 14.30
C ASP A 1875 27.40 -58.37 14.69
N LEU A 1876 27.46 -59.42 15.52
CA LEU A 1876 28.71 -59.93 16.12
C LEU A 1876 29.12 -61.26 15.47
N GLN A 1877 28.22 -62.24 15.51
CA GLN A 1877 28.50 -63.65 15.13
C GLN A 1877 27.30 -64.28 14.42
N ALA A 1878 27.60 -65.25 13.56
CA ALA A 1878 26.63 -66.18 12.93
C ALA A 1878 26.86 -67.57 13.54
N VAL A 1879 25.81 -68.18 14.09
CA VAL A 1879 25.81 -69.58 14.62
C VAL A 1879 24.92 -70.43 13.73
N ALA A 1880 25.43 -71.59 13.29
CA ALA A 1880 24.69 -72.59 12.48
C ALA A 1880 24.83 -73.97 13.12
N VAL A 1881 23.71 -74.71 13.16
CA VAL A 1881 23.57 -76.09 13.71
C VAL A 1881 22.96 -76.99 12.64
N ALA A 1882 23.80 -77.86 12.04
CA ALA A 1882 23.41 -78.84 11.00
C ALA A 1882 23.18 -80.20 11.67
N VAL A 1883 22.05 -80.85 11.33
CA VAL A 1883 21.63 -82.21 11.78
C VAL A 1883 21.46 -83.09 10.54
N SER A 1884 22.37 -84.06 10.35
CA SER A 1884 22.42 -85.00 9.20
C SER A 1884 21.89 -86.37 9.62
N THR A 1885 20.59 -86.64 9.37
CA THR A 1885 19.90 -87.92 9.66
C THR A 1885 20.12 -88.89 8.50
N LYS A 1886 20.51 -90.14 8.80
CA LYS A 1886 20.75 -91.23 7.81
C LYS A 1886 19.43 -91.94 7.52
N ILE B 140 -9.52 14.85 53.41
CA ILE B 140 -9.68 13.41 53.03
C ILE B 140 -9.72 12.56 54.31
N ALA B 141 -10.50 11.46 54.28
CA ALA B 141 -10.74 10.53 55.42
C ALA B 141 -9.56 9.55 55.57
N ASP B 142 -9.15 9.28 56.82
CA ASP B 142 -8.04 8.35 57.15
C ASP B 142 -8.58 6.92 57.27
N GLU B 143 -7.95 5.96 56.58
CA GLU B 143 -8.31 4.53 56.57
C GLU B 143 -7.02 3.71 56.69
N PRO B 144 -6.85 2.82 57.71
CA PRO B 144 -5.65 2.00 57.84
C PRO B 144 -5.48 1.01 56.67
N VAL B 145 -4.25 0.62 56.37
CA VAL B 145 -3.89 -0.11 55.12
C VAL B 145 -4.52 -1.52 55.18
N LYS B 146 -5.14 -1.95 54.08
CA LYS B 146 -5.72 -3.31 53.93
C LYS B 146 -4.59 -4.34 53.93
N ALA B 147 -4.80 -5.49 54.56
CA ALA B 147 -3.89 -6.66 54.48
C ALA B 147 -3.73 -7.11 53.03
N SER B 148 -4.80 -6.98 52.22
CA SER B 148 -4.85 -7.34 50.78
C SER B 148 -3.83 -6.53 49.97
N LEU B 149 -3.57 -5.28 50.35
CA LEU B 149 -2.59 -4.40 49.66
C LEU B 149 -1.18 -4.76 50.11
N LEU B 150 -0.95 -4.72 51.42
CA LEU B 150 0.37 -5.00 52.06
C LEU B 150 0.93 -6.31 51.51
N LEU B 151 0.16 -7.39 51.61
CA LEU B 151 0.56 -8.75 51.19
C LEU B 151 0.99 -8.71 49.71
N HIS B 152 0.11 -8.22 48.84
CA HIS B 152 0.33 -8.07 47.38
C HIS B 152 1.68 -7.38 47.12
N VAL B 153 2.01 -6.35 47.90
CA VAL B 153 3.28 -5.55 47.78
C VAL B 153 4.47 -6.41 48.22
N LEU B 154 4.39 -7.03 49.39
CA LEU B 154 5.47 -7.89 49.96
C LEU B 154 5.82 -9.05 49.03
N VAL B 155 4.86 -9.51 48.23
CA VAL B 155 5.06 -10.64 47.27
C VAL B 155 5.67 -10.06 45.99
N ALA B 156 5.02 -9.06 45.40
CA ALA B 156 5.48 -8.33 44.19
C ALA B 156 6.92 -7.86 44.38
N HIS B 157 7.25 -7.33 45.56
CA HIS B 157 8.58 -6.77 45.87
C HIS B 157 9.64 -7.87 45.79
N LYS B 158 9.40 -9.03 46.40
CA LYS B 158 10.43 -10.09 46.56
C LYS B 158 10.57 -10.98 45.32
N LEU B 159 9.76 -10.75 44.28
CA LEU B 159 9.91 -11.41 42.95
C LEU B 159 10.48 -10.44 41.91
N LYS B 160 10.77 -9.18 42.28
CA LYS B 160 11.33 -8.11 41.42
C LYS B 160 10.32 -7.76 40.32
N LYS B 161 9.04 -8.08 40.53
CA LYS B 161 7.98 -8.02 39.49
C LYS B 161 6.94 -6.97 39.87
N SER B 162 6.46 -6.21 38.89
CA SER B 162 5.47 -5.09 39.03
C SER B 162 4.20 -5.61 39.73
N LEU B 163 3.39 -4.69 40.26
CA LEU B 163 2.29 -4.98 41.23
C LEU B 163 1.15 -5.74 40.54
N ASP B 164 0.85 -5.40 39.27
CA ASP B 164 -0.26 -5.98 38.47
C ASP B 164 0.17 -7.30 37.81
N SER B 165 1.45 -7.42 37.42
CA SER B 165 2.07 -8.62 36.77
C SER B 165 1.66 -9.90 37.50
N ILE B 166 1.73 -9.90 38.84
CA ILE B 166 1.19 -11.01 39.68
C ILE B 166 -0.31 -10.77 39.88
N PRO B 167 -1.17 -11.77 39.57
CA PRO B 167 -2.59 -11.69 39.90
C PRO B 167 -2.88 -12.17 41.32
N MET B 168 -3.92 -11.61 41.96
CA MET B 168 -4.30 -11.90 43.37
C MET B 168 -4.78 -13.35 43.49
N SER B 169 -5.60 -13.83 42.56
CA SER B 169 -6.26 -15.17 42.59
C SER B 169 -5.27 -16.24 42.10
N LYS B 170 -4.18 -16.47 42.84
CA LYS B 170 -3.12 -17.45 42.50
C LYS B 170 -2.30 -17.78 43.75
N THR B 171 -1.80 -19.02 43.85
CA THR B 171 -1.06 -19.54 45.03
C THR B 171 0.39 -19.03 44.99
N ILE B 172 1.12 -19.21 46.09
CA ILE B 172 2.57 -18.87 46.21
C ILE B 172 3.33 -19.92 45.38
N LYS B 173 3.04 -21.21 45.62
CA LYS B 173 3.70 -22.39 44.99
C LYS B 173 3.53 -22.40 43.46
N ASP B 174 2.55 -21.66 42.91
CA ASP B 174 2.41 -21.46 41.44
C ASP B 174 3.49 -20.49 40.95
N LEU B 175 3.64 -19.33 41.61
CA LEU B 175 4.47 -18.17 41.16
C LEU B 175 5.96 -18.53 41.19
N VAL B 176 6.38 -19.32 42.16
CA VAL B 176 7.80 -19.68 42.43
C VAL B 176 7.94 -21.22 42.38
N GLY B 177 7.21 -21.87 41.47
CA GLY B 177 7.05 -23.33 41.38
C GLY B 177 8.38 -24.05 41.23
N GLY B 178 9.33 -23.42 40.52
CA GLY B 178 10.74 -23.84 40.49
C GLY B 178 11.33 -23.87 41.89
N LYS B 179 11.78 -22.70 42.39
CA LYS B 179 12.85 -22.59 43.41
C LYS B 179 12.25 -22.68 44.82
N SER B 180 12.58 -23.79 45.51
CA SER B 180 12.17 -24.22 46.88
C SER B 180 12.68 -23.22 47.93
N THR B 181 13.79 -22.50 47.65
CA THR B 181 14.41 -21.50 48.55
C THR B 181 13.57 -20.22 48.63
N VAL B 182 13.16 -19.66 47.48
CA VAL B 182 12.44 -18.34 47.43
C VAL B 182 11.04 -18.50 48.05
N GLN B 183 10.44 -19.69 47.94
CA GLN B 183 9.12 -20.01 48.56
C GLN B 183 9.23 -19.81 50.08
N ASN B 184 10.08 -20.59 50.76
CA ASN B 184 10.19 -20.61 52.25
C ASN B 184 10.70 -19.24 52.77
N GLU B 185 11.37 -18.46 51.90
CA GLU B 185 11.83 -17.07 52.21
C GLU B 185 10.64 -16.10 52.19
N ILE B 186 9.64 -16.32 51.33
CA ILE B 186 8.38 -15.49 51.30
C ILE B 186 7.54 -15.83 52.54
N LEU B 187 7.41 -17.11 52.88
CA LEU B 187 6.67 -17.61 54.08
C LEU B 187 7.33 -17.09 55.37
N GLY B 188 8.67 -17.09 55.41
CA GLY B 188 9.47 -16.52 56.53
C GLY B 188 9.28 -15.02 56.70
N ASP B 189 8.92 -14.29 55.64
CA ASP B 189 8.73 -12.80 55.61
C ASP B 189 7.30 -12.43 55.99
N LEU B 190 6.31 -13.21 55.57
CA LEU B 190 4.87 -13.03 55.96
C LEU B 190 4.70 -13.39 57.44
N GLY B 191 5.49 -14.36 57.93
CA GLY B 191 5.55 -14.79 59.34
C GLY B 191 5.96 -13.66 60.28
N LYS B 192 6.83 -12.74 59.82
CA LYS B 192 7.32 -11.58 60.62
C LYS B 192 6.34 -10.41 60.48
N GLU B 193 5.79 -10.19 59.28
CA GLU B 193 4.99 -9.01 58.88
C GLU B 193 3.64 -8.99 59.63
N PHE B 194 2.91 -10.11 59.61
CA PHE B 194 1.55 -10.26 60.18
C PHE B 194 1.66 -10.90 61.58
N GLY B 195 2.43 -11.99 61.72
CA GLY B 195 2.71 -12.66 63.01
C GLY B 195 2.38 -14.15 62.97
N THR B 196 1.12 -14.51 63.29
CA THR B 196 0.58 -15.89 63.19
C THR B 196 0.41 -16.26 61.71
N THR B 197 0.65 -17.53 61.34
CA THR B 197 0.54 -18.07 59.96
C THR B 197 -0.34 -19.32 59.98
N PRO B 198 -1.37 -19.44 59.10
CA PRO B 198 -2.13 -20.69 58.95
C PRO B 198 -1.29 -21.89 58.47
N GLU B 199 -1.93 -23.05 58.29
CA GLU B 199 -1.27 -24.31 57.84
C GLU B 199 -1.43 -24.44 56.31
N LYS B 200 -0.32 -24.75 55.63
CA LYS B 200 -0.21 -24.85 54.15
C LYS B 200 -0.66 -23.54 53.51
N PRO B 201 0.08 -22.42 53.70
CA PRO B 201 -0.31 -21.13 53.11
C PRO B 201 0.07 -20.95 51.62
N GLU B 202 0.96 -21.80 51.09
CA GLU B 202 1.50 -21.70 49.71
C GLU B 202 0.62 -22.48 48.72
N GLU B 203 -0.37 -23.25 49.21
CA GLU B 203 -1.34 -24.03 48.40
C GLU B 203 -2.66 -23.27 48.25
N THR B 204 -2.83 -22.15 48.96
CA THR B 204 -4.09 -21.34 49.00
C THR B 204 -3.88 -20.04 48.24
N PRO B 205 -4.84 -19.59 47.39
CA PRO B 205 -4.72 -18.31 46.68
C PRO B 205 -4.53 -17.13 47.66
N LEU B 206 -3.85 -16.08 47.20
CA LEU B 206 -3.57 -14.85 48.02
C LEU B 206 -4.89 -14.19 48.43
N GLU B 207 -5.88 -14.20 47.54
CA GLU B 207 -7.24 -13.63 47.77
C GLU B 207 -7.81 -14.20 49.07
N GLU B 208 -7.78 -15.52 49.22
CA GLU B 208 -8.23 -16.27 50.43
C GLU B 208 -7.38 -15.80 51.63
N LEU B 209 -6.05 -15.88 51.50
CA LEU B 209 -5.07 -15.65 52.60
C LEU B 209 -5.06 -14.18 53.04
N ALA B 210 -5.36 -13.25 52.12
CA ALA B 210 -5.51 -11.80 52.41
C ALA B 210 -6.60 -11.60 53.49
N GLU B 211 -7.76 -12.25 53.32
CA GLU B 211 -8.90 -12.18 54.25
C GLU B 211 -8.57 -12.92 55.56
N THR B 212 -7.82 -14.02 55.50
CA THR B 212 -7.40 -14.82 56.70
C THR B 212 -6.51 -13.97 57.62
N PHE B 213 -5.72 -13.06 57.04
CA PHE B 213 -4.80 -12.16 57.78
C PHE B 213 -5.56 -10.90 58.24
N GLN B 214 -6.53 -10.43 57.44
CA GLN B 214 -7.22 -9.11 57.57
C GLN B 214 -7.85 -8.95 58.97
N ASP B 215 -8.41 -10.03 59.53
CA ASP B 215 -9.19 -10.01 60.81
C ASP B 215 -8.29 -9.60 61.98
N THR B 216 -7.09 -10.17 62.08
CA THR B 216 -6.08 -9.93 63.15
C THR B 216 -5.30 -8.63 62.87
N PHE B 217 -5.09 -8.30 61.58
CA PHE B 217 -4.26 -7.16 61.11
C PHE B 217 -4.99 -5.83 61.39
N SER B 218 -4.31 -4.92 62.11
CA SER B 218 -4.84 -3.60 62.56
C SER B 218 -4.03 -2.44 61.96
N GLY B 219 -3.80 -2.48 60.65
CA GLY B 219 -3.23 -1.38 59.83
C GLY B 219 -1.87 -0.87 60.30
N ALA B 220 -1.08 -1.73 60.97
CA ALA B 220 0.27 -1.44 61.51
C ALA B 220 1.31 -1.99 60.53
N LEU B 221 2.29 -1.17 60.13
CA LEU B 221 3.37 -1.56 59.16
C LEU B 221 4.21 -2.71 59.71
N GLY B 222 4.31 -2.85 61.04
CA GLY B 222 5.05 -3.97 61.67
C GLY B 222 6.54 -3.84 61.42
N LYS B 223 7.23 -4.98 61.24
CA LYS B 223 8.72 -5.03 61.25
C LYS B 223 9.26 -4.94 59.82
N GLN B 224 8.91 -5.93 58.98
CA GLN B 224 9.56 -6.20 57.66
C GLN B 224 9.22 -5.07 56.68
N SER B 225 7.98 -4.59 56.63
CA SER B 225 7.54 -3.54 55.67
C SER B 225 8.21 -2.20 56.03
N SER B 226 8.19 -1.82 57.31
CA SER B 226 8.95 -0.66 57.86
C SER B 226 10.41 -0.72 57.37
N SER B 227 11.08 -1.84 57.61
CA SER B 227 12.51 -2.09 57.25
C SER B 227 12.73 -1.84 55.75
N LEU B 228 11.78 -2.29 54.92
CA LEU B 228 11.85 -2.15 53.44
C LEU B 228 11.65 -0.69 53.03
N LEU B 229 10.71 0.01 53.65
CA LEU B 229 10.40 1.43 53.37
C LEU B 229 11.59 2.33 53.77
N SER B 230 12.28 2.02 54.86
CA SER B 230 13.52 2.70 55.31
C SER B 230 14.57 2.55 54.21
N ARG B 231 14.84 1.30 53.81
CA ARG B 231 15.82 0.97 52.75
C ARG B 231 15.39 1.67 51.45
N LEU B 232 14.09 1.76 51.15
CA LEU B 232 13.62 2.39 49.89
C LEU B 232 13.96 3.87 49.92
N ILE B 233 13.85 4.50 51.08
CA ILE B 233 14.12 5.93 51.18
C ILE B 233 15.63 6.16 51.18
N SER B 234 16.36 5.33 51.89
CA SER B 234 17.79 5.54 51.99
C SER B 234 18.57 5.17 50.74
N SER B 235 18.19 4.11 50.06
CA SER B 235 18.94 3.66 48.90
C SER B 235 18.62 4.48 47.68
N LYS B 236 17.39 4.95 47.59
CA LYS B 236 17.03 5.82 46.49
C LYS B 236 16.97 7.20 47.09
N MET B 237 16.14 8.08 46.54
CA MET B 237 15.95 9.44 47.07
C MET B 237 17.14 10.46 47.06
N PRO B 238 16.85 11.79 46.89
CA PRO B 238 18.03 12.66 46.95
C PRO B 238 18.42 12.98 48.39
N GLY B 239 19.47 13.75 48.56
CA GLY B 239 19.90 14.12 49.89
C GLY B 239 18.88 15.02 50.56
N GLY B 240 18.61 14.77 51.84
CA GLY B 240 17.66 15.58 52.57
C GLY B 240 16.24 15.09 52.47
N PHE B 241 16.01 14.11 51.60
CA PHE B 241 14.67 13.59 51.42
C PHE B 241 14.45 12.41 52.34
N THR B 242 14.10 12.70 53.58
CA THR B 242 13.89 11.63 54.54
C THR B 242 12.44 11.17 54.47
N ILE B 243 12.14 10.08 55.15
CA ILE B 243 10.75 9.51 55.14
C ILE B 243 9.80 10.52 55.75
N THR B 244 10.26 11.24 56.78
CA THR B 244 9.53 12.35 57.43
C THR B 244 9.12 13.38 56.35
N VAL B 245 10.06 13.83 55.53
CA VAL B 245 9.84 14.92 54.53
C VAL B 245 8.95 14.40 53.38
N ALA B 246 8.99 13.09 53.14
CA ALA B 246 8.18 12.39 52.12
C ALA B 246 6.77 12.16 52.65
N ARG B 247 6.61 11.98 53.95
CA ARG B 247 5.27 11.92 54.59
C ARG B 247 4.67 13.33 54.56
N LYS B 248 5.41 14.33 55.08
CA LYS B 248 4.98 15.76 55.11
C LYS B 248 4.60 16.27 53.72
N TYR B 249 5.20 15.77 52.64
CA TYR B 249 4.86 16.19 51.26
C TYR B 249 3.55 15.56 50.80
N LEU B 250 3.25 14.33 51.25
CA LEU B 250 1.99 13.64 50.88
C LEU B 250 0.82 14.28 51.64
N GLN B 251 1.06 14.74 52.87
CA GLN B 251 0.08 15.46 53.72
C GLN B 251 -0.25 16.79 53.04
N THR B 252 0.77 17.63 52.84
CA THR B 252 0.63 19.04 52.37
C THR B 252 0.00 19.06 50.98
N ARG B 253 0.59 18.35 50.01
CA ARG B 253 0.16 18.39 48.59
C ARG B 253 -1.17 17.61 48.45
N TRP B 254 -1.14 16.29 48.64
CA TRP B 254 -2.28 15.39 48.30
C TRP B 254 -3.24 15.21 49.48
N GLY B 255 -2.99 15.83 50.64
CA GLY B 255 -3.91 15.79 51.79
C GLY B 255 -4.06 14.42 52.44
N LEU B 256 -3.18 13.47 52.13
CA LEU B 256 -3.26 12.05 52.63
C LEU B 256 -2.77 12.01 54.07
N PRO B 257 -3.51 11.38 55.02
CA PRO B 257 -3.03 11.18 56.39
C PRO B 257 -2.15 9.93 56.59
N SER B 258 -1.73 9.66 57.83
CA SER B 258 -0.80 8.57 58.23
C SER B 258 -1.19 7.23 57.59
N GLY B 259 -2.45 6.80 57.74
CA GLY B 259 -2.93 5.50 57.23
C GLY B 259 -2.80 5.38 55.72
N ARG B 260 -3.05 6.46 54.99
CA ARG B 260 -2.96 6.51 53.50
C ARG B 260 -1.50 6.69 53.08
N GLN B 261 -0.74 7.53 53.79
CA GLN B 261 0.71 7.74 53.58
C GLN B 261 1.39 6.38 53.48
N ASP B 262 1.27 5.58 54.54
CA ASP B 262 1.73 4.17 54.60
C ASP B 262 1.44 3.50 53.24
N GLY B 263 0.19 3.57 52.79
CA GLY B 263 -0.29 2.88 51.57
C GLY B 263 0.39 3.39 50.32
N VAL B 264 0.64 4.68 50.23
CA VAL B 264 1.35 5.31 49.09
C VAL B 264 2.80 4.79 49.07
N LEU B 265 3.43 4.78 50.24
CA LEU B 265 4.82 4.31 50.40
C LEU B 265 4.90 2.83 50.04
N LEU B 266 3.91 2.02 50.41
CA LEU B 266 3.89 0.59 49.99
C LEU B 266 3.77 0.48 48.47
N VAL B 267 3.05 1.39 47.83
CA VAL B 267 2.94 1.42 46.35
C VAL B 267 4.28 1.87 45.75
N ALA B 268 4.95 2.84 46.38
CA ALA B 268 6.30 3.31 46.02
C ALA B 268 7.28 2.12 46.02
N LEU B 269 7.16 1.25 47.04
CA LEU B 269 8.05 0.09 47.29
C LEU B 269 7.84 -0.98 46.21
N SER B 270 6.65 -1.05 45.63
CA SER B 270 6.33 -2.00 44.54
C SER B 270 6.93 -1.49 43.23
N ASN B 271 7.07 -0.17 43.09
CA ASN B 271 7.57 0.50 41.85
C ASN B 271 8.92 1.20 42.11
N GLU B 272 9.79 0.60 42.96
CA GLU B 272 11.19 1.05 43.18
C GLU B 272 11.79 1.54 41.85
N PRO B 273 12.35 2.80 41.82
CA PRO B 273 12.81 3.21 40.49
C PRO B 273 14.19 2.66 40.12
N ALA B 274 14.77 1.81 40.95
CA ALA B 274 16.08 1.21 40.67
C ALA B 274 17.15 2.18 40.18
N ALA B 275 17.26 3.34 40.82
CA ALA B 275 18.29 4.30 40.46
C ALA B 275 18.65 5.06 41.70
N ARG B 276 18.29 6.34 41.75
CA ARG B 276 18.54 7.18 42.92
C ARG B 276 17.98 8.47 42.41
N LEU B 277 16.84 8.89 42.93
CA LEU B 277 16.21 10.11 42.46
C LEU B 277 17.22 11.21 42.62
N GLY B 278 17.61 11.84 41.52
CA GLY B 278 18.67 12.84 41.60
C GLY B 278 18.30 14.16 42.24
N SER B 279 17.13 14.67 41.90
CA SER B 279 16.75 15.97 42.41
C SER B 279 15.52 15.86 43.29
N GLU B 280 15.31 16.87 44.15
CA GLU B 280 14.08 16.88 44.98
C GLU B 280 12.84 16.77 44.07
N ALA B 281 12.75 17.61 43.05
CA ALA B 281 11.64 17.68 42.05
C ALA B 281 11.32 16.28 41.48
N ASP B 282 12.35 15.55 41.05
CA ASP B 282 12.23 14.19 40.42
C ASP B 282 11.57 13.21 41.40
N ALA B 283 11.74 13.43 42.72
CA ALA B 283 11.23 12.57 43.81
C ALA B 283 9.76 12.89 44.11
N LYS B 284 9.45 14.18 44.22
CA LYS B 284 8.07 14.72 44.35
C LYS B 284 7.22 14.10 43.24
N ALA B 285 7.65 14.25 41.98
CA ALA B 285 7.05 13.64 40.77
C ALA B 285 6.80 12.15 40.97
N PHE B 286 7.77 11.44 41.54
CA PHE B 286 7.69 9.98 41.83
C PHE B 286 6.58 9.73 42.87
N LEU B 287 6.57 10.49 43.97
CA LEU B 287 5.53 10.42 45.03
C LEU B 287 4.16 10.87 44.47
N ASP B 288 4.15 11.83 43.55
CA ASP B 288 2.93 12.19 42.78
C ASP B 288 2.43 10.92 42.09
N SER B 289 3.20 10.39 41.12
CA SER B 289 2.83 9.21 40.28
C SER B 289 2.44 8.01 41.14
N MET B 290 2.93 7.90 42.39
CA MET B 290 2.63 6.78 43.33
C MET B 290 1.30 7.04 44.04
N ALA B 291 0.98 8.31 44.31
CA ALA B 291 -0.30 8.74 44.92
C ALA B 291 -1.46 8.42 43.98
N GLN B 292 -1.34 8.78 42.69
CA GLN B 292 -2.34 8.41 41.65
C GLN B 292 -2.52 6.88 41.65
N LYS B 293 -1.42 6.13 41.58
CA LYS B 293 -1.43 4.63 41.52
C LYS B 293 -1.98 4.04 42.82
N TYR B 294 -1.94 4.78 43.92
CA TYR B 294 -2.57 4.40 45.21
C TYR B 294 -4.07 4.69 45.15
N ALA B 295 -4.44 5.83 44.58
CA ALA B 295 -5.83 6.28 44.42
C ALA B 295 -6.59 5.34 43.49
N SER B 296 -5.94 4.86 42.41
CA SER B 296 -6.53 3.95 41.39
C SER B 296 -6.86 2.60 42.01
N ILE B 297 -5.95 2.03 42.81
CA ILE B 297 -6.08 0.65 43.41
C ILE B 297 -7.09 0.68 44.57
N VAL B 298 -7.05 1.69 45.44
CA VAL B 298 -7.98 1.83 46.61
C VAL B 298 -9.36 2.25 46.10
N GLY B 299 -9.40 3.25 45.22
CA GLY B 299 -10.64 3.89 44.74
C GLY B 299 -10.99 5.11 45.58
N VAL B 300 -10.22 6.19 45.42
CA VAL B 300 -10.48 7.56 45.99
C VAL B 300 -10.21 8.61 44.89
N ASP B 301 -10.22 9.90 45.24
CA ASP B 301 -9.99 11.02 44.28
C ASP B 301 -9.15 12.13 44.93
N LEU B 302 -8.37 12.85 44.10
CA LEU B 302 -7.45 13.95 44.51
C LEU B 302 -7.63 15.14 43.54
N SER C 5 -90.25 34.40 0.04
CA SER C 5 -89.06 35.11 0.62
C SER C 5 -88.38 34.25 1.69
N THR C 6 -87.12 34.57 2.02
CA THR C 6 -86.26 33.80 2.97
C THR C 6 -85.09 34.67 3.47
N ARG C 7 -84.67 34.46 4.74
CA ARG C 7 -83.58 35.20 5.43
C ARG C 7 -82.50 34.22 5.89
N PRO C 8 -81.20 34.44 5.54
CA PRO C 8 -80.12 33.60 6.06
C PRO C 8 -79.94 33.69 7.59
N LEU C 9 -79.94 32.53 8.27
CA LEU C 9 -79.63 32.38 9.72
C LEU C 9 -78.28 31.68 9.89
N THR C 10 -77.30 32.41 10.42
CA THR C 10 -75.93 31.93 10.72
C THR C 10 -75.94 31.30 12.12
N LEU C 11 -75.87 29.96 12.22
CA LEU C 11 -75.61 29.22 13.49
C LEU C 11 -74.21 28.59 13.41
N SER C 12 -73.37 28.88 14.40
CA SER C 12 -71.89 28.66 14.35
C SER C 12 -71.34 28.32 15.74
N HIS C 13 -70.06 27.95 15.75
CA HIS C 13 -69.27 27.57 16.94
C HIS C 13 -67.79 27.71 16.55
N GLY C 14 -67.23 28.91 16.70
CA GLY C 14 -65.85 29.21 16.28
C GLY C 14 -65.72 29.17 14.77
N SER C 15 -64.75 28.40 14.25
CA SER C 15 -64.38 28.34 12.80
C SER C 15 -65.52 27.70 11.98
N LEU C 16 -66.10 26.59 12.46
CA LEU C 16 -67.22 25.88 11.77
C LEU C 16 -68.51 26.70 11.92
N GLU C 17 -69.35 26.63 10.90
CA GLU C 17 -70.53 27.53 10.69
C GLU C 17 -71.47 26.86 9.68
N HIS C 18 -72.78 27.10 9.78
CA HIS C 18 -73.81 26.63 8.82
C HIS C 18 -74.87 27.72 8.60
N VAL C 19 -75.17 28.04 7.34
CA VAL C 19 -76.22 29.01 6.91
C VAL C 19 -77.51 28.22 6.67
N LEU C 20 -78.64 28.66 7.25
CA LEU C 20 -79.97 28.03 7.07
C LEU C 20 -80.96 29.07 6.50
N LEU C 21 -81.53 28.81 5.32
CA LEU C 21 -82.50 29.71 4.62
C LEU C 21 -83.88 29.56 5.25
N VAL C 22 -84.13 30.26 6.36
CA VAL C 22 -85.41 30.22 7.13
C VAL C 22 -86.41 31.13 6.43
N PRO C 23 -87.67 30.69 6.19
CA PRO C 23 -88.72 31.60 5.69
C PRO C 23 -89.05 32.70 6.71
N THR C 24 -89.32 33.93 6.23
CA THR C 24 -89.52 35.16 7.06
C THR C 24 -90.82 35.07 7.89
N ALA C 25 -91.81 34.29 7.42
CA ALA C 25 -93.12 34.05 8.09
C ALA C 25 -92.94 33.39 9.47
N SER C 26 -91.82 32.67 9.67
CA SER C 26 -91.43 32.00 10.94
C SER C 26 -89.94 32.24 11.25
N PHE C 27 -89.40 33.43 10.93
CA PHE C 27 -87.98 33.79 11.19
C PHE C 27 -87.81 34.21 12.66
N PHE C 28 -88.73 35.00 13.21
CA PHE C 28 -88.66 35.54 14.60
C PHE C 28 -88.49 34.37 15.60
N ILE C 29 -89.13 33.23 15.32
CA ILE C 29 -89.08 32.00 16.17
C ILE C 29 -87.69 31.36 16.04
N ALA C 30 -87.17 31.21 14.82
CA ALA C 30 -85.86 30.58 14.53
C ALA C 30 -84.70 31.37 15.15
N SER C 31 -84.83 32.69 15.30
CA SER C 31 -83.83 33.59 15.94
C SER C 31 -83.92 33.46 17.47
N GLN C 32 -85.13 33.29 18.01
CA GLN C 32 -85.40 33.01 19.45
C GLN C 32 -84.56 31.80 19.88
N LEU C 33 -84.63 30.71 19.11
CA LEU C 33 -83.87 29.45 19.33
C LEU C 33 -82.37 29.70 19.13
N GLN C 34 -81.99 30.35 18.03
CA GLN C 34 -80.58 30.65 17.65
C GLN C 34 -79.81 31.27 18.83
N GLU C 35 -80.44 32.22 19.54
CA GLU C 35 -79.86 32.87 20.74
C GLU C 35 -79.78 31.83 21.86
N GLN C 36 -80.92 31.19 22.19
CA GLN C 36 -81.08 30.20 23.29
C GLN C 36 -80.10 29.03 23.11
N PHE C 37 -79.92 28.56 21.87
CA PHE C 37 -78.95 27.50 21.50
C PHE C 37 -77.52 28.00 21.70
N ASN C 38 -77.25 29.28 21.39
CA ASN C 38 -75.89 29.90 21.49
C ASN C 38 -75.48 30.06 22.97
N LYS C 39 -76.43 30.06 23.92
CA LYS C 39 -76.20 30.12 25.39
C LYS C 39 -75.71 28.76 25.90
N ILE C 40 -76.45 27.67 25.64
CA ILE C 40 -76.15 26.28 26.13
C ILE C 40 -74.86 25.76 25.48
N LEU C 41 -74.65 26.06 24.19
CA LEU C 41 -73.43 25.69 23.43
C LEU C 41 -72.23 26.34 24.14
N PRO C 42 -71.18 25.57 24.50
CA PRO C 42 -70.04 26.12 25.24
C PRO C 42 -69.13 27.00 24.38
N GLU C 43 -68.01 27.45 24.95
CA GLU C 43 -66.99 28.29 24.25
C GLU C 43 -66.21 27.44 23.25
N PRO C 44 -65.91 27.94 22.02
CA PRO C 44 -65.06 27.21 21.06
C PRO C 44 -63.57 27.20 21.44
N THR C 45 -63.01 26.00 21.65
CA THR C 45 -61.57 25.75 21.94
C THR C 45 -60.84 25.38 20.64
N GLU C 46 -59.57 24.94 20.75
CA GLU C 46 -58.72 24.46 19.63
C GLU C 46 -58.99 22.96 19.39
N GLY C 47 -59.34 22.59 18.15
CA GLY C 47 -59.57 21.19 17.72
C GLY C 47 -60.89 20.61 18.21
N PHE C 48 -61.64 21.33 19.05
CA PHE C 48 -62.97 20.96 19.61
C PHE C 48 -62.89 19.65 20.40
N ALA C 49 -61.73 19.35 21.00
CA ALA C 49 -61.39 18.07 21.67
C ALA C 49 -62.25 17.85 22.93
N ALA C 50 -62.75 18.93 23.55
CA ALA C 50 -63.62 18.89 24.76
C ALA C 50 -64.97 18.26 24.43
N ASP C 51 -65.67 17.76 25.45
CA ASP C 51 -66.98 17.04 25.34
C ASP C 51 -68.11 18.07 25.19
N ASP C 52 -69.31 17.58 24.82
CA ASP C 52 -70.59 18.32 24.55
C ASP C 52 -70.35 19.52 23.61
N GLU C 53 -69.44 19.35 22.63
CA GLU C 53 -68.92 20.40 21.72
C GLU C 53 -68.82 19.86 20.29
N PRO C 54 -69.49 20.47 19.28
CA PRO C 54 -69.42 19.97 17.91
C PRO C 54 -68.02 20.12 17.30
N THR C 55 -67.67 19.22 16.37
CA THR C 55 -66.33 19.11 15.70
C THR C 55 -66.44 19.33 14.18
N THR C 56 -67.62 19.10 13.60
CA THR C 56 -67.92 19.40 12.17
C THR C 56 -69.24 20.17 12.10
N PRO C 57 -69.51 20.85 10.96
CA PRO C 57 -70.80 21.51 10.74
C PRO C 57 -72.01 20.60 10.99
N ALA C 58 -71.89 19.35 10.52
CA ALA C 58 -72.93 18.30 10.60
C ALA C 58 -73.29 18.03 12.07
N GLU C 59 -72.30 17.92 12.96
CA GLU C 59 -72.52 17.71 14.42
C GLU C 59 -73.28 18.91 15.00
N LEU C 60 -72.87 20.13 14.65
CA LEU C 60 -73.48 21.40 15.12
C LEU C 60 -74.97 21.45 14.71
N VAL C 61 -75.28 21.15 13.45
CA VAL C 61 -76.69 21.16 12.97
C VAL C 61 -77.46 20.06 13.69
N GLY C 62 -76.79 18.93 13.96
CA GLY C 62 -77.30 17.84 14.82
C GLY C 62 -77.70 18.40 16.16
N LYS C 63 -76.75 18.98 16.89
CA LYS C 63 -76.95 19.54 18.26
C LYS C 63 -78.19 20.44 18.23
N PHE C 64 -78.29 21.27 17.18
CA PHE C 64 -79.39 22.26 16.99
C PHE C 64 -80.72 21.53 16.85
N LEU C 65 -80.74 20.41 16.11
CA LEU C 65 -81.95 19.55 15.94
C LEU C 65 -82.31 18.92 17.29
N GLY C 66 -81.30 18.47 18.04
CA GLY C 66 -81.43 17.87 19.39
C GLY C 66 -82.05 18.83 20.37
N TYR C 67 -81.60 20.10 20.34
CA TYR C 67 -82.10 21.19 21.22
C TYR C 67 -83.55 21.56 20.83
N VAL C 68 -83.83 21.72 19.54
CA VAL C 68 -85.18 22.13 19.05
C VAL C 68 -86.18 21.02 19.39
N SER C 69 -85.74 19.76 19.28
CA SER C 69 -86.58 18.56 19.52
C SER C 69 -86.86 18.36 21.01
N SER C 70 -85.99 18.88 21.89
CA SER C 70 -86.15 18.77 23.37
C SER C 70 -87.33 19.64 23.86
N LEU C 71 -87.53 20.83 23.28
CA LEU C 71 -88.60 21.79 23.66
C LEU C 71 -89.94 21.36 23.08
N VAL C 72 -89.92 20.87 21.83
CA VAL C 72 -91.09 20.26 21.13
C VAL C 72 -91.60 19.10 21.97
N GLU C 73 -92.91 18.82 21.91
CA GLU C 73 -93.55 17.63 22.54
C GLU C 73 -94.59 17.08 21.56
N PRO C 74 -94.62 15.74 21.31
CA PRO C 74 -95.37 15.19 20.16
C PRO C 74 -96.90 15.15 20.31
N SER C 75 -97.42 15.22 21.54
CA SER C 75 -98.87 15.14 21.88
C SER C 75 -99.63 16.32 21.26
N LYS C 76 -99.31 17.55 21.68
CA LYS C 76 -99.94 18.82 21.21
C LYS C 76 -99.02 19.47 20.15
N VAL C 77 -99.62 20.19 19.19
CA VAL C 77 -98.91 20.94 18.11
C VAL C 77 -98.47 22.29 18.71
N GLY C 78 -97.16 22.54 18.80
CA GLY C 78 -96.56 23.78 19.34
C GLY C 78 -96.28 24.78 18.24
N GLN C 79 -95.45 25.79 18.54
CA GLN C 79 -94.98 26.81 17.56
C GLN C 79 -93.72 26.30 16.86
N PHE C 80 -92.85 25.57 17.57
CA PHE C 80 -91.49 25.18 17.13
C PHE C 80 -91.52 24.05 16.08
N ASP C 81 -92.64 23.32 15.97
CA ASP C 81 -92.84 22.16 15.03
C ASP C 81 -92.37 22.54 13.62
N GLN C 82 -92.82 23.68 13.08
CA GLN C 82 -92.59 24.16 11.69
C GLN C 82 -91.12 24.54 11.48
N VAL C 83 -90.35 24.74 12.56
CA VAL C 83 -88.87 25.01 12.53
C VAL C 83 -88.14 23.66 12.51
N LEU C 84 -88.54 22.71 13.37
CA LEU C 84 -87.95 21.34 13.44
C LEU C 84 -88.13 20.67 12.07
N ASN C 85 -89.37 20.62 11.56
CA ASN C 85 -89.74 20.08 10.22
C ASN C 85 -88.78 20.59 9.14
N LEU C 86 -88.37 21.86 9.21
CA LEU C 86 -87.56 22.52 8.17
C LEU C 86 -86.06 22.27 8.40
N CYS C 87 -85.54 22.58 9.59
CA CYS C 87 -84.10 22.46 9.96
C CYS C 87 -83.60 21.03 9.72
N LEU C 88 -84.50 20.05 9.94
CA LEU C 88 -84.29 18.61 9.68
C LEU C 88 -84.17 18.36 8.17
N THR C 89 -85.12 18.88 7.40
CA THR C 89 -85.16 18.84 5.90
C THR C 89 -83.89 19.47 5.31
N GLU C 90 -83.25 20.42 6.01
CA GLU C 90 -81.97 21.01 5.54
C GLU C 90 -80.81 20.05 5.81
N PHE C 91 -80.82 19.37 6.96
CA PHE C 91 -79.84 18.32 7.33
C PHE C 91 -79.84 17.22 6.26
N GLU C 92 -81.04 16.73 5.91
CA GLU C 92 -81.30 15.67 4.90
C GLU C 92 -80.73 16.07 3.52
N ASN C 93 -80.96 17.30 3.08
CA ASN C 93 -80.61 17.76 1.69
C ASN C 93 -79.12 18.07 1.56
N CYS C 94 -78.41 18.39 2.66
CA CYS C 94 -77.00 18.87 2.67
C CYS C 94 -76.01 17.73 2.90
N TYR C 95 -76.23 16.92 3.96
CA TYR C 95 -75.25 15.97 4.54
C TYR C 95 -75.66 14.49 4.36
N LEU C 96 -76.95 14.18 4.24
CA LEU C 96 -77.48 12.82 3.94
C LEU C 96 -77.85 12.72 2.46
N GLU C 97 -76.85 12.55 1.58
CA GLU C 97 -77.03 12.50 0.11
C GLU C 97 -77.81 11.22 -0.27
N GLY C 98 -79.07 11.10 0.17
CA GLY C 98 -79.91 9.89 0.05
C GLY C 98 -79.65 8.85 1.14
N ASN C 99 -78.38 8.71 1.57
CA ASN C 99 -77.88 7.72 2.55
C ASN C 99 -78.70 7.76 3.85
N ASP C 100 -78.47 6.78 4.71
CA ASP C 100 -79.02 6.70 6.09
C ASP C 100 -78.04 7.42 7.02
N ILE C 101 -78.53 7.77 8.21
CA ILE C 101 -77.78 8.55 9.25
C ILE C 101 -76.43 7.87 9.57
N HIS C 102 -76.44 6.54 9.73
CA HIS C 102 -75.26 5.72 10.12
C HIS C 102 -74.13 5.86 9.09
N ALA C 103 -74.44 6.06 7.80
CA ALA C 103 -73.45 6.12 6.70
C ALA C 103 -72.67 7.44 6.79
N LEU C 104 -73.36 8.53 7.14
CA LEU C 104 -72.74 9.86 7.46
C LEU C 104 -71.87 9.71 8.72
N ALA C 105 -72.49 9.26 9.81
CA ALA C 105 -71.86 8.94 11.11
C ALA C 105 -70.49 8.28 10.90
N ALA C 106 -70.45 7.24 10.06
CA ALA C 106 -69.22 6.46 9.71
C ALA C 106 -68.24 7.37 8.96
N LYS C 107 -68.75 8.15 8.00
CA LYS C 107 -67.93 9.00 7.09
C LYS C 107 -67.22 10.10 7.91
N LEU C 108 -67.87 10.61 8.96
CA LEU C 108 -67.30 11.66 9.85
C LEU C 108 -66.23 11.06 10.76
N LEU C 109 -66.30 9.77 11.09
CA LEU C 109 -65.33 9.12 12.02
C LEU C 109 -63.95 8.99 11.36
N GLN C 110 -63.89 8.50 10.13
CA GLN C 110 -62.61 8.13 9.45
C GLN C 110 -61.93 9.38 8.86
N GLU C 111 -62.70 10.29 8.24
CA GLU C 111 -62.17 11.51 7.56
C GLU C 111 -61.79 12.58 8.61
N ASN C 112 -62.79 13.12 9.32
CA ASN C 112 -62.65 14.18 10.35
C ASN C 112 -62.08 13.56 11.64
N ASP C 113 -61.75 14.40 12.63
CA ASP C 113 -61.20 14.01 13.96
C ASP C 113 -62.34 13.96 14.99
N THR C 114 -63.44 13.31 14.61
CA THR C 114 -64.63 13.04 15.46
C THR C 114 -64.31 11.79 16.29
N THR C 115 -64.74 11.77 17.55
CA THR C 115 -64.68 10.59 18.46
C THR C 115 -66.00 9.82 18.33
N LEU C 116 -66.00 8.56 18.78
CA LEU C 116 -67.17 7.65 18.67
C LEU C 116 -68.37 8.28 19.38
N VAL C 117 -68.22 8.68 20.65
CA VAL C 117 -69.30 9.25 21.52
C VAL C 117 -70.03 10.41 20.82
N LYS C 118 -69.33 11.28 20.05
CA LYS C 118 -69.91 12.47 19.35
C LYS C 118 -70.85 12.02 18.23
N THR C 119 -70.36 11.06 17.44
CA THR C 119 -71.08 10.37 16.35
C THR C 119 -72.35 9.70 16.90
N LYS C 120 -72.26 8.98 18.02
CA LYS C 120 -73.44 8.38 18.71
C LYS C 120 -74.42 9.50 19.08
N GLU C 121 -73.92 10.62 19.60
CA GLU C 121 -74.74 11.80 19.98
C GLU C 121 -75.45 12.34 18.74
N LEU C 122 -74.74 12.44 17.61
CA LEU C 122 -75.25 12.95 16.30
C LEU C 122 -76.40 12.08 15.77
N ILE C 123 -76.28 10.76 15.90
CA ILE C 123 -77.30 9.76 15.49
C ILE C 123 -78.54 9.92 16.38
N LYS C 124 -78.35 10.02 17.71
CA LYS C 124 -79.46 10.18 18.68
C LYS C 124 -80.29 11.39 18.27
N ASN C 125 -79.60 12.51 18.07
CA ASN C 125 -80.20 13.83 17.77
C ASN C 125 -81.07 13.68 16.52
N TYR C 126 -80.46 13.25 15.42
CA TYR C 126 -81.16 13.03 14.13
C TYR C 126 -82.38 12.12 14.32
N ILE C 127 -82.23 11.00 15.02
CA ILE C 127 -83.29 9.95 15.12
C ILE C 127 -84.44 10.52 15.96
N THR C 128 -84.12 11.12 17.10
CA THR C 128 -85.08 11.83 18.00
C THR C 128 -85.87 12.84 17.15
N ALA C 129 -85.13 13.75 16.51
CA ALA C 129 -85.65 14.83 15.62
C ALA C 129 -86.67 14.23 14.66
N ARG C 130 -86.24 13.28 13.82
CA ARG C 130 -87.10 12.56 12.83
C ARG C 130 -88.42 12.15 13.49
N ILE C 131 -88.39 11.59 14.70
CA ILE C 131 -89.58 10.95 15.34
C ILE C 131 -90.50 12.05 15.89
N MET C 132 -89.93 13.05 16.57
CA MET C 132 -90.69 14.09 17.32
C MET C 132 -91.25 15.14 16.36
N ALA C 133 -90.72 15.22 15.13
CA ALA C 133 -91.24 16.03 14.01
C ALA C 133 -92.38 15.31 13.26
N LYS C 134 -92.88 14.17 13.79
CA LYS C 134 -94.02 13.40 13.25
C LYS C 134 -93.70 12.86 11.84
N ARG C 135 -92.42 12.57 11.59
CA ARG C 135 -91.90 11.95 10.33
C ARG C 135 -91.25 10.61 10.68
N PRO C 136 -92.04 9.54 10.91
CA PRO C 136 -91.49 8.25 11.32
C PRO C 136 -90.78 7.56 10.16
N PHE C 137 -90.04 6.48 10.44
CA PHE C 137 -89.40 5.61 9.42
C PHE C 137 -90.46 4.60 8.95
N ASP C 138 -91.30 5.01 7.99
CA ASP C 138 -92.44 4.23 7.44
C ASP C 138 -92.05 3.63 6.08
N LYS C 139 -91.38 4.42 5.23
CA LYS C 139 -90.96 3.99 3.87
C LYS C 139 -89.78 3.03 3.99
N LYS C 140 -89.71 2.04 3.09
CA LYS C 140 -88.62 1.03 3.03
C LYS C 140 -87.37 1.68 2.42
N SER C 141 -86.23 1.63 3.14
CA SER C 141 -84.94 2.19 2.68
C SER C 141 -84.44 1.42 1.44
N ASN C 142 -83.59 2.07 0.66
CA ASN C 142 -82.98 1.51 -0.58
C ASN C 142 -81.63 0.91 -0.22
N SER C 143 -81.53 0.21 0.93
CA SER C 143 -80.24 -0.35 1.44
C SER C 143 -79.72 -1.38 0.44
N ALA C 144 -78.47 -1.22 0.01
CA ALA C 144 -77.86 -2.06 -1.05
C ALA C 144 -78.07 -3.52 -0.71
N LEU C 145 -77.78 -3.90 0.55
CA LEU C 145 -77.84 -5.30 1.02
C LEU C 145 -79.23 -5.85 0.77
N PHE C 146 -80.27 -5.20 1.29
CA PHE C 146 -81.67 -5.69 1.21
C PHE C 146 -82.24 -5.53 -0.20
N ARG C 147 -81.63 -4.67 -1.03
CA ARG C 147 -81.90 -4.65 -2.49
C ARG C 147 -81.38 -5.97 -3.07
N ALA C 148 -80.13 -6.32 -2.77
CA ALA C 148 -79.39 -7.48 -3.34
C ALA C 148 -80.04 -8.80 -2.91
N VAL C 149 -80.65 -8.84 -1.73
CA VAL C 149 -81.32 -10.06 -1.19
C VAL C 149 -82.66 -10.29 -1.90
N GLY C 150 -83.38 -9.21 -2.22
CA GLY C 150 -84.62 -9.24 -3.01
C GLY C 150 -84.38 -9.79 -4.40
N GLU C 151 -83.31 -9.32 -5.06
CA GLU C 151 -82.87 -9.72 -6.43
C GLU C 151 -82.40 -11.18 -6.43
N GLY C 152 -81.60 -11.58 -5.42
CA GLY C 152 -81.07 -12.94 -5.24
C GLY C 152 -79.54 -13.02 -5.32
N ASN C 153 -78.84 -11.87 -5.26
CA ASN C 153 -77.35 -11.76 -5.29
C ASN C 153 -76.73 -11.86 -3.88
N ALA C 154 -77.54 -11.93 -2.80
CA ALA C 154 -77.10 -12.05 -1.40
C ALA C 154 -78.04 -12.97 -0.61
N GLN C 155 -77.50 -13.66 0.40
CA GLN C 155 -78.23 -14.60 1.30
C GLN C 155 -77.83 -14.27 2.74
N LEU C 156 -78.77 -13.75 3.51
CA LEU C 156 -78.52 -13.22 4.87
C LEU C 156 -78.84 -14.31 5.87
N VAL C 157 -77.91 -14.56 6.78
CA VAL C 157 -78.17 -15.38 8.00
C VAL C 157 -77.91 -14.48 9.22
N ALA C 158 -78.80 -14.53 10.20
CA ALA C 158 -78.69 -13.83 11.51
C ALA C 158 -78.06 -14.77 12.54
N ILE C 159 -77.05 -14.32 13.26
CA ILE C 159 -76.48 -15.09 14.41
C ILE C 159 -76.58 -14.22 15.67
N PHE C 160 -76.88 -14.85 16.79
CA PHE C 160 -76.97 -14.22 18.13
C PHE C 160 -75.95 -14.89 19.06
N GLY C 161 -75.15 -14.06 19.72
CA GLY C 161 -74.04 -14.52 20.56
C GLY C 161 -74.59 -14.98 21.88
N GLY C 162 -73.80 -14.88 22.93
CA GLY C 162 -74.26 -15.20 24.29
C GLY C 162 -73.28 -14.74 25.33
N GLN C 163 -73.04 -15.60 26.31
CA GLN C 163 -72.16 -15.31 27.46
C GLN C 163 -70.71 -15.38 26.99
N GLY C 164 -69.80 -14.82 27.78
CA GLY C 164 -68.35 -14.95 27.58
C GLY C 164 -67.94 -14.33 26.27
N ASN C 165 -68.16 -13.03 26.14
CA ASN C 165 -67.73 -12.18 25.01
C ASN C 165 -67.18 -10.85 25.54
N THR C 166 -67.90 -10.23 26.48
CA THR C 166 -67.42 -9.07 27.26
C THR C 166 -67.93 -9.20 28.70
N ASP C 167 -67.16 -8.66 29.65
CA ASP C 167 -67.54 -8.50 31.08
C ASP C 167 -68.55 -7.36 31.22
N ASP C 168 -68.40 -6.30 30.41
CA ASP C 168 -69.23 -5.06 30.44
C ASP C 168 -70.27 -5.13 29.33
N TYR C 169 -71.15 -6.13 29.40
CA TYR C 169 -72.27 -6.32 28.45
C TYR C 169 -73.35 -5.27 28.70
N PHE C 170 -73.45 -4.75 29.91
CA PHE C 170 -74.51 -3.78 30.27
C PHE C 170 -74.29 -2.46 29.53
N GLU C 171 -73.05 -2.06 29.27
CA GLU C 171 -72.75 -0.77 28.58
C GLU C 171 -73.41 -0.75 27.19
N GLU C 172 -73.48 -1.91 26.53
CA GLU C 172 -74.16 -2.07 25.23
C GLU C 172 -75.65 -1.79 25.40
N LEU C 173 -76.29 -2.21 26.51
CA LEU C 173 -77.73 -1.96 26.76
C LEU C 173 -77.96 -0.50 27.11
N ARG C 174 -77.03 0.10 27.87
CA ARG C 174 -77.05 1.53 28.26
C ARG C 174 -76.94 2.38 26.98
N ASP C 175 -76.01 2.05 26.10
CA ASP C 175 -75.80 2.72 24.78
C ASP C 175 -77.06 2.63 23.92
N LEU C 176 -77.73 1.49 23.87
CA LEU C 176 -78.97 1.32 23.05
C LEU C 176 -80.06 2.23 23.62
N TYR C 177 -80.20 2.28 24.94
CA TYR C 177 -81.26 3.06 25.64
C TYR C 177 -81.05 4.56 25.45
N GLN C 178 -79.79 5.03 25.51
CA GLN C 178 -79.43 6.46 25.23
C GLN C 178 -79.73 6.74 23.76
N THR C 179 -78.86 6.24 22.87
CA THR C 179 -78.78 6.54 21.42
C THR C 179 -80.08 6.23 20.67
N TYR C 180 -80.84 5.22 21.03
CA TYR C 180 -82.04 4.84 20.25
C TYR C 180 -83.27 4.88 21.16
N HIS C 181 -83.27 5.77 22.14
CA HIS C 181 -84.35 5.82 23.17
C HIS C 181 -85.71 5.63 22.48
N VAL C 182 -85.98 6.42 21.45
CA VAL C 182 -87.34 6.57 20.84
C VAL C 182 -87.78 5.28 20.11
N LEU C 183 -86.82 4.48 19.61
CA LEU C 183 -87.05 3.21 18.88
C LEU C 183 -87.25 2.05 19.86
N VAL C 184 -86.28 1.84 20.76
CA VAL C 184 -86.24 0.65 21.68
C VAL C 184 -86.95 0.95 23.01
N GLY C 185 -86.94 2.20 23.47
CA GLY C 185 -87.57 2.63 24.74
C GLY C 185 -88.81 1.84 25.10
N ASP C 186 -89.69 1.54 24.15
CA ASP C 186 -90.97 0.82 24.43
C ASP C 186 -90.66 -0.66 24.73
N LEU C 187 -89.75 -1.27 23.96
CA LEU C 187 -89.29 -2.67 24.13
C LEU C 187 -88.67 -2.82 25.53
N ILE C 188 -87.61 -2.05 25.79
CA ILE C 188 -86.84 -2.14 27.08
C ILE C 188 -87.78 -1.97 28.28
N LYS C 189 -88.73 -1.04 28.24
CA LYS C 189 -89.71 -0.85 29.35
C LYS C 189 -90.60 -2.09 29.48
N PHE C 190 -91.02 -2.70 28.36
CA PHE C 190 -91.92 -3.89 28.38
C PHE C 190 -91.15 -5.06 28.98
N SER C 191 -89.88 -5.21 28.58
CA SER C 191 -88.95 -6.26 29.09
C SER C 191 -88.73 -6.08 30.60
N ALA C 192 -88.71 -4.84 31.10
CA ALA C 192 -88.48 -4.51 32.52
C ALA C 192 -89.72 -4.86 33.36
N GLU C 193 -90.94 -4.69 32.81
CA GLU C 193 -92.20 -5.01 33.54
C GLU C 193 -92.47 -6.52 33.47
N THR C 194 -92.00 -7.17 32.40
CA THR C 194 -92.12 -8.63 32.19
C THR C 194 -91.24 -9.37 33.21
N LEU C 195 -90.00 -8.90 33.38
CA LEU C 195 -89.03 -9.45 34.35
C LEU C 195 -89.53 -9.21 35.78
N SER C 196 -89.93 -7.97 36.11
CA SER C 196 -90.51 -7.59 37.43
C SER C 196 -91.72 -8.46 37.78
N GLU C 197 -92.54 -8.83 36.79
CA GLU C 197 -93.73 -9.71 36.96
C GLU C 197 -93.26 -11.15 37.22
N LEU C 198 -92.26 -11.63 36.49
CA LEU C 198 -91.75 -13.02 36.61
C LEU C 198 -91.11 -13.20 38.00
N ILE C 199 -90.49 -12.15 38.54
CA ILE C 199 -89.84 -12.17 39.89
C ILE C 199 -90.91 -12.37 40.96
N ARG C 200 -92.04 -11.65 40.91
CA ARG C 200 -93.07 -11.71 41.98
C ARG C 200 -94.03 -12.90 41.77
N THR C 201 -94.06 -13.52 40.58
CA THR C 201 -94.89 -14.71 40.25
C THR C 201 -94.18 -15.99 40.70
N THR C 202 -92.90 -16.13 40.36
CA THR C 202 -92.02 -17.28 40.76
C THR C 202 -91.79 -17.21 42.28
N LEU C 203 -91.60 -18.37 42.91
CA LEU C 203 -91.59 -18.51 44.39
C LEU C 203 -90.29 -17.88 44.95
N ASP C 204 -89.14 -18.50 44.70
CA ASP C 204 -87.83 -18.11 45.29
C ASP C 204 -86.98 -17.36 44.25
N ALA C 205 -87.55 -16.37 43.56
CA ALA C 205 -86.82 -15.52 42.60
C ALA C 205 -86.08 -14.42 43.37
N GLU C 206 -86.77 -13.69 44.27
CA GLU C 206 -86.24 -12.50 44.98
C GLU C 206 -84.98 -12.88 45.80
N LYS C 207 -84.87 -14.15 46.21
CA LYS C 207 -83.69 -14.73 46.92
C LYS C 207 -82.44 -14.71 46.03
N VAL C 208 -82.60 -14.80 44.71
CA VAL C 208 -81.50 -14.80 43.70
C VAL C 208 -81.21 -13.36 43.23
N PHE C 209 -82.22 -12.50 43.24
CA PHE C 209 -82.14 -11.06 42.85
C PHE C 209 -82.02 -10.20 44.11
N THR C 210 -80.85 -10.29 44.76
CA THR C 210 -80.52 -9.66 46.09
C THR C 210 -80.59 -8.13 45.96
N GLN C 211 -80.11 -7.56 44.85
CA GLN C 211 -80.08 -6.10 44.58
C GLN C 211 -81.16 -5.71 43.54
N GLY C 212 -82.24 -6.50 43.44
CA GLY C 212 -83.39 -6.24 42.55
C GLY C 212 -83.06 -6.42 41.09
N LEU C 213 -84.07 -6.30 40.23
CA LEU C 213 -83.92 -6.23 38.75
C LEU C 213 -84.79 -5.07 38.25
N ASN C 214 -84.56 -3.88 38.79
CA ASN C 214 -85.12 -2.60 38.30
C ASN C 214 -84.14 -2.03 37.27
N ILE C 215 -84.17 -2.54 36.04
CA ILE C 215 -83.15 -2.19 34.99
C ILE C 215 -83.32 -0.74 34.56
N LEU C 216 -84.56 -0.23 34.57
CA LEU C 216 -84.91 1.17 34.20
C LEU C 216 -84.11 2.15 35.06
N GLU C 217 -84.24 2.01 36.38
CA GLU C 217 -83.48 2.80 37.40
C GLU C 217 -81.98 2.72 37.11
N TRP C 218 -81.44 1.57 36.69
CA TRP C 218 -79.98 1.40 36.40
C TRP C 218 -79.59 2.11 35.10
N LEU C 219 -80.53 2.26 34.16
CA LEU C 219 -80.25 2.86 32.81
C LEU C 219 -80.32 4.38 32.90
N GLU C 220 -81.29 4.90 33.66
CA GLU C 220 -81.46 6.35 34.01
C GLU C 220 -80.21 6.84 34.76
N ASN C 221 -79.91 6.23 35.91
CA ASN C 221 -78.86 6.67 36.88
C ASN C 221 -77.72 5.64 36.91
N PRO C 222 -76.59 5.88 36.21
CA PRO C 222 -75.41 5.00 36.31
C PRO C 222 -74.80 4.74 37.69
N SER C 223 -75.11 5.59 38.68
CA SER C 223 -74.65 5.51 40.09
C SER C 223 -75.39 4.39 40.85
N ASN C 224 -76.71 4.25 40.61
CA ASN C 224 -77.60 3.25 41.26
C ASN C 224 -77.42 1.86 40.63
N THR C 225 -76.73 1.77 39.48
CA THR C 225 -76.41 0.49 38.81
C THR C 225 -75.52 -0.34 39.74
N PRO C 226 -75.88 -1.62 40.00
CA PRO C 226 -75.01 -2.53 40.75
C PRO C 226 -73.66 -2.78 40.06
N ASP C 227 -72.69 -3.23 40.86
CA ASP C 227 -71.32 -3.63 40.44
C ASP C 227 -71.40 -4.66 39.32
N LYS C 228 -70.33 -4.84 38.56
CA LYS C 228 -70.31 -5.71 37.34
C LYS C 228 -70.52 -7.17 37.74
N ASP C 229 -69.99 -7.58 38.88
CA ASP C 229 -69.97 -9.01 39.34
C ASP C 229 -71.39 -9.50 39.66
N TYR C 230 -72.34 -8.58 39.91
CA TYR C 230 -73.77 -8.90 40.11
C TYR C 230 -74.49 -8.95 38.77
N LEU C 231 -74.20 -8.00 37.88
CA LEU C 231 -74.78 -7.90 36.52
C LEU C 231 -74.33 -9.11 35.70
N LEU C 232 -73.08 -9.54 35.86
CA LEU C 232 -72.51 -10.74 35.17
C LEU C 232 -73.26 -12.02 35.60
N SER C 233 -73.87 -12.09 36.79
CA SER C 233 -74.53 -13.32 37.29
C SER C 233 -75.69 -13.67 36.37
N ILE C 234 -75.85 -14.95 36.06
CA ILE C 234 -76.67 -15.41 34.90
C ILE C 234 -78.14 -15.07 35.07
N PRO C 235 -78.70 -14.98 36.29
CA PRO C 235 -80.11 -14.57 36.44
C PRO C 235 -80.38 -13.15 35.92
N ILE C 236 -79.36 -12.30 35.90
CA ILE C 236 -79.45 -10.95 35.28
C ILE C 236 -78.93 -11.05 33.85
N SER C 237 -77.73 -11.57 33.65
CA SER C 237 -77.04 -11.54 32.33
C SER C 237 -77.84 -12.33 31.28
N CYS C 238 -78.60 -13.36 31.66
CA CYS C 238 -79.33 -14.17 30.66
C CYS C 238 -80.39 -13.34 29.97
N PRO C 239 -81.44 -12.89 30.69
CA PRO C 239 -82.50 -12.12 30.04
C PRO C 239 -81.99 -10.77 29.50
N LEU C 240 -81.04 -10.10 30.15
CA LEU C 240 -80.58 -8.79 29.62
C LEU C 240 -79.81 -8.98 28.31
N ILE C 241 -79.05 -10.05 28.14
CA ILE C 241 -78.36 -10.28 26.85
C ILE C 241 -79.40 -10.56 25.76
N GLY C 242 -80.48 -11.27 26.08
CA GLY C 242 -81.64 -11.44 25.20
C GLY C 242 -82.25 -10.10 24.81
N VAL C 243 -82.49 -9.22 25.77
CA VAL C 243 -83.05 -7.86 25.55
C VAL C 243 -82.13 -7.09 24.62
N ILE C 244 -80.83 -7.00 24.93
CA ILE C 244 -79.84 -6.32 24.06
C ILE C 244 -79.99 -6.83 22.63
N GLN C 245 -80.17 -8.14 22.46
CA GLN C 245 -80.14 -8.77 21.13
C GLN C 245 -81.39 -8.35 20.37
N LEU C 246 -82.56 -8.51 21.00
CA LEU C 246 -83.87 -8.06 20.44
C LEU C 246 -83.87 -6.54 20.21
N ALA C 247 -83.16 -5.75 21.00
CA ALA C 247 -83.09 -4.29 20.80
C ALA C 247 -82.30 -4.00 19.52
N HIS C 248 -81.17 -4.64 19.29
CA HIS C 248 -80.42 -4.46 18.03
C HIS C 248 -81.28 -4.90 16.84
N TYR C 249 -82.15 -5.88 17.01
CA TYR C 249 -82.96 -6.42 15.89
C TYR C 249 -84.02 -5.39 15.53
N VAL C 250 -84.72 -4.88 16.55
CA VAL C 250 -85.69 -3.78 16.40
C VAL C 250 -85.02 -2.61 15.68
N VAL C 251 -84.01 -1.99 16.30
CA VAL C 251 -83.29 -0.85 15.67
C VAL C 251 -83.10 -1.15 14.18
N THR C 252 -82.46 -2.27 13.85
CA THR C 252 -82.12 -2.71 12.47
C THR C 252 -83.39 -2.74 11.64
N ALA C 253 -84.50 -3.29 12.16
CA ALA C 253 -85.81 -3.29 11.47
C ALA C 253 -86.32 -1.86 11.31
N LYS C 254 -86.33 -1.06 12.37
CA LYS C 254 -87.05 0.23 12.38
C LYS C 254 -86.31 1.26 11.54
N LEU C 255 -84.99 1.21 11.41
CA LEU C 255 -84.23 2.11 10.50
C LEU C 255 -84.27 1.62 9.04
N LEU C 256 -84.77 0.41 8.80
CA LEU C 256 -84.95 -0.13 7.43
C LEU C 256 -86.42 -0.04 7.05
N GLY C 257 -87.27 0.51 7.92
CA GLY C 257 -88.71 0.63 7.66
C GLY C 257 -89.41 -0.70 7.49
N PHE C 258 -88.77 -1.81 7.88
CA PHE C 258 -89.35 -3.17 7.84
C PHE C 258 -90.12 -3.43 9.14
N THR C 259 -91.16 -4.26 9.07
CA THR C 259 -91.76 -4.95 10.25
C THR C 259 -90.81 -6.07 10.62
N PRO C 260 -90.87 -6.63 11.84
CA PRO C 260 -90.00 -7.74 12.21
C PRO C 260 -90.14 -8.85 11.16
N GLY C 261 -91.38 -9.29 10.92
CA GLY C 261 -91.74 -10.35 9.95
C GLY C 261 -91.17 -10.10 8.57
N GLU C 262 -91.09 -8.85 8.14
CA GLU C 262 -90.47 -8.49 6.84
C GLU C 262 -88.96 -8.75 6.92
N LEU C 263 -88.29 -8.22 7.94
CA LEU C 263 -86.83 -8.44 8.14
C LEU C 263 -86.54 -9.94 8.31
N ARG C 264 -87.41 -10.69 9.00
CA ARG C 264 -87.26 -12.15 9.17
C ARG C 264 -87.35 -12.87 7.82
N SER C 265 -88.21 -12.40 6.91
CA SER C 265 -88.48 -13.01 5.58
C SER C 265 -87.33 -12.75 4.60
N TYR C 266 -86.50 -11.74 4.86
CA TYR C 266 -85.26 -11.45 4.09
C TYR C 266 -84.14 -12.41 4.52
N LEU C 267 -84.26 -13.03 5.71
CA LEU C 267 -83.23 -13.95 6.25
C LEU C 267 -83.46 -15.34 5.71
N LYS C 268 -82.44 -15.95 5.10
CA LYS C 268 -82.43 -17.38 4.68
C LYS C 268 -82.58 -18.26 5.93
N GLY C 269 -81.88 -17.91 7.01
CA GLY C 269 -82.00 -18.59 8.32
C GLY C 269 -81.37 -17.81 9.48
N ALA C 270 -81.68 -18.19 10.71
CA ALA C 270 -81.07 -17.68 11.97
C ALA C 270 -80.31 -18.81 12.65
N THR C 271 -79.69 -18.51 13.78
CA THR C 271 -79.06 -19.46 14.72
C THR C 271 -78.32 -18.71 15.80
N GLY C 272 -77.96 -19.38 16.87
CA GLY C 272 -77.35 -18.69 18.01
C GLY C 272 -76.49 -19.59 18.85
N HIS C 273 -75.30 -19.11 19.15
CA HIS C 273 -74.30 -19.67 20.08
C HIS C 273 -74.86 -19.60 21.50
N SER C 274 -75.06 -20.73 22.15
CA SER C 274 -75.53 -20.82 23.57
C SER C 274 -76.95 -20.25 23.67
N GLN C 275 -77.18 -19.25 24.52
CA GLN C 275 -78.52 -18.69 24.82
C GLN C 275 -79.02 -17.84 23.65
N GLY C 276 -78.12 -17.44 22.74
CA GLY C 276 -78.49 -16.81 21.46
C GLY C 276 -79.56 -17.59 20.72
N LEU C 277 -79.51 -18.91 20.79
CA LEU C 277 -80.50 -19.79 20.14
C LEU C 277 -81.92 -19.44 20.57
N VAL C 278 -82.14 -19.00 21.81
CA VAL C 278 -83.49 -18.62 22.29
C VAL C 278 -83.98 -17.39 21.51
N THR C 279 -83.10 -16.42 21.29
CA THR C 279 -83.44 -15.22 20.50
C THR C 279 -83.77 -15.66 19.08
N ALA C 280 -82.94 -16.52 18.50
CA ALA C 280 -83.03 -16.98 17.09
C ALA C 280 -84.41 -17.63 16.84
N VAL C 281 -84.91 -18.45 17.76
CA VAL C 281 -86.27 -19.03 17.58
C VAL C 281 -87.32 -17.94 17.80
N ALA C 282 -86.99 -16.90 18.58
CA ALA C 282 -87.93 -15.82 18.92
C ALA C 282 -88.21 -14.97 17.69
N ILE C 283 -87.18 -14.49 16.99
CA ILE C 283 -87.34 -13.63 15.78
C ILE C 283 -88.06 -14.45 14.70
N ALA C 284 -87.79 -15.75 14.58
CA ALA C 284 -88.37 -16.60 13.52
C ALA C 284 -89.88 -16.85 13.72
N GLU C 285 -90.47 -16.44 14.84
CA GLU C 285 -91.95 -16.47 15.07
C GLU C 285 -92.60 -15.11 14.81
N THR C 286 -91.82 -14.03 14.60
CA THR C 286 -92.33 -12.64 14.55
C THR C 286 -93.05 -12.39 13.22
N ASP C 287 -94.06 -11.52 13.23
CA ASP C 287 -94.83 -11.12 12.02
C ASP C 287 -94.98 -9.58 11.96
N SER C 288 -95.67 -8.97 12.94
CA SER C 288 -96.03 -7.52 12.97
C SER C 288 -95.55 -6.86 14.26
N TRP C 289 -95.50 -5.52 14.31
CA TRP C 289 -95.13 -4.73 15.53
C TRP C 289 -96.14 -4.95 16.66
N GLU C 290 -97.35 -5.40 16.35
CA GLU C 290 -98.46 -5.61 17.33
C GLU C 290 -98.20 -6.92 18.10
N SER C 291 -97.82 -7.97 17.38
CA SER C 291 -97.57 -9.34 17.91
C SER C 291 -96.06 -9.60 18.10
N PHE C 292 -95.22 -8.56 18.07
CA PHE C 292 -93.76 -8.67 18.33
C PHE C 292 -93.51 -8.96 19.81
N PHE C 293 -94.36 -8.38 20.67
CA PHE C 293 -94.23 -8.44 22.14
C PHE C 293 -94.62 -9.81 22.69
N VAL C 294 -95.35 -10.66 21.97
CA VAL C 294 -95.59 -12.06 22.46
C VAL C 294 -94.34 -12.90 22.18
N SER C 295 -93.62 -12.63 21.10
CA SER C 295 -92.37 -13.35 20.73
C SER C 295 -91.23 -12.89 21.65
N VAL C 296 -91.23 -11.63 22.06
CA VAL C 296 -90.27 -11.08 23.07
C VAL C 296 -90.56 -11.71 24.42
N ARG C 297 -91.82 -11.69 24.88
CA ARG C 297 -92.22 -12.25 26.21
C ARG C 297 -91.73 -13.69 26.32
N LYS C 298 -91.92 -14.49 25.28
CA LYS C 298 -91.50 -15.93 25.24
C LYS C 298 -89.98 -16.02 25.41
N ALA C 299 -89.21 -15.27 24.63
CA ALA C 299 -87.73 -15.24 24.70
C ALA C 299 -87.28 -14.83 26.10
N ILE C 300 -87.72 -13.65 26.57
CA ILE C 300 -87.28 -13.09 27.88
C ILE C 300 -87.63 -14.10 28.98
N THR C 301 -88.82 -14.71 28.90
CA THR C 301 -89.31 -15.67 29.93
C THR C 301 -88.42 -16.91 29.94
N VAL C 302 -88.07 -17.47 28.78
CA VAL C 302 -87.19 -18.67 28.70
C VAL C 302 -85.84 -18.33 29.33
N LEU C 303 -85.23 -17.23 28.91
CA LEU C 303 -83.88 -16.81 29.39
C LEU C 303 -83.92 -16.49 30.87
N PHE C 304 -85.04 -15.98 31.37
CA PHE C 304 -85.21 -15.69 32.81
C PHE C 304 -85.14 -17.00 33.61
N PHE C 305 -85.88 -18.02 33.18
CA PHE C 305 -85.95 -19.33 33.88
C PHE C 305 -84.65 -20.12 33.69
N ILE C 306 -84.04 -20.08 32.51
CA ILE C 306 -82.70 -20.70 32.30
C ILE C 306 -81.73 -20.07 33.30
N GLY C 307 -81.69 -18.75 33.39
CA GLY C 307 -80.75 -18.02 34.24
C GLY C 307 -80.98 -18.26 35.71
N VAL C 308 -82.21 -18.49 36.13
CA VAL C 308 -82.57 -18.68 37.56
C VAL C 308 -82.25 -20.12 37.94
N ARG C 309 -82.82 -21.10 37.24
CA ARG C 309 -82.71 -22.52 37.63
C ARG C 309 -81.27 -23.01 37.49
N CYS C 310 -80.52 -22.52 36.49
CA CYS C 310 -79.09 -22.85 36.30
C CYS C 310 -78.28 -22.28 37.46
N TYR C 311 -78.63 -21.10 37.97
CA TYR C 311 -77.88 -20.45 39.08
C TYR C 311 -78.22 -21.14 40.40
N GLU C 312 -79.44 -21.66 40.54
CA GLU C 312 -79.86 -22.40 41.76
C GLU C 312 -79.17 -23.78 41.78
N ALA C 313 -78.92 -24.35 40.61
CA ALA C 313 -78.27 -25.66 40.43
C ALA C 313 -76.75 -25.59 40.69
N TYR C 314 -76.11 -24.45 40.38
CA TYR C 314 -74.65 -24.27 40.58
C TYR C 314 -74.33 -22.80 40.84
N PRO C 315 -74.53 -22.32 42.09
CA PRO C 315 -74.16 -20.95 42.45
C PRO C 315 -72.64 -20.81 42.57
N ASN C 316 -72.11 -19.64 42.21
CA ASN C 316 -70.66 -19.34 42.27
C ASN C 316 -70.30 -19.08 43.74
N THR C 317 -69.39 -19.89 44.30
CA THR C 317 -68.91 -19.79 45.70
C THR C 317 -67.58 -19.02 45.72
N SER C 318 -67.27 -18.42 46.87
CA SER C 318 -66.00 -17.71 47.16
C SER C 318 -64.83 -18.64 46.78
N LEU C 319 -63.89 -18.15 45.99
CA LEU C 319 -62.69 -18.92 45.55
C LEU C 319 -61.53 -18.62 46.51
N PRO C 320 -60.73 -19.64 46.96
CA PRO C 320 -59.59 -19.40 47.86
C PRO C 320 -58.62 -18.30 47.43
N PRO C 321 -58.21 -17.35 48.30
CA PRO C 321 -57.30 -16.29 47.87
C PRO C 321 -55.93 -16.72 47.33
N SER C 322 -55.47 -17.95 47.67
CA SER C 322 -54.20 -18.56 47.16
C SER C 322 -54.28 -18.84 45.65
N ILE C 323 -55.46 -19.29 45.18
CA ILE C 323 -55.74 -19.59 43.74
C ILE C 323 -55.91 -18.29 42.95
N LEU C 324 -56.67 -17.33 43.46
CA LEU C 324 -56.83 -15.98 42.83
C LEU C 324 -55.47 -15.32 42.63
N GLU C 325 -54.54 -15.45 43.60
CA GLU C 325 -53.20 -14.81 43.56
C GLU C 325 -52.33 -15.55 42.54
N ASP C 326 -52.38 -16.89 42.50
CA ASP C 326 -51.54 -17.72 41.58
C ASP C 326 -51.92 -17.37 40.14
N SER C 327 -53.23 -17.38 39.81
CA SER C 327 -53.80 -17.04 38.48
C SER C 327 -53.40 -15.63 38.02
N LEU C 328 -53.52 -14.60 38.87
CA LEU C 328 -53.23 -13.17 38.54
C LEU C 328 -51.72 -13.00 38.26
N GLU C 329 -50.85 -13.66 39.06
CA GLU C 329 -49.37 -13.49 38.99
C GLU C 329 -48.74 -14.50 38.01
N ASN C 330 -49.57 -15.23 37.25
CA ASN C 330 -49.18 -16.11 36.12
C ASN C 330 -49.89 -15.64 34.84
N ASN C 331 -50.30 -14.37 34.76
CA ASN C 331 -50.76 -13.67 33.54
C ASN C 331 -52.04 -14.30 32.99
N GLU C 332 -52.76 -15.11 33.78
CA GLU C 332 -54.09 -15.67 33.47
C GLU C 332 -55.16 -14.72 34.03
N GLY C 333 -56.44 -15.06 33.89
CA GLY C 333 -57.54 -14.20 34.34
C GLY C 333 -57.93 -14.47 35.78
N VAL C 334 -59.18 -14.19 36.11
CA VAL C 334 -59.87 -14.62 37.36
C VAL C 334 -60.54 -15.95 37.04
N PRO C 335 -60.24 -17.05 37.77
CA PRO C 335 -60.91 -18.33 37.52
C PRO C 335 -62.43 -18.17 37.51
N SER C 336 -63.03 -18.55 36.40
CA SER C 336 -64.48 -18.62 36.11
C SER C 336 -64.85 -20.06 35.74
N PRO C 337 -66.13 -20.36 35.53
CA PRO C 337 -66.53 -21.67 35.02
C PRO C 337 -66.31 -21.98 33.53
N MET C 338 -65.63 -21.13 32.78
CA MET C 338 -65.32 -21.48 31.37
C MET C 338 -63.92 -21.02 31.00
N LEU C 339 -63.13 -21.92 30.49
CA LEU C 339 -61.73 -21.68 30.15
C LEU C 339 -61.61 -21.79 28.64
N SER C 340 -61.39 -20.69 27.95
CA SER C 340 -61.06 -20.74 26.51
C SER C 340 -59.63 -21.27 26.39
N ILE C 341 -59.38 -22.13 25.39
CA ILE C 341 -58.01 -22.52 24.96
C ILE C 341 -57.92 -22.22 23.46
N SER C 342 -56.99 -21.39 23.05
CA SER C 342 -56.70 -21.09 21.62
C SER C 342 -55.50 -21.90 21.14
N ASN C 343 -55.48 -22.29 19.86
CA ASN C 343 -54.30 -22.79 19.12
C ASN C 343 -53.89 -24.16 19.63
N LEU C 344 -54.84 -24.94 20.14
CA LEU C 344 -54.73 -26.43 20.32
C LEU C 344 -55.90 -27.10 19.62
N THR C 345 -55.70 -28.31 19.13
CA THR C 345 -56.74 -29.14 18.46
C THR C 345 -57.70 -29.67 19.54
N GLN C 346 -58.89 -30.09 19.14
CA GLN C 346 -59.95 -30.63 20.04
C GLN C 346 -59.49 -31.96 20.66
N GLU C 347 -58.74 -32.79 19.93
CA GLU C 347 -58.17 -34.07 20.45
C GLU C 347 -57.10 -33.78 21.50
N GLN C 348 -56.20 -32.83 21.20
CA GLN C 348 -55.10 -32.40 22.10
C GLN C 348 -55.67 -31.86 23.43
N VAL C 349 -56.79 -31.13 23.38
CA VAL C 349 -57.48 -30.61 24.60
C VAL C 349 -58.19 -31.79 25.30
N GLN C 350 -58.87 -32.65 24.55
CA GLN C 350 -59.67 -33.75 25.13
C GLN C 350 -58.72 -34.74 25.82
N ASP C 351 -57.44 -34.76 25.40
CA ASP C 351 -56.33 -35.46 26.10
C ASP C 351 -56.16 -34.84 27.49
N TYR C 352 -55.73 -33.57 27.58
CA TYR C 352 -55.48 -32.83 28.84
C TYR C 352 -56.72 -32.83 29.77
N VAL C 353 -57.95 -32.86 29.27
CA VAL C 353 -59.12 -32.93 30.20
C VAL C 353 -59.32 -34.37 30.63
N ASN C 354 -58.77 -35.35 29.92
CA ASN C 354 -58.96 -36.79 30.29
C ASN C 354 -57.90 -37.17 31.33
N LYS C 355 -56.75 -36.51 31.32
CA LYS C 355 -55.72 -36.59 32.40
C LYS C 355 -56.29 -35.97 33.67
N THR C 356 -56.89 -34.78 33.58
CA THR C 356 -57.34 -33.98 34.76
C THR C 356 -58.65 -34.56 35.31
N ASN C 357 -59.43 -35.29 34.52
CA ASN C 357 -60.72 -35.85 34.99
C ASN C 357 -60.48 -37.19 35.68
N SER C 358 -59.32 -37.82 35.46
CA SER C 358 -58.97 -39.13 36.06
C SER C 358 -58.76 -38.99 37.58
N HIS C 359 -58.08 -37.90 38.00
CA HIS C 359 -57.74 -37.59 39.41
C HIS C 359 -58.96 -37.05 40.19
N LEU C 360 -59.93 -36.42 39.52
CA LEU C 360 -61.11 -35.74 40.13
C LEU C 360 -62.29 -36.72 40.23
N PRO C 361 -63.21 -36.56 41.21
CA PRO C 361 -64.46 -37.34 41.26
C PRO C 361 -65.46 -36.90 40.18
N ALA C 362 -66.67 -37.48 40.17
CA ALA C 362 -67.71 -37.27 39.13
C ALA C 362 -68.19 -35.81 39.14
N GLY C 363 -68.59 -35.30 40.30
CA GLY C 363 -69.24 -33.98 40.50
C GLY C 363 -68.33 -32.76 40.31
N LYS C 364 -67.03 -32.95 40.05
CA LYS C 364 -66.00 -31.88 39.87
C LYS C 364 -65.33 -31.99 38.49
N GLN C 365 -65.78 -32.89 37.61
CA GLN C 365 -65.12 -33.16 36.31
C GLN C 365 -65.41 -32.00 35.34
N VAL C 366 -64.47 -31.70 34.44
CA VAL C 366 -64.63 -30.66 33.38
C VAL C 366 -64.92 -31.34 32.05
N GLU C 367 -65.65 -30.67 31.16
CA GLU C 367 -65.90 -31.16 29.78
C GLU C 367 -65.68 -30.02 28.80
N ILE C 368 -65.44 -30.37 27.53
CA ILE C 368 -65.41 -29.40 26.40
C ILE C 368 -66.85 -29.01 26.09
N SER C 369 -67.14 -27.72 26.19
CA SER C 369 -68.52 -27.16 26.18
C SER C 369 -68.80 -26.47 24.85
N LEU C 370 -67.82 -25.73 24.32
CA LEU C 370 -67.93 -25.00 23.04
C LEU C 370 -66.76 -25.40 22.15
N VAL C 371 -67.05 -25.78 20.91
CA VAL C 371 -66.03 -25.99 19.84
C VAL C 371 -66.22 -24.89 18.79
N ASN C 372 -65.61 -23.75 19.04
CA ASN C 372 -65.82 -22.54 18.23
C ASN C 372 -64.97 -22.56 16.95
N GLY C 373 -64.10 -23.55 16.78
CA GLY C 373 -63.13 -23.60 15.68
C GLY C 373 -62.42 -24.94 15.66
N ALA C 374 -61.51 -25.14 14.71
CA ALA C 374 -60.57 -26.27 14.70
C ALA C 374 -59.71 -26.16 15.96
N LYS C 375 -59.15 -24.96 16.15
CA LYS C 375 -58.15 -24.61 17.19
C LYS C 375 -58.70 -23.41 17.98
N ASN C 376 -59.81 -23.59 18.68
CA ASN C 376 -60.44 -22.55 19.55
C ASN C 376 -61.59 -23.17 20.35
N LEU C 377 -61.27 -23.78 21.49
CA LEU C 377 -62.21 -24.54 22.33
C LEU C 377 -62.41 -23.82 23.64
N VAL C 378 -63.42 -24.27 24.38
CA VAL C 378 -63.82 -23.70 25.69
C VAL C 378 -64.25 -24.86 26.57
N VAL C 379 -63.61 -24.99 27.72
CA VAL C 379 -63.83 -26.13 28.65
C VAL C 379 -64.66 -25.62 29.82
N SER C 380 -65.79 -26.25 30.13
CA SER C 380 -66.63 -25.86 31.29
C SER C 380 -66.38 -26.80 32.47
N GLY C 381 -66.60 -26.29 33.67
CA GLY C 381 -66.56 -27.10 34.89
C GLY C 381 -66.42 -26.18 36.10
N PRO C 382 -66.23 -26.73 37.30
CA PRO C 382 -65.99 -25.93 38.50
C PRO C 382 -64.74 -25.10 38.30
N PRO C 383 -64.69 -23.86 38.83
CA PRO C 383 -63.53 -23.00 38.63
C PRO C 383 -62.25 -23.55 39.26
N GLN C 384 -62.35 -24.28 40.39
CA GLN C 384 -61.14 -24.87 41.00
C GLN C 384 -60.58 -25.93 40.04
N SER C 385 -61.45 -26.82 39.54
CA SER C 385 -61.10 -27.84 38.51
C SER C 385 -60.40 -27.19 37.31
N LEU C 386 -60.93 -26.10 36.76
CA LEU C 386 -60.35 -25.49 35.54
C LEU C 386 -58.98 -24.88 35.87
N TYR C 387 -58.81 -24.34 37.07
CA TYR C 387 -57.49 -23.92 37.58
C TYR C 387 -56.54 -25.14 37.61
N GLY C 388 -57.04 -26.33 38.00
CA GLY C 388 -56.32 -27.61 37.85
C GLY C 388 -55.78 -27.78 36.44
N LEU C 389 -56.66 -28.08 35.50
CA LEU C 389 -56.38 -28.06 34.04
C LEU C 389 -55.41 -26.94 33.66
N ASN C 390 -55.52 -25.76 34.26
CA ASN C 390 -54.69 -24.60 33.87
C ASN C 390 -53.25 -24.75 34.38
N LEU C 391 -53.03 -25.49 35.49
CA LEU C 391 -51.69 -25.86 36.04
C LEU C 391 -51.07 -26.93 35.15
N THR C 392 -51.89 -27.87 34.67
CA THR C 392 -51.49 -28.99 33.80
C THR C 392 -51.12 -28.45 32.41
N LEU C 393 -51.56 -27.24 32.08
CA LEU C 393 -51.36 -26.62 30.75
C LEU C 393 -50.11 -25.75 30.81
N ARG C 394 -49.87 -25.02 31.90
CA ARG C 394 -48.79 -23.99 31.93
C ARG C 394 -47.40 -24.65 31.88
N LYS C 395 -47.29 -25.92 32.26
CA LYS C 395 -46.01 -26.68 32.23
C LYS C 395 -45.79 -27.24 30.81
N ALA C 396 -46.87 -27.39 30.01
CA ALA C 396 -46.86 -28.01 28.66
C ALA C 396 -46.60 -26.96 27.57
N LYS C 397 -46.80 -25.67 27.86
CA LYS C 397 -46.68 -24.57 26.87
C LYS C 397 -45.30 -23.91 26.99
N ALA C 398 -44.82 -23.38 25.86
CA ALA C 398 -43.59 -22.58 25.76
C ALA C 398 -43.92 -21.14 26.14
N PRO C 399 -42.97 -20.37 26.73
CA PRO C 399 -43.14 -18.93 26.91
C PRO C 399 -43.48 -18.23 25.58
N SER C 400 -44.35 -17.21 25.62
CA SER C 400 -44.88 -16.48 24.42
C SER C 400 -43.79 -15.60 23.77
N GLY C 401 -42.70 -15.30 24.49
CA GLY C 401 -41.47 -14.66 23.98
C GLY C 401 -40.27 -15.59 24.00
N LEU C 402 -40.41 -16.79 23.42
CA LEU C 402 -39.31 -17.76 23.13
C LEU C 402 -39.02 -17.73 21.61
N ASP C 403 -37.75 -17.88 21.24
CA ASP C 403 -37.24 -17.93 19.84
C ASP C 403 -37.01 -19.40 19.48
N GLN C 404 -37.85 -19.96 18.60
CA GLN C 404 -37.85 -21.39 18.18
C GLN C 404 -37.54 -21.49 16.68
N SER C 405 -36.94 -20.45 16.08
CA SER C 405 -36.60 -20.37 14.63
C SER C 405 -35.48 -21.36 14.29
N ARG C 406 -34.53 -21.60 15.21
CA ARG C 406 -33.30 -22.41 15.00
C ARG C 406 -33.52 -23.88 15.42
N ILE C 407 -34.75 -24.21 15.85
CA ILE C 407 -35.22 -25.58 16.22
C ILE C 407 -36.02 -26.11 15.03
N PRO C 408 -35.76 -27.33 14.53
CA PRO C 408 -36.61 -27.93 13.49
C PRO C 408 -38.10 -28.00 13.88
N PHE C 409 -39.00 -27.88 12.90
CA PHE C 409 -40.46 -27.69 13.11
C PHE C 409 -41.06 -28.75 14.07
N SER C 410 -40.78 -30.04 13.88
CA SER C 410 -41.47 -31.16 14.59
C SER C 410 -40.97 -31.27 16.04
N GLU C 411 -39.78 -30.75 16.34
CA GLU C 411 -39.18 -30.72 17.71
C GLU C 411 -39.68 -29.51 18.51
N ARG C 412 -40.25 -28.49 17.86
CA ARG C 412 -40.71 -27.23 18.50
C ARG C 412 -41.78 -27.55 19.55
N LYS C 413 -41.64 -26.94 20.72
CA LYS C 413 -42.61 -27.03 21.84
C LYS C 413 -43.83 -26.18 21.45
N LEU C 414 -45.01 -26.82 21.38
CA LEU C 414 -46.31 -26.21 20.97
C LEU C 414 -46.65 -25.03 21.90
N LYS C 415 -46.91 -23.86 21.32
CA LYS C 415 -47.28 -22.63 22.05
C LYS C 415 -48.77 -22.35 21.82
N PHE C 416 -49.47 -21.87 22.86
CA PHE C 416 -50.91 -21.56 22.82
C PHE C 416 -51.27 -20.53 23.88
N SER C 417 -52.53 -20.10 23.89
CA SER C 417 -53.12 -19.17 24.89
C SER C 417 -54.28 -19.86 25.59
N ASN C 418 -54.60 -19.41 26.80
CA ASN C 418 -55.64 -19.99 27.68
C ASN C 418 -56.08 -18.91 28.67
N ARG C 419 -57.25 -18.32 28.45
CA ARG C 419 -57.81 -17.31 29.37
C ARG C 419 -59.15 -17.84 29.89
N PHE C 420 -59.56 -17.38 31.05
CA PHE C 420 -60.91 -17.62 31.59
C PHE C 420 -61.88 -16.59 31.00
N LEU C 421 -63.06 -17.06 30.61
CA LEU C 421 -64.13 -16.20 30.06
C LEU C 421 -64.75 -15.41 31.21
N PRO C 422 -65.29 -14.20 30.91
CA PRO C 422 -66.08 -13.44 31.88
C PRO C 422 -67.54 -13.89 31.92
N VAL C 423 -67.79 -15.02 32.57
CA VAL C 423 -69.12 -15.67 32.71
C VAL C 423 -69.15 -16.38 34.06
N ALA C 424 -70.31 -16.39 34.72
CA ALA C 424 -70.45 -16.82 36.13
C ALA C 424 -71.29 -18.10 36.22
N SER C 425 -71.36 -18.89 35.15
CA SER C 425 -72.01 -20.22 35.19
C SER C 425 -71.33 -21.16 34.20
N PRO C 426 -71.28 -22.47 34.50
CA PRO C 426 -70.68 -23.45 33.60
C PRO C 426 -71.70 -24.00 32.60
N PHE C 427 -72.04 -23.21 31.60
CA PHE C 427 -73.01 -23.62 30.55
C PHE C 427 -72.48 -24.86 29.80
N HIS C 428 -73.40 -25.68 29.31
CA HIS C 428 -73.12 -26.87 28.46
C HIS C 428 -72.35 -27.93 29.23
N SER C 429 -72.67 -28.07 30.52
CA SER C 429 -71.99 -28.99 31.46
C SER C 429 -73.03 -29.88 32.14
N HIS C 430 -72.56 -30.99 32.71
CA HIS C 430 -73.35 -31.96 33.53
C HIS C 430 -73.82 -31.29 34.83
N LEU C 431 -73.17 -30.19 35.25
CA LEU C 431 -73.44 -29.46 36.52
C LEU C 431 -74.84 -28.84 36.53
N LEU C 432 -75.31 -28.41 35.37
CA LEU C 432 -76.60 -27.71 35.19
C LEU C 432 -77.74 -28.69 34.88
N VAL C 433 -77.44 -29.97 34.60
CA VAL C 433 -78.46 -31.02 34.23
C VAL C 433 -79.64 -31.01 35.20
N PRO C 434 -79.43 -30.95 36.55
CA PRO C 434 -80.55 -30.94 37.51
C PRO C 434 -81.62 -29.86 37.27
N ALA C 435 -81.20 -28.72 36.72
CA ALA C 435 -82.04 -27.54 36.37
C ALA C 435 -83.00 -27.86 35.22
N SER C 436 -82.58 -28.68 34.25
CA SER C 436 -83.32 -29.03 33.01
C SER C 436 -84.80 -29.29 33.36
N ASP C 437 -85.05 -30.26 34.24
CA ASP C 437 -86.42 -30.72 34.61
C ASP C 437 -87.22 -29.51 35.09
N LEU C 438 -86.62 -28.67 35.93
CA LEU C 438 -87.28 -27.49 36.54
C LEU C 438 -87.67 -26.47 35.46
N ILE C 439 -86.80 -26.23 34.47
CA ILE C 439 -86.99 -25.22 33.39
C ILE C 439 -88.20 -25.63 32.54
N ASN C 440 -88.26 -26.91 32.13
CA ASN C 440 -89.34 -27.50 31.29
C ASN C 440 -90.70 -27.36 31.99
N LYS C 441 -90.75 -27.31 33.32
CA LYS C 441 -91.98 -27.07 34.13
C LYS C 441 -92.35 -25.58 34.17
N ASP C 442 -91.37 -24.68 34.26
CA ASP C 442 -91.60 -23.20 34.33
C ASP C 442 -92.04 -22.68 32.96
N LEU C 443 -91.70 -23.37 31.87
CA LEU C 443 -92.07 -22.97 30.48
C LEU C 443 -93.52 -23.36 30.18
N VAL C 444 -94.06 -24.39 30.83
CA VAL C 444 -95.48 -24.85 30.64
C VAL C 444 -96.42 -24.13 31.63
N LYS C 445 -95.88 -23.63 32.75
CA LYS C 445 -96.68 -22.90 33.79
C LYS C 445 -96.92 -21.45 33.34
N ASN C 446 -95.98 -20.85 32.59
CA ASN C 446 -96.05 -19.46 32.06
C ASN C 446 -96.53 -19.44 30.59
N ASN C 447 -96.91 -20.60 30.04
CA ASN C 447 -97.51 -20.76 28.68
C ASN C 447 -96.52 -20.22 27.64
N VAL C 448 -95.34 -20.85 27.57
CA VAL C 448 -94.25 -20.51 26.61
C VAL C 448 -93.89 -21.78 25.83
N SER C 449 -94.44 -21.93 24.63
CA SER C 449 -94.16 -23.03 23.69
C SER C 449 -93.80 -22.43 22.32
N PHE C 450 -92.72 -22.93 21.72
CA PHE C 450 -92.36 -22.65 20.30
C PHE C 450 -92.91 -23.79 19.44
N ASN C 451 -93.82 -23.47 18.52
CA ASN C 451 -94.47 -24.44 17.60
C ASN C 451 -93.76 -24.37 16.24
N ALA C 452 -93.56 -25.52 15.59
CA ALA C 452 -92.72 -25.70 14.38
C ALA C 452 -93.32 -24.95 13.18
N LYS C 453 -94.66 -24.86 13.12
CA LYS C 453 -95.42 -24.22 12.01
C LYS C 453 -95.27 -22.69 12.05
N ASP C 454 -95.19 -22.11 13.25
CA ASP C 454 -95.10 -20.64 13.50
C ASP C 454 -93.69 -20.13 13.13
N ILE C 455 -92.69 -21.00 13.16
CA ILE C 455 -91.26 -20.69 12.80
C ILE C 455 -91.12 -20.72 11.27
N GLN C 456 -90.92 -19.55 10.65
CA GLN C 456 -91.04 -19.31 9.18
C GLN C 456 -89.70 -19.49 8.46
N ILE C 457 -88.58 -19.39 9.18
CA ILE C 457 -87.21 -19.62 8.62
C ILE C 457 -86.55 -20.75 9.38
N PRO C 458 -85.58 -21.46 8.77
CA PRO C 458 -84.79 -22.46 9.49
C PRO C 458 -83.91 -21.84 10.58
N VAL C 459 -84.03 -22.35 11.81
CA VAL C 459 -83.16 -22.03 12.96
C VAL C 459 -82.29 -23.26 13.25
N TYR C 460 -80.98 -23.11 13.14
CA TYR C 460 -80.00 -24.23 13.19
C TYR C 460 -79.61 -24.49 14.65
N ASP C 461 -80.02 -25.68 15.15
CA ASP C 461 -79.58 -26.38 16.39
C ASP C 461 -78.06 -26.38 16.48
N THR C 462 -77.52 -26.05 17.65
CA THR C 462 -76.09 -25.75 17.89
C THR C 462 -75.27 -27.02 18.04
N PHE C 463 -75.91 -28.19 18.20
CA PHE C 463 -75.24 -29.49 18.39
C PHE C 463 -74.88 -30.09 17.01
N ASP C 464 -75.89 -30.50 16.23
CA ASP C 464 -75.74 -31.32 14.99
C ASP C 464 -75.94 -30.47 13.73
N GLY C 465 -76.37 -29.21 13.86
CA GLY C 465 -76.57 -28.27 12.74
C GLY C 465 -77.88 -28.49 12.02
N SER C 466 -78.79 -29.29 12.59
CA SER C 466 -80.11 -29.60 12.01
C SER C 466 -81.02 -28.38 12.19
N ASP C 467 -82.06 -28.27 11.37
CA ASP C 467 -83.19 -27.32 11.57
C ASP C 467 -83.98 -27.79 12.79
N LEU C 468 -84.51 -26.85 13.60
CA LEU C 468 -85.36 -27.15 14.80
C LEU C 468 -86.83 -27.26 14.37
N ARG C 469 -87.16 -27.00 13.11
CA ARG C 469 -88.56 -27.11 12.59
C ARG C 469 -88.91 -28.58 12.36
N VAL C 470 -87.91 -29.43 12.08
CA VAL C 470 -88.08 -30.87 11.75
C VAL C 470 -87.97 -31.73 13.02
N LEU C 471 -88.04 -31.14 14.22
CA LEU C 471 -87.98 -31.88 15.50
C LEU C 471 -89.36 -32.48 15.80
N SER C 472 -89.37 -33.78 16.13
CA SER C 472 -90.56 -34.57 16.55
C SER C 472 -91.05 -34.07 17.92
N GLY C 473 -90.12 -33.84 18.86
CA GLY C 473 -90.40 -33.45 20.26
C GLY C 473 -90.72 -31.97 20.39
N SER C 474 -90.58 -31.45 21.62
CA SER C 474 -90.76 -30.00 21.95
C SER C 474 -89.49 -29.25 21.57
N ILE C 475 -89.64 -28.10 20.92
CA ILE C 475 -88.52 -27.24 20.46
C ILE C 475 -87.90 -26.56 21.68
N SER C 476 -88.73 -26.02 22.58
CA SER C 476 -88.31 -25.36 23.83
C SER C 476 -87.37 -26.29 24.60
N GLU C 477 -87.82 -27.52 24.85
CA GLU C 477 -87.06 -28.56 25.60
C GLU C 477 -85.68 -28.77 24.95
N ARG C 478 -85.64 -28.86 23.62
CA ARG C 478 -84.36 -29.07 22.88
C ARG C 478 -83.46 -27.84 23.08
N ILE C 479 -84.00 -26.65 22.85
CA ILE C 479 -83.24 -25.36 22.94
C ILE C 479 -82.62 -25.26 24.34
N VAL C 480 -83.39 -25.58 25.37
CA VAL C 480 -82.91 -25.60 26.79
C VAL C 480 -81.74 -26.58 26.88
N ASP C 481 -81.96 -27.82 26.45
CA ASP C 481 -80.96 -28.92 26.42
C ASP C 481 -79.69 -28.43 25.70
N CYS C 482 -79.83 -27.70 24.60
CA CYS C 482 -78.69 -27.20 23.77
C CYS C 482 -77.86 -26.16 24.54
N ILE C 483 -78.51 -25.43 25.45
CA ILE C 483 -77.89 -24.32 26.22
C ILE C 483 -77.23 -24.88 27.47
N ILE C 484 -77.91 -25.75 28.20
CA ILE C 484 -77.47 -26.16 29.56
C ILE C 484 -76.53 -27.38 29.47
N ARG C 485 -76.78 -28.42 28.67
CA ARG C 485 -75.97 -29.67 28.76
C ARG C 485 -75.25 -30.13 27.48
N LEU C 486 -75.79 -29.90 26.27
CA LEU C 486 -75.13 -30.37 25.03
C LEU C 486 -74.03 -29.40 24.68
N PRO C 487 -72.91 -29.85 24.10
CA PRO C 487 -71.87 -28.94 23.64
C PRO C 487 -72.34 -28.14 22.40
N VAL C 488 -71.63 -27.06 22.09
CA VAL C 488 -71.88 -26.19 20.91
C VAL C 488 -70.78 -26.49 19.89
N LYS C 489 -71.13 -27.11 18.78
CA LYS C 489 -70.20 -27.36 17.67
C LYS C 489 -70.47 -26.28 16.62
N TRP C 490 -69.72 -25.19 16.69
CA TRP C 490 -70.07 -23.95 15.95
C TRP C 490 -69.87 -24.17 14.46
N GLU C 491 -68.73 -24.75 14.05
CA GLU C 491 -68.41 -25.06 12.63
C GLU C 491 -69.51 -25.97 12.04
N THR C 492 -69.99 -26.95 12.79
CA THR C 492 -71.05 -27.90 12.35
C THR C 492 -72.40 -27.19 12.19
N THR C 493 -72.70 -26.12 12.95
CA THR C 493 -74.03 -25.46 12.89
C THR C 493 -74.02 -24.35 11.84
N THR C 494 -72.85 -23.78 11.56
CA THR C 494 -72.64 -22.80 10.45
C THR C 494 -72.12 -23.56 9.22
N GLN C 495 -72.90 -24.53 8.71
CA GLN C 495 -72.65 -25.23 7.43
C GLN C 495 -73.59 -24.69 6.34
N PHE C 496 -74.46 -23.74 6.68
CA PHE C 496 -75.33 -22.98 5.73
C PHE C 496 -74.47 -22.23 4.70
N LYS C 497 -75.01 -22.12 3.48
CA LYS C 497 -74.34 -21.50 2.31
C LYS C 497 -74.93 -20.10 2.14
N ALA C 498 -74.31 -19.11 2.80
CA ALA C 498 -74.73 -17.70 2.80
C ALA C 498 -73.55 -16.84 2.36
N THR C 499 -73.84 -15.59 1.98
CA THR C 499 -72.85 -14.58 1.54
C THR C 499 -72.59 -13.55 2.65
N HIS C 500 -73.63 -13.25 3.42
CA HIS C 500 -73.60 -12.24 4.50
C HIS C 500 -74.08 -12.87 5.79
N ILE C 501 -73.47 -12.52 6.90
CA ILE C 501 -73.93 -12.94 8.25
C ILE C 501 -74.10 -11.65 9.07
N LEU C 502 -75.26 -11.47 9.70
CA LEU C 502 -75.51 -10.37 10.67
C LEU C 502 -75.30 -10.88 12.09
N ASP C 503 -74.23 -10.44 12.75
CA ASP C 503 -74.05 -10.63 14.21
C ASP C 503 -74.89 -9.58 14.91
N PHE C 504 -75.97 -9.97 15.56
CA PHE C 504 -76.78 -9.08 16.45
C PHE C 504 -76.19 -9.08 17.85
N GLY C 505 -75.43 -10.13 18.21
CA GLY C 505 -75.02 -10.47 19.58
C GLY C 505 -74.24 -9.36 20.24
N PRO C 506 -74.03 -9.46 21.57
CA PRO C 506 -73.27 -8.47 22.32
C PRO C 506 -71.76 -8.69 22.15
N GLY C 507 -70.97 -7.64 22.41
CA GLY C 507 -69.49 -7.67 22.39
C GLY C 507 -68.91 -7.01 21.15
N GLY C 508 -69.69 -6.84 20.09
CA GLY C 508 -69.25 -6.19 18.84
C GLY C 508 -68.08 -6.92 18.21
N ALA C 509 -66.91 -6.28 18.21
CA ALA C 509 -65.66 -6.74 17.54
C ALA C 509 -65.06 -7.95 18.27
N SER C 510 -65.37 -8.14 19.56
CA SER C 510 -64.83 -9.25 20.41
C SER C 510 -65.81 -10.43 20.40
N GLY C 511 -66.99 -10.23 19.79
CA GLY C 511 -68.14 -11.15 19.87
C GLY C 511 -68.10 -12.28 18.85
N LEU C 512 -69.25 -12.91 18.66
CA LEU C 512 -69.45 -14.14 17.85
C LEU C 512 -69.22 -13.85 16.36
N GLY C 513 -69.60 -12.66 15.91
CA GLY C 513 -69.36 -12.22 14.52
C GLY C 513 -67.93 -12.50 14.10
N VAL C 514 -66.98 -11.83 14.74
CA VAL C 514 -65.53 -11.85 14.35
C VAL C 514 -64.99 -13.29 14.42
N LEU C 515 -65.46 -14.09 15.36
CA LEU C 515 -65.04 -15.51 15.49
C LEU C 515 -65.52 -16.30 14.27
N THR C 516 -66.78 -16.13 13.87
CA THR C 516 -67.41 -16.75 12.68
C THR C 516 -66.63 -16.31 11.43
N HIS C 517 -66.16 -15.06 11.40
CA HIS C 517 -65.35 -14.52 10.28
C HIS C 517 -64.02 -15.29 10.17
N ARG C 518 -63.32 -15.54 11.28
CA ARG C 518 -62.02 -16.26 11.30
C ARG C 518 -62.21 -17.70 10.78
N ASN C 519 -63.38 -18.30 11.04
CA ASN C 519 -63.68 -19.71 10.71
C ASN C 519 -63.94 -19.86 9.22
N LYS C 520 -64.47 -18.79 8.60
CA LYS C 520 -65.09 -18.80 7.25
C LYS C 520 -64.29 -17.91 6.30
N ASP C 521 -63.09 -17.48 6.68
CA ASP C 521 -62.21 -16.60 5.86
C ASP C 521 -61.84 -17.33 4.58
N GLY C 522 -61.97 -16.66 3.44
CA GLY C 522 -61.65 -17.23 2.13
C GLY C 522 -62.75 -18.09 1.52
N THR C 523 -63.95 -18.15 2.10
CA THR C 523 -65.10 -18.90 1.52
C THR C 523 -66.11 -17.95 0.87
N GLY C 524 -65.82 -16.65 0.84
CA GLY C 524 -66.68 -15.61 0.26
C GLY C 524 -67.91 -15.33 1.11
N VAL C 525 -67.73 -15.29 2.44
CA VAL C 525 -68.75 -14.89 3.44
C VAL C 525 -68.25 -13.64 4.16
N ARG C 526 -69.10 -12.62 4.20
CA ARG C 526 -68.85 -11.31 4.83
C ARG C 526 -69.69 -11.29 6.12
N VAL C 527 -69.07 -10.97 7.23
CA VAL C 527 -69.79 -10.82 8.53
C VAL C 527 -70.03 -9.33 8.72
N ILE C 528 -71.23 -8.98 9.14
CA ILE C 528 -71.59 -7.59 9.50
C ILE C 528 -71.93 -7.63 10.97
N VAL C 529 -71.36 -6.71 11.76
CA VAL C 529 -71.61 -6.63 13.22
C VAL C 529 -72.78 -5.67 13.41
N ALA C 530 -74.01 -6.19 13.46
CA ALA C 530 -75.24 -5.38 13.34
C ALA C 530 -75.47 -4.50 14.56
N GLY C 531 -74.68 -4.65 15.63
CA GLY C 531 -74.89 -3.94 16.89
C GLY C 531 -74.04 -2.70 17.02
N THR C 532 -72.75 -2.81 16.70
CA THR C 532 -71.73 -1.78 16.96
C THR C 532 -71.56 -0.93 15.69
N LEU C 533 -71.50 0.40 15.84
CA LEU C 533 -70.99 1.32 14.78
C LEU C 533 -69.51 1.62 15.03
N ASP C 534 -68.66 1.40 14.03
CA ASP C 534 -67.18 1.50 14.15
C ASP C 534 -66.58 1.34 12.76
N ILE C 535 -65.26 1.49 12.64
CA ILE C 535 -64.49 1.34 11.38
C ILE C 535 -63.54 0.15 11.58
N ASN C 536 -63.37 -0.63 10.52
CA ASN C 536 -62.36 -1.72 10.43
C ASN C 536 -61.30 -1.25 9.43
N PRO C 537 -60.05 -0.96 9.88
CA PRO C 537 -58.97 -0.62 8.94
C PRO C 537 -58.61 -1.71 7.91
N ASP C 538 -58.65 -2.99 8.31
CA ASP C 538 -58.47 -4.18 7.43
C ASP C 538 -59.64 -4.27 6.42
N ASP C 539 -60.87 -4.08 6.90
CA ASP C 539 -62.17 -4.11 6.18
C ASP C 539 -62.58 -5.56 5.84
N ASP C 540 -62.15 -6.52 6.67
CA ASP C 540 -62.39 -7.97 6.48
C ASP C 540 -63.82 -8.33 6.94
N TYR C 541 -64.35 -7.60 7.93
CA TYR C 541 -65.78 -7.66 8.37
C TYR C 541 -66.28 -6.24 8.41
N GLY C 542 -67.59 -6.07 8.44
CA GLY C 542 -68.23 -4.75 8.38
C GLY C 542 -68.97 -4.44 9.66
N PHE C 543 -69.43 -3.21 9.82
CA PHE C 543 -70.16 -2.77 11.02
C PHE C 543 -71.58 -2.35 10.66
N LYS C 544 -72.34 -1.92 11.66
CA LYS C 544 -73.76 -1.47 11.56
C LYS C 544 -73.99 -0.66 10.27
N GLN C 545 -73.06 0.23 9.87
CA GLN C 545 -73.30 1.20 8.76
C GLN C 545 -73.65 0.41 7.49
N GLU C 546 -72.90 -0.65 7.22
CA GLU C 546 -72.96 -1.51 6.02
C GLU C 546 -74.38 -2.07 5.81
N ILE C 547 -75.20 -2.17 6.84
CA ILE C 547 -76.60 -2.66 6.70
C ILE C 547 -77.45 -1.57 6.02
N PHE C 548 -77.23 -0.31 6.35
CA PHE C 548 -78.18 0.79 6.00
C PHE C 548 -77.69 1.57 4.78
N ASP C 549 -76.42 1.40 4.38
CA ASP C 549 -75.81 2.14 3.25
C ASP C 549 -76.60 1.81 1.97
N VAL C 550 -76.89 2.82 1.14
CA VAL C 550 -77.68 2.69 -0.13
C VAL C 550 -76.74 2.67 -1.36
N THR C 551 -75.47 3.06 -1.19
CA THR C 551 -74.45 3.10 -2.27
C THR C 551 -73.88 1.68 -2.45
N SER C 552 -72.82 1.52 -3.25
CA SER C 552 -72.12 0.21 -3.47
C SER C 552 -71.35 -0.25 -2.21
N ASN C 553 -71.19 0.60 -1.19
CA ASN C 553 -70.52 0.28 0.10
C ASN C 553 -71.41 -0.59 1.02
N GLY C 554 -72.69 -0.79 0.67
CA GLY C 554 -73.64 -1.60 1.44
C GLY C 554 -73.55 -3.08 1.11
N LEU C 555 -73.31 -3.41 -0.17
CA LEU C 555 -73.06 -4.80 -0.64
C LEU C 555 -71.58 -4.97 -0.98
N LYS C 556 -70.74 -5.10 0.04
CA LYS C 556 -69.30 -5.49 -0.08
C LYS C 556 -69.23 -7.01 0.10
N LYS C 557 -68.66 -7.72 -0.87
CA LYS C 557 -68.43 -9.19 -0.75
C LYS C 557 -67.00 -9.42 -0.30
N ASN C 558 -66.77 -10.57 0.32
CA ASN C 558 -65.42 -11.02 0.76
C ASN C 558 -64.86 -11.95 -0.31
N PRO C 559 -63.53 -11.94 -0.52
CA PRO C 559 -62.91 -12.79 -1.54
C PRO C 559 -63.08 -14.29 -1.26
N ASN C 560 -63.70 -15.01 -2.19
CA ASN C 560 -63.71 -16.49 -2.29
C ASN C 560 -62.46 -16.95 -3.05
N TRP C 561 -61.45 -17.44 -2.34
CA TRP C 561 -60.11 -17.69 -2.93
C TRP C 561 -60.23 -18.66 -4.10
N LEU C 562 -61.06 -19.68 -4.02
CA LEU C 562 -61.18 -20.66 -5.13
C LEU C 562 -61.65 -19.98 -6.41
N GLU C 563 -62.62 -19.05 -6.37
CA GLU C 563 -63.15 -18.38 -7.59
C GLU C 563 -62.17 -17.29 -8.07
N GLU C 564 -61.61 -16.49 -7.17
CA GLU C 564 -60.82 -15.29 -7.53
C GLU C 564 -59.45 -15.72 -8.09
N TYR C 565 -58.83 -16.76 -7.55
CA TYR C 565 -57.46 -17.21 -7.95
C TYR C 565 -57.51 -18.58 -8.59
N HIS C 566 -58.65 -18.94 -9.15
CA HIS C 566 -58.87 -20.09 -10.06
C HIS C 566 -57.78 -20.06 -11.13
N PRO C 567 -57.07 -21.17 -11.40
CA PRO C 567 -56.23 -21.26 -12.59
C PRO C 567 -57.13 -21.50 -13.78
N LYS C 568 -56.76 -20.88 -14.90
CA LYS C 568 -57.49 -20.93 -16.18
C LYS C 568 -56.51 -21.39 -17.25
N LEU C 569 -57.03 -21.82 -18.39
CA LEU C 569 -56.27 -21.93 -19.65
C LEU C 569 -56.59 -20.74 -20.49
N ILE C 570 -55.66 -20.40 -21.36
CA ILE C 570 -55.81 -19.39 -22.46
C ILE C 570 -54.94 -19.87 -23.62
N LYS C 571 -55.22 -19.45 -24.85
CA LYS C 571 -54.27 -19.63 -25.98
C LYS C 571 -54.02 -18.30 -26.70
N ASN C 572 -52.84 -18.13 -27.25
CA ASN C 572 -52.50 -16.94 -28.09
C ASN C 572 -52.90 -17.24 -29.54
N LYS C 573 -52.71 -16.27 -30.44
CA LYS C 573 -53.13 -16.32 -31.86
C LYS C 573 -52.51 -17.56 -32.51
N SER C 574 -51.24 -17.83 -32.22
CA SER C 574 -50.46 -18.98 -32.74
C SER C 574 -50.98 -20.33 -32.20
N GLY C 575 -51.87 -20.30 -31.20
CA GLY C 575 -52.60 -21.47 -30.68
C GLY C 575 -51.82 -22.18 -29.59
N LYS C 576 -50.76 -21.56 -29.03
CA LYS C 576 -50.02 -22.07 -27.86
C LYS C 576 -50.88 -21.86 -26.62
N ILE C 577 -51.18 -22.93 -25.89
CA ILE C 577 -51.99 -22.88 -24.63
C ILE C 577 -51.08 -22.60 -23.45
N PHE C 578 -51.52 -21.73 -22.56
CA PHE C 578 -50.80 -21.34 -21.32
C PHE C 578 -51.69 -21.58 -20.10
N VAL C 579 -51.08 -21.85 -18.97
CA VAL C 579 -51.78 -21.79 -17.68
C VAL C 579 -51.77 -20.32 -17.24
N GLU C 580 -52.96 -19.74 -17.09
CA GLU C 580 -53.19 -18.31 -16.76
C GLU C 580 -53.32 -18.18 -15.24
N THR C 581 -52.31 -17.61 -14.61
CA THR C 581 -52.34 -17.23 -13.18
C THR C 581 -51.96 -15.77 -13.08
N LYS C 582 -52.12 -15.18 -11.91
CA LYS C 582 -51.70 -13.79 -11.65
C LYS C 582 -50.24 -13.63 -12.14
N PHE C 583 -49.39 -14.60 -11.89
CA PHE C 583 -47.95 -14.56 -12.28
C PHE C 583 -47.78 -14.66 -13.81
N SER C 584 -48.23 -15.74 -14.43
CA SER C 584 -48.12 -16.01 -15.89
C SER C 584 -48.72 -14.86 -16.68
N LYS C 585 -49.82 -14.29 -16.21
CA LYS C 585 -50.50 -13.13 -16.86
C LYS C 585 -49.52 -11.98 -16.99
N LEU C 586 -48.65 -11.76 -16.01
CA LEU C 586 -47.63 -10.69 -16.02
C LEU C 586 -46.52 -11.06 -16.99
N ILE C 587 -45.80 -12.15 -16.73
CA ILE C 587 -44.54 -12.49 -17.44
C ILE C 587 -44.81 -13.01 -18.84
N GLY C 588 -46.05 -13.30 -19.17
CA GLY C 588 -46.43 -13.71 -20.53
C GLY C 588 -45.88 -15.06 -20.89
N ARG C 589 -45.60 -15.90 -19.90
CA ARG C 589 -45.10 -17.27 -20.16
C ARG C 589 -45.45 -18.14 -18.97
N PRO C 590 -45.28 -19.47 -19.05
CA PRO C 590 -45.86 -20.40 -18.06
C PRO C 590 -45.39 -20.15 -16.65
N PRO C 591 -46.26 -20.28 -15.65
CA PRO C 591 -45.94 -19.84 -14.28
C PRO C 591 -44.98 -20.73 -13.49
N LEU C 592 -43.90 -21.17 -14.14
CA LEU C 592 -42.86 -22.07 -13.62
C LEU C 592 -41.56 -21.29 -13.75
N LEU C 593 -40.74 -21.37 -12.73
CA LEU C 593 -39.43 -20.73 -12.80
C LEU C 593 -38.36 -21.62 -12.18
N VAL C 594 -37.16 -21.46 -12.72
CA VAL C 594 -35.91 -22.07 -12.23
C VAL C 594 -35.24 -21.01 -11.37
N PRO C 595 -35.23 -21.20 -10.05
CA PRO C 595 -34.73 -20.16 -9.18
C PRO C 595 -33.21 -20.09 -9.31
N GLY C 596 -32.62 -19.01 -8.78
CA GLY C 596 -31.17 -18.83 -8.81
C GLY C 596 -30.53 -19.92 -7.98
N MET C 597 -29.57 -20.61 -8.57
CA MET C 597 -28.84 -21.69 -7.88
C MET C 597 -27.34 -21.56 -8.14
N THR C 598 -26.54 -21.41 -7.08
CA THR C 598 -25.07 -21.55 -7.12
C THR C 598 -24.70 -23.00 -6.84
N PRO C 599 -24.06 -23.74 -7.79
CA PRO C 599 -23.62 -23.18 -9.06
C PRO C 599 -24.45 -23.48 -10.31
N CYS C 600 -25.66 -24.02 -10.17
CA CYS C 600 -26.45 -24.61 -11.30
C CYS C 600 -26.81 -23.55 -12.34
N THR C 601 -27.25 -22.35 -11.92
CA THR C 601 -27.68 -21.23 -12.80
C THR C 601 -26.61 -20.12 -12.85
N VAL C 602 -25.35 -20.42 -12.58
CA VAL C 602 -24.27 -19.40 -12.73
C VAL C 602 -23.83 -19.47 -14.19
N SER C 603 -23.91 -20.66 -14.78
CA SER C 603 -23.63 -20.96 -16.20
C SER C 603 -24.50 -20.11 -17.11
N PRO C 604 -23.96 -19.18 -17.91
CA PRO C 604 -24.76 -18.47 -18.92
C PRO C 604 -25.34 -19.37 -20.02
N ASP C 605 -24.79 -20.56 -20.23
CA ASP C 605 -25.27 -21.56 -21.21
C ASP C 605 -26.62 -22.14 -20.76
N PHE C 606 -26.78 -22.44 -19.47
CA PHE C 606 -28.01 -23.02 -18.89
C PHE C 606 -29.10 -21.97 -18.71
N VAL C 607 -28.71 -20.72 -18.50
CA VAL C 607 -29.68 -19.60 -18.34
C VAL C 607 -30.28 -19.27 -19.69
N ALA C 608 -29.47 -19.06 -20.71
CA ALA C 608 -29.92 -18.90 -22.10
C ALA C 608 -30.83 -20.06 -22.50
N ALA C 609 -30.45 -21.30 -22.23
CA ALA C 609 -31.13 -22.50 -22.74
C ALA C 609 -32.53 -22.66 -22.17
N THR C 610 -32.71 -22.21 -20.94
CA THR C 610 -34.01 -22.21 -20.23
C THR C 610 -34.83 -21.02 -20.70
N THR C 611 -34.22 -19.85 -20.84
CA THR C 611 -34.85 -18.63 -21.36
C THR C 611 -35.35 -18.90 -22.77
N ASN C 612 -34.62 -19.71 -23.53
CA ASN C 612 -34.93 -20.06 -24.95
C ASN C 612 -36.00 -21.15 -25.04
N ALA C 613 -36.08 -22.02 -24.04
CA ALA C 613 -37.20 -22.98 -23.87
C ALA C 613 -38.51 -22.22 -23.59
N GLY C 614 -38.43 -21.02 -23.03
CA GLY C 614 -39.57 -20.16 -22.71
C GLY C 614 -39.94 -20.26 -21.26
N TYR C 615 -38.97 -20.18 -20.33
CA TYR C 615 -39.22 -20.25 -18.87
C TYR C 615 -38.37 -19.23 -18.12
N THR C 616 -38.93 -18.56 -17.10
CA THR C 616 -38.15 -17.65 -16.25
C THR C 616 -37.08 -18.46 -15.52
N ILE C 617 -35.88 -17.90 -15.46
CA ILE C 617 -34.69 -18.44 -14.76
C ILE C 617 -33.92 -17.23 -14.27
N GLU C 618 -33.50 -17.28 -13.01
CA GLU C 618 -32.59 -16.30 -12.35
C GLU C 618 -31.15 -16.75 -12.62
N LEU C 619 -30.30 -15.90 -13.23
CA LEU C 619 -28.81 -15.99 -13.17
C LEU C 619 -28.33 -15.79 -11.73
N ALA C 620 -27.52 -16.71 -11.22
CA ALA C 620 -27.08 -16.73 -9.81
C ALA C 620 -25.87 -15.81 -9.61
N GLY C 621 -26.03 -14.71 -8.87
CA GLY C 621 -24.94 -13.82 -8.47
C GLY C 621 -23.98 -14.50 -7.50
N GLY C 622 -24.41 -15.58 -6.86
CA GLY C 622 -23.57 -16.37 -5.93
C GLY C 622 -22.29 -16.89 -6.56
N GLY C 623 -22.26 -17.08 -7.88
CA GLY C 623 -21.06 -17.57 -8.59
C GLY C 623 -20.14 -16.46 -9.09
N TYR C 624 -20.43 -15.19 -8.75
CA TYR C 624 -19.71 -13.97 -9.23
C TYR C 624 -19.24 -13.14 -8.04
N PHE C 625 -18.05 -12.53 -8.18
CA PHE C 625 -17.34 -11.82 -7.09
C PHE C 625 -16.99 -10.37 -7.45
N SER C 626 -17.21 -9.95 -8.69
CA SER C 626 -17.03 -8.55 -9.13
C SER C 626 -18.16 -8.19 -10.09
N ALA C 627 -18.42 -6.90 -10.30
CA ALA C 627 -19.30 -6.40 -11.38
C ALA C 627 -18.75 -6.88 -12.74
N ALA C 628 -17.44 -6.82 -12.96
CA ALA C 628 -16.80 -7.20 -14.24
C ALA C 628 -17.15 -8.65 -14.61
N GLY C 629 -17.12 -9.55 -13.62
CA GLY C 629 -17.31 -11.00 -13.84
C GLY C 629 -18.75 -11.32 -14.20
N MET C 630 -19.69 -10.70 -13.49
CA MET C 630 -21.15 -10.78 -13.74
C MET C 630 -21.44 -10.14 -15.10
N THR C 631 -21.05 -8.88 -15.30
CA THR C 631 -21.25 -8.16 -16.58
C THR C 631 -20.90 -9.07 -17.76
N ALA C 632 -19.82 -9.84 -17.70
CA ALA C 632 -19.35 -10.69 -18.83
C ALA C 632 -20.22 -11.95 -18.95
N ALA C 633 -20.87 -12.36 -17.87
CA ALA C 633 -21.81 -13.51 -17.84
C ALA C 633 -23.10 -13.05 -18.49
N ILE C 634 -23.65 -11.94 -18.00
CA ILE C 634 -24.86 -11.30 -18.55
C ILE C 634 -24.67 -11.11 -20.05
N ASP C 635 -23.56 -10.50 -20.48
CA ASP C 635 -23.28 -10.25 -21.92
C ASP C 635 -23.37 -11.58 -22.68
N SER C 636 -22.93 -12.69 -22.08
CA SER C 636 -22.93 -14.05 -22.69
C SER C 636 -24.35 -14.61 -22.70
N VAL C 637 -25.20 -14.20 -21.76
CA VAL C 637 -26.59 -14.71 -21.66
C VAL C 637 -27.33 -14.07 -22.83
N VAL C 638 -27.31 -12.74 -22.84
CA VAL C 638 -27.88 -11.90 -23.92
C VAL C 638 -27.48 -12.44 -25.30
N SER C 639 -26.20 -12.70 -25.55
CA SER C 639 -25.66 -13.18 -26.85
C SER C 639 -26.41 -14.41 -27.37
N GLN C 640 -26.84 -15.28 -26.45
CA GLN C 640 -27.39 -16.63 -26.77
C GLN C 640 -28.93 -16.62 -26.79
N ILE C 641 -29.57 -15.67 -26.12
CA ILE C 641 -31.05 -15.56 -26.12
C ILE C 641 -31.52 -14.75 -27.33
N GLU C 642 -32.75 -15.04 -27.77
CA GLU C 642 -33.43 -14.38 -28.91
C GLU C 642 -33.89 -12.97 -28.52
N LYS C 643 -34.13 -12.12 -29.51
CA LYS C 643 -34.63 -10.74 -29.31
C LYS C 643 -35.98 -10.82 -28.58
N GLY C 644 -36.14 -10.02 -27.53
CA GLY C 644 -37.37 -9.93 -26.72
C GLY C 644 -37.37 -10.89 -25.53
N SER C 645 -36.50 -11.90 -25.52
CA SER C 645 -36.29 -12.77 -24.34
C SER C 645 -35.62 -11.96 -23.22
N THR C 646 -35.94 -12.31 -21.98
CA THR C 646 -35.44 -11.70 -20.73
C THR C 646 -35.03 -12.81 -19.76
N PHE C 647 -34.43 -12.42 -18.63
CA PHE C 647 -34.04 -13.32 -17.53
C PHE C 647 -33.92 -12.47 -16.27
N GLY C 648 -33.78 -13.13 -15.13
CA GLY C 648 -33.65 -12.48 -13.82
C GLY C 648 -32.25 -12.61 -13.28
N ILE C 649 -32.06 -12.13 -12.05
CA ILE C 649 -30.76 -12.18 -11.34
C ILE C 649 -31.05 -12.47 -9.87
N ASN C 650 -30.36 -13.43 -9.29
CA ASN C 650 -30.46 -13.77 -7.85
C ASN C 650 -29.28 -13.13 -7.13
N LEU C 651 -29.57 -12.31 -6.13
CA LEU C 651 -28.55 -11.77 -5.21
C LEU C 651 -28.85 -12.32 -3.81
N ILE C 652 -27.80 -12.50 -3.04
CA ILE C 652 -27.80 -13.05 -1.67
C ILE C 652 -27.78 -11.85 -0.74
N TYR C 653 -28.72 -11.74 0.19
CA TYR C 653 -28.85 -10.55 1.06
C TYR C 653 -27.81 -10.63 2.19
N VAL C 654 -27.46 -11.83 2.67
CA VAL C 654 -26.45 -12.07 3.75
C VAL C 654 -25.00 -12.01 3.21
N ASN C 655 -24.81 -11.58 1.95
CA ASN C 655 -23.49 -11.20 1.37
C ASN C 655 -23.50 -9.71 1.07
N PRO C 656 -23.23 -8.81 2.04
CA PRO C 656 -23.29 -7.37 1.79
C PRO C 656 -22.30 -6.91 0.73
N PHE C 657 -21.16 -7.61 0.65
CA PHE C 657 -20.09 -7.31 -0.34
C PHE C 657 -20.66 -7.49 -1.74
N MET C 658 -21.45 -8.54 -1.93
CA MET C 658 -21.98 -8.93 -3.27
C MET C 658 -23.13 -8.00 -3.69
N LEU C 659 -23.89 -7.46 -2.75
CA LEU C 659 -24.97 -6.46 -3.00
C LEU C 659 -24.40 -5.10 -3.36
N GLN C 660 -23.22 -4.74 -2.88
CA GLN C 660 -22.74 -3.33 -2.97
C GLN C 660 -22.11 -3.11 -4.35
N TRP C 661 -21.80 -4.19 -5.09
CA TRP C 661 -21.45 -4.11 -6.53
C TRP C 661 -22.61 -4.57 -7.42
N GLY C 662 -23.40 -5.55 -6.97
CA GLY C 662 -24.54 -6.13 -7.72
C GLY C 662 -25.64 -5.12 -7.96
N ILE C 663 -26.10 -4.41 -6.92
CA ILE C 663 -27.25 -3.48 -7.07
C ILE C 663 -26.88 -2.33 -7.99
N PRO C 664 -25.74 -1.63 -7.81
CA PRO C 664 -25.32 -0.61 -8.78
C PRO C 664 -25.18 -1.11 -10.22
N LEU C 665 -24.77 -2.37 -10.41
CA LEU C 665 -24.59 -3.00 -11.75
C LEU C 665 -25.94 -3.21 -12.41
N ILE C 666 -26.90 -3.77 -11.67
CA ILE C 666 -28.29 -4.01 -12.16
C ILE C 666 -28.86 -2.66 -12.58
N LYS C 667 -28.68 -1.63 -11.76
CA LYS C 667 -29.16 -0.24 -12.05
C LYS C 667 -28.54 0.28 -13.34
N GLU C 668 -27.23 0.11 -13.50
CA GLU C 668 -26.45 0.59 -14.67
C GLU C 668 -26.90 -0.18 -15.93
N LEU C 669 -27.05 -1.50 -15.84
CA LEU C 669 -27.34 -2.35 -17.02
C LEU C 669 -28.76 -2.09 -17.52
N ARG C 670 -29.68 -1.76 -16.62
CA ARG C 670 -31.10 -1.44 -16.93
C ARG C 670 -31.20 -0.04 -17.53
N SER C 671 -30.32 0.89 -17.13
CA SER C 671 -30.26 2.27 -17.69
C SER C 671 -29.83 2.22 -19.17
N LYS C 672 -28.99 1.25 -19.56
CA LYS C 672 -28.63 0.94 -20.98
C LYS C 672 -29.68 0.03 -21.63
N GLY C 673 -30.64 -0.44 -20.84
CA GLY C 673 -31.81 -1.23 -21.30
C GLY C 673 -31.52 -2.72 -21.44
N TYR C 674 -30.63 -3.33 -20.66
CA TYR C 674 -30.41 -4.79 -20.73
C TYR C 674 -31.71 -5.48 -20.33
N PRO C 675 -31.98 -6.67 -20.90
CA PRO C 675 -33.20 -7.42 -20.62
C PRO C 675 -33.17 -8.22 -19.30
N ILE C 676 -32.97 -7.49 -18.21
CA ILE C 676 -33.09 -8.03 -16.84
C ILE C 676 -34.53 -7.75 -16.40
N GLN C 677 -35.35 -8.79 -16.34
CA GLN C 677 -36.80 -8.63 -16.13
C GLN C 677 -37.00 -8.32 -14.65
N PHE C 678 -36.29 -9.04 -13.79
CA PHE C 678 -36.52 -9.00 -12.33
C PHE C 678 -35.26 -9.33 -11.55
N LEU C 679 -35.28 -8.87 -10.31
CA LEU C 679 -34.24 -9.21 -9.31
C LEU C 679 -34.88 -10.06 -8.25
N THR C 680 -34.31 -11.21 -7.95
CA THR C 680 -34.69 -11.98 -6.73
C THR C 680 -33.64 -11.74 -5.65
N ILE C 681 -34.09 -11.52 -4.41
CA ILE C 681 -33.23 -11.33 -3.23
C ILE C 681 -33.36 -12.56 -2.34
N GLY C 682 -32.37 -13.45 -2.42
CA GLY C 682 -32.30 -14.70 -1.63
C GLY C 682 -31.79 -14.45 -0.23
N ALA C 683 -31.95 -15.45 0.65
CA ALA C 683 -31.38 -15.51 2.02
C ALA C 683 -31.72 -14.24 2.79
N GLY C 684 -32.97 -14.14 3.25
CA GLY C 684 -33.46 -12.99 4.04
C GLY C 684 -34.16 -11.97 3.16
N VAL C 685 -34.94 -11.09 3.79
CA VAL C 685 -35.80 -10.08 3.13
C VAL C 685 -35.26 -8.69 3.48
N PRO C 686 -35.03 -7.81 2.49
CA PRO C 686 -34.58 -6.45 2.77
C PRO C 686 -35.52 -5.66 3.68
N SER C 687 -34.97 -4.67 4.38
CA SER C 687 -35.71 -3.65 5.15
C SER C 687 -36.52 -2.78 4.18
N LEU C 688 -37.48 -2.01 4.69
CA LEU C 688 -38.47 -1.23 3.88
C LEU C 688 -37.72 -0.21 3.01
N GLU C 689 -36.70 0.45 3.57
CA GLU C 689 -35.94 1.56 2.94
C GLU C 689 -35.06 1.04 1.81
N VAL C 690 -34.50 -0.16 1.98
CA VAL C 690 -33.68 -0.88 0.96
C VAL C 690 -34.62 -1.39 -0.15
N ALA C 691 -35.72 -2.05 0.20
CA ALA C 691 -36.71 -2.58 -0.74
C ALA C 691 -37.26 -1.44 -1.61
N SER C 692 -37.56 -0.28 -0.99
CA SER C 692 -38.04 0.93 -1.69
C SER C 692 -36.98 1.41 -2.66
N GLU C 693 -35.69 1.24 -2.32
CA GLU C 693 -34.56 1.68 -3.18
C GLU C 693 -34.61 0.83 -4.45
N TYR C 694 -34.59 -0.49 -4.28
CA TYR C 694 -34.61 -1.51 -5.37
C TYR C 694 -35.81 -1.26 -6.29
N ILE C 695 -36.98 -1.04 -5.71
CA ILE C 695 -38.25 -0.94 -6.51
C ILE C 695 -38.17 0.30 -7.40
N GLU C 696 -37.83 1.45 -6.82
CA GLU C 696 -37.99 2.78 -7.47
C GLU C 696 -36.82 3.09 -8.42
N THR C 697 -35.60 2.62 -8.12
CA THR C 697 -34.35 3.01 -8.84
C THR C 697 -33.96 2.01 -9.93
N LEU C 698 -34.13 0.69 -9.70
CA LEU C 698 -33.46 -0.38 -10.51
C LEU C 698 -34.11 -0.57 -11.89
N GLY C 699 -35.28 0.01 -12.17
CA GLY C 699 -35.95 -0.12 -13.49
C GLY C 699 -36.38 -1.55 -13.79
N LEU C 700 -36.86 -2.27 -12.77
CA LEU C 700 -37.31 -3.69 -12.84
C LEU C 700 -38.82 -3.75 -13.07
N LYS C 701 -39.26 -4.84 -13.67
CA LYS C 701 -40.69 -5.17 -13.88
C LYS C 701 -41.27 -5.73 -12.58
N TYR C 702 -40.62 -6.68 -11.92
CA TYR C 702 -41.00 -7.10 -10.54
C TYR C 702 -39.78 -7.54 -9.72
N LEU C 703 -39.99 -7.77 -8.43
CA LEU C 703 -38.93 -8.03 -7.44
C LEU C 703 -39.27 -9.32 -6.73
N GLY C 704 -38.42 -10.33 -6.80
CA GLY C 704 -38.60 -11.59 -6.06
C GLY C 704 -38.09 -11.49 -4.64
N LEU C 705 -38.84 -12.03 -3.69
CA LEU C 705 -38.44 -12.08 -2.26
C LEU C 705 -38.62 -13.53 -1.81
N LYS C 706 -37.77 -14.00 -0.90
CA LYS C 706 -37.75 -15.41 -0.47
C LYS C 706 -37.81 -15.46 1.05
N PRO C 707 -38.99 -15.19 1.64
CA PRO C 707 -39.13 -15.22 3.08
C PRO C 707 -38.85 -16.63 3.65
N GLY C 708 -38.08 -16.68 4.74
CA GLY C 708 -37.71 -17.92 5.46
C GLY C 708 -38.87 -18.38 6.35
N SER C 709 -39.42 -17.46 7.14
CA SER C 709 -40.35 -17.71 8.28
C SER C 709 -41.60 -16.81 8.16
N ILE C 710 -42.46 -16.84 9.19
CA ILE C 710 -43.67 -15.98 9.36
C ILE C 710 -43.27 -14.49 9.40
N ASP C 711 -42.27 -14.12 10.21
CA ASP C 711 -41.88 -12.70 10.40
C ASP C 711 -41.36 -12.15 9.07
N ALA C 712 -40.65 -12.98 8.30
CA ALA C 712 -40.10 -12.62 6.97
C ALA C 712 -41.24 -12.40 5.97
N ILE C 713 -42.30 -13.23 6.02
CA ILE C 713 -43.51 -13.08 5.16
C ILE C 713 -44.19 -11.77 5.51
N SER C 714 -44.37 -11.48 6.80
CA SER C 714 -44.95 -10.20 7.30
C SER C 714 -44.10 -9.04 6.78
N GLN C 715 -42.79 -9.22 6.66
CA GLN C 715 -41.86 -8.15 6.20
C GLN C 715 -42.03 -7.95 4.68
N VAL C 716 -42.35 -9.01 3.94
CA VAL C 716 -42.65 -8.96 2.48
C VAL C 716 -43.99 -8.27 2.27
N ILE C 717 -44.96 -8.55 3.13
CA ILE C 717 -46.34 -7.98 3.03
C ILE C 717 -46.27 -6.48 3.27
N ASN C 718 -45.39 -6.04 4.18
CA ASN C 718 -45.17 -4.61 4.49
C ASN C 718 -44.53 -3.94 3.27
N ILE C 719 -43.58 -4.61 2.60
CA ILE C 719 -42.88 -4.05 1.41
C ILE C 719 -43.91 -3.84 0.30
N ALA C 720 -44.88 -4.75 0.21
CA ALA C 720 -45.90 -4.78 -0.85
C ALA C 720 -46.89 -3.64 -0.64
N LYS C 721 -47.26 -3.39 0.62
CA LYS C 721 -48.27 -2.37 1.03
C LYS C 721 -47.74 -0.96 0.74
N ALA C 722 -46.42 -0.79 0.88
CA ALA C 722 -45.69 0.47 0.60
C ALA C 722 -45.73 0.80 -0.89
N HIS C 723 -45.69 -0.20 -1.78
CA HIS C 723 -45.62 -0.02 -3.26
C HIS C 723 -46.77 -0.73 -3.95
N PRO C 724 -48.03 -0.34 -3.68
CA PRO C 724 -49.19 -1.20 -3.99
C PRO C 724 -49.39 -1.54 -5.48
N ASN C 725 -48.77 -0.78 -6.39
CA ASN C 725 -48.88 -0.93 -7.86
C ASN C 725 -47.71 -1.73 -8.42
N PHE C 726 -46.73 -2.07 -7.60
CA PHE C 726 -45.51 -2.78 -8.07
C PHE C 726 -45.60 -4.25 -7.70
N PRO C 727 -45.46 -5.17 -8.68
CA PRO C 727 -45.61 -6.59 -8.43
C PRO C 727 -44.48 -7.17 -7.57
N ILE C 728 -44.81 -7.91 -6.53
CA ILE C 728 -43.85 -8.62 -5.66
C ILE C 728 -44.09 -10.11 -5.87
N ALA C 729 -43.03 -10.89 -6.09
CA ALA C 729 -43.10 -12.34 -6.27
C ALA C 729 -42.61 -13.01 -4.99
N LEU C 730 -43.52 -13.38 -4.13
CA LEU C 730 -43.22 -13.99 -2.82
C LEU C 730 -42.99 -15.47 -3.09
N GLN C 731 -41.73 -15.84 -3.22
CA GLN C 731 -41.28 -17.24 -3.45
C GLN C 731 -41.18 -17.87 -2.07
N TRP C 732 -42.23 -18.54 -1.65
CA TRP C 732 -42.27 -19.34 -0.41
C TRP C 732 -41.63 -20.70 -0.68
N THR C 733 -40.61 -21.06 0.10
CA THR C 733 -39.97 -22.40 0.10
C THR C 733 -39.89 -22.89 1.52
N GLY C 734 -40.35 -24.11 1.78
CA GLY C 734 -40.11 -24.80 3.05
C GLY C 734 -38.63 -25.07 3.26
N GLY C 735 -38.28 -25.55 4.43
CA GLY C 735 -36.90 -26.00 4.68
C GLY C 735 -36.57 -27.32 3.98
N ARG C 736 -37.52 -28.01 3.35
CA ARG C 736 -37.23 -29.29 2.63
C ARG C 736 -36.53 -29.02 1.28
N GLY C 737 -36.30 -27.75 0.95
CA GLY C 737 -35.62 -27.38 -0.30
C GLY C 737 -34.13 -27.74 -0.29
N GLY C 738 -33.56 -27.90 -1.49
CA GLY C 738 -32.11 -28.06 -1.69
C GLY C 738 -31.37 -26.79 -1.30
N GLY C 739 -30.07 -26.91 -1.05
CA GLY C 739 -29.23 -25.75 -0.68
C GLY C 739 -29.52 -25.25 0.72
N HIS C 740 -29.18 -23.99 1.00
CA HIS C 740 -29.40 -23.34 2.30
C HIS C 740 -30.91 -23.36 2.52
N HIS C 741 -31.32 -23.87 3.67
CA HIS C 741 -32.73 -24.15 3.95
C HIS C 741 -33.08 -23.79 5.39
N SER C 742 -34.32 -23.39 5.58
CA SER C 742 -34.89 -22.97 6.87
C SER C 742 -35.19 -24.21 7.72
N PHE C 743 -35.81 -24.00 8.87
CA PHE C 743 -36.32 -25.04 9.80
C PHE C 743 -37.84 -25.24 9.61
N GLU C 744 -38.48 -24.38 8.82
CA GLU C 744 -39.96 -24.23 8.70
C GLU C 744 -40.58 -25.40 7.90
N ASP C 745 -41.81 -25.77 8.24
CA ASP C 745 -42.68 -26.62 7.39
C ASP C 745 -43.06 -25.82 6.14
N ALA C 746 -43.38 -26.52 5.06
CA ALA C 746 -43.86 -25.93 3.78
C ALA C 746 -45.30 -25.41 3.93
N HIS C 747 -46.14 -26.07 4.71
CA HIS C 747 -47.60 -25.85 4.65
C HIS C 747 -48.04 -24.87 5.73
N THR C 748 -47.73 -25.19 6.99
CA THR C 748 -48.25 -24.52 8.20
C THR C 748 -48.13 -23.01 8.03
N PRO C 749 -46.94 -22.44 7.72
CA PRO C 749 -46.82 -20.99 7.54
C PRO C 749 -47.75 -20.37 6.46
N MET C 750 -48.02 -21.08 5.37
CA MET C 750 -48.91 -20.57 4.30
C MET C 750 -50.36 -20.62 4.79
N LEU C 751 -50.78 -21.67 5.49
CA LEU C 751 -52.14 -21.73 6.08
C LEU C 751 -52.39 -20.49 6.96
N GLN C 752 -51.40 -20.05 7.74
CA GLN C 752 -51.51 -18.86 8.63
C GLN C 752 -51.52 -17.59 7.80
N MET C 753 -50.64 -17.51 6.81
CA MET C 753 -50.27 -16.25 6.14
C MET C 753 -51.00 -16.06 4.79
N TYR C 754 -51.65 -17.08 4.25
CA TYR C 754 -52.26 -17.01 2.90
C TYR C 754 -53.33 -15.92 2.84
N SER C 755 -54.17 -15.79 3.85
CA SER C 755 -55.24 -14.77 3.83
C SER C 755 -54.60 -13.37 3.81
N LYS C 756 -53.59 -13.13 4.64
CA LYS C 756 -52.99 -11.78 4.78
C LYS C 756 -52.28 -11.44 3.49
N ILE C 757 -51.64 -12.43 2.87
CA ILE C 757 -50.95 -12.29 1.54
C ILE C 757 -51.99 -11.90 0.50
N ARG C 758 -53.12 -12.59 0.43
CA ARG C 758 -54.12 -12.37 -0.65
C ARG C 758 -54.89 -11.05 -0.50
N ARG C 759 -54.76 -10.35 0.64
CA ARG C 759 -55.29 -8.97 0.81
C ARG C 759 -54.59 -8.01 -0.17
N HIS C 760 -53.38 -8.35 -0.61
CA HIS C 760 -52.46 -7.48 -1.36
C HIS C 760 -52.35 -7.93 -2.81
N PRO C 761 -53.13 -7.33 -3.74
CA PRO C 761 -53.28 -7.91 -5.07
C PRO C 761 -51.99 -7.90 -5.89
N ASN C 762 -50.95 -7.21 -5.44
CA ASN C 762 -49.67 -7.09 -6.18
C ASN C 762 -48.68 -8.19 -5.76
N ILE C 763 -48.97 -8.95 -4.70
CA ILE C 763 -48.15 -10.14 -4.37
C ILE C 763 -48.62 -11.31 -5.24
N MET C 764 -47.71 -11.78 -6.08
CA MET C 764 -47.80 -13.05 -6.83
C MET C 764 -47.11 -14.09 -5.95
N LEU C 765 -47.77 -15.20 -5.70
CA LEU C 765 -47.39 -16.11 -4.61
C LEU C 765 -46.93 -17.44 -5.21
N ILE C 766 -45.61 -17.64 -5.29
CA ILE C 766 -44.92 -18.81 -5.88
C ILE C 766 -44.66 -19.84 -4.78
N PHE C 767 -44.69 -21.13 -5.07
CA PHE C 767 -44.47 -22.21 -4.08
C PHE C 767 -43.35 -23.12 -4.58
N GLY C 768 -42.34 -23.32 -3.75
CA GLY C 768 -41.14 -24.10 -4.05
C GLY C 768 -40.95 -25.17 -3.01
N SER C 769 -39.78 -25.79 -3.01
CA SER C 769 -39.38 -26.86 -2.07
C SER C 769 -40.21 -28.11 -2.41
N GLY C 770 -39.57 -29.06 -3.07
CA GLY C 770 -39.99 -30.47 -3.08
C GLY C 770 -40.91 -30.80 -4.24
N PHE C 771 -40.69 -30.15 -5.40
CA PHE C 771 -41.53 -30.34 -6.60
C PHE C 771 -40.67 -30.83 -7.73
N GLY C 772 -41.24 -31.73 -8.52
CA GLY C 772 -40.61 -32.23 -9.76
C GLY C 772 -41.60 -32.45 -10.87
N SER C 773 -42.87 -32.68 -10.57
CA SER C 773 -43.85 -33.17 -11.58
C SER C 773 -45.12 -32.33 -11.52
N ALA C 774 -45.87 -32.34 -12.61
CA ALA C 774 -47.27 -31.85 -12.69
C ALA C 774 -48.15 -32.50 -11.62
N ASP C 775 -47.91 -33.76 -11.30
CA ASP C 775 -48.78 -34.57 -10.41
C ASP C 775 -48.77 -33.97 -9.00
N ASP C 776 -47.60 -33.60 -8.49
CA ASP C 776 -47.41 -33.16 -7.07
C ASP C 776 -47.70 -31.65 -6.93
N THR C 777 -47.62 -30.87 -8.01
CA THR C 777 -47.82 -29.40 -8.01
C THR C 777 -49.29 -29.02 -8.20
N TYR C 778 -50.03 -29.81 -8.99
CA TYR C 778 -51.43 -29.53 -9.40
C TYR C 778 -52.31 -29.20 -8.21
N PRO C 779 -52.23 -29.92 -7.07
CA PRO C 779 -53.01 -29.57 -5.89
C PRO C 779 -52.75 -28.16 -5.32
N TYR C 780 -51.57 -27.62 -5.53
CA TYR C 780 -51.17 -26.24 -5.13
C TYR C 780 -51.74 -25.28 -6.18
N LEU C 781 -51.84 -25.71 -7.43
CA LEU C 781 -52.34 -24.86 -8.53
C LEU C 781 -53.85 -24.67 -8.38
N THR C 782 -54.58 -25.73 -8.02
CA THR C 782 -56.06 -25.69 -7.93
C THR C 782 -56.52 -25.36 -6.53
N GLY C 783 -55.59 -25.26 -5.59
CA GLY C 783 -55.89 -24.96 -4.19
C GLY C 783 -56.46 -26.13 -3.39
N GLU C 784 -56.57 -27.37 -3.89
CA GLU C 784 -57.15 -28.47 -3.07
C GLU C 784 -56.15 -28.89 -1.96
N TRP C 785 -54.87 -28.61 -2.12
CA TRP C 785 -53.83 -28.95 -1.13
C TRP C 785 -54.23 -28.56 0.28
N SER C 786 -54.93 -27.45 0.47
CA SER C 786 -55.28 -26.93 1.82
C SER C 786 -56.58 -27.58 2.32
N THR C 787 -57.28 -28.41 1.55
CA THR C 787 -58.53 -29.06 2.01
C THR C 787 -58.19 -30.26 2.90
N LYS C 788 -56.96 -30.79 2.80
CA LYS C 788 -56.42 -31.87 3.68
C LYS C 788 -56.23 -31.35 5.10
N PHE C 789 -55.99 -30.04 5.28
CA PHE C 789 -55.84 -29.40 6.60
C PHE C 789 -57.14 -28.72 7.07
N ASP C 790 -58.29 -29.06 6.45
CA ASP C 790 -59.66 -28.60 6.83
C ASP C 790 -59.77 -27.06 6.69
N TYR C 791 -59.04 -26.51 5.72
CA TYR C 791 -59.08 -25.07 5.35
C TYR C 791 -59.75 -24.95 3.99
N PRO C 792 -60.25 -23.75 3.65
CA PRO C 792 -60.79 -23.50 2.31
C PRO C 792 -59.70 -23.54 1.27
N PRO C 793 -60.00 -23.87 -0.01
CA PRO C 793 -58.95 -23.98 -1.03
C PRO C 793 -58.12 -22.69 -1.19
N MET C 794 -56.80 -22.82 -1.29
CA MET C 794 -55.85 -21.70 -1.37
C MET C 794 -55.00 -21.89 -2.61
N PRO C 795 -55.42 -21.43 -3.79
CA PRO C 795 -54.67 -21.68 -5.00
C PRO C 795 -53.43 -20.80 -4.98
N PHE C 796 -52.37 -21.28 -5.64
CA PHE C 796 -51.07 -20.56 -5.77
C PHE C 796 -50.86 -20.07 -7.20
N ASP C 797 -50.06 -19.02 -7.34
CA ASP C 797 -49.88 -18.31 -8.63
C ASP C 797 -48.76 -18.92 -9.47
N GLY C 798 -47.82 -19.64 -8.90
CA GLY C 798 -46.66 -20.18 -9.66
C GLY C 798 -45.83 -21.15 -8.83
N PHE C 799 -44.90 -21.83 -9.48
CA PHE C 799 -44.04 -22.89 -8.87
C PHE C 799 -42.60 -22.63 -9.20
N LEU C 800 -41.69 -22.99 -8.31
CA LEU C 800 -40.26 -22.94 -8.64
C LEU C 800 -39.65 -24.31 -8.40
N PHE C 801 -38.69 -24.67 -9.26
CA PHE C 801 -38.14 -26.03 -9.40
C PHE C 801 -36.61 -25.97 -9.35
N GLY C 802 -36.03 -26.26 -8.19
CA GLY C 802 -34.59 -26.12 -7.98
C GLY C 802 -33.87 -27.42 -8.27
N SER C 803 -33.89 -28.29 -7.28
CA SER C 803 -33.33 -29.65 -7.31
C SER C 803 -33.69 -30.39 -8.62
N ARG C 804 -34.92 -30.28 -9.08
CA ARG C 804 -35.46 -31.06 -10.24
C ARG C 804 -34.62 -30.85 -11.51
N VAL C 805 -34.08 -29.66 -11.73
CA VAL C 805 -33.46 -29.34 -13.05
C VAL C 805 -31.94 -29.64 -13.04
N MET C 806 -31.35 -30.04 -11.91
CA MET C 806 -29.90 -30.28 -11.78
C MET C 806 -29.33 -31.40 -12.65
N ILE C 807 -30.16 -32.27 -13.25
CA ILE C 807 -29.70 -33.37 -14.13
C ILE C 807 -30.13 -33.10 -15.58
N ALA C 808 -30.53 -31.87 -15.89
CA ALA C 808 -30.89 -31.50 -17.28
C ALA C 808 -29.64 -31.61 -18.15
N LYS C 809 -29.79 -31.72 -19.46
CA LYS C 809 -28.65 -31.83 -20.40
C LYS C 809 -27.77 -30.58 -20.30
N GLU C 810 -28.40 -29.39 -20.19
CA GLU C 810 -27.74 -28.07 -20.38
C GLU C 810 -27.03 -27.60 -19.10
N VAL C 811 -27.25 -28.29 -17.98
CA VAL C 811 -26.61 -27.96 -16.67
C VAL C 811 -25.18 -28.51 -16.67
N LYS C 812 -24.26 -27.76 -16.08
CA LYS C 812 -22.79 -28.01 -16.18
C LYS C 812 -22.36 -29.11 -15.19
N THR C 813 -23.19 -29.40 -14.18
CA THR C 813 -23.05 -30.57 -13.27
C THR C 813 -22.37 -31.69 -14.05
N SER C 814 -21.26 -32.23 -13.53
CA SER C 814 -20.45 -33.27 -14.21
C SER C 814 -21.24 -34.57 -14.30
N PRO C 815 -21.03 -35.36 -15.37
CA PRO C 815 -21.75 -36.62 -15.55
C PRO C 815 -21.88 -37.53 -14.33
N ASP C 816 -20.80 -37.64 -13.54
CA ASP C 816 -20.72 -38.59 -12.40
C ASP C 816 -21.47 -37.98 -11.20
N ALA C 817 -21.54 -36.65 -11.11
CA ALA C 817 -22.38 -35.90 -10.14
C ALA C 817 -23.87 -36.12 -10.47
N LYS C 818 -24.22 -36.12 -11.78
CA LYS C 818 -25.62 -36.31 -12.24
C LYS C 818 -26.06 -37.73 -11.87
N LYS C 819 -25.19 -38.73 -12.08
CA LYS C 819 -25.44 -40.15 -11.70
C LYS C 819 -25.66 -40.23 -10.20
N CYS C 820 -24.85 -39.47 -9.45
CA CYS C 820 -24.86 -39.41 -7.96
C CYS C 820 -26.13 -38.74 -7.46
N ILE C 821 -26.64 -37.73 -8.18
CA ILE C 821 -27.94 -37.06 -7.89
C ILE C 821 -29.06 -38.06 -8.18
N ALA C 822 -29.11 -38.61 -9.38
CA ALA C 822 -30.17 -39.53 -9.87
C ALA C 822 -30.31 -40.81 -9.02
N ALA C 823 -29.27 -41.16 -8.27
CA ALA C 823 -29.22 -42.37 -7.41
C ALA C 823 -29.91 -42.11 -6.06
N CYS C 824 -29.93 -40.86 -5.58
CA CYS C 824 -30.66 -40.46 -4.34
C CYS C 824 -32.14 -40.81 -4.50
N THR C 825 -32.67 -41.57 -3.55
CA THR C 825 -34.07 -42.06 -3.60
C THR C 825 -34.99 -40.88 -3.26
N GLY C 826 -34.57 -40.04 -2.33
CA GLY C 826 -35.42 -38.98 -1.74
C GLY C 826 -36.31 -39.56 -0.66
N VAL C 827 -37.10 -38.71 -0.01
CA VAL C 827 -38.14 -39.13 0.98
C VAL C 827 -39.37 -38.24 0.84
N PRO C 828 -40.57 -38.73 1.23
CA PRO C 828 -41.76 -37.88 1.29
C PRO C 828 -41.64 -36.74 2.30
N ASP C 829 -42.46 -35.69 2.17
CA ASP C 829 -42.46 -34.46 3.02
C ASP C 829 -42.33 -34.80 4.51
N ASP C 830 -43.07 -35.81 5.01
CA ASP C 830 -43.19 -36.07 6.48
C ASP C 830 -41.85 -36.52 7.11
N LYS C 831 -40.93 -37.11 6.33
CA LYS C 831 -39.63 -37.66 6.82
C LYS C 831 -38.52 -36.59 6.79
N TRP C 832 -38.53 -35.68 5.80
CA TRP C 832 -37.44 -34.72 5.45
C TRP C 832 -36.62 -34.27 6.67
N GLU C 833 -37.26 -33.88 7.77
CA GLU C 833 -36.59 -33.34 8.99
C GLU C 833 -35.52 -34.28 9.56
N GLN C 834 -35.59 -35.58 9.24
CA GLN C 834 -34.58 -36.57 9.67
C GLN C 834 -33.19 -36.23 9.09
N THR C 835 -33.08 -35.47 7.99
CA THR C 835 -31.77 -35.02 7.41
C THR C 835 -30.92 -34.29 8.45
N TYR C 836 -31.51 -33.79 9.55
CA TYR C 836 -30.79 -33.00 10.57
C TYR C 836 -29.92 -33.93 11.43
N LYS C 837 -30.21 -35.24 11.44
CA LYS C 837 -29.54 -36.27 12.28
C LYS C 837 -28.67 -37.18 11.40
N LYS C 838 -29.22 -37.75 10.34
CA LYS C 838 -28.61 -38.86 9.59
C LYS C 838 -28.93 -38.73 8.10
N PRO C 839 -28.19 -39.39 7.20
CA PRO C 839 -28.53 -39.44 5.78
C PRO C 839 -29.90 -40.08 5.48
N THR C 840 -30.85 -39.22 5.12
CA THR C 840 -32.26 -39.52 4.80
C THR C 840 -32.45 -39.38 3.29
N GLY C 841 -32.62 -40.50 2.58
CA GLY C 841 -32.86 -40.51 1.12
C GLY C 841 -31.65 -40.04 0.34
N GLY C 842 -30.43 -40.21 0.89
CA GLY C 842 -29.16 -39.90 0.22
C GLY C 842 -28.67 -38.50 0.54
N ILE C 843 -29.50 -37.70 1.22
CA ILE C 843 -29.30 -36.26 1.45
C ILE C 843 -29.15 -36.06 2.94
N VAL C 844 -28.29 -35.14 3.35
CA VAL C 844 -28.11 -34.80 4.78
C VAL C 844 -28.02 -33.29 4.92
N THR C 845 -28.16 -32.80 6.14
CA THR C 845 -27.96 -31.38 6.49
C THR C 845 -26.59 -31.22 7.15
N VAL C 846 -25.82 -30.24 6.69
CA VAL C 846 -24.56 -29.79 7.31
C VAL C 846 -24.68 -28.28 7.57
N ARG C 847 -23.72 -27.70 8.28
CA ARG C 847 -23.68 -26.26 8.64
C ARG C 847 -22.71 -25.57 7.71
N SER C 848 -23.02 -24.35 7.29
CA SER C 848 -22.14 -23.50 6.44
C SER C 848 -20.99 -22.96 7.29
N GLU C 849 -20.13 -22.13 6.69
CA GLU C 849 -19.10 -21.30 7.37
C GLU C 849 -19.75 -20.46 8.50
N MET C 850 -20.95 -19.89 8.24
CA MET C 850 -21.69 -18.96 9.16
C MET C 850 -22.72 -19.72 10.03
N GLY C 851 -22.70 -21.05 10.03
CA GLY C 851 -23.59 -21.90 10.83
C GLY C 851 -25.01 -21.99 10.29
N GLU C 852 -25.21 -21.87 8.96
CA GLU C 852 -26.54 -21.99 8.29
C GLU C 852 -26.70 -23.41 7.75
N PRO C 853 -27.87 -24.07 7.96
CA PRO C 853 -28.09 -25.42 7.43
C PRO C 853 -28.16 -25.47 5.90
N ILE C 854 -27.47 -26.43 5.28
CA ILE C 854 -27.37 -26.65 3.81
C ILE C 854 -27.69 -28.10 3.57
N HIS C 855 -28.62 -28.40 2.66
CA HIS C 855 -28.99 -29.79 2.25
C HIS C 855 -28.04 -30.20 1.15
N LYS C 856 -27.21 -31.20 1.42
CA LYS C 856 -26.24 -31.76 0.45
C LYS C 856 -26.49 -33.25 0.31
N ILE C 857 -26.15 -33.78 -0.85
CA ILE C 857 -26.04 -35.24 -1.04
C ILE C 857 -24.96 -35.75 -0.10
N ALA C 858 -25.24 -36.84 0.60
CA ALA C 858 -24.39 -37.44 1.65
C ALA C 858 -23.36 -38.36 0.99
N THR C 859 -22.41 -37.72 0.32
CA THR C 859 -21.14 -38.27 -0.16
C THR C 859 -20.18 -38.43 1.03
N ARG C 860 -19.20 -39.34 0.93
CA ARG C 860 -18.07 -39.48 1.90
C ARG C 860 -17.56 -38.09 2.31
N GLY C 861 -17.42 -37.18 1.35
CA GLY C 861 -16.93 -35.82 1.58
C GLY C 861 -17.82 -35.06 2.53
N VAL C 862 -19.12 -35.09 2.27
CA VAL C 862 -20.15 -34.37 3.06
C VAL C 862 -20.29 -35.09 4.40
N MET C 863 -20.23 -36.42 4.40
CA MET C 863 -20.32 -37.18 5.65
C MET C 863 -19.12 -36.84 6.57
N LEU C 864 -17.94 -36.60 6.00
CA LEU C 864 -16.79 -36.08 6.77
C LEU C 864 -17.16 -34.72 7.38
N TRP C 865 -17.58 -33.78 6.54
CA TRP C 865 -18.03 -32.41 6.91
C TRP C 865 -18.98 -32.49 8.10
N LYS C 866 -19.93 -33.43 8.05
CA LYS C 866 -20.96 -33.56 9.10
C LYS C 866 -20.30 -34.05 10.39
N GLU C 867 -19.40 -35.02 10.28
CA GLU C 867 -18.61 -35.57 11.41
C GLU C 867 -17.72 -34.47 12.02
N PHE C 868 -17.08 -33.61 11.25
CA PHE C 868 -16.26 -32.50 11.80
C PHE C 868 -17.15 -31.38 12.37
N ASP C 869 -18.42 -31.29 11.97
CA ASP C 869 -19.42 -30.34 12.53
C ASP C 869 -19.75 -30.76 13.95
N GLU C 870 -19.84 -32.07 14.18
CA GLU C 870 -20.31 -32.68 15.45
C GLU C 870 -19.18 -32.65 16.50
N THR C 871 -17.91 -32.80 16.07
CA THR C 871 -16.74 -33.13 16.95
C THR C 871 -15.70 -32.01 17.05
N ILE C 872 -15.54 -31.14 16.04
CA ILE C 872 -14.42 -30.16 15.93
C ILE C 872 -14.92 -28.71 15.82
N PHE C 873 -15.84 -28.41 14.90
CA PHE C 873 -16.20 -27.01 14.53
C PHE C 873 -17.23 -26.44 15.51
N ASN C 874 -17.85 -27.29 16.33
CA ASN C 874 -18.79 -26.91 17.42
C ASN C 874 -18.01 -26.52 18.69
N LEU C 875 -16.77 -26.99 18.84
CA LEU C 875 -15.89 -26.69 20.02
C LEU C 875 -15.57 -25.19 20.06
N PRO C 876 -15.41 -24.60 21.27
CA PRO C 876 -14.95 -23.21 21.39
C PRO C 876 -13.48 -23.00 20.97
N LYS C 877 -13.03 -21.74 20.87
CA LYS C 877 -11.71 -21.33 20.27
C LYS C 877 -10.52 -21.82 21.11
N ASN C 878 -10.68 -21.88 22.44
CA ASN C 878 -9.61 -22.33 23.39
C ASN C 878 -9.33 -23.83 23.20
N LYS C 879 -10.36 -24.65 22.93
CA LYS C 879 -10.29 -26.14 22.86
C LYS C 879 -9.98 -26.64 21.43
N LEU C 880 -10.10 -25.78 20.40
CA LEU C 880 -10.01 -26.16 18.96
C LEU C 880 -8.60 -26.68 18.65
N VAL C 881 -7.58 -25.85 18.89
CA VAL C 881 -6.16 -26.14 18.54
C VAL C 881 -5.66 -27.38 19.30
N PRO C 882 -5.88 -27.51 20.64
CA PRO C 882 -5.61 -28.77 21.35
C PRO C 882 -6.26 -30.06 20.81
N THR C 883 -7.42 -29.95 20.14
CA THR C 883 -8.20 -31.08 19.56
C THR C 883 -7.66 -31.42 18.17
N LEU C 884 -7.19 -30.42 17.42
CA LEU C 884 -6.59 -30.61 16.06
C LEU C 884 -5.21 -31.26 16.17
N GLU C 885 -4.39 -30.86 17.15
CA GLU C 885 -3.03 -31.43 17.34
C GLU C 885 -3.16 -32.86 17.92
N ALA C 886 -4.22 -33.13 18.69
CA ALA C 886 -4.52 -34.46 19.30
C ALA C 886 -4.97 -35.46 18.23
N LYS C 887 -5.82 -35.01 17.29
CA LYS C 887 -6.47 -35.85 16.25
C LYS C 887 -5.78 -35.71 14.89
N ARG C 888 -4.72 -34.91 14.78
CA ARG C 888 -3.93 -34.64 13.54
C ARG C 888 -3.96 -35.86 12.61
N ASP C 889 -3.45 -37.01 13.04
CA ASP C 889 -3.21 -38.18 12.15
C ASP C 889 -4.52 -38.68 11.54
N TYR C 890 -5.62 -38.61 12.31
CA TYR C 890 -6.98 -39.03 11.92
C TYR C 890 -7.54 -38.04 10.89
N ILE C 891 -7.58 -36.76 11.27
CA ILE C 891 -8.04 -35.64 10.41
C ILE C 891 -7.38 -35.74 9.05
N ILE C 892 -6.06 -35.92 9.02
CA ILE C 892 -5.26 -35.91 7.76
C ILE C 892 -5.68 -37.11 6.92
N SER C 893 -5.88 -38.27 7.53
CA SER C 893 -6.17 -39.53 6.80
C SER C 893 -7.59 -39.51 6.23
N ARG C 894 -8.49 -38.71 6.84
CA ARG C 894 -9.88 -38.49 6.37
C ARG C 894 -9.84 -37.43 5.26
N LEU C 895 -9.20 -36.29 5.48
CA LEU C 895 -9.06 -35.27 4.39
C LEU C 895 -8.58 -35.98 3.13
N ASN C 896 -7.57 -36.85 3.26
CA ASN C 896 -6.83 -37.41 2.10
C ASN C 896 -7.64 -38.52 1.43
N ALA C 897 -8.44 -39.27 2.20
CA ALA C 897 -9.28 -40.38 1.66
C ALA C 897 -10.58 -39.84 1.07
N ASP C 898 -11.27 -38.97 1.81
CA ASP C 898 -12.74 -38.70 1.71
C ASP C 898 -13.08 -37.29 1.19
N PHE C 899 -12.23 -36.28 1.27
CA PHE C 899 -12.66 -34.87 1.03
C PHE C 899 -12.09 -34.32 -0.28
N GLN C 900 -12.74 -33.27 -0.77
CA GLN C 900 -12.42 -32.61 -2.07
C GLN C 900 -11.23 -31.65 -1.95
N LYS C 901 -10.85 -31.32 -0.72
CA LYS C 901 -9.61 -30.57 -0.35
C LYS C 901 -8.70 -31.51 0.44
N PRO C 902 -7.74 -32.19 -0.19
CA PRO C 902 -6.85 -33.09 0.51
C PRO C 902 -5.77 -32.36 1.30
N TRP C 903 -5.08 -33.10 2.16
CA TRP C 903 -3.95 -32.56 2.95
C TRP C 903 -2.80 -32.30 2.01
N PHE C 904 -2.33 -31.07 1.97
CA PHE C 904 -1.37 -30.66 0.94
C PHE C 904 -0.17 -31.60 1.05
N ALA C 905 0.46 -31.57 2.21
CA ALA C 905 1.78 -32.18 2.48
C ALA C 905 1.65 -33.68 2.55
N THR C 906 1.55 -34.33 1.39
CA THR C 906 1.28 -35.79 1.28
C THR C 906 2.04 -36.28 0.05
N VAL C 907 3.22 -36.86 0.27
CA VAL C 907 4.19 -37.18 -0.80
C VAL C 907 4.20 -38.70 -0.99
N ASN C 908 3.74 -39.18 -2.16
CA ASN C 908 3.58 -40.62 -2.55
C ASN C 908 2.68 -41.32 -1.51
N GLY C 909 1.54 -40.72 -1.16
CA GLY C 909 0.56 -41.32 -0.23
C GLY C 909 0.92 -41.16 1.25
N GLN C 910 2.18 -40.86 1.58
CA GLN C 910 2.67 -40.70 2.99
C GLN C 910 2.38 -39.27 3.47
N ALA C 911 1.65 -39.14 4.57
CA ALA C 911 1.33 -37.87 5.26
C ALA C 911 2.59 -37.26 5.84
N ARG C 912 2.87 -36.01 5.50
CA ARG C 912 3.98 -35.20 6.06
C ARG C 912 3.34 -33.96 6.70
N ASP C 913 4.13 -32.90 6.83
CA ASP C 913 3.74 -31.53 7.21
C ASP C 913 4.51 -30.66 6.22
N LEU C 914 4.21 -29.37 6.12
CA LEU C 914 4.98 -28.51 5.18
C LEU C 914 6.45 -28.54 5.55
N ALA C 915 6.78 -28.40 6.84
CA ALA C 915 8.16 -28.34 7.37
C ALA C 915 8.99 -29.56 6.97
N THR C 916 8.38 -30.73 6.71
CA THR C 916 9.08 -31.97 6.32
C THR C 916 8.87 -32.28 4.83
N MET C 917 8.79 -31.25 3.98
CA MET C 917 8.71 -31.41 2.51
C MET C 917 9.83 -30.61 1.85
N THR C 918 10.45 -31.15 0.82
CA THR C 918 11.47 -30.40 0.07
C THR C 918 10.77 -29.37 -0.82
N TYR C 919 11.50 -28.36 -1.27
CA TYR C 919 10.96 -27.37 -2.22
C TYR C 919 10.48 -28.06 -3.51
N GLU C 920 11.14 -29.10 -3.96
CA GLU C 920 10.77 -29.83 -5.20
C GLU C 920 9.41 -30.48 -4.93
N GLU C 921 9.30 -31.20 -3.83
CA GLU C 921 8.12 -32.00 -3.46
C GLU C 921 6.90 -31.11 -3.44
N VAL C 922 7.05 -29.87 -3.01
CA VAL C 922 5.97 -28.86 -2.86
C VAL C 922 5.60 -28.37 -4.25
N ALA C 923 6.58 -28.02 -5.07
CA ALA C 923 6.35 -27.56 -6.45
C ALA C 923 5.61 -28.65 -7.20
N LYS C 924 6.04 -29.90 -7.05
CA LYS C 924 5.40 -31.03 -7.73
C LYS C 924 3.96 -31.22 -7.23
N ARG C 925 3.73 -31.05 -5.93
CA ARG C 925 2.40 -31.22 -5.29
C ARG C 925 1.46 -30.11 -5.74
N LEU C 926 1.95 -28.88 -5.90
CA LEU C 926 1.16 -27.76 -6.46
C LEU C 926 0.69 -28.16 -7.86
N VAL C 927 1.56 -28.63 -8.71
CA VAL C 927 1.19 -28.98 -10.11
C VAL C 927 0.19 -30.16 -10.07
N GLU C 928 0.29 -31.07 -9.12
CA GLU C 928 -0.62 -32.25 -9.04
C GLU C 928 -2.05 -31.78 -8.72
N LEU C 929 -2.21 -30.91 -7.73
CA LEU C 929 -3.51 -30.45 -7.23
C LEU C 929 -4.07 -29.28 -8.04
N MET C 930 -3.28 -28.52 -8.79
CA MET C 930 -3.77 -27.25 -9.38
C MET C 930 -3.72 -27.26 -10.91
N PHE C 931 -3.01 -28.21 -11.53
CA PHE C 931 -2.84 -28.29 -12.99
C PHE C 931 -3.51 -29.55 -13.52
N ILE C 932 -4.37 -29.40 -14.53
CA ILE C 932 -5.26 -30.48 -15.01
C ILE C 932 -4.60 -31.09 -16.22
N ARG C 933 -4.23 -32.37 -16.12
CA ARG C 933 -3.44 -33.10 -17.15
C ARG C 933 -4.34 -33.40 -18.35
N SER C 934 -5.63 -33.71 -18.07
CA SER C 934 -6.68 -34.08 -19.06
C SER C 934 -6.91 -32.92 -20.05
N THR C 935 -7.05 -31.68 -19.56
CA THR C 935 -7.21 -30.44 -20.39
C THR C 935 -5.85 -29.78 -20.69
N ASN C 936 -4.78 -30.21 -19.98
CA ASN C 936 -3.39 -29.71 -20.13
C ASN C 936 -3.35 -28.20 -19.85
N SER C 937 -3.95 -27.77 -18.74
CA SER C 937 -4.10 -26.34 -18.34
C SER C 937 -4.27 -26.15 -16.83
N TRP C 938 -3.95 -24.95 -16.36
CA TRP C 938 -4.15 -24.47 -14.97
C TRP C 938 -5.63 -24.15 -14.77
N PHE C 939 -6.32 -24.95 -13.97
CA PHE C 939 -7.74 -24.75 -13.63
C PHE C 939 -8.06 -23.27 -13.35
N ASP C 940 -7.15 -22.48 -12.74
CA ASP C 940 -7.37 -21.03 -12.51
C ASP C 940 -6.05 -20.28 -12.74
N VAL C 941 -6.07 -19.15 -13.43
CA VAL C 941 -4.83 -18.39 -13.70
C VAL C 941 -4.17 -17.99 -12.36
N THR C 942 -4.97 -17.74 -11.32
CA THR C 942 -4.46 -17.33 -9.99
C THR C 942 -3.63 -18.47 -9.37
N TRP C 943 -4.03 -19.72 -9.59
CA TRP C 943 -3.29 -20.88 -9.08
C TRP C 943 -1.94 -21.00 -9.77
N ARG C 944 -1.87 -20.56 -11.04
CA ARG C 944 -0.61 -20.53 -11.80
C ARG C 944 0.27 -19.46 -11.16
N THR C 945 -0.31 -18.30 -10.85
CA THR C 945 0.41 -17.17 -10.21
C THR C 945 1.01 -17.66 -8.89
N PHE C 946 0.24 -18.41 -8.11
CA PHE C 946 0.68 -19.04 -6.85
C PHE C 946 1.90 -19.90 -7.12
N THR C 947 1.81 -20.82 -8.06
CA THR C 947 2.93 -21.77 -8.33
C THR C 947 4.17 -21.04 -8.82
N GLY C 948 4.00 -19.91 -9.51
CA GLY C 948 5.12 -19.14 -10.06
C GLY C 948 5.78 -18.36 -8.97
N ASP C 949 4.98 -17.68 -8.14
CA ASP C 949 5.44 -16.95 -6.94
C ASP C 949 6.30 -17.89 -6.08
N PHE C 950 5.94 -19.18 -6.01
CA PHE C 950 6.64 -20.16 -5.17
C PHE C 950 7.93 -20.61 -5.85
N LEU C 951 7.93 -20.80 -7.16
CA LEU C 951 9.18 -21.11 -7.89
C LEU C 951 10.13 -19.91 -7.87
N ARG C 952 9.64 -18.68 -7.80
CA ARG C 952 10.52 -17.47 -7.70
C ARG C 952 11.15 -17.41 -6.31
N ARG C 953 10.37 -17.73 -5.28
CA ARG C 953 10.86 -17.87 -3.89
C ARG C 953 11.93 -18.95 -3.78
N VAL C 954 11.84 -20.03 -4.55
CA VAL C 954 12.87 -21.10 -4.55
C VAL C 954 14.15 -20.55 -5.12
N GLU C 955 14.06 -19.77 -6.19
CA GLU C 955 15.25 -19.20 -6.86
C GLU C 955 15.92 -18.29 -5.85
N GLU C 956 15.16 -17.39 -5.22
CA GLU C 956 15.64 -16.36 -4.25
C GLU C 956 16.43 -17.03 -3.13
N ARG C 957 15.91 -18.10 -2.55
CA ARG C 957 16.47 -18.84 -1.38
C ARG C 957 17.80 -19.48 -1.76
N PHE C 958 17.92 -20.08 -2.95
CA PHE C 958 19.05 -20.98 -3.28
C PHE C 958 20.07 -20.34 -4.19
N THR C 959 19.87 -19.10 -4.62
CA THR C 959 20.88 -18.36 -5.41
C THR C 959 21.80 -17.60 -4.45
N LYS C 960 23.09 -17.52 -4.83
CA LYS C 960 24.19 -16.92 -4.05
C LYS C 960 24.36 -15.44 -4.43
N SER C 961 23.82 -15.02 -5.58
CA SER C 961 24.00 -13.67 -6.16
C SER C 961 22.74 -13.23 -6.92
N LYS C 962 22.59 -11.91 -7.12
CA LYS C 962 21.54 -11.28 -7.97
C LYS C 962 21.67 -11.86 -9.37
N THR C 963 20.56 -12.34 -9.94
CA THR C 963 20.48 -13.03 -11.26
C THR C 963 19.11 -12.80 -11.89
N LEU C 964 18.94 -13.32 -13.10
CA LEU C 964 17.67 -13.34 -13.86
C LEU C 964 16.88 -14.57 -13.41
N SER C 965 15.59 -14.37 -13.19
CA SER C 965 14.61 -15.48 -12.99
C SER C 965 14.63 -16.42 -14.20
N LEU C 966 14.58 -17.73 -13.98
CA LEU C 966 14.39 -18.72 -15.06
C LEU C 966 12.93 -18.72 -15.53
N ILE C 967 12.01 -18.29 -14.65
CA ILE C 967 10.58 -18.03 -14.97
C ILE C 967 10.45 -16.52 -15.20
N GLN C 968 10.48 -16.08 -16.45
CA GLN C 968 10.39 -14.63 -16.80
C GLN C 968 8.92 -14.23 -16.96
N SER C 969 8.14 -15.10 -17.59
CA SER C 969 6.66 -15.02 -17.67
C SER C 969 6.09 -16.30 -17.06
N TYR C 970 5.04 -16.16 -16.25
CA TYR C 970 4.29 -17.30 -15.68
C TYR C 970 3.63 -18.08 -16.83
N SER C 971 3.52 -17.50 -18.02
CA SER C 971 3.11 -18.13 -19.30
C SER C 971 3.93 -19.38 -19.63
N LEU C 972 5.17 -19.47 -19.12
CA LEU C 972 6.06 -20.65 -19.28
C LEU C 972 5.56 -21.83 -18.44
N LEU C 973 4.78 -21.58 -17.40
CA LEU C 973 4.26 -22.63 -16.49
C LEU C 973 3.16 -23.44 -17.17
N ASP C 974 2.57 -22.94 -18.28
CA ASP C 974 1.59 -23.66 -19.14
C ASP C 974 2.20 -24.95 -19.74
N LYS C 975 3.49 -25.21 -19.48
CA LYS C 975 4.13 -26.56 -19.51
C LYS C 975 4.88 -26.80 -18.19
N PRO C 976 4.20 -27.22 -17.09
CA PRO C 976 4.72 -27.05 -15.73
C PRO C 976 5.82 -27.99 -15.24
N ASP C 977 5.89 -29.22 -15.75
CA ASP C 977 7.02 -30.14 -15.49
C ASP C 977 8.35 -29.51 -15.95
N GLU C 978 8.43 -29.09 -17.22
CA GLU C 978 9.63 -28.49 -17.84
C GLU C 978 10.11 -27.27 -17.06
N ALA C 979 9.19 -26.48 -16.50
CA ALA C 979 9.47 -25.28 -15.67
C ALA C 979 10.04 -25.68 -14.30
N ILE C 980 9.49 -26.72 -13.68
CA ILE C 980 10.03 -27.31 -12.44
C ILE C 980 11.44 -27.81 -12.78
N GLU C 981 11.58 -28.78 -13.70
CA GLU C 981 12.89 -29.43 -13.99
C GLU C 981 13.93 -28.36 -14.26
N LYS C 982 13.54 -27.26 -14.90
CA LYS C 982 14.44 -26.12 -15.22
C LYS C 982 14.95 -25.47 -13.94
N VAL C 983 14.05 -25.05 -13.06
CA VAL C 983 14.34 -24.36 -11.75
C VAL C 983 15.14 -25.28 -10.84
N PHE C 984 14.75 -26.53 -10.67
CA PHE C 984 15.41 -27.45 -9.72
C PHE C 984 16.68 -28.06 -10.33
N ASN C 985 17.03 -27.79 -11.60
CA ASN C 985 18.32 -28.22 -12.22
C ASN C 985 19.35 -27.11 -12.05
N ALA C 986 18.90 -25.86 -11.97
CA ALA C 986 19.72 -24.67 -11.64
C ALA C 986 20.02 -24.61 -10.14
N TYR C 987 19.18 -25.23 -9.32
CA TYR C 987 19.20 -25.14 -7.83
C TYR C 987 19.01 -26.55 -7.28
N PRO C 988 19.96 -27.47 -7.53
CA PRO C 988 19.77 -28.87 -7.15
C PRO C 988 19.72 -29.13 -5.63
N ALA C 989 20.12 -28.12 -4.84
CA ALA C 989 20.10 -28.15 -3.36
C ALA C 989 18.65 -28.14 -2.87
N ALA C 990 17.74 -27.56 -3.65
CA ALA C 990 16.34 -27.38 -3.26
C ALA C 990 15.56 -28.69 -3.45
N ARG C 991 16.15 -29.71 -4.08
CA ARG C 991 15.59 -31.07 -4.11
C ARG C 991 15.84 -31.82 -2.79
N GLU C 992 16.87 -31.44 -2.03
CA GLU C 992 17.36 -32.25 -0.88
C GLU C 992 17.20 -31.48 0.44
N GLN C 993 16.53 -30.34 0.45
CA GLN C 993 16.43 -29.48 1.65
C GLN C 993 14.95 -29.26 1.97
N PHE C 994 14.53 -29.40 3.21
CA PHE C 994 13.13 -29.06 3.58
C PHE C 994 12.93 -27.55 3.52
N LEU C 995 11.68 -27.12 3.53
CA LEU C 995 11.36 -25.69 3.46
C LEU C 995 11.93 -25.02 4.70
N ASN C 996 12.73 -23.99 4.47
CA ASN C 996 12.99 -22.92 5.44
C ASN C 996 11.67 -22.54 6.13
N ALA C 997 11.75 -22.20 7.40
CA ALA C 997 10.59 -21.77 8.23
C ALA C 997 10.05 -20.44 7.74
N GLN C 998 10.87 -19.62 7.12
CA GLN C 998 10.39 -18.35 6.53
C GLN C 998 9.56 -18.64 5.30
N ASP C 999 9.82 -19.76 4.64
CA ASP C 999 9.19 -20.14 3.35
C ASP C 999 7.90 -20.89 3.63
N ILE C 1000 7.77 -21.54 4.76
CA ILE C 1000 6.47 -22.10 5.19
C ILE C 1000 5.54 -20.94 5.50
N ASP C 1001 6.02 -19.92 6.19
CA ASP C 1001 5.17 -18.78 6.61
C ASP C 1001 4.72 -18.01 5.38
N HIS C 1002 5.60 -17.88 4.39
CA HIS C 1002 5.29 -17.20 3.13
C HIS C 1002 4.24 -17.99 2.37
N PHE C 1003 4.43 -19.30 2.25
CA PHE C 1003 3.50 -20.22 1.54
C PHE C 1003 2.12 -20.11 2.15
N LEU C 1004 2.01 -20.25 3.44
CA LEU C 1004 0.73 -20.16 4.16
C LEU C 1004 0.11 -18.77 4.02
N SER C 1005 0.88 -17.71 3.76
CA SER C 1005 0.33 -16.33 3.61
C SER C 1005 0.00 -16.06 2.13
N MET C 1006 0.38 -16.96 1.23
CA MET C 1006 -0.04 -16.95 -0.17
C MET C 1006 -1.36 -17.73 -0.29
N CYS C 1007 -1.69 -18.55 0.70
CA CYS C 1007 -2.96 -19.33 0.76
C CYS C 1007 -4.13 -18.47 1.28
N GLN C 1008 -3.84 -17.39 2.00
CA GLN C 1008 -4.87 -16.53 2.64
C GLN C 1008 -5.18 -15.36 1.70
N ASN C 1009 -4.32 -15.16 0.67
CA ASN C 1009 -4.43 -14.11 -0.37
C ASN C 1009 -5.90 -14.03 -0.79
N PRO C 1010 -6.60 -12.90 -0.54
CA PRO C 1010 -8.04 -12.82 -0.81
C PRO C 1010 -8.36 -12.63 -2.31
N MET C 1011 -7.44 -12.04 -3.09
CA MET C 1011 -7.61 -11.72 -4.55
C MET C 1011 -7.09 -12.88 -5.41
N GLN C 1012 -7.60 -14.08 -5.13
CA GLN C 1012 -7.10 -15.39 -5.63
C GLN C 1012 -8.11 -16.48 -5.27
N LYS C 1013 -8.32 -17.45 -6.16
CA LYS C 1013 -9.29 -18.54 -5.87
C LYS C 1013 -8.76 -19.42 -4.76
N PRO C 1014 -9.54 -19.68 -3.69
CA PRO C 1014 -9.09 -20.54 -2.61
C PRO C 1014 -8.43 -21.84 -3.09
N VAL C 1015 -7.31 -22.17 -2.48
CA VAL C 1015 -6.44 -23.32 -2.88
C VAL C 1015 -7.20 -24.62 -2.62
N PRO C 1016 -7.05 -25.59 -3.53
CA PRO C 1016 -7.76 -26.85 -3.41
C PRO C 1016 -7.10 -27.87 -2.49
N PHE C 1017 -6.77 -27.46 -1.27
CA PHE C 1017 -6.09 -28.30 -0.26
C PHE C 1017 -6.13 -27.61 1.09
N VAL C 1018 -5.93 -28.39 2.14
CA VAL C 1018 -5.72 -27.87 3.52
C VAL C 1018 -4.23 -27.87 3.76
N PRO C 1019 -3.58 -26.71 3.91
CA PRO C 1019 -2.14 -26.65 4.10
C PRO C 1019 -1.72 -26.88 5.56
N VAL C 1020 -2.55 -26.49 6.52
CA VAL C 1020 -2.18 -26.63 7.96
C VAL C 1020 -3.42 -26.88 8.85
N LEU C 1021 -3.22 -27.51 10.01
CA LEU C 1021 -4.29 -27.66 11.05
C LEU C 1021 -4.04 -26.67 12.20
N ASP C 1022 -4.76 -25.56 12.17
CA ASP C 1022 -4.66 -24.44 13.14
C ASP C 1022 -6.06 -23.85 13.31
N ARG C 1023 -6.18 -22.68 13.93
CA ARG C 1023 -7.45 -21.96 14.20
C ARG C 1023 -8.27 -21.75 12.91
N ARG C 1024 -7.63 -21.48 11.77
CA ARG C 1024 -8.32 -21.21 10.46
C ARG C 1024 -8.70 -22.52 9.74
N PHE C 1025 -8.83 -23.66 10.44
CA PHE C 1025 -9.00 -24.99 9.79
C PHE C 1025 -10.38 -25.06 9.17
N GLU C 1026 -11.39 -24.51 9.85
CA GLU C 1026 -12.81 -24.50 9.40
C GLU C 1026 -12.95 -23.65 8.13
N ILE C 1027 -12.27 -22.51 8.05
CA ILE C 1027 -12.28 -21.64 6.83
C ILE C 1027 -11.61 -22.40 5.69
N PHE C 1028 -10.49 -23.11 5.91
CA PHE C 1028 -9.82 -23.88 4.83
C PHE C 1028 -10.76 -24.99 4.35
N PHE C 1029 -11.33 -25.70 5.31
CA PHE C 1029 -12.16 -26.89 5.07
C PHE C 1029 -13.41 -26.54 4.27
N LYS C 1030 -14.05 -25.40 4.55
CA LYS C 1030 -15.42 -25.12 4.06
C LYS C 1030 -15.41 -24.15 2.88
N LYS C 1031 -14.49 -23.20 2.82
CA LYS C 1031 -14.52 -22.11 1.80
C LYS C 1031 -14.41 -22.71 0.38
N ASP C 1032 -15.23 -22.17 -0.55
CA ASP C 1032 -15.25 -22.42 -2.02
C ASP C 1032 -15.47 -23.92 -2.22
N SER C 1033 -16.64 -24.41 -1.81
CA SER C 1033 -17.01 -25.83 -1.71
C SER C 1033 -17.98 -26.29 -2.81
N LEU C 1034 -18.52 -25.38 -3.63
CA LEU C 1034 -19.69 -25.69 -4.51
C LEU C 1034 -19.26 -25.91 -5.97
N TRP C 1035 -18.11 -25.40 -6.38
CA TRP C 1035 -17.65 -25.45 -7.78
C TRP C 1035 -17.18 -26.84 -8.18
N GLN C 1036 -16.85 -27.72 -7.24
CA GLN C 1036 -16.09 -28.95 -7.57
C GLN C 1036 -16.99 -29.98 -8.27
N SER C 1037 -18.32 -29.89 -8.11
CA SER C 1037 -19.28 -30.86 -8.68
C SER C 1037 -19.50 -30.58 -10.18
N GLU C 1038 -19.24 -29.36 -10.63
CA GLU C 1038 -19.33 -28.95 -12.06
C GLU C 1038 -18.01 -29.19 -12.77
N HIS C 1039 -16.95 -29.58 -12.04
CA HIS C 1039 -15.55 -29.64 -12.56
C HIS C 1039 -14.79 -30.77 -11.88
N LEU C 1040 -15.26 -32.00 -12.02
CA LEU C 1040 -14.65 -33.18 -11.36
C LEU C 1040 -13.27 -33.51 -11.91
N GLU C 1041 -12.84 -32.96 -13.05
CA GLU C 1041 -11.44 -33.11 -13.55
C GLU C 1041 -10.43 -32.51 -12.55
N ALA C 1042 -10.81 -31.43 -11.85
CA ALA C 1042 -10.00 -30.67 -10.85
C ALA C 1042 -10.06 -31.25 -9.42
N VAL C 1043 -10.71 -32.41 -9.22
CA VAL C 1043 -10.83 -33.10 -7.90
C VAL C 1043 -9.92 -34.32 -7.98
N VAL C 1044 -9.41 -34.79 -6.83
CA VAL C 1044 -8.16 -35.61 -6.73
C VAL C 1044 -8.24 -36.83 -7.64
N ASP C 1045 -9.19 -37.76 -7.44
CA ASP C 1045 -9.27 -39.01 -8.24
C ASP C 1045 -10.42 -38.90 -9.27
N GLN C 1046 -10.83 -37.67 -9.58
CA GLN C 1046 -12.07 -37.31 -10.33
C GLN C 1046 -13.31 -37.84 -9.57
N ASP C 1047 -13.20 -38.00 -8.26
CA ASP C 1047 -14.18 -38.78 -7.45
C ASP C 1047 -15.30 -37.82 -7.04
N VAL C 1048 -16.50 -38.06 -7.53
CA VAL C 1048 -17.70 -37.30 -7.10
C VAL C 1048 -17.86 -37.43 -5.59
N GLN C 1049 -17.54 -38.59 -5.03
CA GLN C 1049 -17.77 -38.90 -3.59
C GLN C 1049 -16.91 -38.03 -2.67
N ARG C 1050 -15.94 -37.30 -3.22
CA ARG C 1050 -15.19 -36.29 -2.46
C ARG C 1050 -16.00 -35.00 -2.33
N THR C 1051 -16.97 -34.75 -3.20
CA THR C 1051 -17.54 -33.39 -3.45
C THR C 1051 -18.83 -33.11 -2.69
N CYS C 1052 -19.24 -31.85 -2.69
CA CYS C 1052 -20.49 -31.31 -2.10
C CYS C 1052 -21.45 -30.95 -3.24
N ILE C 1053 -22.60 -31.63 -3.30
CA ILE C 1053 -23.69 -31.42 -4.30
C ILE C 1053 -24.95 -30.98 -3.54
N LEU C 1054 -25.38 -29.74 -3.71
CA LEU C 1054 -26.59 -29.26 -3.01
C LEU C 1054 -27.81 -29.94 -3.63
N HIS C 1055 -28.83 -30.29 -2.87
CA HIS C 1055 -29.96 -31.08 -3.41
C HIS C 1055 -30.94 -31.39 -2.31
N GLY C 1056 -32.23 -31.27 -2.60
CA GLY C 1056 -33.30 -31.33 -1.61
C GLY C 1056 -33.73 -32.77 -1.35
N PRO C 1057 -34.08 -33.11 -0.10
CA PRO C 1057 -34.55 -34.44 0.19
C PRO C 1057 -35.81 -34.82 -0.57
N VAL C 1058 -36.76 -33.92 -0.70
CA VAL C 1058 -38.12 -34.27 -1.20
C VAL C 1058 -38.10 -34.26 -2.71
N ALA C 1059 -37.42 -33.29 -3.31
CA ALA C 1059 -37.33 -33.15 -4.77
C ALA C 1059 -36.40 -34.21 -5.35
N ALA C 1060 -35.67 -34.95 -4.50
CA ALA C 1060 -34.81 -36.08 -4.91
C ALA C 1060 -35.66 -37.24 -5.44
N GLN C 1061 -36.94 -37.29 -5.05
CA GLN C 1061 -37.87 -38.38 -5.46
C GLN C 1061 -38.10 -38.36 -6.97
N PHE C 1062 -38.02 -37.18 -7.61
CA PHE C 1062 -38.45 -36.95 -9.02
C PHE C 1062 -37.24 -36.79 -9.95
N THR C 1063 -36.03 -36.72 -9.41
CA THR C 1063 -34.74 -36.65 -10.15
C THR C 1063 -34.26 -38.09 -10.41
N LYS C 1064 -34.57 -38.62 -11.59
CA LYS C 1064 -34.36 -40.05 -11.99
C LYS C 1064 -33.68 -40.14 -13.35
N VAL C 1065 -34.19 -39.41 -14.35
CA VAL C 1065 -33.74 -39.48 -15.77
C VAL C 1065 -32.62 -38.46 -15.98
N ILE C 1066 -31.41 -38.92 -16.33
CA ILE C 1066 -30.21 -38.06 -16.54
C ILE C 1066 -30.29 -37.48 -17.96
N ASP C 1067 -29.81 -36.23 -18.13
CA ASP C 1067 -29.54 -35.54 -19.42
C ASP C 1067 -30.85 -35.30 -20.18
N GLU C 1068 -31.98 -35.10 -19.48
CA GLU C 1068 -33.30 -34.71 -20.06
C GLU C 1068 -33.22 -33.22 -20.42
N PRO C 1069 -33.49 -32.76 -21.65
CA PRO C 1069 -33.35 -31.33 -21.99
C PRO C 1069 -34.28 -30.42 -21.17
N ILE C 1070 -33.84 -29.20 -20.82
CA ILE C 1070 -34.56 -28.37 -19.81
C ILE C 1070 -35.93 -28.04 -20.36
N LYS C 1071 -36.02 -27.86 -21.68
CA LYS C 1071 -37.31 -27.65 -22.40
C LYS C 1071 -38.28 -28.79 -22.13
N SER C 1072 -37.84 -30.02 -22.32
CA SER C 1072 -38.65 -31.24 -22.11
C SER C 1072 -39.09 -31.38 -20.63
N ILE C 1073 -38.33 -30.91 -19.65
CA ILE C 1073 -38.70 -31.11 -18.22
C ILE C 1073 -39.83 -30.16 -17.89
N MET C 1074 -39.58 -28.88 -18.20
CA MET C 1074 -40.46 -27.74 -17.93
C MET C 1074 -41.74 -27.91 -18.77
N ASP C 1075 -41.64 -28.13 -20.08
CA ASP C 1075 -42.82 -28.38 -20.96
C ASP C 1075 -43.58 -29.58 -20.41
N GLY C 1076 -42.89 -30.65 -20.08
CA GLY C 1076 -43.51 -31.80 -19.40
C GLY C 1076 -44.43 -31.39 -18.25
N ILE C 1077 -44.04 -30.37 -17.47
CA ILE C 1077 -44.76 -29.94 -16.22
C ILE C 1077 -45.93 -29.03 -16.62
N HIS C 1078 -45.69 -28.13 -17.55
CA HIS C 1078 -46.70 -27.18 -18.06
C HIS C 1078 -47.76 -27.99 -18.79
N ASP C 1079 -47.36 -28.83 -19.74
CA ASP C 1079 -48.26 -29.71 -20.53
C ASP C 1079 -48.97 -30.72 -19.62
N GLY C 1080 -48.40 -31.03 -18.45
CA GLY C 1080 -49.05 -31.88 -17.44
C GLY C 1080 -50.25 -31.18 -16.86
N HIS C 1081 -50.05 -29.93 -16.44
CA HIS C 1081 -51.08 -29.07 -15.82
C HIS C 1081 -52.18 -28.84 -16.85
N ILE C 1082 -51.79 -28.48 -18.07
CA ILE C 1082 -52.74 -28.16 -19.16
C ILE C 1082 -53.68 -29.32 -19.38
N LYS C 1083 -53.16 -30.54 -19.35
CA LYS C 1083 -53.98 -31.77 -19.52
C LYS C 1083 -54.95 -31.93 -18.34
N LYS C 1084 -54.54 -31.70 -17.10
CA LYS C 1084 -55.42 -31.84 -15.91
C LYS C 1084 -56.45 -30.70 -15.86
N LEU C 1085 -56.05 -29.48 -16.20
CA LEU C 1085 -56.94 -28.29 -16.15
C LEU C 1085 -57.96 -28.38 -17.29
N LEU C 1086 -57.59 -28.98 -18.41
CA LEU C 1086 -58.53 -29.22 -19.54
C LEU C 1086 -59.58 -30.22 -19.09
N HIS C 1087 -59.15 -31.35 -18.52
CA HIS C 1087 -60.01 -32.46 -18.05
C HIS C 1087 -61.02 -31.99 -17.01
N GLN C 1088 -60.61 -31.10 -16.10
CA GLN C 1088 -61.39 -30.79 -14.87
C GLN C 1088 -62.36 -29.65 -15.12
N TYR C 1089 -61.94 -28.64 -15.89
CA TYR C 1089 -62.58 -27.30 -15.98
C TYR C 1089 -62.97 -26.94 -17.41
N TYR C 1090 -62.70 -27.78 -18.41
CA TYR C 1090 -63.00 -27.49 -19.85
C TYR C 1090 -63.51 -28.75 -20.57
N GLY C 1091 -64.22 -29.65 -19.86
CA GLY C 1091 -64.55 -31.02 -20.31
C GLY C 1091 -63.74 -31.49 -21.53
N ASP C 1092 -62.42 -31.63 -21.36
CA ASP C 1092 -61.44 -32.23 -22.31
C ASP C 1092 -61.47 -31.59 -23.71
N ASP C 1093 -61.99 -30.35 -23.86
CA ASP C 1093 -62.30 -29.72 -25.18
C ASP C 1093 -61.47 -28.43 -25.34
N GLU C 1094 -60.46 -28.45 -26.23
CA GLU C 1094 -59.54 -27.30 -26.48
C GLU C 1094 -60.27 -26.11 -27.09
N SER C 1095 -61.44 -26.32 -27.71
CA SER C 1095 -62.28 -25.27 -28.34
C SER C 1095 -62.85 -24.30 -27.29
N LYS C 1096 -63.13 -24.78 -26.07
CA LYS C 1096 -63.70 -23.96 -24.96
C LYS C 1096 -62.67 -22.97 -24.39
N ILE C 1097 -61.38 -23.12 -24.72
CA ILE C 1097 -60.28 -22.25 -24.22
C ILE C 1097 -60.43 -20.87 -24.86
N PRO C 1098 -60.57 -19.78 -24.08
CA PRO C 1098 -60.62 -18.42 -24.63
C PRO C 1098 -59.31 -18.08 -25.37
N ALA C 1099 -59.39 -17.31 -26.45
CA ALA C 1099 -58.23 -16.88 -27.25
C ALA C 1099 -57.97 -15.38 -27.03
N VAL C 1100 -56.69 -15.02 -26.99
CA VAL C 1100 -56.23 -13.61 -27.11
C VAL C 1100 -55.17 -13.54 -28.20
N GLU C 1101 -54.89 -12.34 -28.70
CA GLU C 1101 -53.85 -12.16 -29.73
C GLU C 1101 -52.51 -12.49 -29.07
N TYR C 1102 -52.19 -11.83 -27.96
CA TYR C 1102 -50.93 -12.07 -27.20
C TYR C 1102 -51.27 -12.21 -25.73
N PHE C 1103 -50.60 -13.17 -25.12
CA PHE C 1103 -50.74 -13.47 -23.68
C PHE C 1103 -49.61 -12.80 -22.92
N GLY C 1104 -49.90 -11.79 -22.10
CA GLY C 1104 -48.89 -11.22 -21.21
C GLY C 1104 -49.03 -9.74 -20.94
N GLY C 1105 -48.11 -9.22 -20.11
CA GLY C 1105 -47.93 -7.80 -19.78
C GLY C 1105 -49.13 -7.19 -19.07
N GLU C 1106 -49.90 -8.02 -18.37
CA GLU C 1106 -51.06 -7.62 -17.54
C GLU C 1106 -50.57 -7.50 -16.09
N SER C 1107 -50.62 -6.29 -15.51
CA SER C 1107 -50.23 -6.00 -14.11
C SER C 1107 -51.19 -6.74 -13.18
N PRO C 1108 -50.71 -7.37 -12.08
CA PRO C 1108 -51.61 -8.08 -11.18
C PRO C 1108 -52.65 -7.19 -10.48
N VAL C 1109 -52.55 -5.86 -10.56
CA VAL C 1109 -53.59 -4.88 -10.09
C VAL C 1109 -54.28 -4.17 -11.28
N GLU C 1122 -66.10 1.21 -28.82
CA GLU C 1122 -66.67 2.19 -29.78
C GLU C 1122 -65.84 2.21 -31.07
N ASP C 1123 -66.46 2.50 -32.22
CA ASP C 1123 -65.80 2.56 -33.55
C ASP C 1123 -65.02 3.88 -33.67
N SER C 1124 -65.71 5.02 -33.74
CA SER C 1124 -65.13 6.38 -33.97
C SER C 1124 -65.31 7.25 -32.73
N ALA C 1125 -64.27 7.27 -31.86
CA ALA C 1125 -64.22 8.03 -30.58
C ALA C 1125 -63.34 9.27 -30.76
N VAL C 1126 -63.35 10.14 -29.75
CA VAL C 1126 -62.54 11.39 -29.65
C VAL C 1126 -62.25 11.64 -28.16
N PHE C 1127 -60.98 11.84 -27.80
CA PHE C 1127 -60.52 12.06 -26.40
C PHE C 1127 -59.74 13.37 -26.32
N LYS C 1128 -60.31 14.38 -25.67
CA LYS C 1128 -59.66 15.67 -25.39
C LYS C 1128 -58.97 15.52 -24.03
N ALA C 1129 -57.65 15.59 -24.03
CA ALA C 1129 -56.84 15.64 -22.80
C ALA C 1129 -56.98 17.03 -22.18
N THR C 1130 -56.81 17.10 -20.85
CA THR C 1130 -56.77 18.34 -20.03
C THR C 1130 -55.54 18.27 -19.11
N SER C 1131 -55.43 19.18 -18.14
CA SER C 1131 -54.35 19.21 -17.12
C SER C 1131 -54.63 18.18 -16.01
N SER C 1132 -55.91 17.84 -15.81
CA SER C 1132 -56.41 16.95 -14.73
C SER C 1132 -56.41 15.48 -15.17
N THR C 1133 -56.42 15.22 -16.50
CA THR C 1133 -56.55 13.88 -17.11
C THR C 1133 -55.53 12.93 -16.49
N ASP C 1134 -56.01 11.82 -15.91
CA ASP C 1134 -55.17 10.77 -15.28
C ASP C 1134 -54.48 10.00 -16.43
N GLU C 1135 -53.16 9.82 -16.34
CA GLU C 1135 -52.35 9.01 -17.29
C GLU C 1135 -53.00 7.65 -17.51
N GLU C 1136 -53.17 6.86 -16.44
CA GLU C 1136 -53.57 5.43 -16.51
C GLU C 1136 -54.92 5.32 -17.23
N SER C 1137 -55.92 6.12 -16.84
CA SER C 1137 -57.28 6.15 -17.44
C SER C 1137 -57.19 6.49 -18.93
N TRP C 1138 -56.27 7.39 -19.29
CA TRP C 1138 -56.10 7.99 -20.63
C TRP C 1138 -55.57 6.92 -21.58
N PHE C 1139 -54.56 6.17 -21.15
CA PHE C 1139 -53.96 5.08 -21.93
C PHE C 1139 -54.93 3.89 -22.01
N LYS C 1140 -55.70 3.60 -20.96
CA LYS C 1140 -56.69 2.48 -20.97
C LYS C 1140 -57.75 2.78 -22.05
N ALA C 1141 -58.15 4.04 -22.20
CA ALA C 1141 -59.15 4.46 -23.20
C ALA C 1141 -58.54 4.38 -24.61
N LEU C 1142 -57.33 4.91 -24.78
CA LEU C 1142 -56.61 4.90 -26.07
C LEU C 1142 -56.37 3.47 -26.53
N ALA C 1143 -56.12 2.56 -25.58
CA ALA C 1143 -55.72 1.17 -25.85
C ALA C 1143 -56.89 0.41 -26.45
N GLY C 1144 -58.09 0.63 -25.91
CA GLY C 1144 -59.30 -0.13 -26.22
C GLY C 1144 -59.43 -1.35 -25.32
N SER C 1145 -60.51 -2.11 -25.55
CA SER C 1145 -60.92 -3.29 -24.78
C SER C 1145 -60.22 -4.54 -25.34
N GLU C 1146 -60.24 -4.71 -26.66
CA GLU C 1146 -59.69 -5.88 -27.39
C GLU C 1146 -58.17 -5.94 -27.18
N ILE C 1147 -57.62 -7.15 -27.06
CA ILE C 1147 -56.15 -7.41 -27.05
C ILE C 1147 -55.70 -7.47 -28.50
N ASN C 1148 -54.89 -6.51 -28.94
CA ASN C 1148 -54.40 -6.32 -30.32
C ASN C 1148 -53.25 -5.30 -30.26
N TRP C 1149 -52.69 -4.96 -31.41
CA TRP C 1149 -51.58 -3.99 -31.53
C TRP C 1149 -51.84 -2.65 -30.81
N ARG C 1150 -53.04 -2.10 -30.80
CA ARG C 1150 -53.29 -0.86 -30.00
C ARG C 1150 -53.13 -1.13 -28.51
N HIS C 1151 -53.59 -2.28 -28.03
CA HIS C 1151 -53.46 -2.60 -26.60
C HIS C 1151 -51.97 -2.53 -26.27
N ALA C 1152 -51.18 -3.33 -26.96
CA ALA C 1152 -49.72 -3.37 -26.77
C ALA C 1152 -49.19 -1.93 -26.80
N SER C 1153 -49.45 -1.25 -27.90
CA SER C 1153 -48.93 0.10 -28.20
C SER C 1153 -49.13 1.05 -27.02
N PHE C 1154 -50.27 1.06 -26.35
CA PHE C 1154 -50.55 2.05 -25.28
C PHE C 1154 -50.36 1.49 -23.87
N LEU C 1155 -50.03 0.21 -23.70
CA LEU C 1155 -50.02 -0.41 -22.35
C LEU C 1155 -48.70 -1.13 -22.07
N CYS C 1156 -48.01 -1.66 -23.09
CA CYS C 1156 -46.61 -2.13 -22.96
C CYS C 1156 -45.76 -1.00 -22.44
N SER C 1157 -45.14 -1.17 -21.28
CA SER C 1157 -44.22 -0.17 -20.69
C SER C 1157 -42.88 -0.22 -21.42
N PHE C 1158 -42.55 -1.37 -21.98
CA PHE C 1158 -41.26 -1.58 -22.69
C PHE C 1158 -41.54 -1.95 -24.14
N ILE C 1159 -40.66 -1.50 -25.02
CA ILE C 1159 -40.44 -2.10 -26.35
C ILE C 1159 -38.99 -2.51 -26.41
N THR C 1160 -38.64 -3.22 -27.45
CA THR C 1160 -37.33 -3.87 -27.65
C THR C 1160 -36.62 -3.11 -28.76
N GLN C 1161 -35.32 -2.81 -28.63
CA GLN C 1161 -34.45 -2.30 -29.73
C GLN C 1161 -33.28 -3.27 -29.91
N ASP C 1162 -33.37 -4.14 -30.92
CA ASP C 1162 -32.53 -5.36 -31.05
C ASP C 1162 -32.81 -6.21 -29.80
N LYS C 1163 -31.90 -6.29 -28.83
CA LYS C 1163 -32.04 -7.15 -27.62
C LYS C 1163 -32.30 -6.31 -26.37
N MET C 1164 -32.14 -4.99 -26.49
CA MET C 1164 -32.33 -4.03 -25.38
C MET C 1164 -33.83 -3.77 -25.21
N PHE C 1165 -34.21 -3.26 -24.06
CA PHE C 1165 -35.61 -3.04 -23.58
C PHE C 1165 -35.71 -1.59 -23.15
N VAL C 1166 -36.07 -0.70 -24.08
CA VAL C 1166 -36.18 0.76 -23.80
C VAL C 1166 -37.64 1.09 -23.49
N SER C 1167 -37.89 2.25 -22.89
CA SER C 1167 -39.23 2.80 -22.61
C SER C 1167 -40.03 2.89 -23.91
N ASN C 1168 -41.32 2.56 -23.83
CA ASN C 1168 -42.28 2.59 -24.96
C ASN C 1168 -42.48 4.04 -25.40
N PRO C 1169 -42.03 4.40 -26.62
CA PRO C 1169 -42.11 5.78 -27.10
C PRO C 1169 -43.49 6.24 -27.56
N ILE C 1170 -44.42 5.32 -27.82
CA ILE C 1170 -45.85 5.64 -28.11
C ILE C 1170 -46.52 6.18 -26.83
N ARG C 1171 -46.27 5.58 -25.67
CA ARG C 1171 -46.75 6.15 -24.38
C ARG C 1171 -46.06 7.46 -24.02
N LYS C 1172 -44.91 7.81 -24.58
CA LYS C 1172 -44.22 9.11 -24.30
C LYS C 1172 -44.82 10.20 -25.18
N VAL C 1173 -45.10 9.85 -26.44
CA VAL C 1173 -45.59 10.79 -27.46
C VAL C 1173 -47.03 11.20 -27.11
N PHE C 1174 -47.88 10.23 -26.76
CA PHE C 1174 -49.32 10.44 -26.47
C PHE C 1174 -49.53 10.76 -25.00
N LYS C 1175 -48.49 10.88 -24.19
CA LYS C 1175 -48.62 11.29 -22.77
C LYS C 1175 -49.52 12.53 -22.70
N PRO C 1176 -50.64 12.49 -21.94
CA PRO C 1176 -51.68 13.51 -22.02
C PRO C 1176 -51.21 14.86 -21.46
N SER C 1177 -51.69 15.94 -22.06
CA SER C 1177 -51.43 17.35 -21.64
C SER C 1177 -52.46 18.25 -22.34
N GLN C 1178 -52.57 19.52 -21.92
CA GLN C 1178 -53.59 20.48 -22.41
C GLN C 1178 -53.41 20.75 -23.91
N GLY C 1179 -54.50 20.64 -24.67
CA GLY C 1179 -54.55 20.96 -26.12
C GLY C 1179 -54.66 19.71 -26.99
N MET C 1180 -54.11 18.57 -26.54
CA MET C 1180 -54.06 17.28 -27.29
C MET C 1180 -55.47 16.74 -27.46
N VAL C 1181 -55.72 16.10 -28.60
CA VAL C 1181 -57.05 15.63 -29.07
C VAL C 1181 -56.80 14.38 -29.92
N VAL C 1182 -57.06 13.21 -29.35
CA VAL C 1182 -56.83 11.93 -30.06
C VAL C 1182 -58.16 11.52 -30.68
N GLU C 1183 -58.17 11.22 -31.96
CA GLU C 1183 -59.34 10.73 -32.71
C GLU C 1183 -59.02 9.31 -33.15
N ILE C 1184 -59.83 8.34 -32.74
CA ILE C 1184 -59.71 6.90 -33.10
C ILE C 1184 -60.75 6.62 -34.17
N SER C 1185 -60.38 5.97 -35.27
CA SER C 1185 -61.28 5.65 -36.39
C SER C 1185 -61.21 4.15 -36.66
N ASN C 1186 -62.33 3.50 -36.97
CA ASN C 1186 -62.42 2.03 -37.12
C ASN C 1186 -61.75 1.39 -35.89
N GLY C 1187 -62.20 1.72 -34.69
CA GLY C 1187 -61.69 1.17 -33.41
C GLY C 1187 -61.99 -0.32 -33.25
N ASN C 1188 -63.09 -0.80 -33.83
CA ASN C 1188 -63.63 -2.17 -33.61
C ASN C 1188 -62.98 -3.18 -34.57
N THR C 1189 -62.23 -2.71 -35.58
CA THR C 1189 -61.50 -3.56 -36.56
C THR C 1189 -60.00 -3.31 -36.42
N SER C 1190 -59.25 -4.19 -35.77
CA SER C 1190 -57.80 -3.97 -35.48
C SER C 1190 -57.10 -3.53 -36.76
N SER C 1191 -57.26 -4.31 -37.84
CA SER C 1191 -56.49 -4.22 -39.12
C SER C 1191 -56.57 -2.84 -39.78
N LYS C 1192 -57.62 -2.06 -39.50
CA LYS C 1192 -57.96 -0.77 -40.17
C LYS C 1192 -57.97 0.42 -39.20
N THR C 1193 -57.94 0.17 -37.88
CA THR C 1193 -57.88 1.26 -36.88
C THR C 1193 -56.77 2.25 -37.24
N VAL C 1194 -57.03 3.54 -37.00
CA VAL C 1194 -56.05 4.65 -37.14
C VAL C 1194 -56.28 5.55 -35.95
N VAL C 1195 -55.29 5.68 -35.09
CA VAL C 1195 -55.22 6.68 -34.00
C VAL C 1195 -54.50 7.90 -34.55
N THR C 1196 -55.08 9.09 -34.39
CA THR C 1196 -54.58 10.37 -34.94
C THR C 1196 -54.56 11.40 -33.83
N LEU C 1197 -53.40 11.65 -33.25
CA LEU C 1197 -53.18 12.75 -32.28
C LEU C 1197 -53.03 14.05 -33.06
N SER C 1198 -53.65 15.12 -32.54
CA SER C 1198 -53.68 16.49 -33.09
C SER C 1198 -53.48 17.46 -31.93
N GLU C 1199 -52.64 18.49 -32.12
CA GLU C 1199 -52.28 19.48 -31.09
C GLU C 1199 -52.44 20.86 -31.71
N PRO C 1200 -52.46 21.96 -30.92
CA PRO C 1200 -52.47 23.31 -31.46
C PRO C 1200 -51.07 23.67 -32.00
N VAL C 1201 -51.00 23.93 -33.32
CA VAL C 1201 -49.75 24.26 -34.09
C VAL C 1201 -49.98 25.59 -34.83
N GLN C 1202 -49.44 26.69 -34.29
CA GLN C 1202 -49.53 28.08 -34.82
C GLN C 1202 -50.98 28.57 -34.72
N GLY C 1203 -51.62 28.35 -33.56
CA GLY C 1203 -53.00 28.81 -33.26
C GLY C 1203 -54.07 27.76 -33.54
N GLU C 1204 -54.05 27.15 -34.74
CA GLU C 1204 -55.06 26.17 -35.24
C GLU C 1204 -54.64 24.74 -34.89
N LEU C 1205 -55.53 23.75 -35.16
CA LEU C 1205 -55.42 22.34 -34.68
C LEU C 1205 -55.12 21.40 -35.85
N LYS C 1206 -53.94 20.76 -35.83
CA LYS C 1206 -53.37 20.02 -37.01
C LYS C 1206 -52.94 18.62 -36.56
N PRO C 1207 -52.95 17.61 -37.46
CA PRO C 1207 -52.51 16.25 -37.12
C PRO C 1207 -50.99 16.14 -36.92
N THR C 1208 -50.54 15.72 -35.74
CA THR C 1208 -49.10 15.66 -35.36
C THR C 1208 -48.56 14.24 -35.30
N VAL C 1209 -49.39 13.25 -34.92
CA VAL C 1209 -48.97 11.82 -34.84
C VAL C 1209 -50.08 10.97 -35.38
N ILE C 1210 -49.78 10.05 -36.27
CA ILE C 1210 -50.75 9.10 -36.85
C ILE C 1210 -50.19 7.70 -36.66
N LEU C 1211 -50.91 6.88 -35.92
CA LEU C 1211 -50.51 5.52 -35.52
C LEU C 1211 -51.47 4.57 -36.22
N LYS C 1212 -50.98 3.65 -37.05
CA LYS C 1212 -51.83 2.61 -37.68
C LYS C 1212 -51.00 1.39 -38.04
N LEU C 1213 -51.66 0.28 -38.36
CA LEU C 1213 -50.99 -0.90 -38.98
C LEU C 1213 -50.73 -0.62 -40.45
N LEU C 1214 -49.52 -0.89 -40.90
CA LEU C 1214 -49.10 -0.70 -42.31
C LEU C 1214 -49.33 -2.05 -43.03
N LYS C 1215 -48.73 -3.12 -42.48
CA LYS C 1215 -48.93 -4.54 -42.91
C LYS C 1215 -49.54 -5.26 -41.71
N GLU C 1216 -49.50 -6.60 -41.69
CA GLU C 1216 -50.14 -7.40 -40.61
C GLU C 1216 -49.35 -7.25 -39.30
N ASN C 1217 -48.04 -7.04 -39.39
CA ASN C 1217 -47.11 -7.16 -38.23
C ASN C 1217 -46.17 -5.96 -38.19
N ILE C 1218 -46.59 -4.79 -38.68
CA ILE C 1218 -45.72 -3.59 -38.74
C ILE C 1218 -46.58 -2.41 -38.36
N ILE C 1219 -46.29 -1.79 -37.22
CA ILE C 1219 -46.98 -0.59 -36.71
C ILE C 1219 -46.23 0.63 -37.21
N GLN C 1220 -46.90 1.57 -37.84
CA GLN C 1220 -46.25 2.83 -38.28
C GLN C 1220 -46.79 3.99 -37.44
N MET C 1221 -45.92 4.64 -36.66
CA MET C 1221 -46.22 5.91 -35.96
C MET C 1221 -45.57 7.02 -36.75
N GLU C 1222 -46.31 7.59 -37.71
CA GLU C 1222 -45.92 8.77 -38.52
C GLU C 1222 -45.94 10.00 -37.60
N MET C 1223 -44.77 10.54 -37.23
CA MET C 1223 -44.64 11.84 -36.51
C MET C 1223 -44.62 12.94 -37.54
N ILE C 1224 -45.34 14.03 -37.33
CA ILE C 1224 -45.47 15.09 -38.36
C ILE C 1224 -44.93 16.41 -37.80
N GLU C 1225 -44.12 17.09 -38.62
CA GLU C 1225 -43.71 18.48 -38.40
C GLU C 1225 -44.50 19.37 -39.36
N ASN C 1226 -45.25 20.33 -38.82
CA ASN C 1226 -46.13 21.25 -39.60
C ASN C 1226 -45.49 22.64 -39.75
N ARG C 1227 -44.27 22.83 -39.20
CA ARG C 1227 -43.46 24.08 -39.34
C ARG C 1227 -42.24 23.75 -40.20
N THR C 1228 -42.33 24.00 -41.50
CA THR C 1228 -41.34 23.56 -42.53
C THR C 1228 -40.98 24.72 -43.46
N MET C 1229 -40.03 24.50 -44.38
CA MET C 1229 -39.46 25.57 -45.24
C MET C 1229 -40.54 26.17 -46.17
N ASP C 1230 -41.47 25.34 -46.65
CA ASP C 1230 -42.47 25.70 -47.72
C ASP C 1230 -43.93 25.53 -47.25
N GLY C 1231 -44.18 25.05 -46.02
CA GLY C 1231 -45.54 24.92 -45.44
C GLY C 1231 -46.10 23.51 -45.52
N LYS C 1232 -45.66 22.69 -46.49
CA LYS C 1232 -46.04 21.27 -46.64
C LYS C 1232 -45.55 20.45 -45.45
N PRO C 1233 -46.44 19.76 -44.69
CA PRO C 1233 -46.02 19.01 -43.51
C PRO C 1233 -45.13 17.79 -43.82
N VAL C 1234 -44.13 17.54 -42.97
CA VAL C 1234 -43.08 16.49 -43.18
C VAL C 1234 -43.31 15.35 -42.18
N SER C 1235 -43.39 14.13 -42.70
CA SER C 1235 -43.65 12.87 -41.97
C SER C 1235 -42.33 12.17 -41.64
N LEU C 1236 -42.24 11.60 -40.44
CA LEU C 1236 -41.15 10.70 -40.01
C LEU C 1236 -41.74 9.35 -39.65
N PRO C 1237 -41.78 8.37 -40.57
CA PRO C 1237 -42.33 7.06 -40.24
C PRO C 1237 -41.38 6.24 -39.36
N LEU C 1238 -41.71 6.14 -38.08
CA LEU C 1238 -41.14 5.14 -37.14
C LEU C 1238 -41.91 3.83 -37.29
N LEU C 1239 -41.21 2.71 -37.38
CA LEU C 1239 -41.79 1.39 -37.73
C LEU C 1239 -41.54 0.42 -36.57
N TYR C 1240 -42.53 -0.36 -36.17
CA TYR C 1240 -42.36 -1.33 -35.09
C TYR C 1240 -42.92 -2.68 -35.48
N ASN C 1241 -42.12 -3.75 -35.46
CA ASN C 1241 -42.65 -5.13 -35.59
C ASN C 1241 -43.60 -5.38 -34.40
N PHE C 1242 -44.76 -5.95 -34.68
CA PHE C 1242 -45.71 -6.46 -33.64
C PHE C 1242 -45.65 -8.00 -33.62
N ASN C 1243 -45.10 -8.60 -32.58
CA ASN C 1243 -44.89 -10.08 -32.52
C ASN C 1243 -45.74 -10.68 -31.40
N PRO C 1244 -46.99 -11.13 -31.66
CA PRO C 1244 -47.85 -11.62 -30.59
C PRO C 1244 -47.47 -12.96 -29.94
N ASP C 1245 -46.41 -13.60 -30.41
CA ASP C 1245 -45.81 -14.79 -29.73
C ASP C 1245 -45.09 -14.38 -28.44
N ASN C 1246 -44.65 -13.13 -28.32
CA ASN C 1246 -43.86 -12.63 -27.18
C ASN C 1246 -44.70 -11.65 -26.37
N GLY C 1247 -45.53 -12.15 -25.47
CA GLY C 1247 -46.58 -11.32 -24.85
C GLY C 1247 -45.99 -10.23 -23.99
N PHE C 1248 -44.85 -10.53 -23.35
CA PHE C 1248 -44.25 -9.58 -22.37
C PHE C 1248 -43.85 -8.31 -23.12
N ALA C 1249 -43.23 -8.48 -24.30
CA ALA C 1249 -42.75 -7.39 -25.17
C ALA C 1249 -43.04 -7.73 -26.63
N PRO C 1250 -44.30 -7.52 -27.06
CA PRO C 1250 -44.70 -7.87 -28.41
C PRO C 1250 -44.29 -6.83 -29.45
N ILE C 1251 -43.92 -5.60 -29.04
CA ILE C 1251 -43.46 -4.51 -29.96
C ILE C 1251 -41.94 -4.36 -29.94
N SER C 1252 -41.27 -4.58 -31.06
CA SER C 1252 -39.84 -4.27 -31.29
C SER C 1252 -39.68 -3.15 -32.34
N GLU C 1253 -38.75 -2.23 -32.14
CA GLU C 1253 -38.43 -1.17 -33.14
C GLU C 1253 -37.71 -1.80 -34.32
N VAL C 1254 -38.11 -1.44 -35.53
CA VAL C 1254 -37.35 -1.71 -36.78
C VAL C 1254 -36.14 -0.76 -36.80
N MET C 1255 -34.93 -1.30 -36.60
CA MET C 1255 -33.69 -0.50 -36.44
C MET C 1255 -32.91 -0.45 -37.76
N GLU C 1256 -33.40 -1.13 -38.80
CA GLU C 1256 -32.79 -1.18 -40.16
C GLU C 1256 -33.19 0.09 -40.91
N ASP C 1257 -32.21 0.93 -41.25
CA ASP C 1257 -32.38 2.20 -42.00
C ASP C 1257 -33.14 3.22 -41.16
N ARG C 1258 -33.12 3.11 -39.82
CA ARG C 1258 -33.87 4.04 -38.94
C ARG C 1258 -33.16 5.40 -38.94
N ASN C 1259 -31.82 5.43 -38.94
CA ASN C 1259 -31.02 6.68 -38.97
C ASN C 1259 -31.15 7.35 -40.33
N GLN C 1260 -31.38 6.59 -41.41
CA GLN C 1260 -31.61 7.15 -42.78
C GLN C 1260 -32.98 7.82 -42.82
N ARG C 1261 -34.01 7.20 -42.24
CA ARG C 1261 -35.38 7.78 -42.20
C ARG C 1261 -35.36 9.12 -41.47
N ILE C 1262 -34.64 9.17 -40.37
CA ILE C 1262 -34.53 10.41 -39.57
C ILE C 1262 -33.75 11.44 -40.40
N LYS C 1263 -32.64 11.05 -41.04
CA LYS C 1263 -31.85 11.98 -41.90
C LYS C 1263 -32.71 12.49 -43.06
N GLU C 1264 -33.55 11.64 -43.63
CA GLU C 1264 -34.50 12.05 -44.71
C GLU C 1264 -35.40 13.19 -44.23
N MET C 1265 -35.91 13.13 -43.00
CA MET C 1265 -36.86 14.14 -42.48
C MET C 1265 -36.11 15.43 -42.30
N TYR C 1266 -35.00 15.38 -41.56
CA TYR C 1266 -34.20 16.58 -41.22
C TYR C 1266 -33.66 17.23 -42.49
N TRP C 1267 -33.29 16.41 -43.47
CA TRP C 1267 -32.88 16.94 -44.79
C TRP C 1267 -34.01 17.79 -45.39
N LYS C 1268 -35.26 17.36 -45.32
CA LYS C 1268 -36.41 18.13 -45.89
C LYS C 1268 -36.63 19.41 -45.09
N LEU C 1269 -36.28 19.47 -43.80
CA LEU C 1269 -36.46 20.67 -42.94
C LEU C 1269 -35.33 21.68 -43.13
N TRP C 1270 -34.09 21.20 -43.30
CA TRP C 1270 -32.83 21.98 -43.17
C TRP C 1270 -32.26 22.34 -44.54
N ILE C 1271 -32.08 21.35 -45.42
CA ILE C 1271 -31.34 21.47 -46.69
C ILE C 1271 -32.35 21.70 -47.81
N ASP C 1272 -32.03 22.57 -48.79
CA ASP C 1272 -32.93 22.99 -49.91
C ASP C 1272 -32.75 22.06 -51.12
N GLU C 1273 -31.88 21.05 -51.01
CA GLU C 1273 -31.29 20.32 -52.16
C GLU C 1273 -32.01 18.98 -52.32
N PRO C 1274 -31.75 18.24 -53.43
CA PRO C 1274 -32.14 16.82 -53.54
C PRO C 1274 -31.42 15.89 -52.54
N PHE C 1275 -32.21 15.11 -51.79
CA PHE C 1275 -31.76 14.14 -50.77
C PHE C 1275 -30.81 13.10 -51.37
N ASN C 1276 -29.58 13.04 -50.84
CA ASN C 1276 -28.48 12.19 -51.34
C ASN C 1276 -27.39 12.21 -50.26
N LEU C 1277 -27.17 11.08 -49.58
CA LEU C 1277 -26.20 10.95 -48.47
C LEU C 1277 -24.89 10.29 -48.94
N ASP C 1278 -24.71 10.03 -50.25
CA ASP C 1278 -23.41 9.58 -50.83
C ASP C 1278 -22.60 10.81 -51.26
N PHE C 1279 -21.88 11.39 -50.29
CA PHE C 1279 -20.77 12.35 -50.49
C PHE C 1279 -19.74 12.12 -49.38
N ASP C 1280 -18.47 12.32 -49.72
CA ASP C 1280 -17.32 12.05 -48.81
C ASP C 1280 -17.26 13.20 -47.79
N PRO C 1281 -17.23 12.91 -46.46
CA PRO C 1281 -16.98 13.92 -45.43
C PRO C 1281 -15.70 14.74 -45.57
N ARG C 1282 -14.68 14.13 -46.19
CA ARG C 1282 -13.35 14.73 -46.49
C ARG C 1282 -13.49 15.85 -47.52
N ASP C 1283 -14.55 15.82 -48.35
CA ASP C 1283 -14.77 16.80 -49.44
C ASP C 1283 -15.33 18.11 -48.87
N VAL C 1284 -15.00 19.22 -49.53
CA VAL C 1284 -15.52 20.58 -49.21
C VAL C 1284 -17.00 20.63 -49.60
N ILE C 1285 -17.83 21.14 -48.69
CA ILE C 1285 -19.28 21.42 -48.88
C ILE C 1285 -19.44 22.88 -49.29
N LYS C 1286 -20.14 23.17 -50.37
CA LYS C 1286 -20.30 24.55 -50.90
C LYS C 1286 -21.77 24.96 -50.77
N GLY C 1287 -22.04 26.09 -50.12
CA GLY C 1287 -23.39 26.63 -49.87
C GLY C 1287 -23.71 27.75 -50.84
N LYS C 1288 -24.98 27.84 -51.26
CA LYS C 1288 -25.49 28.88 -52.20
C LYS C 1288 -25.23 30.27 -51.62
N ASP C 1289 -25.11 31.27 -52.50
CA ASP C 1289 -24.76 32.68 -52.15
C ASP C 1289 -25.95 33.36 -51.46
N PHE C 1290 -25.70 34.02 -50.34
CA PHE C 1290 -26.71 34.66 -49.47
C PHE C 1290 -26.54 36.17 -49.51
N GLU C 1291 -27.48 36.89 -50.11
CA GLU C 1291 -27.52 38.37 -50.08
C GLU C 1291 -28.16 38.81 -48.76
N ILE C 1292 -27.43 39.63 -48.00
CA ILE C 1292 -27.85 40.15 -46.66
C ILE C 1292 -28.78 41.33 -46.90
N THR C 1293 -30.07 41.16 -46.63
CA THR C 1293 -31.14 42.19 -46.80
C THR C 1293 -31.42 42.82 -45.44
N ALA C 1294 -31.94 44.06 -45.45
CA ALA C 1294 -32.30 44.83 -44.24
C ALA C 1294 -33.39 44.06 -43.46
N LYS C 1295 -34.36 43.50 -44.18
CA LYS C 1295 -35.49 42.75 -43.57
C LYS C 1295 -34.96 41.52 -42.81
N GLU C 1296 -33.92 40.85 -43.31
CA GLU C 1296 -33.40 39.60 -42.69
C GLU C 1296 -32.68 39.97 -41.38
N VAL C 1297 -31.99 41.12 -41.36
CA VAL C 1297 -31.19 41.61 -40.22
C VAL C 1297 -32.15 42.12 -39.14
N TYR C 1298 -33.20 42.85 -39.54
CA TYR C 1298 -34.26 43.36 -38.64
C TYR C 1298 -34.90 42.17 -37.93
N ASP C 1299 -35.40 41.22 -38.72
CA ASP C 1299 -36.06 39.99 -38.24
C ASP C 1299 -35.13 39.22 -37.30
N PHE C 1300 -33.83 39.12 -37.63
CA PHE C 1300 -32.84 38.39 -36.81
C PHE C 1300 -32.57 39.15 -35.50
N THR C 1301 -32.30 40.45 -35.56
CA THR C 1301 -31.94 41.25 -34.37
C THR C 1301 -33.10 41.28 -33.37
N HIS C 1302 -34.36 41.35 -33.82
CA HIS C 1302 -35.55 41.42 -32.91
C HIS C 1302 -35.82 40.07 -32.24
N ALA C 1303 -35.53 38.97 -32.95
CA ALA C 1303 -35.65 37.59 -32.46
C ALA C 1303 -34.74 37.36 -31.26
N VAL C 1304 -33.45 37.69 -31.39
CA VAL C 1304 -32.40 37.40 -30.35
C VAL C 1304 -32.34 38.54 -29.31
N GLY C 1305 -32.94 39.69 -29.56
CA GLY C 1305 -32.95 40.81 -28.60
C GLY C 1305 -31.60 41.53 -28.59
N ASN C 1306 -31.17 41.96 -29.78
CA ASN C 1306 -29.93 42.74 -30.05
C ASN C 1306 -30.30 44.17 -30.44
N ASN C 1307 -30.25 45.11 -29.49
CA ASN C 1307 -30.77 46.50 -29.67
C ASN C 1307 -29.63 47.47 -30.00
N CYS C 1308 -28.50 46.96 -30.46
CA CYS C 1308 -27.33 47.75 -30.89
C CYS C 1308 -27.73 48.61 -32.08
N GLU C 1309 -27.36 49.89 -32.07
CA GLU C 1309 -27.68 50.93 -33.09
C GLU C 1309 -27.06 50.54 -34.43
N ASP C 1310 -25.99 49.77 -34.43
CA ASP C 1310 -25.21 49.40 -35.65
C ASP C 1310 -26.05 48.55 -36.60
N PHE C 1311 -27.08 47.86 -36.09
CA PHE C 1311 -27.93 46.93 -36.86
C PHE C 1311 -29.30 47.52 -37.18
N VAL C 1312 -29.53 48.78 -36.81
CA VAL C 1312 -30.78 49.51 -37.11
C VAL C 1312 -30.50 50.42 -38.31
N SER C 1313 -31.51 50.61 -39.17
CA SER C 1313 -31.48 51.58 -40.30
C SER C 1313 -31.57 52.96 -39.68
N ARG C 1314 -30.59 53.81 -40.01
CA ARG C 1314 -30.56 55.24 -39.63
C ARG C 1314 -30.38 56.05 -40.91
N PRO C 1315 -30.76 57.35 -40.89
CA PRO C 1315 -30.47 58.25 -42.00
C PRO C 1315 -28.96 58.54 -42.09
N ASP C 1316 -28.40 58.55 -43.31
CA ASP C 1316 -27.01 58.99 -43.64
C ASP C 1316 -25.98 58.01 -43.03
N ARG C 1317 -26.28 56.71 -43.06
CA ARG C 1317 -25.52 55.65 -42.32
C ARG C 1317 -25.87 54.28 -42.94
N THR C 1318 -24.94 53.33 -42.93
CA THR C 1318 -25.13 51.97 -43.53
C THR C 1318 -25.35 50.91 -42.44
N MET C 1319 -26.35 50.05 -42.63
CA MET C 1319 -26.78 49.05 -41.63
C MET C 1319 -25.77 47.90 -41.69
N LEU C 1320 -25.14 47.59 -40.56
CA LEU C 1320 -24.29 46.39 -40.40
C LEU C 1320 -25.18 45.21 -40.04
N ALA C 1321 -24.69 44.00 -40.29
CA ALA C 1321 -25.28 42.71 -39.87
C ALA C 1321 -24.47 42.20 -38.69
N PRO C 1322 -25.13 41.61 -37.69
CA PRO C 1322 -24.43 41.11 -36.51
C PRO C 1322 -23.58 39.93 -36.93
N MET C 1323 -22.55 39.58 -36.17
CA MET C 1323 -21.64 38.46 -36.58
C MET C 1323 -22.29 37.11 -36.21
N ASP C 1324 -23.34 37.10 -35.38
CA ASP C 1324 -24.22 35.92 -35.16
C ASP C 1324 -24.98 35.56 -36.43
N PHE C 1325 -25.22 36.55 -37.29
CA PHE C 1325 -25.86 36.37 -38.60
C PHE C 1325 -24.99 35.45 -39.48
N ALA C 1326 -23.76 35.15 -39.08
CA ALA C 1326 -22.86 34.26 -39.81
C ALA C 1326 -23.41 32.84 -39.82
N ILE C 1327 -24.00 32.39 -38.71
CA ILE C 1327 -24.64 31.05 -38.67
C ILE C 1327 -25.86 31.02 -39.60
N VAL C 1328 -26.60 32.11 -39.74
CA VAL C 1328 -27.78 32.20 -40.64
C VAL C 1328 -27.34 31.88 -42.05
N VAL C 1329 -26.20 32.43 -42.46
CA VAL C 1329 -25.61 32.28 -43.82
C VAL C 1329 -25.00 30.88 -43.93
N GLY C 1330 -24.40 30.41 -42.85
CA GLY C 1330 -23.59 29.19 -42.84
C GLY C 1330 -24.34 27.92 -42.44
N TRP C 1331 -25.59 28.01 -41.99
CA TRP C 1331 -26.26 26.86 -41.32
C TRP C 1331 -26.37 25.72 -42.31
N ARG C 1332 -26.86 25.99 -43.52
CA ARG C 1332 -27.16 24.97 -44.58
C ARG C 1332 -25.87 24.31 -45.08
N ALA C 1333 -24.72 24.95 -44.95
CA ALA C 1333 -23.42 24.32 -45.30
C ALA C 1333 -22.94 23.52 -44.10
N ILE C 1334 -22.78 24.19 -42.97
CA ILE C 1334 -22.24 23.57 -41.73
C ILE C 1334 -23.04 22.33 -41.37
N ILE C 1335 -24.37 22.38 -41.39
CA ILE C 1335 -25.17 21.22 -40.89
C ILE C 1335 -25.14 20.11 -41.93
N LYS C 1336 -24.99 20.41 -43.20
CA LYS C 1336 -24.87 19.38 -44.27
C LYS C 1336 -23.68 18.45 -43.99
N ALA C 1337 -22.74 18.83 -43.15
CA ALA C 1337 -21.54 18.00 -42.82
C ALA C 1337 -21.85 16.85 -41.85
N ILE C 1338 -22.98 16.79 -41.17
CA ILE C 1338 -23.26 15.66 -40.24
C ILE C 1338 -24.15 14.60 -40.93
N PHE C 1339 -24.52 14.81 -42.19
CA PHE C 1339 -25.47 13.94 -42.93
C PHE C 1339 -24.82 12.75 -43.64
N PRO C 1340 -23.57 12.80 -44.13
CA PRO C 1340 -23.02 11.69 -44.91
C PRO C 1340 -23.21 10.30 -44.28
N ASN C 1341 -23.46 9.28 -45.11
CA ASN C 1341 -23.58 7.86 -44.69
C ASN C 1341 -22.47 7.41 -43.73
N THR C 1342 -21.22 7.84 -44.00
CA THR C 1342 -20.00 7.45 -43.24
C THR C 1342 -19.92 8.18 -41.90
N VAL C 1343 -20.73 9.24 -41.68
CA VAL C 1343 -20.96 9.90 -40.34
C VAL C 1343 -22.35 9.48 -39.84
N ASP C 1344 -22.57 8.17 -39.71
CA ASP C 1344 -23.90 7.56 -39.40
C ASP C 1344 -24.23 7.84 -37.93
N GLY C 1345 -25.37 8.46 -37.68
CA GLY C 1345 -25.78 8.82 -36.31
C GLY C 1345 -27.25 9.18 -36.22
N ASP C 1346 -27.85 8.87 -35.07
CA ASP C 1346 -29.25 9.21 -34.74
C ASP C 1346 -29.30 10.72 -34.53
N LEU C 1347 -30.05 11.41 -35.37
CA LEU C 1347 -30.05 12.87 -35.47
C LEU C 1347 -31.06 13.47 -34.49
N LEU C 1348 -31.85 12.61 -33.82
CA LEU C 1348 -32.73 12.98 -32.68
C LEU C 1348 -31.86 13.07 -31.43
N LYS C 1349 -30.76 12.32 -31.42
CA LYS C 1349 -29.75 12.27 -30.32
C LYS C 1349 -28.54 13.16 -30.68
N LEU C 1350 -28.76 14.28 -31.38
CA LEU C 1350 -27.68 15.21 -31.83
C LEU C 1350 -27.61 16.39 -30.87
N VAL C 1351 -26.46 16.58 -30.25
CA VAL C 1351 -26.15 17.69 -29.31
C VAL C 1351 -25.25 18.65 -30.06
N HIS C 1352 -25.50 19.95 -29.99
CA HIS C 1352 -24.58 21.01 -30.45
C HIS C 1352 -23.70 21.37 -29.25
N LEU C 1353 -22.42 21.04 -29.30
CA LEU C 1353 -21.53 21.12 -28.12
C LEU C 1353 -21.09 22.56 -27.93
N SER C 1354 -20.72 23.21 -29.04
CA SER C 1354 -20.01 24.50 -29.04
C SER C 1354 -20.16 25.16 -30.40
N ASN C 1355 -20.03 26.47 -30.42
CA ASN C 1355 -20.07 27.26 -31.66
C ASN C 1355 -19.10 28.42 -31.48
N GLY C 1356 -18.44 28.82 -32.54
CA GLY C 1356 -17.42 29.87 -32.49
C GLY C 1356 -17.43 30.69 -33.76
N TYR C 1357 -17.20 31.99 -33.65
CA TYR C 1357 -16.91 32.87 -34.79
C TYR C 1357 -15.54 33.46 -34.58
N LYS C 1358 -14.86 33.75 -35.67
CA LYS C 1358 -13.52 34.36 -35.68
C LYS C 1358 -13.49 35.26 -36.89
N MET C 1359 -13.52 36.57 -36.68
CA MET C 1359 -13.30 37.55 -37.76
C MET C 1359 -11.87 37.40 -38.29
N ILE C 1360 -11.70 37.43 -39.61
CA ILE C 1360 -10.34 37.33 -40.22
C ILE C 1360 -9.62 38.69 -40.15
N PRO C 1361 -8.34 38.75 -39.70
CA PRO C 1361 -7.67 40.04 -39.50
C PRO C 1361 -7.63 40.92 -40.77
N GLY C 1362 -8.12 42.15 -40.65
CA GLY C 1362 -8.26 43.12 -41.75
C GLY C 1362 -9.69 43.23 -42.23
N ALA C 1363 -10.42 42.10 -42.23
CA ALA C 1363 -11.80 41.98 -42.75
C ALA C 1363 -12.75 42.83 -41.92
N LYS C 1364 -13.55 43.65 -42.59
CA LYS C 1364 -14.61 44.50 -41.97
C LYS C 1364 -15.81 43.62 -41.70
N PRO C 1365 -16.69 43.99 -40.75
CA PRO C 1365 -17.87 43.18 -40.46
C PRO C 1365 -18.90 43.21 -41.60
N LEU C 1366 -19.85 42.25 -41.57
CA LEU C 1366 -20.89 42.05 -42.61
C LEU C 1366 -21.83 43.27 -42.65
N GLN C 1367 -22.10 43.78 -43.85
CA GLN C 1367 -23.03 44.90 -44.11
C GLN C 1367 -24.27 44.38 -44.84
N VAL C 1368 -25.37 45.11 -44.75
CA VAL C 1368 -26.55 44.93 -45.65
C VAL C 1368 -26.10 45.17 -47.09
N GLY C 1369 -26.42 44.23 -47.99
CA GLY C 1369 -26.20 44.34 -49.44
C GLY C 1369 -25.01 43.51 -49.91
N ASP C 1370 -24.20 43.01 -48.98
CA ASP C 1370 -23.05 42.11 -49.27
C ASP C 1370 -23.60 40.74 -49.70
N VAL C 1371 -23.00 40.14 -50.71
CA VAL C 1371 -23.27 38.73 -51.15
C VAL C 1371 -22.18 37.86 -50.53
N VAL C 1372 -22.57 36.89 -49.72
CA VAL C 1372 -21.66 36.03 -48.91
C VAL C 1372 -21.75 34.59 -49.40
N SER C 1373 -20.61 34.04 -49.82
CA SER C 1373 -20.42 32.61 -50.18
C SER C 1373 -19.92 31.87 -48.95
N THR C 1374 -20.61 30.80 -48.56
CA THR C 1374 -20.15 29.84 -47.54
C THR C 1374 -19.44 28.68 -48.21
N THR C 1375 -18.44 28.15 -47.52
CA THR C 1375 -17.87 26.79 -47.70
C THR C 1375 -17.64 26.23 -46.31
N ALA C 1376 -17.99 24.97 -46.08
CA ALA C 1376 -17.71 24.26 -44.83
C ALA C 1376 -16.87 23.05 -45.13
N VAL C 1377 -16.12 22.57 -44.15
CA VAL C 1377 -15.29 21.35 -44.27
C VAL C 1377 -15.28 20.69 -42.90
N ILE C 1378 -15.27 19.36 -42.84
CA ILE C 1378 -15.09 18.67 -41.54
C ILE C 1378 -13.60 18.70 -41.20
N GLU C 1379 -13.25 19.43 -40.14
CA GLU C 1379 -11.92 19.41 -39.49
C GLU C 1379 -11.69 17.97 -39.00
N SER C 1380 -12.50 17.48 -38.06
CA SER C 1380 -12.34 16.17 -37.37
C SER C 1380 -13.68 15.45 -37.26
N VAL C 1381 -13.67 14.12 -37.19
CA VAL C 1381 -14.81 13.29 -36.72
C VAL C 1381 -14.22 12.11 -35.95
N VAL C 1382 -14.43 12.06 -34.64
CA VAL C 1382 -13.82 11.04 -33.75
C VAL C 1382 -14.90 10.34 -32.95
N ASN C 1383 -14.79 9.02 -32.90
CA ASN C 1383 -15.51 8.11 -31.97
C ASN C 1383 -14.85 8.25 -30.61
N GLN C 1384 -15.59 8.83 -29.68
CA GLN C 1384 -15.31 8.79 -28.23
C GLN C 1384 -16.14 7.67 -27.63
N PRO C 1385 -15.79 7.18 -26.41
CA PRO C 1385 -16.58 6.13 -25.75
C PRO C 1385 -18.10 6.41 -25.68
N THR C 1386 -18.47 7.65 -25.38
CA THR C 1386 -19.86 8.09 -25.06
C THR C 1386 -20.62 8.51 -26.33
N GLY C 1387 -19.96 8.61 -27.50
CA GLY C 1387 -20.57 8.99 -28.80
C GLY C 1387 -19.60 9.70 -29.76
N LYS C 1388 -20.05 10.12 -30.92
CA LYS C 1388 -19.16 10.59 -32.01
C LYS C 1388 -19.17 12.12 -32.13
N ILE C 1389 -18.01 12.77 -32.06
CA ILE C 1389 -17.87 14.26 -32.19
C ILE C 1389 -17.57 14.61 -33.65
N VAL C 1390 -18.11 15.73 -34.13
CA VAL C 1390 -17.89 16.21 -35.53
C VAL C 1390 -17.57 17.71 -35.50
N ASP C 1391 -16.33 18.08 -35.79
CA ASP C 1391 -15.89 19.50 -35.77
C ASP C 1391 -15.99 20.00 -37.21
N VAL C 1392 -16.87 20.95 -37.45
CA VAL C 1392 -17.07 21.57 -38.77
C VAL C 1392 -16.47 22.94 -38.70
N VAL C 1393 -15.94 23.42 -39.81
CA VAL C 1393 -15.29 24.75 -39.93
C VAL C 1393 -15.83 25.38 -41.19
N GLY C 1394 -16.87 26.18 -41.04
CA GLY C 1394 -17.37 27.09 -42.08
C GLY C 1394 -16.35 28.16 -42.36
N THR C 1395 -16.46 28.79 -43.52
CA THR C 1395 -15.71 30.00 -43.90
C THR C 1395 -16.65 30.82 -44.77
N LEU C 1396 -17.08 31.98 -44.27
CA LEU C 1396 -17.84 32.95 -45.10
C LEU C 1396 -16.83 33.72 -45.93
N SER C 1397 -17.25 34.27 -47.07
CA SER C 1397 -16.38 34.90 -48.09
C SER C 1397 -17.17 35.93 -48.89
N ARG C 1398 -16.79 37.18 -48.81
CA ARG C 1398 -17.44 38.33 -49.50
C ARG C 1398 -16.47 38.85 -50.55
N ASN C 1399 -16.87 38.86 -51.83
CA ASN C 1399 -16.12 39.44 -52.97
C ASN C 1399 -14.80 38.67 -53.19
N GLY C 1400 -14.78 37.36 -52.90
CA GLY C 1400 -13.60 36.50 -53.13
C GLY C 1400 -12.71 36.34 -51.90
N LYS C 1401 -12.57 37.37 -51.05
CA LYS C 1401 -11.75 37.34 -49.80
C LYS C 1401 -12.55 36.69 -48.66
N PRO C 1402 -11.91 35.89 -47.78
CA PRO C 1402 -12.61 35.31 -46.63
C PRO C 1402 -12.78 36.34 -45.51
N VAL C 1403 -13.93 36.31 -44.82
CA VAL C 1403 -14.40 37.36 -43.87
C VAL C 1403 -14.35 36.80 -42.48
N MET C 1404 -14.99 35.66 -42.25
CA MET C 1404 -14.97 35.01 -40.91
C MET C 1404 -15.06 33.51 -41.02
N GLU C 1405 -14.70 32.83 -39.94
CA GLU C 1405 -14.67 31.36 -39.78
C GLU C 1405 -15.66 30.96 -38.69
N VAL C 1406 -16.67 30.19 -39.03
CA VAL C 1406 -17.62 29.59 -38.05
C VAL C 1406 -17.10 28.21 -37.67
N THR C 1407 -16.90 27.88 -36.40
CA THR C 1407 -16.47 26.54 -35.96
C THR C 1407 -17.52 25.93 -35.06
N SER C 1408 -18.42 25.12 -35.60
CA SER C 1408 -19.40 24.33 -34.84
C SER C 1408 -18.81 22.95 -34.50
N SER C 1409 -19.12 22.41 -33.32
CA SER C 1409 -18.88 20.99 -32.99
C SER C 1409 -20.20 20.36 -32.57
N PHE C 1410 -20.54 19.21 -33.18
CA PHE C 1410 -21.76 18.43 -32.91
C PHE C 1410 -21.33 17.12 -32.30
N PHE C 1411 -22.23 16.45 -31.60
CA PHE C 1411 -21.95 15.20 -30.84
C PHE C 1411 -23.15 14.29 -31.01
N TYR C 1412 -22.97 13.21 -31.74
CA TYR C 1412 -23.94 12.10 -31.90
C TYR C 1412 -23.77 11.17 -30.72
N ARG C 1413 -24.69 11.17 -29.75
CA ARG C 1413 -24.62 10.27 -28.57
C ARG C 1413 -24.88 8.84 -29.08
N GLY C 1414 -24.12 7.85 -28.58
CA GLY C 1414 -24.27 6.45 -29.01
C GLY C 1414 -23.00 5.63 -28.85
N ASN C 1415 -22.92 4.51 -29.57
CA ASN C 1415 -21.74 3.58 -29.57
C ASN C 1415 -21.36 3.36 -31.02
N TYR C 1416 -20.17 3.84 -31.39
CA TYR C 1416 -19.66 3.84 -32.79
C TYR C 1416 -18.31 3.12 -32.77
N THR C 1417 -18.19 2.14 -33.67
CA THR C 1417 -17.00 1.27 -33.85
C THR C 1417 -16.45 1.45 -35.28
N ASP C 1418 -17.04 2.33 -36.09
CA ASP C 1418 -16.63 2.52 -37.51
C ASP C 1418 -15.39 3.43 -37.54
N PHE C 1419 -14.25 2.96 -36.99
CA PHE C 1419 -13.01 3.76 -36.88
C PHE C 1419 -12.38 4.00 -38.26
N GLU C 1420 -12.74 3.20 -39.27
CA GLU C 1420 -12.22 3.36 -40.66
C GLU C 1420 -12.67 4.70 -41.28
N ASN C 1421 -13.72 5.33 -40.73
CA ASN C 1421 -14.35 6.58 -41.24
C ASN C 1421 -13.96 7.78 -40.37
N THR C 1422 -13.39 7.55 -39.19
CA THR C 1422 -12.93 8.64 -38.31
C THR C 1422 -11.60 9.17 -38.82
N PHE C 1423 -11.36 10.45 -38.54
CA PHE C 1423 -10.08 11.15 -38.74
C PHE C 1423 -10.04 12.37 -37.82
N GLN C 1424 -8.89 13.04 -37.72
CA GLN C 1424 -8.72 14.22 -36.84
C GLN C 1424 -7.54 15.07 -37.31
N LYS C 1425 -7.84 16.26 -37.84
CA LYS C 1425 -6.85 17.33 -38.07
C LYS C 1425 -6.81 18.15 -36.80
N THR C 1426 -5.60 18.46 -36.32
CA THR C 1426 -5.35 19.35 -35.16
C THR C 1426 -4.29 20.37 -35.56
N VAL C 1427 -4.51 21.66 -35.26
CA VAL C 1427 -3.43 22.68 -35.31
C VAL C 1427 -2.77 22.66 -33.92
N GLU C 1428 -1.47 22.32 -33.90
CA GLU C 1428 -0.68 22.21 -32.66
C GLU C 1428 -0.26 23.62 -32.23
N PRO C 1429 -0.08 23.87 -30.92
CA PRO C 1429 0.35 25.17 -30.43
C PRO C 1429 1.79 25.46 -30.86
N VAL C 1430 2.10 26.69 -31.27
CA VAL C 1430 3.47 27.04 -31.76
C VAL C 1430 4.46 26.70 -30.63
N TYR C 1431 5.57 26.05 -30.97
CA TYR C 1431 6.61 25.61 -30.02
C TYR C 1431 7.90 26.35 -30.35
N GLN C 1432 8.58 26.86 -29.34
CA GLN C 1432 9.88 27.59 -29.46
C GLN C 1432 11.00 26.71 -28.87
N MET C 1433 12.16 26.63 -29.52
CA MET C 1433 13.38 25.97 -28.98
C MET C 1433 14.55 26.94 -29.08
N HIS C 1434 15.21 27.24 -27.96
CA HIS C 1434 16.47 28.02 -27.92
C HIS C 1434 17.60 27.01 -28.12
N ILE C 1435 18.36 27.11 -29.22
CA ILE C 1435 19.52 26.23 -29.50
C ILE C 1435 20.77 26.86 -28.88
N LYS C 1436 21.26 26.32 -27.77
CA LYS C 1436 22.40 26.87 -26.99
C LYS C 1436 23.70 26.12 -27.36
N THR C 1437 23.65 24.79 -27.42
CA THR C 1437 24.82 23.87 -27.51
C THR C 1437 24.78 23.10 -28.83
N SER C 1438 25.92 22.51 -29.21
CA SER C 1438 26.05 21.63 -30.39
C SER C 1438 25.42 20.25 -30.09
N LYS C 1439 25.09 19.97 -28.82
CA LYS C 1439 24.29 18.79 -28.39
C LYS C 1439 22.87 18.89 -28.97
N ASP C 1440 22.19 20.02 -28.70
CA ASP C 1440 20.79 20.30 -29.12
C ASP C 1440 20.68 20.24 -30.65
N ILE C 1441 21.63 20.82 -31.37
CA ILE C 1441 21.75 20.70 -32.86
C ILE C 1441 21.81 19.22 -33.24
N ALA C 1442 22.58 18.39 -32.52
CA ALA C 1442 22.86 16.99 -32.91
C ALA C 1442 21.61 16.13 -32.71
N VAL C 1443 20.90 16.34 -31.60
CA VAL C 1443 19.56 15.74 -31.31
C VAL C 1443 18.58 16.10 -32.45
N LEU C 1444 18.49 17.37 -32.84
CA LEU C 1444 17.59 17.85 -33.93
C LEU C 1444 17.99 17.25 -35.28
N ARG C 1445 19.28 17.08 -35.58
CA ARG C 1445 19.73 16.49 -36.87
C ARG C 1445 19.51 14.98 -36.85
N SER C 1446 19.36 14.38 -35.67
CA SER C 1446 19.05 12.93 -35.51
C SER C 1446 17.66 12.66 -36.11
N LYS C 1447 16.70 13.57 -35.83
CA LYS C 1447 15.24 13.42 -36.10
C LYS C 1447 15.04 13.50 -37.61
N GLU C 1448 14.54 12.41 -38.21
CA GLU C 1448 14.40 12.27 -39.69
C GLU C 1448 13.44 13.34 -40.21
N TRP C 1449 12.45 13.69 -39.38
CA TRP C 1449 11.38 14.69 -39.67
C TRP C 1449 11.85 16.14 -39.66
N PHE C 1450 12.94 16.49 -38.98
CA PHE C 1450 13.53 17.86 -39.00
C PHE C 1450 14.29 18.06 -40.30
N GLN C 1451 13.79 18.90 -41.21
CA GLN C 1451 14.32 18.99 -42.60
C GLN C 1451 14.58 20.45 -42.99
N LEU C 1452 15.82 20.91 -42.87
CA LEU C 1452 16.20 22.29 -43.28
C LEU C 1452 16.22 22.38 -44.81
N ASP C 1453 16.00 23.58 -45.35
CA ASP C 1453 16.03 23.88 -46.81
C ASP C 1453 17.50 23.80 -47.28
N ASP C 1454 18.43 24.40 -46.53
CA ASP C 1454 19.91 24.27 -46.70
C ASP C 1454 20.48 23.52 -45.49
N GLU C 1455 21.09 22.36 -45.72
CA GLU C 1455 21.53 21.40 -44.65
C GLU C 1455 22.66 22.02 -43.80
N ASP C 1456 23.40 23.00 -44.35
CA ASP C 1456 24.59 23.64 -43.71
C ASP C 1456 24.21 24.90 -42.91
N PHE C 1457 22.92 25.16 -42.69
CA PHE C 1457 22.41 26.35 -41.93
C PHE C 1457 23.00 26.30 -40.51
N ASP C 1458 23.49 27.44 -40.01
CA ASP C 1458 24.11 27.54 -38.65
C ASP C 1458 22.98 27.78 -37.63
N LEU C 1459 22.56 26.72 -36.94
CA LEU C 1459 21.45 26.73 -35.96
C LEU C 1459 21.91 27.25 -34.60
N LEU C 1460 23.22 27.47 -34.40
CA LEU C 1460 23.79 27.72 -33.06
C LEU C 1460 23.39 29.13 -32.61
N ASN C 1461 22.79 29.23 -31.42
CA ASN C 1461 22.32 30.46 -30.73
C ASN C 1461 20.99 30.95 -31.33
N LYS C 1462 20.46 30.26 -32.34
CA LYS C 1462 19.22 30.65 -33.04
C LYS C 1462 18.03 30.22 -32.20
N THR C 1463 16.90 30.90 -32.35
CA THR C 1463 15.59 30.53 -31.78
C THR C 1463 14.73 29.97 -32.91
N LEU C 1464 14.22 28.76 -32.73
CA LEU C 1464 13.40 28.04 -33.74
C LEU C 1464 11.96 28.03 -33.26
N THR C 1465 11.00 28.24 -34.17
CA THR C 1465 9.56 28.01 -33.92
C THR C 1465 9.08 26.87 -34.84
N PHE C 1466 8.21 26.01 -34.32
CA PHE C 1466 7.59 24.89 -35.04
C PHE C 1466 6.08 25.10 -35.10
N GLU C 1467 5.56 25.52 -36.25
CA GLU C 1467 4.10 25.70 -36.50
C GLU C 1467 3.60 24.45 -37.23
N THR C 1468 3.12 23.45 -36.48
CA THR C 1468 2.78 22.10 -37.01
C THR C 1468 1.27 21.83 -36.91
N GLU C 1469 0.71 21.31 -38.01
CA GLU C 1469 -0.62 20.67 -38.08
C GLU C 1469 -0.40 19.16 -38.01
N THR C 1470 -1.19 18.46 -37.22
CA THR C 1470 -1.23 16.98 -37.13
C THR C 1470 -2.49 16.51 -37.86
N GLU C 1471 -2.39 15.54 -38.76
CA GLU C 1471 -3.53 14.77 -39.32
C GLU C 1471 -3.40 13.36 -38.77
N VAL C 1472 -4.50 12.74 -38.39
CA VAL C 1472 -4.50 11.38 -37.80
C VAL C 1472 -5.77 10.67 -38.29
N THR C 1473 -5.63 9.47 -38.82
CA THR C 1473 -6.71 8.47 -38.95
C THR C 1473 -6.63 7.53 -37.76
N PHE C 1474 -7.66 6.74 -37.51
CA PHE C 1474 -7.69 5.81 -36.36
C PHE C 1474 -7.83 4.38 -36.88
N LYS C 1475 -7.43 3.42 -36.04
CA LYS C 1475 -7.64 1.97 -36.25
C LYS C 1475 -8.58 1.44 -35.16
N ASN C 1476 -8.39 1.93 -33.93
CA ASN C 1476 -9.30 1.65 -32.80
C ASN C 1476 -9.27 2.86 -31.85
N ALA C 1477 -9.75 2.68 -30.62
CA ALA C 1477 -10.04 3.76 -29.66
C ALA C 1477 -8.80 4.64 -29.38
N ASN C 1478 -7.59 4.05 -29.39
CA ASN C 1478 -6.33 4.68 -28.89
C ASN C 1478 -5.14 4.50 -29.85
N ILE C 1479 -5.17 3.57 -30.81
CA ILE C 1479 -4.04 3.32 -31.76
C ILE C 1479 -4.37 4.00 -33.10
N PHE C 1480 -3.53 4.93 -33.54
CA PHE C 1480 -3.72 5.63 -34.83
C PHE C 1480 -3.23 4.70 -35.92
N SER C 1481 -3.97 4.60 -37.02
CA SER C 1481 -3.64 3.80 -38.23
C SER C 1481 -2.74 4.63 -39.15
N SER C 1482 -2.59 5.92 -38.87
CA SER C 1482 -1.79 6.84 -39.71
C SER C 1482 -1.61 8.16 -38.96
N VAL C 1483 -0.37 8.62 -38.82
CA VAL C 1483 -0.04 9.97 -38.29
C VAL C 1483 0.64 10.77 -39.38
N LYS C 1484 0.42 12.07 -39.40
CA LYS C 1484 1.19 13.06 -40.17
C LYS C 1484 1.33 14.28 -39.26
N CYS C 1485 2.52 14.84 -39.19
CA CYS C 1485 2.78 16.10 -38.49
C CYS C 1485 3.66 16.91 -39.42
N PHE C 1486 3.09 17.86 -40.12
CA PHE C 1486 3.80 18.69 -41.12
C PHE C 1486 3.68 20.15 -40.66
N GLY C 1487 4.53 20.99 -41.21
CA GLY C 1487 4.48 22.42 -40.89
C GLY C 1487 5.83 23.07 -41.03
N PRO C 1488 5.89 24.41 -41.22
CA PRO C 1488 7.15 25.12 -41.32
C PRO C 1488 7.93 25.12 -40.01
N ILE C 1489 9.25 25.18 -40.13
CA ILE C 1489 10.18 25.59 -39.04
C ILE C 1489 10.71 26.98 -39.39
N LYS C 1490 10.50 27.93 -38.49
CA LYS C 1490 10.90 29.34 -38.68
C LYS C 1490 12.04 29.62 -37.69
N VAL C 1491 12.90 30.56 -38.05
CA VAL C 1491 14.02 31.07 -37.20
C VAL C 1491 13.75 32.54 -36.93
N GLU C 1492 13.75 32.95 -35.66
CA GLU C 1492 13.74 34.37 -35.20
C GLU C 1492 14.98 35.04 -35.77
N LEU C 1493 14.78 36.14 -36.50
CA LEU C 1493 15.86 37.05 -36.93
C LEU C 1493 16.15 38.04 -35.80
N PRO C 1494 17.19 38.90 -35.90
CA PRO C 1494 17.44 39.94 -34.90
C PRO C 1494 16.34 41.00 -34.74
N THR C 1495 15.52 41.23 -35.76
CA THR C 1495 14.34 42.13 -35.73
C THR C 1495 13.13 41.47 -35.04
N LYS C 1496 13.26 40.21 -34.59
CA LYS C 1496 12.18 39.39 -33.94
C LYS C 1496 11.20 38.85 -34.99
N GLU C 1497 11.38 39.19 -36.27
CA GLU C 1497 10.59 38.66 -37.40
C GLU C 1497 11.07 37.22 -37.65
N THR C 1498 10.13 36.28 -37.72
CA THR C 1498 10.36 34.83 -38.00
C THR C 1498 10.32 34.60 -39.52
N VAL C 1499 11.22 33.77 -40.03
CA VAL C 1499 11.38 33.41 -41.48
C VAL C 1499 11.51 31.89 -41.61
N GLU C 1500 10.89 31.31 -42.63
CA GLU C 1500 10.89 29.84 -42.91
C GLU C 1500 12.29 29.40 -43.39
N ILE C 1501 12.87 28.40 -42.73
CA ILE C 1501 14.20 27.80 -43.05
C ILE C 1501 14.10 26.28 -43.23
N GLY C 1502 12.92 25.68 -43.08
CA GLY C 1502 12.72 24.23 -43.21
C GLY C 1502 11.29 23.83 -42.94
N ILE C 1503 11.08 22.54 -42.63
CA ILE C 1503 9.75 21.91 -42.44
C ILE C 1503 9.90 20.77 -41.46
N VAL C 1504 8.82 20.51 -40.73
CA VAL C 1504 8.56 19.19 -40.12
C VAL C 1504 7.84 18.37 -41.18
N ASP C 1505 8.13 17.07 -41.27
CA ASP C 1505 7.54 16.16 -42.29
C ASP C 1505 7.62 14.74 -41.74
N TYR C 1506 7.02 14.53 -40.58
CA TYR C 1506 6.74 13.19 -39.99
C TYR C 1506 5.55 12.58 -40.72
N GLU C 1507 5.60 11.28 -40.89
CA GLU C 1507 4.61 10.45 -41.62
C GLU C 1507 4.86 9.01 -41.15
N ALA C 1508 3.99 8.51 -40.29
CA ALA C 1508 3.99 7.10 -39.83
C ALA C 1508 2.75 6.38 -40.35
N GLY C 1509 2.73 5.07 -40.12
CA GLY C 1509 1.55 4.19 -40.07
C GLY C 1509 1.19 3.92 -38.62
N ALA C 1510 0.83 2.69 -38.30
CA ALA C 1510 0.22 2.32 -37.00
C ALA C 1510 1.12 2.77 -35.83
N SER C 1511 0.77 3.87 -35.16
CA SER C 1511 1.49 4.44 -34.00
C SER C 1511 0.55 4.54 -32.80
N HIS C 1512 1.05 4.91 -31.62
CA HIS C 1512 0.27 5.16 -30.38
C HIS C 1512 0.39 6.64 -29.97
N GLY C 1513 1.07 7.44 -30.78
CA GLY C 1513 1.42 8.82 -30.38
C GLY C 1513 2.07 9.57 -31.52
N ASN C 1514 2.09 10.90 -31.37
CA ASN C 1514 2.88 11.81 -32.23
C ASN C 1514 4.18 12.05 -31.49
N PRO C 1515 5.32 11.53 -31.98
CA PRO C 1515 6.59 11.72 -31.30
C PRO C 1515 7.09 13.17 -31.47
N VAL C 1516 6.78 13.80 -32.63
CA VAL C 1516 7.19 15.19 -32.93
C VAL C 1516 6.70 16.12 -31.82
N VAL C 1517 5.42 16.05 -31.50
CA VAL C 1517 4.81 16.91 -30.45
C VAL C 1517 5.51 16.58 -29.14
N ASP C 1518 5.67 15.30 -28.79
CA ASP C 1518 6.26 14.89 -27.48
C ASP C 1518 7.69 15.45 -27.38
N PHE C 1519 8.50 15.34 -28.44
CA PHE C 1519 9.82 16.00 -28.54
C PHE C 1519 9.74 17.50 -28.18
N LEU C 1520 8.88 18.24 -28.88
CA LEU C 1520 8.79 19.70 -28.71
C LEU C 1520 8.22 20.04 -27.33
N LYS C 1521 7.37 19.20 -26.74
CA LYS C 1521 6.76 19.48 -25.41
C LYS C 1521 7.85 19.51 -24.34
N ARG C 1522 8.79 18.56 -24.41
CA ARG C 1522 9.92 18.41 -23.47
C ARG C 1522 10.98 19.47 -23.83
N ASN C 1523 11.59 19.35 -25.00
CA ASN C 1523 12.80 20.12 -25.39
C ASN C 1523 12.50 21.62 -25.53
N GLY C 1524 11.36 21.99 -26.11
CA GLY C 1524 10.96 23.39 -26.34
C GLY C 1524 10.02 23.93 -25.27
N SER C 1525 9.25 24.95 -25.64
CA SER C 1525 8.33 25.70 -24.77
C SER C 1525 7.18 26.25 -25.62
N THR C 1526 5.94 26.06 -25.17
CA THR C 1526 4.67 26.48 -25.84
C THR C 1526 4.61 28.00 -25.85
N LEU C 1527 4.61 28.60 -27.04
CA LEU C 1527 4.30 30.04 -27.24
C LEU C 1527 2.79 30.22 -27.11
N GLU C 1528 2.36 31.06 -26.17
CA GLU C 1528 0.94 31.26 -25.83
C GLU C 1528 0.59 32.69 -26.26
N GLN C 1529 -0.40 32.81 -27.16
CA GLN C 1529 -0.94 34.10 -27.64
C GLN C 1529 -1.77 34.76 -26.52
N LYS C 1530 -2.51 33.99 -25.72
CA LYS C 1530 -3.36 34.53 -24.62
C LYS C 1530 -2.53 34.71 -23.37
N VAL C 1531 -2.49 35.93 -22.85
CA VAL C 1531 -1.79 36.30 -21.60
C VAL C 1531 -2.88 36.69 -20.62
N ASN C 1532 -2.98 36.02 -19.48
CA ASN C 1532 -3.92 36.40 -18.40
C ASN C 1532 -3.44 37.71 -17.81
N LEU C 1533 -4.38 38.55 -17.38
CA LEU C 1533 -4.13 39.65 -16.42
C LEU C 1533 -3.82 39.06 -15.02
N GLU C 1534 -3.17 39.88 -14.17
CA GLU C 1534 -2.84 39.60 -12.73
C GLU C 1534 -4.10 39.19 -11.96
N ASN C 1535 -5.16 40.01 -12.07
CA ASN C 1535 -6.51 39.75 -11.48
C ASN C 1535 -7.57 40.02 -12.53
N PRO C 1536 -8.63 39.18 -12.64
CA PRO C 1536 -9.78 39.48 -13.49
C PRO C 1536 -10.46 40.80 -13.10
N ILE C 1537 -11.04 41.49 -14.08
CA ILE C 1537 -11.77 42.76 -13.86
C ILE C 1537 -13.24 42.51 -14.15
N PRO C 1538 -14.14 42.33 -13.14
CA PRO C 1538 -15.57 42.19 -13.43
C PRO C 1538 -16.09 43.34 -14.30
N ILE C 1539 -16.90 43.02 -15.31
CA ILE C 1539 -17.55 44.02 -16.21
C ILE C 1539 -18.99 44.26 -15.73
N ALA C 1540 -19.81 43.20 -15.75
CA ALA C 1540 -21.25 43.24 -15.42
C ALA C 1540 -21.75 41.87 -14.97
N VAL C 1541 -22.94 41.82 -14.36
CA VAL C 1541 -23.73 40.58 -14.11
C VAL C 1541 -25.18 40.83 -14.53
N LEU C 1542 -25.54 40.38 -15.74
CA LEU C 1542 -26.73 40.82 -16.50
C LEU C 1542 -27.78 39.72 -16.56
N ASP C 1543 -29.05 40.10 -16.41
CA ASP C 1543 -30.22 39.21 -16.61
C ASP C 1543 -30.65 39.24 -18.08
N SER C 1544 -30.93 38.06 -18.64
CA SER C 1544 -31.67 37.86 -19.90
C SER C 1544 -32.74 36.80 -19.67
N TYR C 1545 -33.74 36.80 -20.54
CA TYR C 1545 -34.91 35.90 -20.58
C TYR C 1545 -34.84 35.16 -21.92
N THR C 1546 -35.11 33.86 -21.91
CA THR C 1546 -35.39 33.07 -23.14
C THR C 1546 -36.85 33.29 -23.51
N PRO C 1547 -37.20 33.34 -24.81
CA PRO C 1547 -38.57 33.67 -25.22
C PRO C 1547 -39.53 32.52 -24.92
N SER C 1548 -40.83 32.82 -24.93
CA SER C 1548 -41.95 31.89 -24.62
C SER C 1548 -42.03 30.79 -25.69
N THR C 1549 -41.74 31.14 -26.94
CA THR C 1549 -41.83 30.25 -28.12
C THR C 1549 -40.48 30.28 -28.87
N ASN C 1550 -40.15 29.20 -29.56
CA ASN C 1550 -38.89 29.06 -30.32
C ASN C 1550 -39.18 29.20 -31.82
N GLU C 1551 -40.41 29.53 -32.22
CA GLU C 1551 -40.76 29.65 -33.65
C GLU C 1551 -40.04 30.85 -34.25
N PRO C 1552 -40.06 32.07 -33.64
CA PRO C 1552 -39.48 33.27 -34.27
C PRO C 1552 -37.98 33.10 -34.58
N TYR C 1553 -37.19 32.48 -33.69
CA TYR C 1553 -35.75 32.17 -33.96
C TYR C 1553 -35.64 31.11 -35.06
N ALA C 1554 -36.45 30.07 -35.02
CA ALA C 1554 -36.51 28.99 -36.03
C ALA C 1554 -36.83 29.55 -37.42
N ARG C 1555 -37.61 30.63 -37.53
CA ARG C 1555 -38.03 31.23 -38.83
C ARG C 1555 -36.85 31.94 -39.52
N VAL C 1556 -35.94 32.56 -38.75
CA VAL C 1556 -34.89 33.50 -39.30
C VAL C 1556 -33.55 32.78 -39.44
N SER C 1557 -33.27 31.84 -38.55
CA SER C 1557 -32.07 30.98 -38.49
C SER C 1557 -32.14 29.87 -39.53
N GLY C 1558 -33.34 29.38 -39.87
CA GLY C 1558 -33.51 28.20 -40.74
C GLY C 1558 -33.36 26.87 -40.00
N ASP C 1559 -33.00 26.90 -38.72
CA ASP C 1559 -32.91 25.74 -37.79
C ASP C 1559 -34.33 25.37 -37.33
N LEU C 1560 -35.01 24.57 -38.15
CA LEU C 1560 -36.37 24.00 -37.92
C LEU C 1560 -36.32 22.63 -37.24
N ASN C 1561 -35.24 22.30 -36.53
CA ASN C 1561 -35.19 21.12 -35.62
C ASN C 1561 -36.52 21.06 -34.87
N PRO C 1562 -37.34 20.02 -35.08
CA PRO C 1562 -38.59 19.90 -34.37
C PRO C 1562 -38.46 19.87 -32.85
N ILE C 1563 -37.31 19.54 -32.29
CA ILE C 1563 -37.23 19.39 -30.81
C ILE C 1563 -37.45 20.74 -30.13
N HIS C 1564 -37.30 21.86 -30.83
CA HIS C 1564 -37.46 23.21 -30.24
C HIS C 1564 -38.90 23.71 -30.39
N VAL C 1565 -39.77 23.06 -31.16
CA VAL C 1565 -41.11 23.64 -31.47
C VAL C 1565 -42.24 22.64 -31.19
N SER C 1566 -42.04 21.38 -31.53
CA SER C 1566 -43.04 20.29 -31.38
C SER C 1566 -42.85 19.58 -30.04
N ARG C 1567 -43.92 19.44 -29.27
CA ARG C 1567 -43.93 18.73 -27.98
C ARG C 1567 -43.60 17.24 -28.22
N HIS C 1568 -44.16 16.64 -29.26
CA HIS C 1568 -44.10 15.18 -29.47
C HIS C 1568 -42.68 14.73 -29.81
N PHE C 1569 -42.03 15.45 -30.72
CA PHE C 1569 -40.61 15.22 -31.10
C PHE C 1569 -39.71 15.40 -29.89
N ALA C 1570 -39.91 16.46 -29.11
CA ALA C 1570 -39.13 16.71 -27.88
C ALA C 1570 -39.38 15.60 -26.84
N SER C 1571 -40.59 15.04 -26.78
CA SER C 1571 -40.96 13.92 -25.88
C SER C 1571 -40.23 12.66 -26.32
N TYR C 1572 -40.22 12.39 -27.63
CA TYR C 1572 -39.60 11.20 -28.26
C TYR C 1572 -38.08 11.21 -28.11
N ALA C 1573 -37.48 12.39 -28.03
CA ALA C 1573 -36.03 12.64 -27.92
C ALA C 1573 -35.57 12.64 -26.44
N ASN C 1574 -36.48 12.41 -25.48
CA ASN C 1574 -36.23 12.31 -24.01
C ASN C 1574 -35.81 13.66 -23.43
N LEU C 1575 -36.08 14.75 -24.12
CA LEU C 1575 -35.74 16.11 -23.63
C LEU C 1575 -36.80 16.54 -22.62
N PRO C 1576 -36.46 17.44 -21.66
CA PRO C 1576 -37.43 17.95 -20.70
C PRO C 1576 -38.61 18.77 -21.26
N GLY C 1577 -38.51 19.22 -22.51
CA GLY C 1577 -39.58 19.93 -23.23
C GLY C 1577 -39.04 20.62 -24.47
N THR C 1578 -39.80 21.52 -25.06
CA THR C 1578 -39.37 22.25 -26.28
C THR C 1578 -38.23 23.19 -25.88
N ILE C 1579 -36.99 22.69 -25.87
CA ILE C 1579 -35.77 23.43 -25.39
C ILE C 1579 -35.48 24.63 -26.29
N THR C 1580 -35.12 25.76 -25.67
CA THR C 1580 -34.55 26.95 -26.36
C THR C 1580 -33.42 26.52 -27.29
N HIS C 1581 -33.27 27.18 -28.45
CA HIS C 1581 -32.14 26.87 -29.37
C HIS C 1581 -30.83 27.26 -28.67
N GLY C 1582 -29.80 26.43 -28.76
CA GLY C 1582 -28.48 26.81 -28.22
C GLY C 1582 -27.99 28.08 -28.91
N MET C 1583 -28.15 28.15 -30.22
CA MET C 1583 -27.73 29.31 -31.02
C MET C 1583 -28.44 30.58 -30.56
N PHE C 1584 -29.69 30.50 -30.12
CA PHE C 1584 -30.43 31.65 -29.55
C PHE C 1584 -29.66 32.16 -28.34
N SER C 1585 -29.38 31.29 -27.37
CA SER C 1585 -28.69 31.69 -26.11
C SER C 1585 -27.31 32.28 -26.46
N SER C 1586 -26.61 31.68 -27.40
CA SER C 1586 -25.33 32.22 -27.94
C SER C 1586 -25.54 33.68 -28.31
N ALA C 1587 -26.55 33.96 -29.13
CA ALA C 1587 -26.67 35.24 -29.87
C ALA C 1587 -27.15 36.31 -28.91
N SER C 1588 -27.92 35.85 -27.92
CA SER C 1588 -28.52 36.60 -26.80
C SER C 1588 -27.39 37.15 -25.93
N VAL C 1589 -26.57 36.27 -25.38
CA VAL C 1589 -25.36 36.61 -24.58
C VAL C 1589 -24.38 37.42 -25.44
N ARG C 1590 -24.14 37.05 -26.70
CA ARG C 1590 -23.21 37.84 -27.55
C ARG C 1590 -23.69 39.27 -27.64
N ALA C 1591 -25.00 39.50 -27.61
CA ALA C 1591 -25.60 40.84 -27.63
C ALA C 1591 -25.32 41.61 -26.32
N LEU C 1592 -25.25 40.93 -25.19
CA LEU C 1592 -24.85 41.53 -23.89
C LEU C 1592 -23.36 41.89 -23.91
N ILE C 1593 -22.47 40.92 -24.12
CA ILE C 1593 -21.00 41.13 -24.30
C ILE C 1593 -20.76 42.35 -25.17
N GLU C 1594 -21.41 42.43 -26.31
CA GLU C 1594 -21.27 43.54 -27.29
C GLU C 1594 -21.74 44.87 -26.71
N ASN C 1595 -22.70 44.87 -25.79
CA ASN C 1595 -23.27 46.12 -25.22
C ASN C 1595 -22.39 46.60 -24.07
N TRP C 1596 -21.79 45.68 -23.31
CA TRP C 1596 -21.21 45.97 -21.98
C TRP C 1596 -19.68 45.91 -21.99
N ALA C 1597 -19.07 45.00 -22.78
CA ALA C 1597 -17.60 44.94 -22.98
C ALA C 1597 -17.19 45.84 -24.15
N ALA C 1598 -17.97 45.85 -25.23
CA ALA C 1598 -17.63 46.57 -26.47
C ALA C 1598 -18.20 47.99 -26.47
N ASP C 1599 -18.92 48.40 -25.41
CA ASP C 1599 -19.67 49.70 -25.25
C ASP C 1599 -20.48 49.99 -26.53
N SER C 1600 -21.19 48.99 -27.04
CA SER C 1600 -22.21 49.08 -28.12
C SER C 1600 -21.56 49.28 -29.51
N VAL C 1601 -20.28 48.97 -29.67
CA VAL C 1601 -19.56 49.12 -30.98
C VAL C 1601 -19.31 47.72 -31.54
N SER C 1602 -20.27 47.20 -32.31
CA SER C 1602 -20.27 45.84 -32.92
C SER C 1602 -18.94 45.49 -33.59
N SER C 1603 -18.32 46.44 -34.28
CA SER C 1603 -17.04 46.30 -35.03
C SER C 1603 -15.89 45.84 -34.11
N ARG C 1604 -15.99 46.08 -32.80
CA ARG C 1604 -14.94 45.72 -31.82
C ARG C 1604 -15.02 44.24 -31.47
N VAL C 1605 -16.10 43.54 -31.74
CA VAL C 1605 -16.10 42.08 -31.45
C VAL C 1605 -15.51 41.35 -32.66
N ARG C 1606 -14.35 40.71 -32.44
CA ARG C 1606 -13.56 40.03 -33.47
C ARG C 1606 -13.56 38.53 -33.23
N GLY C 1607 -13.96 38.07 -32.07
CA GLY C 1607 -14.12 36.63 -31.83
C GLY C 1607 -15.14 36.36 -30.77
N TYR C 1608 -15.73 35.18 -30.80
CA TYR C 1608 -16.80 34.78 -29.85
C TYR C 1608 -16.92 33.29 -29.90
N THR C 1609 -16.67 32.58 -28.82
CA THR C 1609 -16.85 31.11 -28.76
C THR C 1609 -17.70 30.84 -27.55
N CYS C 1610 -18.72 30.00 -27.66
CA CYS C 1610 -19.50 29.56 -26.48
C CYS C 1610 -19.69 28.05 -26.53
N GLN C 1611 -19.40 27.40 -25.41
CA GLN C 1611 -19.72 25.99 -25.11
C GLN C 1611 -21.15 26.01 -24.58
N PHE C 1612 -22.02 25.17 -25.14
CA PHE C 1612 -23.36 24.84 -24.62
C PHE C 1612 -23.19 23.70 -23.61
N VAL C 1613 -23.44 24.00 -22.34
CA VAL C 1613 -23.17 23.07 -21.21
C VAL C 1613 -24.42 22.25 -20.91
N ASP C 1614 -25.60 22.88 -20.96
CA ASP C 1614 -26.89 22.28 -20.55
C ASP C 1614 -28.03 22.92 -21.35
N MET C 1615 -29.17 22.25 -21.35
CA MET C 1615 -30.38 22.63 -22.11
C MET C 1615 -31.20 23.58 -21.25
N VAL C 1616 -31.67 24.64 -21.91
CA VAL C 1616 -32.46 25.76 -21.36
C VAL C 1616 -33.89 25.56 -21.84
N LEU C 1617 -34.86 25.73 -20.96
CA LEU C 1617 -36.30 25.70 -21.33
C LEU C 1617 -36.73 27.11 -21.69
N PRO C 1618 -37.82 27.29 -22.47
CA PRO C 1618 -38.40 28.62 -22.67
C PRO C 1618 -38.85 29.25 -21.34
N ASN C 1619 -38.91 30.58 -21.30
CA ASN C 1619 -39.31 31.42 -20.13
C ASN C 1619 -38.34 31.23 -18.96
N THR C 1620 -37.10 30.79 -19.22
CA THR C 1620 -36.02 30.69 -18.21
C THR C 1620 -35.42 32.09 -18.03
N ALA C 1621 -35.07 32.43 -16.79
CA ALA C 1621 -34.27 33.61 -16.41
C ALA C 1621 -32.79 33.19 -16.31
N LEU C 1622 -31.92 33.84 -17.10
CA LEU C 1622 -30.47 33.56 -17.20
C LEU C 1622 -29.70 34.74 -16.63
N LYS C 1623 -28.66 34.48 -15.84
CA LYS C 1623 -27.72 35.49 -15.27
C LYS C 1623 -26.32 35.22 -15.80
N THR C 1624 -25.86 36.09 -16.68
CA THR C 1624 -24.52 36.10 -17.29
C THR C 1624 -23.57 36.94 -16.44
N SER C 1625 -22.52 36.36 -15.87
CA SER C 1625 -21.35 37.13 -15.34
C SER C 1625 -20.33 37.31 -16.48
N ILE C 1626 -19.78 38.51 -16.63
CA ILE C 1626 -18.83 38.88 -17.72
C ILE C 1626 -17.56 39.46 -17.09
N GLN C 1627 -16.42 38.79 -17.23
CA GLN C 1627 -15.11 39.21 -16.70
C GLN C 1627 -14.17 39.55 -17.86
N HIS C 1628 -13.27 40.52 -17.68
CA HIS C 1628 -12.10 40.78 -18.56
C HIS C 1628 -10.92 40.08 -17.94
N VAL C 1629 -10.45 39.04 -18.59
CA VAL C 1629 -9.66 37.98 -17.92
C VAL C 1629 -8.23 37.95 -18.47
N GLY C 1630 -7.98 38.52 -19.63
CA GLY C 1630 -6.67 38.42 -20.33
C GLY C 1630 -6.57 39.36 -21.50
N MET C 1631 -5.52 39.22 -22.29
CA MET C 1631 -5.34 39.93 -23.58
C MET C 1631 -4.89 38.92 -24.62
N ILE C 1632 -5.05 39.24 -25.90
CA ILE C 1632 -4.52 38.40 -27.01
C ILE C 1632 -4.34 39.33 -28.21
N ASN C 1633 -3.10 39.69 -28.51
CA ASN C 1633 -2.72 40.50 -29.69
C ASN C 1633 -3.49 41.81 -29.66
N GLY C 1634 -3.63 42.40 -28.49
CA GLY C 1634 -4.18 43.75 -28.33
C GLY C 1634 -5.70 43.73 -28.30
N ARG C 1635 -6.26 42.55 -28.08
CA ARG C 1635 -7.71 42.35 -27.96
C ARG C 1635 -7.96 41.91 -26.53
N LYS C 1636 -8.90 42.57 -25.87
CA LYS C 1636 -9.34 42.16 -24.51
C LYS C 1636 -9.93 40.77 -24.66
N LEU C 1637 -9.67 39.91 -23.69
CA LEU C 1637 -10.15 38.52 -23.73
C LEU C 1637 -11.18 38.38 -22.62
N ILE C 1638 -12.46 38.40 -22.97
CA ILE C 1638 -13.60 38.45 -22.02
C ILE C 1638 -14.17 37.06 -21.83
N LYS C 1639 -14.06 36.46 -20.65
CA LYS C 1639 -14.77 35.20 -20.29
C LYS C 1639 -16.19 35.55 -19.88
N PHE C 1640 -17.13 34.63 -20.06
CA PHE C 1640 -18.49 34.71 -19.49
C PHE C 1640 -18.97 33.31 -19.08
N GLU C 1641 -20.01 33.33 -18.28
CA GLU C 1641 -20.69 32.15 -17.73
C GLU C 1641 -22.13 32.60 -17.54
N THR C 1642 -23.08 31.84 -18.05
CA THR C 1642 -24.52 32.10 -17.93
C THR C 1642 -25.12 30.94 -17.15
N ARG C 1643 -25.70 31.23 -15.99
CA ARG C 1643 -26.39 30.29 -15.06
C ARG C 1643 -27.90 30.52 -15.14
N ASN C 1644 -28.72 29.47 -14.94
CA ASN C 1644 -30.21 29.56 -14.89
C ASN C 1644 -30.69 29.87 -13.45
N GLU C 1645 -31.99 29.71 -13.17
CA GLU C 1645 -32.67 29.98 -11.87
C GLU C 1645 -32.08 29.09 -10.75
N ASP C 1646 -31.78 27.82 -11.07
CA ASP C 1646 -31.19 26.80 -10.14
C ASP C 1646 -29.68 27.00 -9.96
N ASP C 1647 -29.09 28.08 -10.50
CA ASP C 1647 -27.62 28.39 -10.47
C ASP C 1647 -26.85 27.18 -11.01
N VAL C 1648 -27.24 26.75 -12.21
CA VAL C 1648 -26.56 25.69 -13.01
C VAL C 1648 -25.93 26.40 -14.21
N VAL C 1649 -24.67 26.10 -14.49
CA VAL C 1649 -23.93 26.67 -15.65
C VAL C 1649 -24.51 26.06 -16.92
N VAL C 1650 -25.01 26.91 -17.78
CA VAL C 1650 -25.78 26.57 -19.01
C VAL C 1650 -24.98 26.89 -20.28
N LEU C 1651 -24.15 27.94 -20.23
CA LEU C 1651 -23.45 28.50 -21.41
C LEU C 1651 -22.21 29.22 -20.91
N THR C 1652 -21.02 28.65 -21.10
CA THR C 1652 -19.72 29.34 -20.90
C THR C 1652 -19.16 29.71 -22.27
N GLY C 1653 -18.33 30.74 -22.33
CA GLY C 1653 -17.61 31.12 -23.56
C GLY C 1653 -16.56 32.19 -23.33
N GLU C 1654 -15.99 32.70 -24.41
CA GLU C 1654 -15.04 33.83 -24.40
C GLU C 1654 -15.27 34.66 -25.64
N ALA C 1655 -15.01 35.93 -25.54
CA ALA C 1655 -15.02 36.88 -26.65
C ALA C 1655 -13.66 37.56 -26.71
N GLU C 1656 -13.33 38.10 -27.89
CA GLU C 1656 -12.07 38.84 -28.19
C GLU C 1656 -12.49 40.21 -28.71
N ILE C 1657 -12.46 41.19 -27.83
CA ILE C 1657 -12.94 42.56 -28.06
C ILE C 1657 -11.71 43.40 -28.38
N GLU C 1658 -11.74 44.14 -29.47
CA GLU C 1658 -10.68 45.09 -29.88
C GLU C 1658 -10.64 46.18 -28.81
N GLN C 1659 -9.48 46.73 -28.46
CA GLN C 1659 -9.40 47.91 -27.55
C GLN C 1659 -9.85 49.13 -28.31
N PRO C 1660 -10.05 50.28 -27.64
CA PRO C 1660 -10.36 51.51 -28.34
C PRO C 1660 -9.19 51.99 -29.22
N VAL C 1661 -9.49 52.69 -30.32
CA VAL C 1661 -8.49 53.28 -31.26
C VAL C 1661 -7.37 53.91 -30.43
N THR C 1662 -6.15 53.39 -30.57
CA THR C 1662 -4.96 53.74 -29.75
C THR C 1662 -3.89 54.31 -30.67
N THR C 1663 -3.19 55.35 -30.20
CA THR C 1663 -1.95 55.86 -30.82
C THR C 1663 -0.87 55.83 -29.74
N PHE C 1664 0.31 55.30 -30.06
CA PHE C 1664 1.50 55.34 -29.17
C PHE C 1664 2.37 56.52 -29.57
N VAL C 1665 2.76 57.35 -28.61
CA VAL C 1665 3.70 58.48 -28.88
C VAL C 1665 4.99 58.23 -28.09
N PHE C 1666 6.13 58.51 -28.69
CA PHE C 1666 7.45 58.21 -28.08
C PHE C 1666 8.18 59.53 -27.85
N THR C 1667 8.54 59.81 -26.60
CA THR C 1667 9.19 61.07 -26.17
C THR C 1667 10.58 61.13 -26.80
N GLY C 1668 11.03 62.34 -27.11
CA GLY C 1668 12.42 62.62 -27.51
C GLY C 1668 13.29 63.01 -26.34
N GLN C 1669 14.36 63.78 -26.60
CA GLN C 1669 15.38 64.18 -25.60
C GLN C 1669 14.78 65.24 -24.66
N GLY C 1670 15.42 65.41 -23.50
CA GLY C 1670 15.01 66.36 -22.45
C GLY C 1670 14.40 65.63 -21.28
N SER C 1671 13.82 64.47 -21.54
CA SER C 1671 13.02 63.70 -20.56
C SER C 1671 13.94 62.89 -19.63
N GLN C 1672 15.11 62.48 -20.14
CA GLN C 1672 16.02 61.46 -19.53
C GLN C 1672 16.39 61.85 -18.10
N GLU C 1673 16.58 60.83 -17.26
CA GLU C 1673 16.90 60.98 -15.83
C GLU C 1673 17.58 59.71 -15.35
N GLN C 1674 18.63 59.87 -14.54
CA GLN C 1674 19.35 58.76 -13.87
C GLN C 1674 18.33 57.74 -13.36
N GLY C 1675 18.56 56.45 -13.65
CA GLY C 1675 17.74 55.33 -13.13
C GLY C 1675 16.52 55.02 -13.99
N MET C 1676 16.37 55.62 -15.18
CA MET C 1676 15.13 55.48 -15.98
C MET C 1676 15.04 54.07 -16.56
N GLY C 1677 13.85 53.48 -16.52
CA GLY C 1677 13.61 52.13 -17.07
C GLY C 1677 14.12 51.02 -16.18
N MET C 1678 14.78 51.33 -15.06
CA MET C 1678 15.55 50.33 -14.27
C MET C 1678 14.60 49.50 -13.41
N ASP C 1679 13.49 50.06 -12.92
CA ASP C 1679 12.43 49.28 -12.22
C ASP C 1679 11.98 48.14 -13.13
N LEU C 1680 11.61 48.47 -14.37
CA LEU C 1680 11.16 47.50 -15.40
C LEU C 1680 12.29 46.54 -15.78
N TYR C 1681 13.54 47.00 -15.76
CA TYR C 1681 14.71 46.14 -16.05
C TYR C 1681 14.80 45.01 -15.03
N LYS C 1682 14.46 45.25 -13.77
CA LYS C 1682 14.61 44.26 -12.68
C LYS C 1682 13.54 43.15 -12.77
N THR C 1683 12.34 43.45 -13.30
CA THR C 1683 11.14 42.56 -13.25
C THR C 1683 10.85 41.89 -14.61
N SER C 1684 10.81 42.66 -15.71
CA SER C 1684 10.32 42.23 -17.05
C SER C 1684 11.41 41.46 -17.80
N LYS C 1685 11.11 40.24 -18.20
CA LYS C 1685 12.00 39.39 -19.02
C LYS C 1685 12.24 40.02 -20.40
N ALA C 1686 11.29 40.80 -20.92
CA ALA C 1686 11.34 41.38 -22.29
C ALA C 1686 12.24 42.61 -22.28
N ALA C 1687 12.12 43.46 -21.25
CA ALA C 1687 13.03 44.59 -20.99
C ALA C 1687 14.45 44.09 -20.75
N GLN C 1688 14.63 43.03 -19.97
CA GLN C 1688 15.95 42.42 -19.72
C GLN C 1688 16.57 42.08 -21.07
N ASP C 1689 15.83 41.45 -21.98
CA ASP C 1689 16.40 40.96 -23.25
C ASP C 1689 16.82 42.14 -24.13
N VAL C 1690 16.15 43.28 -24.01
CA VAL C 1690 16.46 44.49 -24.82
C VAL C 1690 17.76 45.09 -24.29
N TRP C 1691 17.72 45.60 -23.08
CA TRP C 1691 18.88 46.21 -22.40
C TRP C 1691 20.13 45.35 -22.52
N ASN C 1692 20.02 44.03 -22.32
CA ASN C 1692 21.21 43.15 -22.29
C ASN C 1692 21.77 43.12 -23.70
N ARG C 1693 20.95 42.79 -24.69
CA ARG C 1693 21.37 42.76 -26.11
C ARG C 1693 22.14 44.03 -26.52
N ALA C 1694 21.73 45.19 -26.04
CA ALA C 1694 22.34 46.50 -26.33
C ALA C 1694 23.61 46.70 -25.52
N ASP C 1695 23.56 46.32 -24.24
CA ASP C 1695 24.68 46.54 -23.30
C ASP C 1695 25.82 45.63 -23.73
N ASN C 1696 25.51 44.42 -24.18
CA ASN C 1696 26.53 43.48 -24.71
C ASN C 1696 27.14 44.10 -25.97
N HIS C 1697 26.33 44.63 -26.86
CA HIS C 1697 26.80 45.22 -28.14
C HIS C 1697 27.67 46.46 -27.91
N PHE C 1698 27.42 47.27 -26.90
CA PHE C 1698 28.27 48.44 -26.59
C PHE C 1698 29.58 47.97 -25.95
N LYS C 1699 29.51 47.13 -24.91
CA LYS C 1699 30.69 46.55 -24.21
C LYS C 1699 31.67 45.96 -25.23
N ASP C 1700 31.19 45.09 -26.13
CA ASP C 1700 32.01 44.33 -27.10
C ASP C 1700 32.60 45.27 -28.17
N THR C 1701 31.93 46.38 -28.47
CA THR C 1701 32.24 47.25 -29.63
C THR C 1701 32.89 48.56 -29.17
N TYR C 1702 32.32 49.31 -28.24
CA TYR C 1702 32.85 50.65 -27.85
C TYR C 1702 33.44 50.65 -26.43
N GLY C 1703 33.33 49.54 -25.70
CA GLY C 1703 33.97 49.36 -24.41
C GLY C 1703 33.41 50.28 -23.36
N PHE C 1704 32.10 50.50 -23.38
CA PHE C 1704 31.34 50.99 -22.19
C PHE C 1704 30.01 50.27 -22.13
N SER C 1705 29.37 50.31 -20.97
CA SER C 1705 28.01 49.76 -20.74
C SER C 1705 27.03 50.92 -20.71
N ILE C 1706 26.01 50.89 -21.56
CA ILE C 1706 24.93 51.93 -21.55
C ILE C 1706 24.17 51.85 -20.24
N LEU C 1707 24.00 50.64 -19.69
CA LEU C 1707 23.36 50.39 -18.37
C LEU C 1707 24.10 51.08 -17.24
N ASP C 1708 25.43 51.01 -17.24
CA ASP C 1708 26.30 51.68 -16.23
C ASP C 1708 25.99 53.17 -16.24
N ILE C 1709 25.97 53.77 -17.43
CA ILE C 1709 25.74 55.23 -17.61
C ILE C 1709 24.34 55.60 -17.10
N VAL C 1710 23.34 54.75 -17.27
CA VAL C 1710 21.95 55.12 -16.89
C VAL C 1710 21.80 54.95 -15.38
N ILE C 1711 22.38 53.91 -14.80
CA ILE C 1711 22.30 53.64 -13.34
C ILE C 1711 23.13 54.68 -12.58
N ASN C 1712 24.34 55.03 -13.05
CA ASN C 1712 25.37 55.73 -12.23
C ASN C 1712 25.65 57.16 -12.72
N ASN C 1713 25.24 57.52 -13.94
CA ASN C 1713 25.43 58.84 -14.60
C ASN C 1713 26.76 59.47 -14.20
N PRO C 1714 27.90 58.84 -14.58
CA PRO C 1714 29.23 59.41 -14.28
C PRO C 1714 29.48 60.70 -15.05
N VAL C 1715 30.32 61.57 -14.49
CA VAL C 1715 30.64 62.90 -15.08
C VAL C 1715 31.58 62.69 -16.27
N ASN C 1716 32.63 61.87 -16.09
CA ASN C 1716 33.59 61.47 -17.16
C ASN C 1716 33.57 59.95 -17.31
N LEU C 1717 33.92 59.47 -18.49
CA LEU C 1717 34.05 58.03 -18.77
C LEU C 1717 35.28 57.82 -19.64
N THR C 1718 36.26 57.07 -19.15
CA THR C 1718 37.51 56.79 -19.91
C THR C 1718 37.39 55.39 -20.48
N ILE C 1719 37.65 55.24 -21.77
CA ILE C 1719 37.73 53.95 -22.49
C ILE C 1719 39.20 53.61 -22.62
N HIS C 1720 39.61 52.39 -22.28
CA HIS C 1720 41.04 51.96 -22.33
C HIS C 1720 41.24 50.99 -23.48
N PHE C 1721 42.32 51.16 -24.23
CA PHE C 1721 42.65 50.37 -25.43
C PHE C 1721 43.84 49.44 -25.16
N GLY C 1722 43.97 48.92 -23.93
CA GLY C 1722 44.99 47.92 -23.57
C GLY C 1722 44.64 46.57 -24.14
N GLY C 1723 45.58 45.64 -24.21
CA GLY C 1723 45.30 44.19 -24.43
C GLY C 1723 44.86 43.93 -25.85
N GLU C 1724 44.52 42.68 -26.19
CA GLU C 1724 44.05 42.30 -27.54
C GLU C 1724 42.61 42.82 -27.71
N LYS C 1725 41.82 42.84 -26.64
CA LYS C 1725 40.40 43.28 -26.68
C LYS C 1725 40.34 44.78 -26.97
N GLY C 1726 41.19 45.58 -26.33
CA GLY C 1726 41.19 47.04 -26.45
C GLY C 1726 41.75 47.54 -27.77
N LYS C 1727 42.49 46.70 -28.51
CA LYS C 1727 43.00 47.06 -29.86
C LYS C 1727 41.81 47.05 -30.80
N ARG C 1728 41.02 45.96 -30.75
CA ARG C 1728 39.77 45.78 -31.53
C ARG C 1728 38.83 46.96 -31.26
N ILE C 1729 38.57 47.28 -29.99
CA ILE C 1729 37.67 48.42 -29.59
C ILE C 1729 38.22 49.72 -30.16
N ARG C 1730 39.54 49.90 -30.24
CA ARG C 1730 40.09 51.18 -30.71
C ARG C 1730 39.92 51.24 -32.24
N GLU C 1731 39.95 50.10 -32.91
CA GLU C 1731 39.75 50.02 -34.38
C GLU C 1731 38.32 50.48 -34.68
N ASN C 1732 37.34 49.98 -33.91
CA ASN C 1732 35.89 50.36 -33.97
C ASN C 1732 35.69 51.87 -33.74
N TYR C 1733 36.52 52.55 -32.96
CA TYR C 1733 36.39 54.02 -32.71
C TYR C 1733 37.08 54.80 -33.84
N SER C 1734 37.88 54.14 -34.66
CA SER C 1734 38.57 54.73 -35.85
C SER C 1734 37.80 54.39 -37.14
N ALA C 1735 37.22 53.18 -37.22
CA ALA C 1735 36.32 52.71 -38.31
C ALA C 1735 35.05 53.60 -38.40
N MET C 1736 34.70 54.31 -37.32
CA MET C 1736 33.61 55.30 -37.31
C MET C 1736 34.05 56.53 -38.12
N ILE C 1737 33.40 56.74 -39.28
CA ILE C 1737 33.76 57.74 -40.34
C ILE C 1737 32.49 58.44 -40.85
N PHE C 1738 32.64 59.65 -41.38
CA PHE C 1738 31.62 60.38 -42.17
C PHE C 1738 31.85 60.13 -43.67
N GLU C 1739 30.99 59.33 -44.32
CA GLU C 1739 31.08 59.02 -45.78
C GLU C 1739 30.33 60.11 -46.56
N THR C 1740 30.89 61.32 -46.63
CA THR C 1740 30.33 62.47 -47.41
C THR C 1740 30.59 62.21 -48.90
N ILE C 1741 29.87 62.90 -49.79
CA ILE C 1741 30.03 62.84 -51.26
C ILE C 1741 30.23 64.28 -51.78
N VAL C 1742 31.48 64.62 -52.16
CA VAL C 1742 31.93 65.98 -52.58
C VAL C 1742 32.58 65.89 -53.98
N ASP C 1743 31.99 66.55 -54.98
CA ASP C 1743 32.44 66.61 -56.40
C ASP C 1743 32.46 65.20 -57.01
N GLY C 1744 31.42 64.41 -56.73
CA GLY C 1744 31.28 63.00 -57.17
C GLY C 1744 32.45 62.13 -56.72
N LYS C 1745 32.93 62.32 -55.48
CA LYS C 1745 34.11 61.60 -54.90
C LYS C 1745 33.93 61.44 -53.39
N LEU C 1746 33.98 60.19 -52.88
CA LEU C 1746 33.83 59.83 -51.44
C LEU C 1746 35.02 60.37 -50.63
N LYS C 1747 34.78 61.38 -49.80
CA LYS C 1747 35.74 61.92 -48.79
C LYS C 1747 35.35 61.35 -47.41
N THR C 1748 36.12 60.37 -46.90
CA THR C 1748 35.91 59.72 -45.58
C THR C 1748 36.65 60.54 -44.51
N GLU C 1749 35.91 61.30 -43.69
CA GLU C 1749 36.44 62.04 -42.51
C GLU C 1749 36.26 61.17 -41.25
N LYS C 1750 37.08 61.42 -40.21
CA LYS C 1750 37.11 60.65 -38.94
C LYS C 1750 36.41 61.46 -37.83
N ILE C 1751 35.40 60.84 -37.20
CA ILE C 1751 34.89 61.18 -35.85
C ILE C 1751 35.94 60.65 -34.87
N PHE C 1752 36.22 61.36 -33.77
CA PHE C 1752 37.34 61.00 -32.86
C PHE C 1752 38.65 61.06 -33.67
N LYS C 1753 39.05 62.27 -34.03
CA LYS C 1753 40.33 62.56 -34.75
C LYS C 1753 41.50 62.53 -33.74
N GLU C 1754 41.20 62.59 -32.42
CA GLU C 1754 42.17 62.47 -31.29
C GLU C 1754 42.34 61.01 -30.84
N ILE C 1755 41.92 60.05 -31.67
CA ILE C 1755 42.18 58.58 -31.50
C ILE C 1755 42.92 58.09 -32.76
N ASN C 1756 44.22 57.81 -32.62
CA ASN C 1756 45.14 57.35 -33.70
C ASN C 1756 45.49 55.89 -33.42
N GLU C 1757 46.54 55.36 -34.05
CA GLU C 1757 47.09 54.01 -33.79
C GLU C 1757 47.76 53.95 -32.40
N HIS C 1758 48.32 55.06 -31.90
CA HIS C 1758 49.20 55.13 -30.70
C HIS C 1758 48.43 55.54 -29.43
N SER C 1759 47.09 55.63 -29.46
CA SER C 1759 46.26 56.09 -28.31
C SER C 1759 46.02 54.90 -27.37
N THR C 1760 46.01 55.14 -26.05
CA THR C 1760 45.81 54.09 -25.01
C THR C 1760 44.47 54.30 -24.31
N SER C 1761 44.02 55.55 -24.20
CA SER C 1761 42.68 55.88 -23.68
C SER C 1761 41.99 56.87 -24.62
N TYR C 1762 40.69 57.03 -24.38
CA TYR C 1762 39.85 58.13 -24.89
C TYR C 1762 38.87 58.46 -23.77
N THR C 1763 38.71 59.74 -23.47
CA THR C 1763 37.81 60.21 -22.40
C THR C 1763 36.62 60.91 -23.04
N PHE C 1764 35.43 60.56 -22.58
CA PHE C 1764 34.15 61.30 -22.77
C PHE C 1764 33.98 62.26 -21.60
N ARG C 1765 33.67 63.54 -21.87
CA ARG C 1765 33.57 64.60 -20.84
C ARG C 1765 32.19 65.26 -20.90
N SER C 1766 31.55 65.41 -19.74
CA SER C 1766 30.35 66.24 -19.49
C SER C 1766 30.56 67.09 -18.23
N GLU C 1767 29.66 68.05 -17.99
CA GLU C 1767 29.76 69.01 -16.84
C GLU C 1767 29.01 68.42 -15.63
N LYS C 1768 27.81 67.86 -15.83
CA LYS C 1768 26.92 67.39 -14.71
C LYS C 1768 26.64 65.88 -14.79
N GLY C 1769 26.70 65.28 -15.97
CA GLY C 1769 26.57 63.82 -16.16
C GLY C 1769 26.49 63.42 -17.62
N LEU C 1770 26.96 62.22 -17.94
CA LEU C 1770 27.11 61.75 -19.34
C LEU C 1770 25.76 61.26 -19.86
N LEU C 1771 24.76 61.17 -19.00
CA LEU C 1771 23.39 60.83 -19.45
C LEU C 1771 22.78 62.02 -20.17
N SER C 1772 23.32 63.23 -19.94
CA SER C 1772 22.85 64.50 -20.54
C SER C 1772 23.66 64.84 -21.81
N ALA C 1773 24.60 63.99 -22.23
CA ALA C 1773 25.44 64.16 -23.44
C ALA C 1773 24.79 63.40 -24.61
N THR C 1774 24.32 64.10 -25.62
CA THR C 1774 23.39 63.53 -26.63
C THR C 1774 23.81 62.10 -27.03
N GLN C 1775 25.08 61.83 -27.28
CA GLN C 1775 25.52 60.52 -27.84
C GLN C 1775 25.20 59.37 -26.88
N PHE C 1776 24.95 59.63 -25.59
CA PHE C 1776 24.53 58.60 -24.60
C PHE C 1776 23.05 58.75 -24.26
N THR C 1777 22.54 59.97 -24.19
CA THR C 1777 21.10 60.22 -24.01
C THR C 1777 20.33 59.39 -25.05
N GLN C 1778 20.68 59.56 -26.32
CA GLN C 1778 19.93 58.99 -27.45
C GLN C 1778 19.82 57.48 -27.32
N PRO C 1779 20.90 56.69 -27.13
CA PRO C 1779 20.75 55.27 -26.94
C PRO C 1779 20.01 54.94 -25.65
N ALA C 1780 20.33 55.62 -24.55
CA ALA C 1780 19.67 55.34 -23.26
C ALA C 1780 18.16 55.43 -23.43
N LEU C 1781 17.71 56.49 -24.09
CA LEU C 1781 16.31 56.95 -24.07
C LEU C 1781 15.53 56.16 -25.10
N THR C 1782 16.18 55.78 -26.19
CA THR C 1782 15.64 54.86 -27.22
C THR C 1782 15.45 53.47 -26.61
N LEU C 1783 16.38 53.01 -25.78
CA LEU C 1783 16.33 51.65 -25.17
C LEU C 1783 15.23 51.57 -24.12
N MET C 1784 15.11 52.55 -23.25
CA MET C 1784 14.07 52.46 -22.21
C MET C 1784 12.69 52.46 -22.91
N GLU C 1785 12.53 53.27 -23.96
CA GLU C 1785 11.26 53.30 -24.73
C GLU C 1785 11.05 51.93 -25.37
N LYS C 1786 12.03 51.41 -26.11
CA LYS C 1786 11.94 50.09 -26.77
C LYS C 1786 11.68 48.98 -25.76
N ALA C 1787 12.10 49.10 -24.50
CA ALA C 1787 11.99 48.03 -23.49
C ALA C 1787 10.61 48.08 -22.88
N ALA C 1788 10.14 49.27 -22.51
CA ALA C 1788 8.73 49.54 -22.13
C ALA C 1788 7.84 48.85 -23.15
N PHE C 1789 8.04 49.19 -24.41
CA PHE C 1789 7.13 48.78 -25.47
C PHE C 1789 7.16 47.29 -25.61
N GLU C 1790 8.32 46.65 -25.43
CA GLU C 1790 8.49 45.17 -25.53
C GLU C 1790 7.80 44.50 -24.35
N ASP C 1791 7.81 45.15 -23.18
CA ASP C 1791 7.02 44.67 -22.02
C ASP C 1791 5.53 44.67 -22.33
N LEU C 1792 5.00 45.78 -22.86
CA LEU C 1792 3.59 45.85 -23.38
C LEU C 1792 3.33 44.69 -24.35
N LYS C 1793 4.21 44.46 -25.32
CA LYS C 1793 3.96 43.49 -26.42
C LYS C 1793 3.94 42.05 -25.89
N SER C 1794 4.64 41.79 -24.79
CA SER C 1794 4.74 40.47 -24.12
C SER C 1794 3.44 40.17 -23.36
N LYS C 1795 2.77 41.22 -22.89
CA LYS C 1795 1.57 41.21 -22.03
C LYS C 1795 0.31 41.34 -22.89
N GLY C 1796 0.47 41.31 -24.21
CA GLY C 1796 -0.64 41.22 -25.16
C GLY C 1796 -1.28 42.57 -25.48
N LEU C 1797 -0.73 43.69 -25.00
CA LEU C 1797 -1.47 44.98 -24.93
C LEU C 1797 -1.26 45.87 -26.16
N ILE C 1798 -0.81 45.38 -27.30
CA ILE C 1798 -0.47 46.26 -28.47
C ILE C 1798 -1.41 45.96 -29.62
N PRO C 1799 -2.39 46.82 -29.90
CA PRO C 1799 -3.29 46.65 -31.03
C PRO C 1799 -2.54 46.38 -32.34
N ALA C 1800 -3.12 45.53 -33.19
CA ALA C 1800 -2.53 45.12 -34.48
C ALA C 1800 -2.57 46.31 -35.47
N ASP C 1801 -3.47 47.29 -35.26
CA ASP C 1801 -3.67 48.48 -36.13
C ASP C 1801 -3.56 49.77 -35.31
N ALA C 1802 -2.63 49.82 -34.34
CA ALA C 1802 -2.26 51.06 -33.61
C ALA C 1802 -1.43 51.98 -34.50
N THR C 1803 -1.79 53.25 -34.52
CA THR C 1803 -0.97 54.33 -35.12
C THR C 1803 0.13 54.66 -34.14
N PHE C 1804 1.12 55.43 -34.60
CA PHE C 1804 2.26 55.79 -33.73
C PHE C 1804 3.05 56.95 -34.29
N ALA C 1805 3.75 57.65 -33.41
CA ALA C 1805 4.52 58.86 -33.78
C ALA C 1805 5.54 59.14 -32.71
N GLY C 1806 6.69 59.62 -33.12
CA GLY C 1806 7.76 59.94 -32.17
C GLY C 1806 8.06 61.40 -32.24
N HIS C 1807 8.26 62.02 -31.11
CA HIS C 1807 8.71 63.42 -31.05
C HIS C 1807 10.23 63.42 -31.15
N LEU C 1809 13.61 62.39 -31.44
CA LEU C 1809 14.37 61.15 -31.32
C LEU C 1809 13.41 59.96 -31.25
N GLY C 1810 12.27 60.12 -30.59
CA GLY C 1810 11.27 59.06 -30.39
C GLY C 1810 10.96 58.32 -31.68
N GLU C 1811 10.91 59.01 -32.80
CA GLU C 1811 10.72 58.43 -34.15
C GLU C 1811 11.49 57.11 -34.25
N TYR C 1812 12.76 57.05 -33.81
CA TYR C 1812 13.63 55.84 -33.99
C TYR C 1812 13.10 54.69 -33.12
N ALA C 1813 12.76 54.98 -31.87
CA ALA C 1813 12.22 54.01 -30.90
C ALA C 1813 10.87 53.48 -31.37
N ALA C 1814 10.04 54.37 -31.90
CA ALA C 1814 8.71 54.12 -32.48
C ALA C 1814 8.83 53.14 -33.66
N LEU C 1815 9.66 53.49 -34.65
CA LEU C 1815 9.93 52.61 -35.81
C LEU C 1815 10.54 51.29 -35.35
N ALA C 1816 11.41 51.30 -34.35
CA ALA C 1816 12.04 50.07 -33.83
C ALA C 1816 10.99 49.22 -33.10
N SER C 1817 10.08 49.85 -32.36
CA SER C 1817 9.06 49.20 -31.51
C SER C 1817 7.92 48.62 -32.36
N LEU C 1818 7.21 49.47 -33.09
CA LEU C 1818 5.94 49.14 -33.78
C LEU C 1818 6.22 48.43 -35.11
N ALA C 1819 7.24 48.84 -35.85
CA ALA C 1819 7.50 48.39 -37.24
C ALA C 1819 8.71 47.43 -37.36
N ASP C 1820 9.48 47.21 -36.29
CA ASP C 1820 10.67 46.32 -36.22
C ASP C 1820 11.50 46.49 -37.51
N VAL C 1821 11.88 47.73 -37.80
CA VAL C 1821 12.67 48.17 -38.99
C VAL C 1821 14.16 47.90 -38.74
N MET C 1822 14.64 48.20 -37.53
CA MET C 1822 16.00 47.89 -37.06
C MET C 1822 15.89 46.88 -35.92
N SER C 1823 16.93 46.05 -35.78
CA SER C 1823 17.25 45.27 -34.55
C SER C 1823 17.61 46.19 -33.38
N ILE C 1824 17.75 45.66 -32.18
CA ILE C 1824 18.29 46.44 -31.02
C ILE C 1824 19.70 46.90 -31.33
N GLU C 1825 20.52 46.07 -31.97
CA GLU C 1825 21.96 46.35 -32.15
C GLU C 1825 22.11 47.43 -33.21
N SER C 1826 21.41 47.31 -34.32
CA SER C 1826 21.37 48.32 -35.41
C SER C 1826 20.85 49.67 -34.87
N LEU C 1827 19.81 49.64 -34.04
CA LEU C 1827 19.15 50.85 -33.51
C LEU C 1827 20.15 51.65 -32.67
N VAL C 1828 20.72 51.05 -31.63
CA VAL C 1828 21.64 51.76 -30.69
C VAL C 1828 22.88 52.23 -31.44
N GLU C 1829 23.33 51.48 -32.47
CA GLU C 1829 24.43 51.90 -33.38
C GLU C 1829 23.99 53.21 -34.05
N VAL C 1830 22.85 53.20 -34.75
CA VAL C 1830 22.30 54.37 -35.50
C VAL C 1830 22.13 55.57 -34.55
N VAL C 1831 21.57 55.43 -33.36
CA VAL C 1831 21.35 56.66 -32.54
C VAL C 1831 22.67 57.10 -31.90
N PHE C 1832 23.62 56.20 -31.65
CA PHE C 1832 24.96 56.56 -31.14
C PHE C 1832 25.64 57.47 -32.18
N TYR C 1833 25.80 56.95 -33.39
CA TYR C 1833 26.32 57.69 -34.56
C TYR C 1833 25.57 59.03 -34.70
N ARG C 1834 24.26 59.01 -34.53
CA ARG C 1834 23.44 60.23 -34.71
C ARG C 1834 23.86 61.23 -33.64
N GLY C 1835 23.90 60.80 -32.39
CA GLY C 1835 24.38 61.65 -31.30
C GLY C 1835 25.84 62.07 -31.49
N MET C 1836 26.68 61.24 -32.13
CA MET C 1836 28.10 61.60 -32.38
C MET C 1836 28.16 62.57 -33.55
N THR C 1837 27.30 62.40 -34.56
CA THR C 1837 27.23 63.30 -35.74
C THR C 1837 26.80 64.71 -35.31
N MET C 1838 26.16 64.85 -34.16
CA MET C 1838 25.64 66.14 -33.62
C MET C 1838 26.67 66.78 -32.70
N GLN C 1839 27.51 65.98 -32.05
CA GLN C 1839 28.50 66.47 -31.04
C GLN C 1839 29.72 67.09 -31.72
N VAL C 1840 30.02 66.66 -32.95
CA VAL C 1840 31.18 67.15 -33.76
C VAL C 1840 30.83 68.50 -34.40
N ALA C 1841 29.57 68.70 -34.81
CA ALA C 1841 29.11 69.94 -35.47
C ALA C 1841 29.12 71.11 -34.48
N VAL C 1842 29.10 70.84 -33.16
CA VAL C 1842 29.05 71.89 -32.08
C VAL C 1842 30.40 71.93 -31.33
N PRO C 1843 31.13 73.08 -31.36
CA PRO C 1843 32.35 73.25 -30.54
C PRO C 1843 32.09 73.29 -29.03
N ARG C 1844 32.79 72.42 -28.30
CA ARG C 1844 32.77 72.28 -26.82
C ARG C 1844 34.01 72.99 -26.25
N ASP C 1845 34.07 73.19 -24.93
CA ASP C 1845 35.28 73.64 -24.20
C ASP C 1845 35.92 72.39 -23.54
N GLU C 1846 36.59 72.54 -22.39
CA GLU C 1846 37.35 71.47 -21.69
C GLU C 1846 36.42 70.60 -20.80
N LEU C 1847 35.39 71.19 -20.17
CA LEU C 1847 34.41 70.50 -19.31
C LEU C 1847 33.33 69.80 -20.16
N GLY C 1848 33.12 70.26 -21.40
CA GLY C 1848 32.12 69.72 -22.35
C GLY C 1848 30.80 70.46 -22.27
N ARG C 1849 30.85 71.79 -22.25
CA ARG C 1849 29.65 72.69 -22.33
C ARG C 1849 29.84 73.65 -23.52
N SER C 1850 28.78 73.83 -24.30
CA SER C 1850 28.76 74.55 -25.60
C SER C 1850 28.06 75.90 -25.45
N ASN C 1851 28.03 76.67 -26.55
CA ASN C 1851 27.33 77.97 -26.62
C ASN C 1851 26.06 77.79 -27.46
N TYR C 1852 25.20 76.85 -27.05
CA TYR C 1852 23.95 76.46 -27.77
C TYR C 1852 22.96 75.85 -26.77
N GLY C 1853 21.66 76.02 -27.02
CA GLY C 1853 20.57 75.49 -26.17
C GLY C 1853 19.20 75.73 -26.79
N MET C 1854 18.15 75.48 -26.00
CA MET C 1854 16.74 75.56 -26.46
C MET C 1854 15.88 76.21 -25.38
N ILE C 1855 15.02 77.15 -25.79
CA ILE C 1855 13.99 77.81 -24.95
C ILE C 1855 12.61 77.38 -25.46
N ALA C 1856 11.76 76.93 -24.53
CA ALA C 1856 10.30 76.80 -24.74
C ALA C 1856 9.68 78.19 -24.58
N ILE C 1857 8.90 78.64 -25.57
CA ILE C 1857 8.25 79.98 -25.62
C ILE C 1857 6.73 79.79 -25.62
N ASN C 1858 6.02 80.37 -24.65
CA ASN C 1858 4.53 80.47 -24.61
C ASN C 1858 4.11 81.84 -25.12
N PRO C 1859 3.68 82.00 -26.40
CA PRO C 1859 3.17 83.26 -26.90
C PRO C 1859 1.87 83.74 -26.19
N GLY C 1860 1.16 82.84 -25.50
CA GLY C 1860 -0.08 83.16 -24.77
C GLY C 1860 0.16 83.75 -23.38
N ARG C 1861 1.37 83.59 -22.84
CA ARG C 1861 1.77 84.15 -21.53
C ARG C 1861 2.25 85.59 -21.69
N VAL C 1862 2.88 85.92 -22.84
CA VAL C 1862 3.37 87.30 -23.13
C VAL C 1862 2.16 88.23 -23.30
N ALA C 1863 1.19 87.85 -24.13
CA ALA C 1863 -0.04 88.64 -24.45
C ALA C 1863 -0.99 87.79 -25.27
N ALA C 1864 -2.30 87.85 -24.98
CA ALA C 1864 -3.36 87.10 -25.71
C ALA C 1864 -3.34 87.45 -27.21
N SER C 1865 -3.06 88.72 -27.54
CA SER C 1865 -2.99 89.29 -28.91
C SER C 1865 -1.77 88.74 -29.68
N PHE C 1866 -0.67 88.49 -28.97
CA PHE C 1866 0.65 88.03 -29.50
C PHE C 1866 0.54 86.57 -29.99
N SER C 1867 0.29 86.38 -31.29
CA SER C 1867 0.03 85.07 -31.93
C SER C 1867 1.36 84.34 -32.18
N GLN C 1868 1.33 83.20 -32.88
CA GLN C 1868 2.55 82.41 -33.25
C GLN C 1868 3.28 83.05 -34.43
N GLU C 1869 2.56 83.79 -35.29
CA GLU C 1869 3.15 84.53 -36.44
C GLU C 1869 3.88 85.79 -35.94
N ALA C 1870 3.48 86.32 -34.78
CA ALA C 1870 4.20 87.39 -34.04
C ALA C 1870 5.54 86.85 -33.50
N LEU C 1871 5.53 85.62 -32.97
CA LEU C 1871 6.73 84.94 -32.42
C LEU C 1871 7.69 84.58 -33.56
N GLN C 1872 7.17 84.12 -34.71
CA GLN C 1872 7.98 83.81 -35.93
C GLN C 1872 8.64 85.10 -36.44
N TYR C 1873 7.91 86.21 -36.46
CA TYR C 1873 8.39 87.55 -36.89
C TYR C 1873 9.56 87.98 -36.00
N VAL C 1874 9.36 87.99 -34.67
CA VAL C 1874 10.38 88.45 -33.66
C VAL C 1874 11.67 87.63 -33.84
N VAL C 1875 11.57 86.29 -33.83
CA VAL C 1875 12.74 85.36 -33.86
C VAL C 1875 13.51 85.54 -35.18
N GLU C 1876 12.81 85.61 -36.31
CA GLU C 1876 13.40 85.91 -37.66
C GLU C 1876 14.21 87.21 -37.59
N ARG C 1877 13.68 88.25 -36.93
CA ARG C 1877 14.34 89.57 -36.79
C ARG C 1877 15.58 89.42 -35.91
N VAL C 1878 15.46 88.78 -34.73
CA VAL C 1878 16.58 88.63 -33.73
C VAL C 1878 17.71 87.76 -34.32
N GLY C 1879 17.41 86.91 -35.32
CA GLY C 1879 18.39 86.08 -36.03
C GLY C 1879 19.17 86.83 -37.10
N LYS C 1880 18.70 88.03 -37.50
CA LYS C 1880 19.27 88.85 -38.61
C LYS C 1880 19.99 90.10 -38.06
N ARG C 1881 19.41 90.77 -37.06
CA ARG C 1881 20.00 91.96 -36.38
C ARG C 1881 21.33 91.54 -35.73
N THR C 1882 21.28 90.67 -34.72
CA THR C 1882 22.44 90.20 -33.92
C THR C 1882 23.43 89.44 -34.81
N GLY C 1883 22.93 88.74 -35.83
CA GLY C 1883 23.72 87.95 -36.79
C GLY C 1883 24.09 86.58 -36.26
N TRP C 1884 23.48 86.15 -35.15
CA TRP C 1884 23.68 84.83 -34.50
C TRP C 1884 22.69 83.82 -35.10
N LEU C 1885 22.59 82.62 -34.52
CA LEU C 1885 21.64 81.56 -34.93
C LEU C 1885 20.50 81.47 -33.92
N VAL C 1886 19.26 81.61 -34.40
CA VAL C 1886 18.03 81.25 -33.64
C VAL C 1886 16.91 81.02 -34.66
N GLU C 1887 16.24 79.87 -34.56
CA GLU C 1887 15.03 79.48 -35.33
C GLU C 1887 14.03 78.83 -34.38
N ILE C 1888 12.77 78.73 -34.82
CA ILE C 1888 11.71 77.89 -34.19
C ILE C 1888 11.91 76.47 -34.73
N VAL C 1889 12.00 75.47 -33.85
CA VAL C 1889 12.35 74.09 -34.29
C VAL C 1889 11.22 73.11 -33.95
N ASN C 1890 10.68 73.17 -32.72
CA ASN C 1890 9.55 72.31 -32.29
C ASN C 1890 8.30 73.18 -32.17
N TYR C 1891 7.40 73.06 -33.15
CA TYR C 1891 5.98 73.46 -33.05
C TYR C 1891 5.25 72.42 -32.20
N ASN C 1892 5.04 72.67 -30.91
CA ASN C 1892 4.54 71.64 -29.96
C ASN C 1892 3.03 71.82 -29.73
N VAL C 1893 2.60 72.89 -29.08
CA VAL C 1893 1.18 73.11 -28.68
C VAL C 1893 0.74 74.48 -29.17
N GLU C 1894 -0.31 74.55 -29.99
CA GLU C 1894 -0.71 75.75 -30.79
C GLU C 1894 -0.99 76.94 -29.86
N ASN C 1895 -0.27 78.05 -30.08
CA ASN C 1895 -0.29 79.30 -29.28
C ASN C 1895 -0.07 78.99 -27.79
N GLN C 1896 0.71 77.97 -27.45
CA GLN C 1896 1.01 77.66 -26.01
C GLN C 1896 2.43 77.15 -25.78
N GLN C 1897 3.09 76.50 -26.75
CA GLN C 1897 4.47 75.99 -26.54
C GLN C 1897 5.14 75.78 -27.88
N TYR C 1898 6.03 76.70 -28.22
CA TYR C 1898 7.00 76.60 -29.33
C TYR C 1898 8.38 76.48 -28.71
N VAL C 1899 9.35 75.92 -29.44
CA VAL C 1899 10.73 75.69 -28.93
C VAL C 1899 11.71 76.29 -29.92
N ALA C 1900 12.44 77.32 -29.48
CA ALA C 1900 13.46 78.01 -30.29
C ALA C 1900 14.82 77.48 -29.86
N ALA C 1901 15.55 76.89 -30.82
CA ALA C 1901 16.93 76.41 -30.67
C ALA C 1901 17.87 77.45 -31.25
N GLY C 1902 19.03 77.62 -30.64
CA GLY C 1902 20.17 78.29 -31.29
C GLY C 1902 21.20 78.80 -30.32
N ASP C 1903 21.90 79.86 -30.73
CA ASP C 1903 23.12 80.38 -30.07
C ASP C 1903 22.72 80.97 -28.72
N LEU C 1904 23.24 80.39 -27.64
CA LEU C 1904 22.78 80.59 -26.25
C LEU C 1904 22.66 82.08 -25.92
N ARG C 1905 23.42 82.95 -26.59
CA ARG C 1905 23.31 84.42 -26.44
C ARG C 1905 22.01 84.89 -27.14
N ALA C 1906 21.80 84.53 -28.41
CA ALA C 1906 20.60 84.89 -29.22
C ALA C 1906 19.32 84.51 -28.46
N LEU C 1907 19.31 83.34 -27.82
CA LEU C 1907 18.21 82.87 -26.92
C LEU C 1907 18.00 83.87 -25.79
N ASP C 1908 19.07 84.37 -25.16
CA ASP C 1908 19.00 85.31 -24.01
C ASP C 1908 18.51 86.69 -24.47
N THR C 1909 18.75 87.06 -25.73
CA THR C 1909 18.23 88.33 -26.34
C THR C 1909 16.74 88.18 -26.64
N VAL C 1910 16.33 87.04 -27.21
CA VAL C 1910 14.89 86.73 -27.48
C VAL C 1910 14.16 86.77 -26.14
N THR C 1911 14.66 86.07 -25.11
CA THR C 1911 14.05 86.02 -23.74
C THR C 1911 13.86 87.43 -23.18
N ASN C 1912 14.83 88.33 -23.39
CA ASN C 1912 14.82 89.73 -22.87
C ASN C 1912 13.84 90.59 -23.69
N VAL C 1913 13.81 90.39 -25.01
CA VAL C 1913 12.91 91.11 -25.96
C VAL C 1913 11.46 90.79 -25.59
N LEU C 1914 11.12 89.52 -25.38
CA LEU C 1914 9.75 89.06 -25.02
C LEU C 1914 9.41 89.43 -23.57
N ASN C 1915 10.41 89.53 -22.68
CA ASN C 1915 10.21 89.99 -21.27
C ASN C 1915 9.92 91.50 -21.26
N PHE C 1916 10.47 92.22 -22.24
CA PHE C 1916 10.25 93.68 -22.45
C PHE C 1916 8.86 93.89 -23.05
N ILE C 1917 8.48 93.12 -24.08
CA ILE C 1917 7.19 93.28 -24.85
C ILE C 1917 5.98 92.99 -23.94
N LYS C 1918 6.10 92.10 -22.95
CA LYS C 1918 5.03 91.81 -21.95
C LYS C 1918 4.82 93.04 -21.06
N LEU C 1919 5.90 93.55 -20.44
CA LEU C 1919 5.87 94.64 -19.43
C LEU C 1919 5.39 95.97 -20.05
N GLN C 1920 5.77 96.24 -21.32
CA GLN C 1920 5.38 97.47 -22.06
C GLN C 1920 3.96 97.32 -22.65
N LYS C 1921 3.49 96.09 -22.87
CA LYS C 1921 2.11 95.73 -23.31
C LYS C 1921 1.86 96.26 -24.72
N ILE C 1922 2.83 96.05 -25.63
CA ILE C 1922 2.86 96.62 -27.02
C ILE C 1922 2.77 95.48 -28.05
N ASP C 1923 1.60 95.32 -28.67
CA ASP C 1923 1.31 94.28 -29.69
C ASP C 1923 2.00 94.67 -31.01
N ILE C 1924 2.50 93.68 -31.77
CA ILE C 1924 3.22 93.86 -33.08
C ILE C 1924 2.21 93.81 -34.24
N ILE C 1925 1.12 93.04 -34.11
CA ILE C 1925 0.16 92.73 -35.23
C ILE C 1925 -0.77 93.93 -35.48
N GLU C 1926 -1.22 94.62 -34.42
CA GLU C 1926 -2.08 95.84 -34.54
C GLU C 1926 -1.25 97.01 -35.12
N LEU C 1927 0.03 97.12 -34.73
CA LEU C 1927 0.92 98.26 -35.09
C LEU C 1927 1.44 98.10 -36.53
N GLN C 1928 1.70 96.88 -37.01
CA GLN C 1928 2.31 96.63 -38.36
C GLN C 1928 1.27 96.85 -39.48
N LYS C 1929 -0.03 96.91 -39.15
CA LYS C 1929 -1.16 97.04 -40.13
C LYS C 1929 -1.83 98.41 -39.98
N SER C 1930 -2.37 98.71 -38.79
CA SER C 1930 -3.32 99.84 -38.53
C SER C 1930 -2.59 101.16 -38.21
N LEU C 1931 -1.27 101.15 -37.97
CA LEU C 1931 -0.48 102.36 -37.60
C LEU C 1931 0.55 102.70 -38.69
N SER C 1932 1.49 101.81 -38.99
CA SER C 1932 2.67 102.05 -39.87
C SER C 1932 3.00 100.83 -40.75
N LEU C 1933 3.91 101.01 -41.70
CA LEU C 1933 4.44 99.96 -42.63
C LEU C 1933 5.98 99.96 -42.56
N GLU C 1934 6.56 98.96 -41.89
CA GLU C 1934 8.02 98.70 -41.73
C GLU C 1934 8.71 99.74 -40.80
N GLU C 1935 7.94 100.55 -40.05
CA GLU C 1935 8.47 101.41 -38.94
C GLU C 1935 8.68 100.52 -37.71
N VAL C 1936 7.72 99.61 -37.45
CA VAL C 1936 7.75 98.60 -36.35
C VAL C 1936 9.00 97.71 -36.46
N GLU C 1937 9.48 97.44 -37.68
CA GLU C 1937 10.75 96.71 -37.96
C GLU C 1937 11.92 97.48 -37.33
N GLY C 1938 12.07 98.76 -37.66
CA GLY C 1938 13.13 99.67 -37.15
C GLY C 1938 12.95 99.99 -35.66
N HIS C 1939 11.71 99.99 -35.16
CA HIS C 1939 11.36 100.16 -33.72
C HIS C 1939 11.72 98.87 -32.95
N LEU C 1940 11.61 97.70 -33.58
CA LEU C 1940 11.97 96.40 -32.96
C LEU C 1940 13.49 96.26 -32.88
N PHE C 1941 14.22 96.70 -33.92
CA PHE C 1941 15.70 96.59 -34.06
C PHE C 1941 16.43 97.27 -32.90
N GLU C 1942 15.88 98.36 -32.32
CA GLU C 1942 16.50 99.08 -31.17
C GLU C 1942 16.14 98.37 -29.85
N ILE C 1943 15.01 97.63 -29.80
CA ILE C 1943 14.61 96.77 -28.64
C ILE C 1943 15.55 95.55 -28.60
N ILE C 1944 15.86 94.98 -29.77
CA ILE C 1944 16.77 93.81 -29.95
C ILE C 1944 18.19 94.25 -29.54
N ASP C 1945 18.62 95.44 -29.98
CA ASP C 1945 19.97 96.02 -29.69
C ASP C 1945 20.14 96.21 -28.17
N GLU C 1946 19.11 96.71 -27.48
CA GLU C 1946 19.10 96.87 -25.99
C GLU C 1946 19.42 95.52 -25.31
N ALA C 1947 18.80 94.43 -25.79
CA ALA C 1947 18.98 93.05 -25.26
C ALA C 1947 20.33 92.46 -25.71
N SER C 1948 20.80 92.78 -26.93
CA SER C 1948 22.06 92.23 -27.53
C SER C 1948 23.31 92.85 -26.90
N LYS C 1949 23.21 94.08 -26.37
CA LYS C 1949 24.30 94.78 -25.63
C LYS C 1949 24.43 94.25 -24.20
N LYS C 1950 23.33 93.78 -23.60
CA LYS C 1950 23.29 93.22 -22.22
C LYS C 1950 23.72 91.73 -22.23
N SER C 1951 23.61 91.03 -23.38
CA SER C 1951 23.87 89.57 -23.52
C SER C 1951 25.29 89.30 -24.03
N ALA C 1952 25.90 90.22 -24.79
CA ALA C 1952 27.26 90.08 -25.38
C ALA C 1952 28.36 90.25 -24.32
N VAL C 1953 28.12 91.09 -23.29
CA VAL C 1953 29.09 91.39 -22.18
C VAL C 1953 29.28 90.16 -21.29
N LYS C 1954 28.21 89.37 -21.08
CA LYS C 1954 28.23 88.11 -20.28
C LYS C 1954 29.31 87.17 -20.84
N PRO C 1955 29.87 86.24 -20.03
CA PRO C 1955 30.88 85.30 -20.52
C PRO C 1955 30.31 84.27 -21.52
N ARG C 1956 31.15 83.46 -22.16
CA ARG C 1956 30.76 82.58 -23.32
C ARG C 1956 29.78 81.50 -22.87
N PRO C 1957 30.00 80.76 -21.76
CA PRO C 1957 29.05 79.74 -21.30
C PRO C 1957 28.01 80.24 -20.27
N LEU C 1958 27.31 81.33 -20.60
CA LEU C 1958 26.35 82.03 -19.69
C LEU C 1958 25.19 81.09 -19.33
N LYS C 1959 24.84 81.02 -18.04
CA LYS C 1959 23.60 80.32 -17.58
C LYS C 1959 22.42 81.10 -18.15
N LEU C 1960 21.36 80.39 -18.54
CA LEU C 1960 20.13 80.97 -19.13
C LEU C 1960 19.05 81.04 -18.04
N GLU C 1961 18.37 82.19 -17.91
CA GLU C 1961 17.43 82.50 -16.79
C GLU C 1961 15.97 82.34 -17.26
N ARG C 1962 15.09 81.92 -16.35
CA ARG C 1962 13.63 81.72 -16.60
C ARG C 1962 12.96 83.09 -16.76
N GLY C 1963 12.68 83.47 -18.00
CA GLY C 1963 11.89 84.68 -18.32
C GLY C 1963 10.43 84.53 -17.90
N PHE C 1964 9.55 85.39 -18.44
CA PHE C 1964 8.09 85.38 -18.19
C PHE C 1964 7.42 84.45 -19.22
N ALA C 1965 7.80 84.59 -20.50
CA ALA C 1965 7.23 83.84 -21.66
C ALA C 1965 8.24 82.80 -22.20
N CYS C 1966 9.39 82.61 -21.55
CA CYS C 1966 10.51 81.72 -22.02
C CYS C 1966 11.11 80.95 -20.84
N ILE C 1967 11.16 79.62 -20.96
CA ILE C 1967 11.78 78.71 -19.95
C ILE C 1967 12.87 77.92 -20.68
N PRO C 1968 14.12 77.92 -20.14
CA PRO C 1968 15.22 77.19 -20.77
C PRO C 1968 15.09 75.70 -20.45
N LEU C 1969 15.42 74.84 -21.43
CA LEU C 1969 15.33 73.38 -21.28
C LEU C 1969 16.63 72.88 -20.63
N VAL C 1970 16.48 71.97 -19.65
CA VAL C 1970 17.55 71.43 -18.78
C VAL C 1970 18.25 70.29 -19.53
N GLY C 1971 19.59 70.31 -19.56
CA GLY C 1971 20.44 69.23 -20.10
C GLY C 1971 20.53 69.23 -21.62
N ILE C 1972 20.24 70.38 -22.24
CA ILE C 1972 20.25 70.57 -23.72
C ILE C 1972 21.37 71.55 -24.06
N SER C 1973 22.30 71.09 -24.90
CA SER C 1973 23.54 71.82 -25.29
C SER C 1973 23.73 71.81 -26.80
N VAL C 1974 22.78 71.26 -27.57
CA VAL C 1974 22.87 71.11 -29.05
C VAL C 1974 21.66 71.82 -29.63
N PRO C 1975 21.80 72.55 -30.76
CA PRO C 1975 20.65 73.16 -31.44
C PRO C 1975 19.88 72.19 -32.36
N PHE C 1976 19.18 71.23 -31.77
CA PHE C 1976 18.50 70.12 -32.49
C PHE C 1976 17.54 70.71 -33.52
N HIS C 1977 17.40 70.09 -34.68
CA HIS C 1977 16.37 70.44 -35.70
C HIS C 1977 16.57 71.84 -36.28
N SER C 1978 17.76 72.43 -36.09
CA SER C 1978 18.10 73.75 -36.68
C SER C 1978 18.67 73.55 -38.09
N THR C 1979 19.12 74.61 -38.75
CA THR C 1979 19.82 74.58 -40.06
C THR C 1979 21.33 74.43 -39.82
N TYR C 1980 21.79 74.65 -38.58
CA TYR C 1980 23.18 74.41 -38.11
C TYR C 1980 23.59 72.96 -38.42
N LEU C 1981 22.67 72.01 -38.23
CA LEU C 1981 22.92 70.55 -38.38
C LEU C 1981 22.59 70.08 -39.82
N MET C 1982 22.47 70.99 -40.79
CA MET C 1982 22.17 70.61 -42.19
C MET C 1982 23.37 69.90 -42.83
N ASN C 1983 24.61 70.26 -42.47
CA ASN C 1983 25.86 69.68 -43.04
C ASN C 1983 26.03 68.23 -42.60
N GLY C 1984 25.42 67.84 -41.46
CA GLY C 1984 25.45 66.48 -40.90
C GLY C 1984 24.51 65.51 -41.60
N VAL C 1985 23.58 65.99 -42.44
CA VAL C 1985 22.51 65.14 -43.05
C VAL C 1985 23.15 64.19 -44.05
N LYS C 1986 23.97 64.73 -44.95
CA LYS C 1986 24.62 64.00 -46.09
C LYS C 1986 25.34 62.75 -45.60
N PRO C 1987 26.26 62.82 -44.60
CA PRO C 1987 26.88 61.61 -44.05
C PRO C 1987 25.94 60.70 -43.25
N PHE C 1988 25.00 61.28 -42.49
CA PHE C 1988 24.08 60.52 -41.63
C PHE C 1988 23.15 59.68 -42.52
N LYS C 1989 22.74 60.25 -43.65
CA LYS C 1989 21.86 59.55 -44.62
C LYS C 1989 22.57 58.31 -45.18
N SER C 1990 23.85 58.46 -45.57
CA SER C 1990 24.67 57.36 -46.15
C SER C 1990 24.84 56.27 -45.09
N PHE C 1991 24.99 56.66 -43.82
CA PHE C 1991 25.06 55.73 -42.67
C PHE C 1991 23.75 54.97 -42.49
N LEU C 1992 22.59 55.62 -42.64
CA LEU C 1992 21.26 54.98 -42.47
C LEU C 1992 21.07 53.89 -43.52
N LYS C 1993 21.36 54.16 -44.80
CA LYS C 1993 21.32 53.18 -45.92
C LYS C 1993 22.08 51.88 -45.59
N LYS C 1994 23.20 51.95 -44.84
CA LYS C 1994 24.02 50.77 -44.47
C LYS C 1994 23.34 49.95 -43.36
N ASN C 1995 22.47 50.57 -42.55
CA ASN C 1995 21.99 50.03 -41.25
C ASN C 1995 20.46 49.77 -41.23
N ILE C 1996 19.66 50.50 -42.03
CA ILE C 1996 18.25 50.13 -42.37
C ILE C 1996 18.30 49.28 -43.64
N ILE C 1997 18.29 47.95 -43.48
CA ILE C 1997 18.26 46.93 -44.56
C ILE C 1997 16.85 46.97 -45.17
N LYS C 1998 16.71 47.05 -46.50
CA LYS C 1998 15.39 47.23 -47.18
C LYS C 1998 14.48 46.00 -46.92
N GLU C 1999 15.04 44.81 -46.69
CA GLU C 1999 14.30 43.55 -46.41
C GLU C 1999 13.56 43.60 -45.07
N ASN C 2000 13.91 44.51 -44.16
CA ASN C 2000 13.27 44.67 -42.83
C ASN C 2000 12.23 45.80 -42.83
N VAL C 2001 12.00 46.47 -43.97
CA VAL C 2001 10.96 47.53 -44.12
C VAL C 2001 9.66 46.87 -44.60
N LYS C 2002 8.87 46.32 -43.68
CA LYS C 2002 7.51 45.81 -43.95
C LYS C 2002 6.59 47.00 -44.14
N VAL C 2003 6.00 47.15 -45.32
CA VAL C 2003 5.24 48.38 -45.68
C VAL C 2003 3.90 48.35 -44.95
N ALA C 2004 3.32 47.16 -44.77
CA ALA C 2004 2.03 46.92 -44.07
C ALA C 2004 2.05 47.54 -42.67
N ARG C 2005 3.21 47.53 -41.99
CA ARG C 2005 3.35 47.96 -40.58
C ARG C 2005 3.55 49.48 -40.45
N LEU C 2006 3.93 50.17 -41.53
CA LEU C 2006 4.13 51.65 -41.54
C LEU C 2006 2.92 52.35 -42.14
N ALA C 2007 2.47 51.91 -43.33
CA ALA C 2007 1.41 52.50 -44.18
C ALA C 2007 0.20 52.96 -43.35
N GLY C 2008 -0.03 54.28 -43.31
CA GLY C 2008 -1.21 54.91 -42.67
C GLY C 2008 -1.21 54.71 -41.18
N LYS C 2009 -0.08 54.30 -40.61
CA LYS C 2009 0.07 54.04 -39.16
C LYS C 2009 1.15 54.96 -38.56
N TYR C 2010 2.27 55.17 -39.24
CA TYR C 2010 3.40 55.99 -38.75
C TYR C 2010 3.30 57.40 -39.31
N ILE C 2011 3.41 58.40 -38.43
CA ILE C 2011 3.31 59.84 -38.76
C ILE C 2011 4.68 60.46 -38.54
N PRO C 2012 5.49 60.67 -39.60
CA PRO C 2012 6.78 61.32 -39.48
C PRO C 2012 6.70 62.76 -38.97
N ASN C 2013 7.69 63.20 -38.21
CA ASN C 2013 7.83 64.60 -37.73
C ASN C 2013 7.99 65.55 -38.91
N LEU C 2014 8.70 65.10 -39.96
CA LEU C 2014 9.11 65.96 -41.09
C LEU C 2014 7.86 66.41 -41.83
N THR C 2015 7.04 65.43 -42.16
CA THR C 2015 5.77 65.53 -42.92
C THR C 2015 4.66 65.01 -42.03
N ALA C 2016 3.92 65.83 -41.30
CA ALA C 2016 3.01 65.27 -40.27
C ALA C 2016 1.75 64.73 -40.96
N LYS C 2017 1.94 63.68 -41.76
CA LYS C 2017 0.90 62.99 -42.54
C LYS C 2017 1.21 61.51 -42.52
N PRO C 2018 0.22 60.63 -42.26
CA PRO C 2018 0.49 59.20 -42.22
C PRO C 2018 1.27 58.77 -43.46
N PHE C 2019 2.26 57.89 -43.22
CA PHE C 2019 3.20 57.33 -44.21
C PHE C 2019 2.42 56.57 -45.26
N GLN C 2020 2.57 56.95 -46.52
CA GLN C 2020 1.94 56.24 -47.66
C GLN C 2020 2.99 56.25 -48.77
N VAL C 2021 3.15 55.12 -49.47
CA VAL C 2021 4.06 55.01 -50.64
C VAL C 2021 3.23 55.41 -51.87
N THR C 2022 3.09 56.72 -52.12
CA THR C 2022 2.33 57.30 -53.26
C THR C 2022 3.12 58.48 -53.82
N LYS C 2023 3.06 58.71 -55.13
CA LYS C 2023 3.71 59.86 -55.79
C LYS C 2023 3.38 61.12 -54.98
N GLU C 2024 2.10 61.31 -54.61
CA GLU C 2024 1.63 62.52 -53.89
C GLU C 2024 2.43 62.73 -52.59
N TYR C 2025 2.84 61.64 -51.91
CA TYR C 2025 3.55 61.68 -50.61
C TYR C 2025 5.02 61.98 -50.84
N PHE C 2026 5.65 61.29 -51.80
CA PHE C 2026 7.04 61.59 -52.24
C PHE C 2026 7.17 63.05 -52.67
N GLN C 2027 6.20 63.56 -53.45
CA GLN C 2027 6.17 64.98 -53.88
C GLN C 2027 6.22 65.87 -52.65
N ASP C 2028 5.36 65.59 -51.66
CA ASP C 2028 5.25 66.41 -50.42
C ASP C 2028 6.59 66.42 -49.70
N VAL C 2029 7.27 65.27 -49.62
CA VAL C 2029 8.59 65.09 -48.95
C VAL C 2029 9.66 65.86 -49.72
N TYR C 2030 9.59 65.92 -51.05
CA TYR C 2030 10.51 66.72 -51.90
C TYR C 2030 10.27 68.23 -51.72
N ASP C 2031 9.03 68.68 -51.55
CA ASP C 2031 8.69 70.13 -51.39
C ASP C 2031 9.23 70.70 -50.07
N LEU C 2032 9.67 69.85 -49.13
CA LEU C 2032 10.26 70.25 -47.82
C LEU C 2032 11.79 70.11 -47.85
N THR C 2033 12.30 69.04 -48.48
CA THR C 2033 13.73 68.63 -48.39
C THR C 2033 14.25 68.19 -49.76
N GLY C 2034 14.59 69.16 -50.62
CA GLY C 2034 15.00 68.93 -52.01
C GLY C 2034 16.14 67.93 -52.11
N SER C 2035 15.81 66.66 -52.35
CA SER C 2035 16.77 65.53 -52.42
C SER C 2035 16.70 64.87 -53.80
N GLU C 2036 17.87 64.49 -54.35
CA GLU C 2036 18.01 63.89 -55.70
C GLU C 2036 17.30 62.53 -55.73
N PRO C 2037 17.49 61.62 -54.74
CA PRO C 2037 16.86 60.30 -54.79
C PRO C 2037 15.34 60.31 -54.76
N ILE C 2038 14.74 61.27 -54.05
CA ILE C 2038 13.26 61.42 -53.96
C ILE C 2038 12.77 61.94 -55.32
N LYS C 2039 13.42 62.98 -55.87
CA LYS C 2039 13.06 63.57 -57.19
C LYS C 2039 13.06 62.44 -58.24
N GLU C 2040 14.19 61.74 -58.37
CA GLU C 2040 14.38 60.59 -59.30
C GLU C 2040 13.23 59.57 -59.16
N ILE C 2041 12.71 59.33 -57.94
CA ILE C 2041 11.59 58.38 -57.69
C ILE C 2041 10.29 58.98 -58.23
N ILE C 2042 10.09 60.30 -58.06
CA ILE C 2042 8.85 61.03 -58.50
C ILE C 2042 8.78 60.97 -60.03
N ASP C 2043 9.87 61.36 -60.70
CA ASP C 2043 9.94 61.52 -62.18
C ASP C 2043 9.80 60.16 -62.88
N ASN C 2044 10.34 59.10 -62.28
CA ASN C 2044 10.32 57.73 -62.85
C ASN C 2044 9.21 56.90 -62.19
N TRP C 2045 8.16 57.53 -61.63
CA TRP C 2045 7.09 56.86 -60.84
C TRP C 2045 6.43 55.74 -61.64
N GLU C 2046 6.28 55.93 -62.95
CA GLU C 2046 5.53 55.03 -63.87
C GLU C 2046 6.29 53.71 -64.07
N LYS C 2047 7.62 53.77 -64.23
CA LYS C 2047 8.46 52.55 -64.42
C LYS C 2047 8.38 51.66 -63.16
N TYR C 2048 8.32 52.28 -61.98
CA TYR C 2048 8.21 51.59 -60.66
C TYR C 2048 6.81 50.97 -60.52
N GLU C 2049 5.77 51.64 -61.06
CA GLU C 2049 4.35 51.18 -61.02
C GLU C 2049 4.15 49.88 -61.81
N GLN C 2050 5.03 49.56 -62.77
CA GLN C 2050 5.02 48.27 -63.53
C GLN C 2050 6.44 47.90 -63.98
#